data_6KPI
#
_entry.id   6KPI
#
_cell.length_a   1.00
_cell.length_b   1.00
_cell.length_c   1.00
_cell.angle_alpha   90.00
_cell.angle_beta   90.00
_cell.angle_gamma   90.00
#
_symmetry.space_group_name_H-M   'P 1'
#
loop_
_entity.id
_entity.type
_entity.pdbx_description
1 polymer 'Ketol-acid reductoisomerase'
2 non-polymer 'MAGNESIUM ION'
#
_entity_poly.entity_id   1
_entity_poly.type   'polypeptide(L)'
_entity_poly.pdbx_seq_one_letter_code
;MDKTVLDANLDPLKGKTIGVIGYGNQGRVQATIMRENGLNVIVGNVKDKYYELAKKEGFEVYEIDEAVRRSDVALLLIPD
EVMKEVYEKKIAPVLQGKKEFVLDFASGYNVAFGLIRPPKSVDTIMVAPRMVGEGIMDLHKQGKGYPVLLGVKQDASGKA
WDYAKAIAKGIGAIPGGIAVISSFEEEALLDLMSEHTWVPILFGAIKACYDIAVKEYGVSPEAALLEFYASGELAEIARL
IAEEGIFNQMVHHSTTSQYGTLTRMFKYYDVVRRIVENEAKYIWDGSFAKEWSLEQQAGYPVFYRLWELATQSEMAKAEK
ELYKLLGRKVKND
;
_entity_poly.pdbx_strand_id   A,B,C,D,E,F,G,H,I,J,K,L
#
loop_
_chem_comp.id
_chem_comp.type
_chem_comp.name
_chem_comp.formula
MG non-polymer 'MAGNESIUM ION' 'Mg 2'
#
# COMPACT_ATOMS: atom_id res chain seq x y z
N ASP A 2 -38.83 -16.57 30.91
CA ASP A 2 -38.28 -15.76 29.83
C ASP A 2 -39.28 -14.71 29.36
N LYS A 3 -38.90 -14.05 28.27
CA LYS A 3 -39.80 -13.14 27.55
C LYS A 3 -41.02 -13.80 26.92
N THR A 4 -41.10 -15.13 27.02
CA THR A 4 -41.93 -15.91 26.13
C THR A 4 -43.36 -16.01 26.66
N VAL A 5 -44.28 -16.27 25.74
CA VAL A 5 -45.69 -16.39 26.05
C VAL A 5 -46.22 -17.67 25.41
N LEU A 6 -47.14 -18.33 26.10
CA LEU A 6 -47.60 -19.66 25.72
C LEU A 6 -49.10 -19.72 25.56
N ASP A 7 -49.84 -18.95 26.35
CA ASP A 7 -51.28 -18.83 26.22
C ASP A 7 -51.71 -17.63 27.05
N ALA A 8 -52.90 -17.12 26.75
CA ALA A 8 -53.39 -15.93 27.43
C ALA A 8 -54.89 -15.82 27.23
N ASN A 9 -55.44 -14.68 27.64
CA ASN A 9 -56.88 -14.47 27.69
C ASN A 9 -57.43 -14.10 26.32
N LEU A 10 -58.76 -14.02 26.26
CA LEU A 10 -59.47 -13.66 25.05
C LEU A 10 -60.65 -12.74 25.32
N ASP A 11 -60.75 -12.15 26.51
CA ASP A 11 -61.93 -11.37 26.87
C ASP A 11 -62.02 -10.02 26.14
N PRO A 12 -60.92 -9.33 25.83
CA PRO A 12 -61.05 -7.95 25.35
C PRO A 12 -61.76 -7.83 24.02
N LEU A 13 -61.81 -8.91 23.24
CA LEU A 13 -62.39 -8.88 21.91
C LEU A 13 -63.84 -9.36 21.89
N LYS A 14 -64.37 -9.83 23.02
CA LYS A 14 -65.72 -10.36 23.05
C LYS A 14 -66.69 -9.20 23.23
N GLY A 15 -67.56 -9.01 22.24
CA GLY A 15 -68.45 -7.88 22.17
C GLY A 15 -68.06 -6.86 21.11
N LYS A 16 -66.82 -6.91 20.64
CA LYS A 16 -66.32 -6.00 19.63
C LYS A 16 -66.44 -6.61 18.24
N THR A 17 -66.55 -5.74 17.25
CA THR A 17 -66.56 -6.15 15.86
C THR A 17 -65.16 -5.99 15.28
N ILE A 18 -64.84 -6.84 14.32
CA ILE A 18 -63.49 -6.92 13.75
C ILE A 18 -63.59 -6.88 12.24
N GLY A 19 -62.69 -6.12 11.62
CA GLY A 19 -62.63 -6.01 10.18
C GLY A 19 -61.31 -6.47 9.63
N VAL A 20 -61.34 -7.31 8.62
CA VAL A 20 -60.14 -7.87 8.01
C VAL A 20 -60.00 -7.29 6.62
N ILE A 21 -58.87 -6.63 6.37
CA ILE A 21 -58.60 -6.01 5.08
C ILE A 21 -57.80 -6.98 4.23
N GLY A 22 -58.29 -7.25 3.04
CA GLY A 22 -57.65 -8.22 2.17
C GLY A 22 -58.09 -9.63 2.46
N TYR A 23 -58.22 -10.41 1.40
CA TYR A 23 -58.61 -11.81 1.50
C TYR A 23 -57.68 -12.67 0.68
N GLY A 24 -56.39 -12.35 0.74
CA GLY A 24 -55.40 -13.16 0.07
C GLY A 24 -55.10 -14.41 0.87
N ASN A 25 -53.83 -14.78 0.95
CA ASN A 25 -53.45 -15.95 1.73
C ASN A 25 -53.71 -15.72 3.21
N GLN A 26 -53.02 -14.74 3.79
CA GLN A 26 -53.15 -14.48 5.23
C GLN A 26 -54.58 -14.18 5.61
N GLY A 27 -55.15 -13.13 5.01
CA GLY A 27 -56.48 -12.69 5.41
C GLY A 27 -57.47 -13.83 5.47
N ARG A 28 -57.57 -14.60 4.39
CA ARG A 28 -58.46 -15.74 4.38
C ARG A 28 -58.22 -16.63 5.60
N VAL A 29 -56.97 -16.96 5.86
CA VAL A 29 -56.65 -17.90 6.93
C VAL A 29 -57.08 -17.35 8.28
N GLN A 30 -56.51 -16.20 8.66
CA GLN A 30 -56.80 -15.64 9.98
C GLN A 30 -58.30 -15.44 10.17
N ALA A 31 -58.98 -14.94 9.14
CA ALA A 31 -60.41 -14.67 9.21
C ALA A 31 -61.18 -15.96 9.49
N THR A 32 -60.96 -16.98 8.66
CA THR A 32 -61.64 -18.25 8.88
C THR A 32 -61.45 -18.74 10.30
N ILE A 33 -60.20 -18.76 10.76
CA ILE A 33 -59.91 -19.32 12.08
C ILE A 33 -60.62 -18.54 13.16
N MET A 34 -60.34 -17.24 13.26
CA MET A 34 -60.97 -16.42 14.30
C MET A 34 -62.48 -16.49 14.22
N ARG A 35 -63.06 -16.74 13.05
CA ARG A 35 -64.48 -17.01 12.99
C ARG A 35 -64.82 -18.29 13.72
N GLU A 36 -64.00 -19.33 13.53
CA GLU A 36 -64.24 -20.58 14.25
C GLU A 36 -64.21 -20.36 15.76
N ASN A 37 -63.35 -19.47 16.24
CA ASN A 37 -63.23 -19.23 17.67
C ASN A 37 -64.30 -18.29 18.20
N GLY A 38 -65.38 -18.05 17.45
CA GLY A 38 -66.51 -17.33 17.97
C GLY A 38 -66.31 -15.82 18.02
N LEU A 39 -66.15 -15.19 16.85
CA LEU A 39 -65.95 -13.76 16.79
C LEU A 39 -66.71 -13.18 15.60
N ASN A 40 -67.37 -12.06 15.83
CA ASN A 40 -68.07 -11.35 14.76
C ASN A 40 -67.05 -10.72 13.84
N VAL A 41 -67.07 -11.12 12.56
CA VAL A 41 -66.02 -10.77 11.63
C VAL A 41 -66.64 -10.29 10.33
N ILE A 42 -65.98 -9.34 9.70
CA ILE A 42 -66.37 -8.81 8.41
C ILE A 42 -65.11 -8.73 7.54
N VAL A 43 -65.27 -8.21 6.33
CA VAL A 43 -64.18 -8.14 5.38
C VAL A 43 -64.31 -6.87 4.56
N GLY A 44 -63.15 -6.32 4.18
CA GLY A 44 -63.10 -5.15 3.34
C GLY A 44 -62.16 -5.38 2.17
N ASN A 45 -62.68 -5.22 0.96
CA ASN A 45 -61.89 -5.44 -0.24
C ASN A 45 -62.64 -4.88 -1.42
N VAL A 46 -61.89 -4.55 -2.45
CA VAL A 46 -62.46 -4.07 -3.71
C VAL A 46 -63.06 -5.23 -4.46
N LYS A 47 -64.03 -4.94 -5.32
CA LYS A 47 -64.80 -5.97 -6.01
C LYS A 47 -63.91 -6.64 -7.06
N ASP A 48 -63.40 -7.82 -6.73
CA ASP A 48 -62.61 -8.61 -7.65
C ASP A 48 -62.80 -10.08 -7.30
N LYS A 49 -61.90 -10.93 -7.77
CA LYS A 49 -61.94 -12.36 -7.52
C LYS A 49 -62.13 -12.65 -6.02
N TYR A 50 -61.18 -12.19 -5.21
CA TYR A 50 -61.23 -12.47 -3.78
C TYR A 50 -62.54 -12.02 -3.16
N TYR A 51 -63.14 -10.96 -3.69
CA TYR A 51 -64.42 -10.49 -3.16
C TYR A 51 -65.48 -11.58 -3.29
N GLU A 52 -65.64 -12.11 -4.50
CA GLU A 52 -66.60 -13.19 -4.72
C GLU A 52 -66.28 -14.39 -3.84
N LEU A 53 -65.01 -14.77 -3.79
CA LEU A 53 -64.62 -15.92 -2.98
C LEU A 53 -65.01 -15.73 -1.52
N ALA A 54 -64.70 -14.56 -0.96
CA ALA A 54 -64.95 -14.35 0.47
C ALA A 54 -66.43 -14.33 0.78
N LYS A 55 -67.23 -13.62 -0.03
CA LYS A 55 -68.67 -13.64 0.21
C LYS A 55 -69.23 -15.04 0.05
N LYS A 56 -68.64 -15.84 -0.84
CA LYS A 56 -69.04 -17.23 -0.98
C LYS A 56 -68.79 -18.02 0.29
N GLU A 57 -67.60 -17.85 0.89
CA GLU A 57 -67.23 -18.60 2.08
C GLU A 57 -68.01 -18.19 3.32
N GLY A 58 -68.99 -17.31 3.20
CA GLY A 58 -69.87 -16.99 4.31
C GLY A 58 -69.54 -15.69 5.02
N PHE A 59 -68.86 -14.76 4.37
CA PHE A 59 -68.45 -13.51 4.98
C PHE A 59 -69.26 -12.34 4.42
N GLU A 60 -69.74 -11.49 5.30
CA GLU A 60 -70.39 -10.26 4.90
C GLU A 60 -69.33 -9.27 4.43
N VAL A 61 -69.45 -8.80 3.20
CA VAL A 61 -68.39 -8.03 2.55
C VAL A 61 -68.91 -6.63 2.25
N TYR A 62 -68.21 -5.65 2.79
CA TYR A 62 -68.34 -4.25 2.42
C TYR A 62 -67.00 -3.79 1.90
N GLU A 63 -66.96 -2.62 1.27
CA GLU A 63 -65.66 -2.11 0.88
C GLU A 63 -65.07 -1.28 2.02
N ILE A 64 -63.82 -0.88 1.82
CA ILE A 64 -62.87 -0.74 2.93
C ILE A 64 -63.34 0.30 3.93
N ASP A 65 -63.44 1.56 3.50
CA ASP A 65 -63.79 2.63 4.43
C ASP A 65 -65.02 2.27 5.25
N GLU A 66 -66.02 1.67 4.61
CA GLU A 66 -67.22 1.26 5.33
C GLU A 66 -66.89 0.25 6.41
N ALA A 67 -66.05 -0.74 6.10
CA ALA A 67 -65.67 -1.74 7.08
C ALA A 67 -64.96 -1.10 8.27
N VAL A 68 -64.19 -0.05 8.03
CA VAL A 68 -63.50 0.60 9.13
C VAL A 68 -64.45 1.39 10.00
N ARG A 69 -65.54 1.88 9.43
CA ARG A 69 -66.53 2.58 10.24
C ARG A 69 -67.20 1.63 11.22
N ARG A 70 -67.55 0.42 10.75
CA ARG A 70 -68.26 -0.52 11.59
C ARG A 70 -67.37 -1.26 12.57
N SER A 71 -66.06 -1.08 12.49
CA SER A 71 -65.12 -1.88 13.25
C SER A 71 -64.52 -1.08 14.39
N ASP A 72 -64.27 -1.77 15.50
CA ASP A 72 -63.44 -1.26 16.57
C ASP A 72 -62.02 -1.80 16.48
N VAL A 73 -61.78 -2.77 15.61
CA VAL A 73 -60.46 -3.34 15.39
C VAL A 73 -60.34 -3.70 13.93
N ALA A 74 -59.12 -3.60 13.40
CA ALA A 74 -58.88 -3.83 11.99
C ALA A 74 -57.53 -4.49 11.78
N LEU A 75 -57.47 -5.40 10.82
CA LEU A 75 -56.25 -6.08 10.43
C LEU A 75 -55.90 -5.70 9.01
N LEU A 76 -54.74 -5.08 8.84
CA LEU A 76 -54.33 -4.53 7.55
C LEU A 76 -53.41 -5.55 6.87
N LEU A 77 -54.03 -6.58 6.30
CA LEU A 77 -53.29 -7.69 5.70
C LEU A 77 -53.27 -7.53 4.18
N ILE A 78 -52.39 -6.64 3.73
CA ILE A 78 -52.18 -6.46 2.30
C ILE A 78 -50.69 -6.22 2.06
N PRO A 79 -50.24 -6.30 0.80
CA PRO A 79 -48.82 -6.12 0.52
C PRO A 79 -48.29 -4.80 1.03
N ASP A 80 -47.01 -4.81 1.40
CA ASP A 80 -46.34 -3.62 1.90
C ASP A 80 -46.03 -2.60 0.81
N GLU A 81 -46.38 -2.90 -0.43
CA GLU A 81 -46.06 -2.03 -1.57
C GLU A 81 -47.21 -1.11 -1.96
N VAL A 82 -48.43 -1.41 -1.52
CA VAL A 82 -49.61 -0.64 -1.87
C VAL A 82 -50.38 -0.19 -0.64
N MET A 83 -49.94 -0.56 0.55
CA MET A 83 -50.67 -0.20 1.75
C MET A 83 -50.71 1.32 1.95
N LYS A 84 -49.70 2.01 1.45
CA LYS A 84 -49.57 3.44 1.73
C LYS A 84 -50.73 4.23 1.15
N GLU A 85 -50.96 4.09 -0.16
CA GLU A 85 -52.04 4.83 -0.80
C GLU A 85 -53.39 4.45 -0.21
N VAL A 86 -53.60 3.16 0.01
CA VAL A 86 -54.85 2.69 0.60
C VAL A 86 -55.08 3.36 1.95
N TYR A 87 -54.03 3.46 2.76
CA TYR A 87 -54.17 4.09 4.07
C TYR A 87 -54.46 5.58 3.92
N GLU A 88 -53.77 6.24 3.01
CA GLU A 88 -53.88 7.69 2.90
C GLU A 88 -55.26 8.11 2.42
N LYS A 89 -55.78 7.43 1.39
CA LYS A 89 -57.00 7.88 0.75
C LYS A 89 -58.23 7.48 1.54
N LYS A 90 -58.31 6.22 1.96
CA LYS A 90 -59.55 5.64 2.44
C LYS A 90 -59.62 5.50 3.95
N ILE A 91 -58.50 5.26 4.61
CA ILE A 91 -58.51 4.92 6.03
C ILE A 91 -58.35 6.17 6.88
N ALA A 92 -57.23 6.85 6.71
CA ALA A 92 -56.91 7.99 7.56
C ALA A 92 -58.08 8.94 7.80
N PRO A 93 -58.88 9.29 6.79
CA PRO A 93 -60.04 10.16 7.05
C PRO A 93 -60.99 9.56 8.08
N VAL A 94 -61.52 8.39 7.74
CA VAL A 94 -62.41 7.66 8.63
C VAL A 94 -61.81 7.57 10.01
N LEU A 95 -60.49 7.49 10.07
CA LEU A 95 -59.80 7.26 11.32
C LEU A 95 -59.70 8.53 12.15
N GLN A 96 -59.47 9.67 11.49
CA GLN A 96 -59.56 10.94 12.19
C GLN A 96 -60.89 11.05 12.91
N GLY A 97 -61.95 10.48 12.33
CA GLY A 97 -63.25 10.52 12.98
C GLY A 97 -63.52 9.33 13.88
N LYS A 98 -62.57 9.00 14.75
CA LYS A 98 -62.74 7.88 15.68
C LYS A 98 -62.40 8.32 17.09
N LYS A 99 -62.70 7.44 18.05
CA LYS A 99 -62.49 7.67 19.46
C LYS A 99 -61.51 6.70 20.08
N GLU A 100 -61.76 5.40 19.95
CA GLU A 100 -60.92 4.35 20.52
C GLU A 100 -60.82 3.26 19.47
N PHE A 101 -59.67 3.17 18.82
CA PHE A 101 -59.49 2.24 17.72
C PHE A 101 -58.20 1.46 17.92
N VAL A 102 -58.07 0.40 17.13
CA VAL A 102 -56.92 -0.51 17.20
C VAL A 102 -56.55 -0.91 15.79
N LEU A 103 -55.25 -0.93 15.52
CA LEU A 103 -54.73 -1.18 14.18
C LEU A 103 -53.61 -2.20 14.27
N ASP A 104 -53.76 -3.30 13.55
CA ASP A 104 -52.79 -4.40 13.58
C ASP A 104 -52.15 -4.56 12.22
N PHE A 105 -50.86 -4.90 12.23
CA PHE A 105 -50.11 -5.18 11.02
C PHE A 105 -49.45 -6.54 11.14
N ALA A 106 -49.12 -7.12 10.00
CA ALA A 106 -48.32 -8.33 9.93
C ALA A 106 -46.86 -8.04 9.58
N SER A 107 -46.54 -6.80 9.23
CA SER A 107 -45.18 -6.40 8.92
C SER A 107 -44.96 -4.98 9.43
N GLY A 108 -43.72 -4.72 9.86
CA GLY A 108 -43.35 -3.43 10.39
C GLY A 108 -42.59 -2.54 9.44
N TYR A 109 -42.54 -2.88 8.15
CA TYR A 109 -41.75 -2.09 7.21
C TYR A 109 -42.26 -0.67 7.12
N ASN A 110 -43.53 -0.50 6.74
CA ASN A 110 -44.07 0.82 6.45
C ASN A 110 -44.19 1.69 7.68
N VAL A 111 -44.07 1.13 8.88
CA VAL A 111 -44.18 1.88 10.12
C VAL A 111 -42.82 2.15 10.72
N ALA A 112 -41.98 1.12 10.79
CA ALA A 112 -40.63 1.29 11.34
C ALA A 112 -39.88 2.41 10.64
N PHE A 113 -40.18 2.64 9.37
CA PHE A 113 -39.49 3.63 8.57
C PHE A 113 -40.31 4.90 8.37
N GLY A 114 -41.49 4.98 8.97
CA GLY A 114 -42.23 6.22 9.02
C GLY A 114 -43.06 6.54 7.80
N LEU A 115 -43.25 5.58 6.90
CA LEU A 115 -44.11 5.80 5.75
C LEU A 115 -45.58 5.82 6.13
N ILE A 116 -45.89 5.47 7.37
CA ILE A 116 -47.26 5.48 7.88
C ILE A 116 -47.19 5.93 9.33
N ARG A 117 -47.84 7.04 9.64
CA ARG A 117 -47.78 7.66 10.96
C ARG A 117 -49.20 7.90 11.44
N PRO A 118 -49.81 6.90 12.08
CA PRO A 118 -51.16 7.07 12.56
C PRO A 118 -51.22 8.04 13.72
N PRO A 119 -52.41 8.48 14.09
CA PRO A 119 -52.52 9.45 15.18
C PRO A 119 -52.21 8.85 16.54
N LYS A 120 -52.34 9.67 17.58
CA LYS A 120 -52.15 9.23 18.96
C LYS A 120 -53.44 8.76 19.59
N SER A 121 -54.57 8.91 18.91
CA SER A 121 -55.85 8.40 19.36
C SER A 121 -55.99 6.90 19.14
N VAL A 122 -54.90 6.21 18.81
CA VAL A 122 -54.96 4.88 18.25
C VAL A 122 -53.95 3.99 18.94
N ASP A 123 -54.29 2.72 19.07
CA ASP A 123 -53.39 1.71 19.58
C ASP A 123 -52.79 0.97 18.39
N THR A 124 -51.48 1.06 18.23
CA THR A 124 -50.78 0.52 17.09
C THR A 124 -49.97 -0.69 17.51
N ILE A 125 -50.25 -1.83 16.88
CA ILE A 125 -49.69 -3.10 17.32
C ILE A 125 -49.20 -3.89 16.11
N MET A 126 -48.79 -5.13 16.36
CA MET A 126 -48.11 -5.93 15.36
C MET A 126 -48.24 -7.40 15.73
N VAL A 127 -48.54 -8.22 14.73
CA VAL A 127 -48.59 -9.67 14.92
C VAL A 127 -48.05 -10.34 13.67
N ALA A 128 -46.88 -10.94 13.77
CA ALA A 128 -46.15 -11.44 12.61
C ALA A 128 -45.94 -12.94 12.71
N PRO A 129 -46.61 -13.75 11.90
CA PRO A 129 -46.34 -15.19 11.89
C PRO A 129 -45.04 -15.51 11.18
N ARG A 130 -44.62 -16.76 11.30
CA ARG A 130 -43.42 -17.26 10.67
C ARG A 130 -43.72 -18.52 9.89
N MET A 131 -44.82 -18.49 9.13
CA MET A 131 -45.20 -19.60 8.27
C MET A 131 -45.88 -19.04 7.03
N VAL A 132 -45.79 -19.80 5.94
CA VAL A 132 -46.23 -19.30 4.64
C VAL A 132 -47.74 -19.07 4.63
N GLY A 133 -48.49 -19.96 5.25
CA GLY A 133 -49.94 -19.88 5.22
C GLY A 133 -50.56 -21.16 4.71
N GLU A 134 -49.92 -21.78 3.70
CA GLU A 134 -50.38 -23.07 3.22
C GLU A 134 -50.23 -24.13 4.31
N GLY A 135 -49.14 -24.09 5.07
CA GLY A 135 -48.95 -25.03 6.15
C GLY A 135 -49.66 -24.66 7.43
N ILE A 136 -50.00 -23.38 7.60
CA ILE A 136 -50.66 -22.95 8.83
C ILE A 136 -52.00 -23.67 9.00
N MET A 137 -52.79 -23.73 7.93
CA MET A 137 -54.01 -24.52 7.96
C MET A 137 -53.70 -25.99 8.21
N ASP A 138 -52.72 -26.52 7.48
CA ASP A 138 -52.26 -27.89 7.67
C ASP A 138 -51.96 -28.20 9.12
N LEU A 139 -51.65 -27.19 9.93
CA LEU A 139 -51.37 -27.39 11.34
C LEU A 139 -52.56 -27.08 12.23
N HIS A 140 -53.43 -26.14 11.83
CA HIS A 140 -54.58 -25.83 12.65
C HIS A 140 -55.52 -27.02 12.76
N LYS A 141 -55.61 -27.83 11.72
CA LYS A 141 -56.49 -28.99 11.77
C LYS A 141 -56.08 -29.95 12.88
N GLN A 142 -54.81 -29.95 13.24
CA GLN A 142 -54.28 -30.84 14.27
C GLN A 142 -54.35 -30.24 15.66
N GLY A 143 -55.01 -29.10 15.82
CA GLY A 143 -54.98 -28.40 17.08
C GLY A 143 -53.63 -27.84 17.44
N LYS A 144 -52.69 -27.80 16.49
CA LYS A 144 -51.37 -27.27 16.75
C LYS A 144 -51.35 -25.76 16.60
N GLY A 145 -50.45 -25.13 17.34
CA GLY A 145 -50.20 -23.71 17.22
C GLY A 145 -49.07 -23.42 16.26
N TYR A 146 -48.55 -22.21 16.33
CA TYR A 146 -47.39 -21.84 15.54
C TYR A 146 -46.81 -20.55 16.11
N PRO A 147 -45.56 -20.23 15.79
CA PRO A 147 -44.93 -19.04 16.36
C PRO A 147 -45.33 -17.74 15.69
N VAL A 148 -45.20 -16.66 16.46
CA VAL A 148 -45.47 -15.32 15.99
C VAL A 148 -44.61 -14.35 16.79
N LEU A 149 -44.51 -13.12 16.29
CA LEU A 149 -43.86 -12.03 16.99
C LEU A 149 -44.86 -10.94 17.30
N LEU A 150 -44.65 -10.27 18.42
CA LEU A 150 -45.53 -9.22 18.88
C LEU A 150 -44.74 -7.93 19.03
N GLY A 151 -45.43 -6.81 18.83
CA GLY A 151 -44.82 -5.51 19.00
C GLY A 151 -45.87 -4.45 19.19
N VAL A 152 -45.44 -3.36 19.83
CA VAL A 152 -46.31 -2.24 20.12
C VAL A 152 -45.55 -0.95 19.83
N LYS A 153 -46.18 -0.06 19.09
CA LYS A 153 -45.60 1.21 18.71
C LYS A 153 -46.23 2.38 19.43
N GLN A 154 -47.51 2.29 19.77
CA GLN A 154 -48.25 3.42 20.30
C GLN A 154 -49.38 2.88 21.17
N ASP A 155 -49.31 3.17 22.46
CA ASP A 155 -50.32 2.73 23.41
C ASP A 155 -51.07 3.95 23.93
N ALA A 156 -52.36 4.02 23.63
CA ALA A 156 -53.22 5.08 24.11
C ALA A 156 -54.24 4.59 25.13
N SER A 157 -54.18 3.32 25.51
CA SER A 157 -55.20 2.73 26.37
C SER A 157 -54.62 1.80 27.43
N GLY A 158 -53.31 1.65 27.51
CA GLY A 158 -52.71 0.77 28.50
C GLY A 158 -53.13 -0.67 28.39
N LYS A 159 -53.77 -1.04 27.27
CA LYS A 159 -54.27 -2.40 27.07
C LYS A 159 -53.73 -3.04 25.80
N ALA A 160 -52.74 -2.43 25.16
CA ALA A 160 -52.29 -2.90 23.86
C ALA A 160 -51.81 -4.35 23.91
N TRP A 161 -50.91 -4.64 24.84
CA TRP A 161 -50.35 -5.99 24.94
C TRP A 161 -51.44 -7.03 25.11
N ASP A 162 -52.43 -6.72 25.94
CA ASP A 162 -53.55 -7.63 26.12
C ASP A 162 -54.25 -7.88 24.79
N TYR A 163 -54.50 -6.82 24.03
CA TYR A 163 -55.11 -6.98 22.71
C TYR A 163 -54.26 -7.87 21.83
N ALA A 164 -52.94 -7.65 21.83
CA ALA A 164 -52.06 -8.42 20.96
C ALA A 164 -52.13 -9.91 21.28
N LYS A 165 -52.04 -10.24 22.56
CA LYS A 165 -52.11 -11.65 22.96
C LYS A 165 -53.47 -12.24 22.62
N ALA A 166 -54.53 -11.46 22.84
CA ALA A 166 -55.86 -11.92 22.46
C ALA A 166 -55.92 -12.26 20.98
N ILE A 167 -55.37 -11.39 20.14
CA ILE A 167 -55.32 -11.67 18.71
C ILE A 167 -54.57 -12.97 18.45
N ALA A 168 -53.35 -13.06 18.99
CA ALA A 168 -52.54 -14.26 18.79
C ALA A 168 -53.35 -15.51 19.09
N LYS A 169 -54.15 -15.47 20.15
CA LYS A 169 -55.00 -16.61 20.47
C LYS A 169 -56.12 -16.77 19.46
N GLY A 170 -56.67 -15.66 18.96
CA GLY A 170 -57.82 -15.74 18.08
C GLY A 170 -57.50 -16.39 16.75
N ILE A 171 -56.24 -16.34 16.32
CA ILE A 171 -55.85 -16.89 15.03
C ILE A 171 -55.25 -18.28 15.16
N GLY A 172 -55.20 -18.84 16.37
CA GLY A 172 -54.78 -20.22 16.55
C GLY A 172 -53.29 -20.43 16.64
N ALA A 173 -52.51 -19.36 16.83
CA ALA A 173 -51.08 -19.54 17.03
C ALA A 173 -50.81 -20.17 18.38
N ILE A 174 -51.62 -19.85 19.39
CA ILE A 174 -51.47 -20.42 20.72
C ILE A 174 -52.84 -20.73 21.28
N PRO A 175 -52.93 -21.70 22.21
CA PRO A 175 -51.80 -22.51 22.67
C PRO A 175 -51.42 -23.59 21.67
N GLY A 176 -50.20 -24.10 21.79
CA GLY A 176 -49.68 -25.07 20.84
C GLY A 176 -48.39 -24.59 20.23
N GLY A 177 -48.34 -23.28 19.97
CA GLY A 177 -47.13 -22.63 19.53
C GLY A 177 -46.64 -21.68 20.59
N ILE A 178 -46.03 -20.57 20.17
CA ILE A 178 -45.57 -19.57 21.13
C ILE A 178 -45.68 -18.18 20.52
N ALA A 179 -45.35 -17.17 21.32
CA ALA A 179 -45.42 -15.78 20.89
C ALA A 179 -44.29 -15.02 21.57
N VAL A 180 -43.52 -14.28 20.77
CA VAL A 180 -42.40 -13.50 21.27
C VAL A 180 -42.74 -12.03 21.19
N ILE A 181 -42.32 -11.29 22.20
CA ILE A 181 -42.50 -9.85 22.24
C ILE A 181 -41.27 -9.21 21.63
N SER A 182 -41.49 -8.24 20.75
CA SER A 182 -40.39 -7.58 20.08
C SER A 182 -40.91 -6.22 19.58
N SER A 183 -40.16 -5.61 18.68
CA SER A 183 -40.49 -4.33 18.11
C SER A 183 -40.85 -4.48 16.64
N PHE A 184 -41.34 -3.38 16.06
CA PHE A 184 -41.50 -3.33 14.62
C PHE A 184 -40.15 -3.39 13.92
N GLU A 185 -39.14 -2.78 14.53
CA GLU A 185 -37.82 -2.71 13.93
C GLU A 185 -37.17 -4.08 13.90
N GLU A 186 -37.19 -4.78 15.03
CA GLU A 186 -36.57 -6.09 15.14
C GLU A 186 -37.22 -7.13 14.26
N GLU A 187 -38.33 -6.80 13.59
CA GLU A 187 -38.96 -7.70 12.64
C GLU A 187 -38.62 -7.35 11.21
N ALA A 188 -38.71 -6.06 10.86
CA ALA A 188 -38.29 -5.64 9.54
C ALA A 188 -36.84 -5.99 9.29
N LEU A 189 -35.99 -5.67 10.27
CA LEU A 189 -34.57 -6.01 10.19
C LEU A 189 -34.37 -7.46 9.82
N LEU A 190 -35.09 -8.36 10.48
CA LEU A 190 -34.90 -9.78 10.24
C LEU A 190 -35.45 -10.19 8.87
N ASP A 191 -36.69 -9.80 8.59
CA ASP A 191 -37.28 -10.15 7.31
C ASP A 191 -36.42 -9.71 6.15
N LEU A 192 -35.62 -8.66 6.34
CA LEU A 192 -34.77 -8.18 5.27
C LEU A 192 -33.40 -8.85 5.26
N MET A 193 -32.76 -8.96 6.42
CA MET A 193 -31.40 -9.49 6.46
C MET A 193 -31.32 -10.87 5.83
N SER A 194 -32.37 -11.68 5.97
CA SER A 194 -32.40 -12.95 5.28
C SER A 194 -32.35 -12.75 3.78
N GLU A 195 -33.14 -11.82 3.27
CA GLU A 195 -33.23 -11.57 1.83
C GLU A 195 -32.02 -10.85 1.28
N HIS A 196 -31.11 -10.39 2.14
CA HIS A 196 -29.96 -9.65 1.70
C HIS A 196 -28.63 -10.34 1.97
N THR A 197 -28.59 -11.37 2.81
CA THR A 197 -27.31 -11.96 3.19
C THR A 197 -27.12 -13.38 2.70
N TRP A 198 -27.87 -14.37 3.18
CA TRP A 198 -27.47 -15.73 2.92
C TRP A 198 -28.15 -16.34 1.70
N VAL A 199 -29.33 -15.86 1.35
CA VAL A 199 -30.02 -16.31 0.13
C VAL A 199 -29.19 -15.93 -1.09
N PRO A 200 -28.90 -14.63 -1.29
CA PRO A 200 -28.14 -14.26 -2.49
C PRO A 200 -26.73 -14.80 -2.49
N ILE A 201 -26.10 -14.89 -1.33
CA ILE A 201 -24.77 -15.48 -1.24
C ILE A 201 -24.82 -16.92 -1.71
N LEU A 202 -25.78 -17.68 -1.19
CA LEU A 202 -25.96 -19.06 -1.61
C LEU A 202 -26.10 -19.16 -3.12
N PHE A 203 -27.00 -18.35 -3.69
CA PHE A 203 -27.24 -18.42 -5.13
C PHE A 203 -25.98 -18.09 -5.92
N GLY A 204 -25.27 -17.04 -5.52
CA GLY A 204 -24.06 -16.67 -6.21
C GLY A 204 -22.99 -17.75 -6.12
N ALA A 205 -22.90 -18.39 -4.96
CA ALA A 205 -21.93 -19.46 -4.80
C ALA A 205 -22.23 -20.62 -5.72
N ILE A 206 -23.50 -21.01 -5.80
CA ILE A 206 -23.90 -22.09 -6.71
C ILE A 206 -23.55 -21.73 -8.14
N LYS A 207 -23.96 -20.53 -8.56
CA LYS A 207 -23.69 -20.09 -9.92
C LYS A 207 -22.19 -20.10 -10.22
N ALA A 208 -21.39 -19.66 -9.26
CA ALA A 208 -19.95 -19.61 -9.47
C ALA A 208 -19.38 -21.01 -9.59
N CYS A 209 -19.83 -21.93 -8.75
CA CYS A 209 -19.38 -23.30 -8.85
C CYS A 209 -19.67 -23.86 -10.24
N TYR A 210 -20.88 -23.63 -10.73
CA TYR A 210 -21.24 -24.07 -12.08
C TYR A 210 -20.27 -23.50 -13.11
N ASP A 211 -20.19 -22.18 -13.16
CA ASP A 211 -19.36 -21.52 -14.16
C ASP A 211 -17.93 -22.04 -14.13
N ILE A 212 -17.37 -22.17 -12.94
CA ILE A 212 -16.00 -22.62 -12.79
C ILE A 212 -15.85 -24.04 -13.32
N ALA A 213 -16.62 -24.97 -12.74
CA ALA A 213 -16.51 -26.36 -13.13
C ALA A 213 -16.62 -26.53 -14.64
N VAL A 214 -17.43 -25.69 -15.29
CA VAL A 214 -17.60 -25.84 -16.73
C VAL A 214 -16.41 -25.27 -17.48
N LYS A 215 -16.03 -24.03 -17.18
CA LYS A 215 -15.09 -23.29 -18.01
C LYS A 215 -13.64 -23.47 -17.62
N GLU A 216 -13.34 -24.30 -16.63
CA GLU A 216 -11.95 -24.51 -16.24
C GLU A 216 -11.58 -25.96 -16.00
N TYR A 217 -12.54 -26.87 -15.91
CA TYR A 217 -12.26 -28.28 -15.69
C TYR A 217 -13.03 -29.17 -16.66
N GLY A 218 -13.61 -28.60 -17.71
CA GLY A 218 -14.17 -29.38 -18.79
C GLY A 218 -15.32 -30.25 -18.38
N VAL A 219 -16.12 -29.80 -17.44
CA VAL A 219 -17.25 -30.59 -16.97
C VAL A 219 -18.44 -30.33 -17.89
N SER A 220 -19.36 -31.29 -17.90
CA SER A 220 -20.57 -31.17 -18.68
C SER A 220 -21.65 -30.43 -17.89
N PRO A 221 -22.44 -29.60 -18.54
CA PRO A 221 -23.49 -28.88 -17.80
C PRO A 221 -24.50 -29.80 -17.14
N GLU A 222 -24.81 -30.93 -17.76
CA GLU A 222 -25.85 -31.82 -17.26
C GLU A 222 -25.48 -32.49 -15.95
N ALA A 223 -24.26 -32.35 -15.47
CA ALA A 223 -23.78 -33.00 -14.26
C ALA A 223 -23.63 -32.03 -13.10
N ALA A 224 -23.07 -30.85 -13.37
CA ALA A 224 -22.98 -29.81 -12.37
C ALA A 224 -24.34 -29.57 -11.71
N LEU A 225 -25.38 -29.42 -12.53
CA LEU A 225 -26.71 -29.17 -12.00
C LEU A 225 -27.15 -30.30 -11.09
N LEU A 226 -26.95 -31.54 -11.52
CA LEU A 226 -27.33 -32.67 -10.69
C LEU A 226 -26.67 -32.59 -9.33
N GLU A 227 -25.38 -32.26 -9.29
CA GLU A 227 -24.72 -32.22 -8.00
C GLU A 227 -25.21 -31.04 -7.16
N PHE A 228 -25.42 -29.88 -7.77
CA PHE A 228 -25.60 -28.68 -6.99
C PHE A 228 -27.03 -28.52 -6.47
N TYR A 229 -28.01 -28.41 -7.37
CA TYR A 229 -29.39 -28.25 -6.91
C TYR A 229 -30.43 -29.05 -7.67
N ALA A 230 -30.14 -29.59 -8.85
CA ALA A 230 -31.17 -30.32 -9.58
C ALA A 230 -31.60 -31.58 -8.86
N SER A 231 -30.86 -32.00 -7.83
CA SER A 231 -31.27 -33.08 -6.95
C SER A 231 -31.90 -32.50 -5.69
N GLY A 232 -32.64 -33.34 -4.97
CA GLY A 232 -33.31 -32.95 -3.75
C GLY A 232 -32.41 -32.98 -2.53
N GLU A 233 -31.11 -32.97 -2.77
CA GLU A 233 -30.13 -32.86 -1.68
C GLU A 233 -30.54 -31.82 -0.66
N LEU A 234 -30.97 -30.65 -1.12
CA LEU A 234 -31.00 -29.46 -0.28
C LEU A 234 -32.22 -29.45 0.61
N ALA A 235 -33.37 -29.87 0.09
CA ALA A 235 -34.57 -29.96 0.91
C ALA A 235 -34.39 -30.98 2.03
N GLU A 236 -33.73 -32.10 1.72
CA GLU A 236 -33.34 -33.05 2.77
C GLU A 236 -32.63 -32.33 3.91
N ILE A 237 -31.57 -31.60 3.59
CA ILE A 237 -30.78 -30.94 4.63
C ILE A 237 -31.64 -29.94 5.39
N ALA A 238 -32.46 -29.17 4.68
CA ALA A 238 -33.34 -28.20 5.33
C ALA A 238 -34.25 -28.89 6.35
N ARG A 239 -34.80 -30.03 5.97
CA ARG A 239 -35.69 -30.76 6.88
C ARG A 239 -34.94 -31.20 8.13
N LEU A 240 -33.81 -31.89 7.94
CA LEU A 240 -33.05 -32.35 9.10
C LEU A 240 -32.63 -31.18 9.98
N ILE A 241 -32.44 -30.01 9.39
CA ILE A 241 -32.13 -28.83 10.19
C ILE A 241 -33.32 -28.44 11.04
N ALA A 242 -34.47 -28.26 10.40
CA ALA A 242 -35.65 -27.82 11.12
C ALA A 242 -36.03 -28.79 12.24
N GLU A 243 -35.69 -30.07 12.09
CA GLU A 243 -36.12 -31.08 13.05
C GLU A 243 -35.05 -31.43 14.07
N GLU A 244 -33.89 -31.92 13.63
CA GLU A 244 -32.86 -32.42 14.52
C GLU A 244 -31.92 -31.35 15.02
N GLY A 245 -31.80 -30.24 14.31
CA GLY A 245 -30.81 -29.23 14.60
C GLY A 245 -29.81 -29.09 13.47
N ILE A 246 -29.22 -27.90 13.38
CA ILE A 246 -28.37 -27.57 12.26
C ILE A 246 -27.11 -28.42 12.26
N PHE A 247 -26.46 -28.55 13.41
CA PHE A 247 -25.20 -29.27 13.47
C PHE A 247 -25.41 -30.77 13.63
N ASN A 248 -26.24 -31.16 14.61
CA ASN A 248 -26.57 -32.56 14.77
C ASN A 248 -27.06 -33.18 13.49
N GLN A 249 -27.55 -32.36 12.56
CA GLN A 249 -27.96 -32.85 11.25
C GLN A 249 -26.82 -33.53 10.51
N MET A 250 -25.58 -33.15 10.81
CA MET A 250 -24.43 -33.58 10.03
C MET A 250 -23.92 -34.95 10.41
N VAL A 251 -24.39 -35.51 11.53
CA VAL A 251 -23.93 -36.82 11.96
C VAL A 251 -24.31 -37.89 10.94
N HIS A 252 -25.40 -37.69 10.21
CA HIS A 252 -25.85 -38.66 9.22
C HIS A 252 -25.04 -38.60 7.94
N HIS A 253 -24.08 -37.70 7.84
CA HIS A 253 -23.21 -37.60 6.69
C HIS A 253 -21.88 -38.28 6.99
N SER A 254 -21.00 -38.31 5.98
CA SER A 254 -19.70 -38.95 6.14
C SER A 254 -18.71 -38.02 6.82
N THR A 255 -17.70 -38.63 7.44
CA THR A 255 -16.70 -37.88 8.18
C THR A 255 -16.00 -36.86 7.30
N THR A 256 -15.69 -37.26 6.07
CA THR A 256 -15.01 -36.37 5.14
C THR A 256 -15.80 -35.07 4.97
N SER A 257 -17.10 -35.20 4.75
CA SER A 257 -17.96 -34.04 4.60
C SER A 257 -17.92 -33.17 5.85
N GLN A 258 -18.06 -33.79 7.02
CA GLN A 258 -18.02 -33.05 8.27
C GLN A 258 -16.73 -32.23 8.38
N TYR A 259 -15.60 -32.89 8.12
CA TYR A 259 -14.31 -32.24 8.26
C TYR A 259 -14.22 -31.03 7.35
N GLY A 260 -14.45 -31.24 6.04
CA GLY A 260 -14.37 -30.13 5.11
C GLY A 260 -15.29 -29.00 5.50
N THR A 261 -16.53 -29.33 5.80
CA THR A 261 -17.52 -28.33 6.16
C THR A 261 -17.06 -27.49 7.33
N LEU A 262 -16.69 -28.15 8.43
CA LEU A 262 -16.32 -27.42 9.64
C LEU A 262 -15.11 -26.53 9.40
N THR A 263 -14.06 -27.09 8.79
CA THR A 263 -12.86 -26.31 8.54
C THR A 263 -13.18 -25.07 7.73
N ARG A 264 -13.85 -25.25 6.59
CA ARG A 264 -14.11 -24.12 5.71
C ARG A 264 -15.11 -23.16 6.31
N MET A 265 -15.94 -23.62 7.23
CA MET A 265 -16.87 -22.73 7.92
C MET A 265 -16.12 -21.80 8.85
N PHE A 266 -15.32 -22.36 9.75
CA PHE A 266 -14.55 -21.53 10.65
C PHE A 266 -13.49 -20.72 9.91
N LYS A 267 -13.22 -21.04 8.65
CA LYS A 267 -12.21 -20.36 7.87
C LYS A 267 -12.75 -19.13 7.14
N TYR A 268 -14.02 -19.13 6.78
CA TYR A 268 -14.62 -18.05 5.99
C TYR A 268 -15.68 -17.29 6.77
N TYR A 269 -15.55 -17.24 8.09
CA TYR A 269 -16.58 -16.66 8.94
C TYR A 269 -16.46 -15.14 9.04
N ASP A 270 -15.24 -14.61 8.99
CA ASP A 270 -15.05 -13.17 9.15
C ASP A 270 -15.54 -12.41 7.94
N VAL A 271 -15.30 -12.95 6.76
CA VAL A 271 -15.70 -12.29 5.51
C VAL A 271 -17.19 -12.00 5.51
N VAL A 272 -17.99 -13.06 5.63
CA VAL A 272 -19.43 -12.92 5.60
C VAL A 272 -19.91 -12.08 6.77
N ARG A 273 -19.19 -12.13 7.89
CA ARG A 273 -19.53 -11.27 9.01
C ARG A 273 -19.45 -9.80 8.63
N ARG A 274 -18.36 -9.43 7.96
CA ARG A 274 -18.21 -8.06 7.47
C ARG A 274 -19.38 -7.69 6.56
N ILE A 275 -19.70 -8.58 5.63
CA ILE A 275 -20.81 -8.33 4.72
C ILE A 275 -22.09 -8.05 5.49
N VAL A 276 -22.40 -8.92 6.44
CA VAL A 276 -23.64 -8.82 7.20
C VAL A 276 -23.69 -7.52 7.97
N GLU A 277 -22.57 -7.13 8.58
CA GLU A 277 -22.50 -5.84 9.24
C GLU A 277 -22.89 -4.73 8.28
N ASN A 278 -22.26 -4.70 7.11
CA ASN A 278 -22.54 -3.65 6.14
C ASN A 278 -24.03 -3.57 5.84
N GLU A 279 -24.65 -4.71 5.55
CA GLU A 279 -26.04 -4.69 5.12
C GLU A 279 -26.98 -4.30 6.25
N ALA A 280 -26.78 -4.90 7.42
CA ALA A 280 -27.63 -4.55 8.57
C ALA A 280 -27.55 -3.06 8.86
N LYS A 281 -26.35 -2.48 8.76
CA LYS A 281 -26.22 -1.05 8.97
C LYS A 281 -26.96 -0.27 7.90
N TYR A 282 -26.80 -0.68 6.64
CA TYR A 282 -27.53 -0.04 5.55
C TYR A 282 -29.02 0.00 5.84
N ILE A 283 -29.52 -1.01 6.54
CA ILE A 283 -30.95 -1.09 6.80
C ILE A 283 -31.34 -0.21 7.99
N TRP A 284 -30.71 -0.44 9.13
CA TRP A 284 -31.02 0.27 10.36
C TRP A 284 -31.21 1.76 10.14
N ASP A 285 -30.49 2.32 9.17
CA ASP A 285 -30.52 3.75 8.93
C ASP A 285 -31.72 4.18 8.10
N GLY A 286 -32.25 3.29 7.28
CA GLY A 286 -33.37 3.61 6.42
C GLY A 286 -33.01 3.88 4.98
N SER A 287 -31.82 3.49 4.54
CA SER A 287 -31.39 3.79 3.18
C SER A 287 -32.04 2.86 2.17
N PHE A 288 -32.21 1.59 2.53
CA PHE A 288 -32.79 0.64 1.58
C PHE A 288 -34.22 1.01 1.24
N ALA A 289 -34.99 1.46 2.24
CA ALA A 289 -36.35 1.88 1.96
C ALA A 289 -36.38 3.00 0.94
N LYS A 290 -35.49 3.97 1.10
CA LYS A 290 -35.35 5.04 0.12
C LYS A 290 -35.06 4.49 -1.25
N GLU A 291 -34.02 3.66 -1.36
CA GLU A 291 -33.65 3.05 -2.63
C GLU A 291 -34.86 2.41 -3.30
N TRP A 292 -35.56 1.57 -2.57
CA TRP A 292 -36.67 0.80 -3.13
C TRP A 292 -37.83 1.71 -3.54
N SER A 293 -38.18 2.67 -2.70
CA SER A 293 -39.24 3.60 -3.04
C SER A 293 -38.91 4.36 -4.32
N LEU A 294 -37.68 4.84 -4.43
CA LEU A 294 -37.29 5.58 -5.62
C LEU A 294 -37.37 4.70 -6.86
N GLU A 295 -36.87 3.47 -6.77
CA GLU A 295 -36.97 2.59 -7.92
C GLU A 295 -38.42 2.40 -8.35
N GLN A 296 -39.33 2.27 -7.39
CA GLN A 296 -40.75 2.23 -7.75
C GLN A 296 -41.14 3.48 -8.53
N GLN A 297 -40.62 4.63 -8.11
CA GLN A 297 -41.04 5.87 -8.75
C GLN A 297 -40.46 6.02 -10.15
N ALA A 298 -39.37 5.33 -10.44
CA ALA A 298 -38.71 5.49 -11.73
C ALA A 298 -39.26 4.55 -12.80
N GLY A 299 -39.70 3.36 -12.41
CA GLY A 299 -40.28 2.43 -13.36
C GLY A 299 -39.68 1.04 -13.35
N TYR A 300 -38.99 0.69 -12.28
CA TYR A 300 -38.43 -0.64 -12.12
C TYR A 300 -37.49 -1.00 -13.26
N PRO A 301 -36.59 -0.13 -13.68
CA PRO A 301 -35.69 -0.50 -14.78
C PRO A 301 -34.64 -1.53 -14.39
N VAL A 302 -34.01 -1.34 -13.23
CA VAL A 302 -32.99 -2.27 -12.77
C VAL A 302 -33.59 -3.64 -12.53
N PHE A 303 -34.72 -3.69 -11.83
CA PHE A 303 -35.47 -4.92 -11.65
C PHE A 303 -35.64 -5.65 -12.98
N TYR A 304 -36.10 -4.93 -14.00
CA TYR A 304 -36.30 -5.50 -15.32
C TYR A 304 -35.01 -6.10 -15.87
N ARG A 305 -33.96 -5.28 -15.92
CA ARG A 305 -32.73 -5.72 -16.56
C ARG A 305 -32.13 -6.92 -15.86
N LEU A 306 -32.23 -6.96 -14.53
CA LEU A 306 -31.66 -8.08 -13.80
C LEU A 306 -32.48 -9.34 -14.02
N TRP A 307 -33.80 -9.23 -13.98
CA TRP A 307 -34.63 -10.38 -14.31
C TRP A 307 -34.26 -10.94 -15.67
N GLU A 308 -33.91 -10.07 -16.61
CA GLU A 308 -33.48 -10.56 -17.92
C GLU A 308 -32.12 -11.25 -17.82
N LEU A 309 -31.13 -10.56 -17.28
CA LEU A 309 -29.77 -11.10 -17.24
C LEU A 309 -29.72 -12.45 -16.54
N ALA A 310 -30.56 -12.67 -15.54
CA ALA A 310 -30.52 -13.93 -14.82
C ALA A 310 -31.04 -15.06 -15.68
N THR A 311 -32.18 -14.83 -16.36
CA THR A 311 -32.80 -15.88 -17.16
C THR A 311 -32.06 -16.13 -18.47
N GLN A 312 -31.38 -15.12 -19.00
CA GLN A 312 -30.59 -15.27 -20.20
C GLN A 312 -29.18 -15.78 -19.90
N SER A 313 -28.92 -16.17 -18.66
CA SER A 313 -27.65 -16.77 -18.33
C SER A 313 -27.58 -18.20 -18.87
N GLU A 314 -26.38 -18.75 -18.87
CA GLU A 314 -26.17 -20.08 -19.42
C GLU A 314 -26.76 -21.15 -18.50
N MET A 315 -26.53 -21.01 -17.20
CA MET A 315 -27.03 -21.98 -16.25
C MET A 315 -28.53 -22.17 -16.39
N ALA A 316 -29.26 -21.08 -16.58
CA ALA A 316 -30.72 -21.18 -16.65
C ALA A 316 -31.16 -21.91 -17.90
N LYS A 317 -30.52 -21.65 -19.03
CA LYS A 317 -30.87 -22.35 -20.26
C LYS A 317 -30.61 -23.84 -20.12
N ALA A 318 -29.45 -24.20 -19.57
CA ALA A 318 -29.16 -25.61 -19.36
C ALA A 318 -30.20 -26.25 -18.45
N GLU A 319 -30.51 -25.57 -17.34
CA GLU A 319 -31.55 -26.05 -16.45
C GLU A 319 -32.85 -26.28 -17.19
N LYS A 320 -33.15 -25.40 -18.14
CA LYS A 320 -34.38 -25.53 -18.91
C LYS A 320 -34.37 -26.81 -19.74
N GLU A 321 -33.33 -26.96 -20.56
CA GLU A 321 -33.21 -28.19 -21.35
C GLU A 321 -33.36 -29.41 -20.47
N LEU A 322 -32.72 -29.39 -19.31
CA LEU A 322 -32.71 -30.56 -18.44
C LEU A 322 -34.09 -30.86 -17.88
N TYR A 323 -34.66 -29.91 -17.14
CA TYR A 323 -35.97 -30.10 -16.54
C TYR A 323 -36.95 -30.64 -17.58
N LYS A 324 -36.87 -30.13 -18.81
CA LYS A 324 -37.69 -30.66 -19.88
C LYS A 324 -37.39 -32.13 -20.12
N LEU A 325 -36.12 -32.51 -19.96
CA LEU A 325 -35.73 -33.88 -20.25
C LEU A 325 -36.20 -34.84 -19.16
N LEU A 326 -36.10 -34.45 -17.90
CA LEU A 326 -36.60 -35.26 -16.81
C LEU A 326 -38.12 -35.24 -16.71
N GLY A 327 -38.79 -34.47 -17.55
CA GLY A 327 -40.22 -34.35 -17.51
C GLY A 327 -40.74 -33.33 -16.52
N ARG A 328 -39.91 -32.88 -15.58
CA ARG A 328 -40.32 -31.82 -14.67
C ARG A 328 -40.82 -30.62 -15.45
N LYS A 329 -42.08 -30.27 -15.22
CA LYS A 329 -42.71 -29.16 -15.92
C LYS A 329 -41.92 -27.86 -15.83
N ASP B 2 -26.87 -35.42 -27.50
CA ASP B 2 -25.89 -35.03 -26.50
C ASP B 2 -25.07 -36.21 -26.01
N LYS B 3 -24.26 -35.95 -24.99
CA LYS B 3 -23.55 -37.00 -24.26
C LYS B 3 -24.44 -37.99 -23.52
N THR B 4 -25.75 -37.77 -23.55
CA THR B 4 -26.64 -38.35 -22.57
C THR B 4 -27.10 -39.74 -23.00
N VAL B 5 -27.51 -40.52 -22.02
CA VAL B 5 -27.97 -41.89 -22.23
C VAL B 5 -29.29 -42.06 -21.50
N LEU B 6 -30.18 -42.85 -22.10
CA LEU B 6 -31.56 -42.96 -21.63
C LEU B 6 -31.96 -44.40 -21.36
N ASP B 7 -31.43 -45.33 -22.15
CA ASP B 7 -31.64 -46.75 -21.93
C ASP B 7 -30.62 -47.49 -22.79
N ALA B 8 -30.39 -48.75 -22.44
CA ALA B 8 -29.38 -49.53 -23.13
C ALA B 8 -29.62 -51.01 -22.85
N ASN B 9 -28.65 -51.83 -23.28
CA ASN B 9 -28.79 -53.27 -23.26
C ASN B 9 -28.47 -53.84 -21.87
N LEU B 10 -28.70 -55.14 -21.73
CA LEU B 10 -28.44 -55.84 -20.49
C LEU B 10 -27.84 -57.23 -20.73
N ASP B 11 -27.36 -57.52 -21.94
CA ASP B 11 -26.89 -58.86 -22.26
C ASP B 11 -25.56 -59.23 -21.60
N PRO B 12 -24.61 -58.30 -21.38
CA PRO B 12 -23.27 -58.74 -20.98
C PRO B 12 -23.25 -59.39 -19.60
N LEU B 13 -24.24 -59.14 -18.77
CA LEU B 13 -24.27 -59.66 -17.41
C LEU B 13 -25.07 -60.95 -17.28
N LYS B 14 -25.72 -61.39 -18.34
CA LYS B 14 -26.54 -62.59 -18.27
C LYS B 14 -25.65 -63.82 -18.44
N GLY B 15 -25.61 -64.66 -17.41
CA GLY B 15 -24.71 -65.78 -17.33
C GLY B 15 -23.57 -65.58 -16.35
N LYS B 16 -23.30 -64.33 -15.96
CA LYS B 16 -22.24 -64.02 -15.02
C LYS B 16 -22.77 -63.92 -13.61
N THR B 17 -21.89 -64.19 -12.65
CA THR B 17 -22.20 -64.02 -11.24
C THR B 17 -21.69 -62.68 -10.77
N ILE B 18 -22.38 -62.11 -9.78
CA ILE B 18 -22.12 -60.77 -9.31
C ILE B 18 -22.01 -60.78 -7.78
N GLY B 19 -21.03 -60.06 -7.26
CA GLY B 19 -20.82 -59.97 -5.84
C GLY B 19 -20.92 -58.53 -5.36
N VAL B 20 -21.68 -58.33 -4.30
CA VAL B 20 -21.91 -57.00 -3.75
C VAL B 20 -21.23 -56.93 -2.40
N ILE B 21 -20.32 -55.98 -2.25
CA ILE B 21 -19.57 -55.79 -1.01
C ILE B 21 -20.28 -54.75 -0.17
N GLY B 22 -20.58 -55.10 1.06
CA GLY B 22 -21.31 -54.20 1.93
C GLY B 22 -22.80 -54.32 1.74
N TYR B 23 -23.53 -54.21 2.85
CA TYR B 23 -24.98 -54.27 2.84
C TYR B 23 -25.55 -53.11 3.64
N GLY B 24 -24.95 -51.94 3.49
CA GLY B 24 -25.47 -50.75 4.13
C GLY B 24 -26.66 -50.22 3.36
N ASN B 25 -26.72 -48.90 3.23
CA ASN B 25 -27.83 -48.30 2.48
C ASN B 25 -27.75 -48.68 1.01
N GLN B 26 -26.68 -48.27 0.33
CA GLN B 26 -26.55 -48.52 -1.09
C GLN B 26 -26.61 -50.01 -1.40
N GLY B 27 -25.68 -50.77 -0.82
CA GLY B 27 -25.59 -52.19 -1.16
C GLY B 27 -26.92 -52.88 -1.10
N ARG B 28 -27.62 -52.75 0.02
CA ARG B 28 -28.94 -53.34 0.15
C ARG B 28 -29.83 -52.97 -1.03
N VAL B 29 -29.87 -51.69 -1.37
CA VAL B 29 -30.78 -51.21 -2.41
C VAL B 29 -30.43 -51.82 -3.76
N GLN B 30 -29.20 -51.57 -4.23
CA GLN B 30 -28.81 -52.05 -5.54
C GLN B 30 -28.98 -53.55 -5.65
N ALA B 31 -28.58 -54.28 -4.60
CA ALA B 31 -28.65 -55.73 -4.59
C ALA B 31 -30.09 -56.19 -4.75
N THR B 32 -30.99 -55.70 -3.91
CA THR B 32 -32.40 -56.07 -4.01
C THR B 32 -32.92 -55.84 -5.42
N ILE B 33 -32.67 -54.65 -5.95
CA ILE B 33 -33.23 -54.29 -7.26
C ILE B 33 -32.70 -55.24 -8.33
N MET B 34 -31.38 -55.27 -8.51
CA MET B 34 -30.80 -56.12 -9.54
C MET B 34 -31.21 -57.58 -9.38
N ARG B 35 -31.50 -58.01 -8.16
CA ARG B 35 -32.09 -59.33 -7.99
C ARG B 35 -33.46 -59.39 -8.65
N GLU B 36 -34.27 -58.35 -8.45
CA GLU B 36 -35.58 -58.32 -9.10
C GLU B 36 -35.45 -58.42 -10.61
N ASN B 37 -34.42 -57.82 -11.18
CA ASN B 37 -34.25 -57.83 -12.63
C ASN B 37 -33.62 -59.12 -13.14
N GLY B 38 -33.59 -60.17 -12.33
CA GLY B 38 -33.17 -61.48 -12.81
C GLY B 38 -31.68 -61.63 -12.95
N LEU B 39 -30.95 -61.57 -11.83
CA LEU B 39 -29.51 -61.70 -11.84
C LEU B 39 -29.06 -62.52 -10.64
N ASN B 40 -28.13 -63.44 -10.89
CA ASN B 40 -27.54 -64.22 -9.81
C ASN B 40 -26.63 -63.33 -8.98
N VAL B 41 -26.95 -63.20 -7.69
CA VAL B 41 -26.30 -62.21 -6.84
C VAL B 41 -25.92 -62.86 -5.52
N ILE B 42 -24.79 -62.41 -4.99
CA ILE B 42 -24.28 -62.84 -3.70
C ILE B 42 -23.87 -61.60 -2.91
N VAL B 43 -23.31 -61.82 -1.73
CA VAL B 43 -22.94 -60.73 -0.85
C VAL B 43 -21.69 -61.10 -0.08
N GLY B 44 -20.87 -60.09 0.18
CA GLY B 44 -19.67 -60.27 0.96
C GLY B 44 -19.61 -59.25 2.09
N ASN B 45 -19.48 -59.73 3.32
CA ASN B 45 -19.46 -58.85 4.47
C ASN B 45 -19.00 -59.65 5.67
N VAL B 46 -18.44 -58.94 6.64
CA VAL B 46 -18.02 -59.55 7.89
C VAL B 46 -19.26 -59.82 8.75
N LYS B 47 -19.14 -60.79 9.64
CA LYS B 47 -20.27 -61.26 10.44
C LYS B 47 -20.65 -60.19 11.45
N ASP B 48 -21.70 -59.44 11.15
CA ASP B 48 -22.23 -58.43 12.06
C ASP B 48 -23.73 -58.30 11.79
N LYS B 49 -24.30 -57.20 12.25
CA LYS B 49 -25.72 -56.91 12.06
C LYS B 49 -26.14 -57.11 10.61
N TYR B 50 -25.53 -56.33 9.70
CA TYR B 50 -25.90 -56.38 8.30
C TYR B 50 -25.81 -57.80 7.74
N TYR B 51 -24.88 -58.60 8.26
CA TYR B 51 -24.76 -59.98 7.79
C TYR B 51 -26.05 -60.75 8.02
N GLU B 52 -26.53 -60.73 9.27
CA GLU B 52 -27.79 -61.39 9.61
C GLU B 52 -28.92 -60.85 8.77
N LEU B 53 -29.00 -59.51 8.66
CA LEU B 53 -30.08 -58.91 7.89
C LEU B 53 -30.08 -59.41 6.44
N ALA B 54 -28.92 -59.42 5.81
CA ALA B 54 -28.85 -59.78 4.40
C ALA B 54 -29.19 -61.23 4.17
N LYS B 55 -28.64 -62.13 4.99
CA LYS B 55 -29.00 -63.53 4.85
C LYS B 55 -30.48 -63.75 5.11
N LYS B 56 -31.07 -62.95 6.00
CA LYS B 56 -32.51 -63.00 6.24
C LYS B 56 -33.29 -62.63 4.98
N GLU B 57 -32.88 -61.56 4.31
CA GLU B 57 -33.61 -61.08 3.14
C GLU B 57 -33.46 -61.99 1.93
N GLY B 58 -32.83 -63.15 2.07
CA GLY B 58 -32.77 -64.13 1.01
C GLY B 58 -31.49 -64.15 0.21
N PHE B 59 -30.38 -63.67 0.77
CA PHE B 59 -29.11 -63.60 0.07
C PHE B 59 -28.14 -64.63 0.63
N GLU B 60 -27.46 -65.33 -0.27
CA GLU B 60 -26.40 -66.24 0.12
C GLU B 60 -25.16 -65.42 0.46
N VAL B 61 -24.66 -65.58 1.68
CA VAL B 61 -23.64 -64.70 2.22
C VAL B 61 -22.37 -65.51 2.49
N TYR B 62 -21.29 -65.09 1.87
CA TYR B 62 -19.94 -65.53 2.17
C TYR B 62 -19.16 -64.30 2.59
N GLU B 63 -17.97 -64.51 3.14
CA GLU B 63 -17.15 -63.35 3.43
C GLU B 63 -16.28 -63.02 2.21
N ILE B 64 -15.59 -61.89 2.32
CA ILE B 64 -15.31 -61.07 1.15
C ILE B 64 -14.45 -61.81 0.13
N ASP B 65 -13.24 -62.18 0.50
CA ASP B 65 -12.33 -62.82 -0.46
C ASP B 65 -13.01 -63.98 -1.18
N GLU B 66 -13.79 -64.76 -0.44
CA GLU B 66 -14.51 -65.87 -1.06
C GLU B 66 -15.49 -65.37 -2.12
N ALA B 67 -16.23 -64.31 -1.81
CA ALA B 67 -17.18 -63.75 -2.77
C ALA B 67 -16.46 -63.29 -4.03
N VAL B 68 -15.25 -62.76 -3.90
CA VAL B 68 -14.52 -62.29 -5.07
C VAL B 68 -14.03 -63.45 -5.91
N ARG B 69 -13.77 -64.60 -5.29
CA ARG B 69 -13.38 -65.77 -6.06
C ARG B 69 -14.51 -66.24 -6.95
N ARG B 70 -15.73 -66.26 -6.42
CA ARG B 70 -16.87 -66.78 -7.16
C ARG B 70 -17.45 -65.80 -8.16
N SER B 71 -16.96 -64.56 -8.17
CA SER B 71 -17.56 -63.49 -8.94
C SER B 71 -16.72 -63.15 -10.16
N ASP B 72 -17.41 -62.81 -11.24
CA ASP B 72 -16.79 -62.17 -12.39
C ASP B 72 -16.97 -60.67 -12.37
N VAL B 73 -17.80 -60.16 -11.46
CA VAL B 73 -18.03 -58.73 -11.31
C VAL B 73 -18.27 -58.45 -9.83
N ALA B 74 -17.85 -57.27 -9.39
CA ALA B 74 -17.95 -56.92 -7.99
C ALA B 74 -18.26 -55.44 -7.84
N LEU B 75 -19.07 -55.13 -6.84
CA LEU B 75 -19.44 -53.76 -6.49
C LEU B 75 -18.89 -53.44 -5.12
N LEU B 76 -18.01 -52.45 -5.05
CA LEU B 76 -17.31 -52.12 -3.82
C LEU B 76 -18.03 -50.94 -3.15
N LEU B 77 -19.14 -51.28 -2.50
CA LEU B 77 -20.01 -50.28 -1.89
C LEU B 77 -19.76 -50.21 -0.39
N ILE B 78 -18.67 -49.55 -0.03
CA ILE B 78 -18.34 -49.30 1.37
C ILE B 78 -17.76 -47.91 1.52
N PRO B 79 -17.66 -47.38 2.73
CA PRO B 79 -17.15 -46.04 2.92
C PRO B 79 -15.76 -45.85 2.32
N ASP B 80 -15.49 -44.63 1.87
CA ASP B 80 -14.22 -44.28 1.26
C ASP B 80 -13.10 -44.16 2.29
N GLU B 81 -13.39 -44.37 3.57
CA GLU B 81 -12.40 -44.21 4.62
C GLU B 81 -11.75 -45.52 5.04
N VAL B 82 -12.36 -46.65 4.70
CA VAL B 82 -11.86 -47.96 5.08
C VAL B 82 -11.67 -48.89 3.89
N MET B 83 -12.00 -48.42 2.69
CA MET B 83 -11.89 -49.29 1.51
C MET B 83 -10.44 -49.68 1.26
N LYS B 84 -9.50 -48.83 1.65
CA LYS B 84 -8.10 -49.06 1.30
C LYS B 84 -7.57 -50.34 1.92
N GLU B 85 -7.68 -50.47 3.23
CA GLU B 85 -7.17 -51.66 3.91
C GLU B 85 -7.88 -52.91 3.43
N VAL B 86 -9.20 -52.83 3.28
CA VAL B 86 -9.98 -53.96 2.79
C VAL B 86 -9.46 -54.41 1.44
N TYR B 87 -9.18 -53.45 0.55
CA TYR B 87 -8.67 -53.79 -0.77
C TYR B 87 -7.29 -54.42 -0.68
N GLU B 88 -6.42 -53.86 0.16
CA GLU B 88 -5.04 -54.30 0.20
C GLU B 88 -4.93 -55.71 0.75
N LYS B 89 -5.64 -56.00 1.83
CA LYS B 89 -5.45 -57.26 2.54
C LYS B 89 -6.16 -58.41 1.84
N LYS B 90 -7.43 -58.21 1.49
CA LYS B 90 -8.31 -59.30 1.11
C LYS B 90 -8.55 -59.42 -0.38
N ILE B 91 -8.58 -58.30 -1.10
CA ILE B 91 -8.99 -58.31 -2.49
C ILE B 91 -7.81 -58.48 -3.41
N ALA B 92 -6.86 -57.54 -3.35
CA ALA B 92 -5.73 -57.54 -4.28
C ALA B 92 -5.09 -58.91 -4.48
N PRO B 93 -4.88 -59.72 -3.45
CA PRO B 93 -4.33 -61.07 -3.68
C PRO B 93 -5.18 -61.90 -4.61
N VAL B 94 -6.43 -62.12 -4.17
CA VAL B 94 -7.39 -62.86 -4.97
C VAL B 94 -7.43 -62.33 -6.39
N LEU B 95 -7.21 -61.03 -6.53
CA LEU B 95 -7.34 -60.36 -7.80
C LEU B 95 -6.14 -60.61 -8.69
N GLN B 96 -4.94 -60.62 -8.10
CA GLN B 96 -3.77 -61.05 -8.86
C GLN B 96 -4.01 -62.40 -9.50
N GLY B 97 -4.77 -63.26 -8.83
CA GLY B 97 -5.07 -64.56 -9.40
C GLY B 97 -6.35 -64.59 -10.21
N LYS B 98 -6.52 -63.65 -11.13
CA LYS B 98 -7.69 -63.58 -11.99
C LYS B 98 -7.27 -63.43 -13.44
N LYS B 99 -8.26 -63.57 -14.33
CA LYS B 99 -8.07 -63.49 -15.77
C LYS B 99 -8.83 -62.33 -16.40
N GLU B 100 -10.14 -62.27 -16.18
CA GLU B 100 -10.99 -61.25 -16.76
C GLU B 100 -11.97 -60.84 -15.67
N PHE B 101 -11.76 -59.67 -15.08
CA PHE B 101 -12.54 -59.22 -13.95
C PHE B 101 -13.02 -57.79 -14.19
N VAL B 102 -13.97 -57.37 -13.37
CA VAL B 102 -14.59 -56.06 -13.47
C VAL B 102 -14.81 -55.52 -12.06
N LEU B 103 -14.51 -54.25 -11.87
CA LEU B 103 -14.55 -53.62 -10.56
C LEU B 103 -15.29 -52.29 -10.68
N ASP B 104 -16.34 -52.13 -9.90
CA ASP B 104 -17.20 -50.96 -9.93
C ASP B 104 -17.12 -50.23 -8.60
N PHE B 105 -17.15 -48.90 -8.68
CA PHE B 105 -17.17 -48.04 -7.51
C PHE B 105 -18.36 -47.09 -7.61
N ALA B 106 -18.77 -46.57 -6.46
CA ALA B 106 -19.75 -45.51 -6.40
C ALA B 106 -19.12 -44.14 -6.14
N SER B 107 -17.82 -44.10 -5.88
CA SER B 107 -17.09 -42.87 -5.67
C SER B 107 -15.70 -43.00 -6.26
N GLY B 108 -15.18 -41.89 -6.77
CA GLY B 108 -13.87 -41.87 -7.40
C GLY B 108 -12.78 -41.27 -6.55
N TYR B 109 -13.02 -41.09 -5.25
CA TYR B 109 -12.02 -40.45 -4.39
C TYR B 109 -10.75 -41.28 -4.34
N ASN B 110 -10.85 -42.53 -3.88
CA ASN B 110 -9.67 -43.34 -3.63
C ASN B 110 -8.93 -43.72 -4.89
N VAL B 111 -9.52 -43.53 -6.06
CA VAL B 111 -8.90 -43.88 -7.33
C VAL B 111 -8.36 -42.65 -8.04
N ALA B 112 -9.17 -41.60 -8.11
CA ALA B 112 -8.73 -40.36 -8.74
C ALA B 112 -7.43 -39.86 -8.15
N PHE B 113 -7.19 -40.14 -6.87
CA PHE B 113 -6.01 -39.66 -6.17
C PHE B 113 -4.96 -40.75 -5.98
N GLY B 114 -5.19 -41.94 -6.51
CA GLY B 114 -4.16 -42.95 -6.57
C GLY B 114 -3.97 -43.76 -5.31
N LEU B 115 -4.89 -43.69 -4.36
CA LEU B 115 -4.80 -44.51 -3.16
C LEU B 115 -5.14 -45.96 -3.46
N ILE B 116 -5.64 -46.25 -4.65
CA ILE B 116 -5.97 -47.61 -5.08
C ILE B 116 -5.61 -47.72 -6.55
N ARG B 117 -4.69 -48.62 -6.87
CA ARG B 117 -4.16 -48.77 -8.22
C ARG B 117 -4.29 -50.23 -8.62
N PRO B 118 -5.43 -50.62 -9.18
CA PRO B 118 -5.62 -52.00 -9.58
C PRO B 118 -4.76 -52.35 -10.77
N PRO B 119 -4.62 -53.62 -11.09
CA PRO B 119 -3.77 -54.01 -12.22
C PRO B 119 -4.37 -53.63 -13.56
N LYS B 120 -3.67 -54.00 -14.62
CA LYS B 120 -4.13 -53.79 -15.98
C LYS B 120 -4.94 -54.96 -16.52
N SER B 121 -5.01 -56.05 -15.77
CA SER B 121 -5.83 -57.19 -16.12
C SER B 121 -7.30 -56.98 -15.82
N VAL B 122 -7.69 -55.74 -15.52
CA VAL B 122 -8.97 -55.46 -14.89
C VAL B 122 -9.64 -54.31 -15.61
N ASP B 123 -10.97 -54.35 -15.66
CA ASP B 123 -11.78 -53.25 -16.17
C ASP B 123 -12.28 -52.45 -14.98
N THR B 124 -11.88 -51.19 -14.92
CA THR B 124 -12.16 -50.32 -13.79
C THR B 124 -13.19 -49.28 -14.21
N ILE B 125 -14.32 -49.25 -13.51
CA ILE B 125 -15.44 -48.42 -13.91
C ILE B 125 -16.03 -47.70 -12.70
N MET B 126 -17.15 -47.04 -12.92
CA MET B 126 -17.71 -46.14 -11.93
C MET B 126 -19.19 -45.95 -12.21
N VAL B 127 -20.00 -45.99 -11.16
CA VAL B 127 -21.42 -45.71 -11.27
C VAL B 127 -21.87 -44.97 -10.02
N ALA B 128 -22.19 -43.69 -10.18
CA ALA B 128 -22.44 -42.80 -9.05
C ALA B 128 -23.85 -42.26 -9.09
N PRO B 129 -24.74 -42.67 -8.20
CA PRO B 129 -26.08 -42.09 -8.14
C PRO B 129 -26.04 -40.71 -7.49
N ARG B 130 -27.18 -40.02 -7.58
CA ARG B 130 -27.34 -38.69 -7.00
C ARG B 130 -28.59 -38.66 -6.14
N MET B 131 -28.76 -39.69 -5.31
CA MET B 131 -29.88 -39.77 -4.39
C MET B 131 -29.42 -40.49 -3.13
N VAL B 132 -30.06 -40.16 -2.01
CA VAL B 132 -29.59 -40.65 -0.72
C VAL B 132 -29.71 -42.16 -0.62
N GLY B 133 -30.79 -42.72 -1.15
CA GLY B 133 -31.05 -44.15 -1.03
C GLY B 133 -32.41 -44.42 -0.41
N GLU B 134 -32.79 -43.60 0.57
CA GLU B 134 -34.13 -43.73 1.14
C GLU B 134 -35.19 -43.39 0.10
N GLY B 135 -34.94 -42.37 -0.73
CA GLY B 135 -35.88 -42.03 -1.77
C GLY B 135 -35.76 -42.87 -3.02
N ILE B 136 -34.62 -43.51 -3.23
CA ILE B 136 -34.43 -44.31 -4.43
C ILE B 136 -35.44 -45.45 -4.47
N MET B 137 -35.61 -46.15 -3.36
CA MET B 137 -36.66 -47.16 -3.28
C MET B 137 -38.03 -46.52 -3.47
N ASP B 138 -38.27 -45.41 -2.78
CA ASP B 138 -39.51 -44.66 -2.93
C ASP B 138 -39.84 -44.36 -4.39
N LEU B 139 -38.84 -44.33 -5.26
CA LEU B 139 -39.05 -44.09 -6.67
C LEU B 139 -39.09 -45.37 -7.50
N HIS B 140 -38.35 -46.40 -7.09
CA HIS B 140 -38.36 -47.64 -7.86
C HIS B 140 -39.74 -48.28 -7.85
N LYS B 141 -40.48 -48.12 -6.76
CA LYS B 141 -41.82 -48.71 -6.70
C LYS B 141 -42.72 -48.13 -7.78
N GLN B 142 -42.45 -46.92 -8.23
CA GLN B 142 -43.26 -46.25 -9.24
C GLN B 142 -42.77 -46.53 -10.66
N GLY B 143 -41.83 -47.45 -10.83
CA GLY B 143 -41.22 -47.65 -12.13
C GLY B 143 -40.39 -46.48 -12.60
N LYS B 144 -40.07 -45.54 -11.70
CA LYS B 144 -39.27 -44.39 -12.08
C LYS B 144 -37.79 -44.71 -12.00
N GLY B 145 -37.02 -44.01 -12.82
CA GLY B 145 -35.58 -44.11 -12.79
C GLY B 145 -34.98 -43.03 -11.91
N TYR B 146 -33.68 -42.81 -12.08
CA TYR B 146 -33.01 -41.73 -11.38
C TYR B 146 -31.65 -41.50 -12.05
N PRO B 147 -31.03 -40.35 -11.83
CA PRO B 147 -29.77 -40.04 -12.49
C PRO B 147 -28.56 -40.70 -11.86
N VAL B 148 -27.53 -40.86 -12.69
CA VAL B 148 -26.25 -41.42 -12.27
C VAL B 148 -25.17 -40.85 -13.17
N LEU B 149 -23.92 -41.01 -12.73
CA LEU B 149 -22.75 -40.66 -13.52
C LEU B 149 -21.95 -41.91 -13.83
N LEU B 150 -21.32 -41.91 -14.99
CA LEU B 150 -20.52 -43.04 -15.45
C LEU B 150 -19.09 -42.58 -15.71
N GLY B 151 -18.16 -43.51 -15.52
CA GLY B 151 -16.77 -43.22 -15.78
C GLY B 151 -15.99 -44.50 -15.96
N VAL B 152 -14.88 -44.36 -16.67
CA VAL B 152 -14.01 -45.49 -16.95
C VAL B 152 -12.57 -45.04 -16.78
N LYS B 153 -11.79 -45.83 -16.05
CA LYS B 153 -10.40 -45.53 -15.78
C LYS B 153 -9.45 -46.46 -16.51
N GLN B 154 -9.87 -47.69 -16.76
CA GLN B 154 -8.97 -48.71 -17.29
C GLN B 154 -9.81 -49.72 -18.06
N ASP B 155 -9.59 -49.79 -19.37
CA ASP B 155 -10.31 -50.71 -20.23
C ASP B 155 -9.33 -51.75 -20.76
N ALA B 156 -9.54 -53.00 -20.38
CA ALA B 156 -8.74 -54.11 -20.86
C ALA B 156 -9.50 -55.04 -21.78
N SER B 157 -10.76 -54.71 -22.10
CA SER B 157 -11.61 -55.60 -22.87
C SER B 157 -12.45 -54.88 -23.91
N GLY B 158 -12.30 -53.57 -24.07
CA GLY B 158 -13.07 -52.82 -25.05
C GLY B 158 -14.57 -52.89 -24.85
N LYS B 159 -15.01 -53.38 -23.69
CA LYS B 159 -16.42 -53.53 -23.38
C LYS B 159 -16.85 -52.80 -22.12
N ALA B 160 -15.98 -51.94 -21.57
CA ALA B 160 -16.25 -51.34 -20.28
C ALA B 160 -17.55 -50.53 -20.30
N TRP B 161 -17.69 -49.62 -21.26
CA TRP B 161 -18.87 -48.78 -21.33
C TRP B 161 -20.14 -49.61 -21.38
N ASP B 162 -20.13 -50.69 -22.17
CA ASP B 162 -21.29 -51.57 -22.22
C ASP B 162 -21.61 -52.12 -20.84
N TYR B 163 -20.59 -52.57 -20.12
CA TYR B 163 -20.80 -53.06 -18.77
C TYR B 163 -21.41 -51.98 -17.89
N ALA B 164 -20.90 -50.75 -17.99
CA ALA B 164 -21.39 -49.67 -17.14
C ALA B 164 -22.86 -49.41 -17.39
N LYS B 165 -23.25 -49.31 -18.65
CA LYS B 165 -24.64 -49.07 -18.97
C LYS B 165 -25.52 -50.24 -18.52
N ALA B 166 -25.02 -51.46 -18.71
CA ALA B 166 -25.75 -52.63 -18.23
C ALA B 166 -26.01 -52.54 -16.73
N ILE B 167 -24.99 -52.15 -15.97
CA ILE B 167 -25.15 -51.97 -14.53
C ILE B 167 -26.22 -50.92 -14.26
N ALA B 168 -26.06 -49.74 -14.87
CA ALA B 168 -27.03 -48.67 -14.66
C ALA B 168 -28.45 -49.18 -14.85
N LYS B 169 -28.66 -50.01 -15.85
CA LYS B 169 -29.98 -50.58 -16.07
C LYS B 169 -30.34 -51.59 -14.99
N GLY B 170 -29.35 -52.35 -14.51
CA GLY B 170 -29.65 -53.40 -13.55
C GLY B 170 -30.11 -52.89 -12.21
N ILE B 171 -29.75 -51.65 -11.87
CA ILE B 171 -30.12 -51.08 -10.59
C ILE B 171 -31.34 -50.17 -10.69
N GLY B 172 -31.95 -50.06 -11.86
CA GLY B 172 -33.19 -49.34 -11.99
C GLY B 172 -33.05 -47.85 -12.17
N ALA B 173 -31.86 -47.35 -12.46
CA ALA B 173 -31.72 -45.93 -12.75
C ALA B 173 -32.35 -45.58 -14.08
N ILE B 174 -32.28 -46.50 -15.04
CA ILE B 174 -32.89 -46.28 -16.36
C ILE B 174 -33.54 -47.58 -16.82
N PRO B 175 -34.55 -47.48 -17.68
CA PRO B 175 -35.11 -46.22 -18.17
C PRO B 175 -36.02 -45.54 -17.15
N GLY B 176 -36.24 -44.25 -17.31
CA GLY B 176 -37.01 -43.47 -16.37
C GLY B 176 -36.19 -42.30 -15.86
N GLY B 177 -34.90 -42.54 -15.67
CA GLY B 177 -33.96 -41.49 -15.33
C GLY B 177 -32.98 -41.30 -16.47
N ILE B 178 -31.75 -40.94 -16.15
CA ILE B 178 -30.72 -40.77 -17.18
C ILE B 178 -29.37 -41.17 -16.64
N ALA B 179 -28.35 -41.12 -17.51
CA ALA B 179 -27.00 -41.50 -17.14
C ALA B 179 -26.04 -40.62 -17.92
N VAL B 180 -25.10 -40.01 -17.21
CA VAL B 180 -24.12 -39.13 -17.82
C VAL B 180 -22.76 -39.79 -17.78
N ILE B 181 -22.01 -39.61 -18.85
CA ILE B 181 -20.66 -40.12 -18.95
C ILE B 181 -19.71 -39.05 -18.46
N SER B 182 -18.76 -39.45 -17.61
CA SER B 182 -17.82 -38.50 -17.04
C SER B 182 -16.60 -39.29 -16.58
N SER B 183 -15.78 -38.66 -15.75
CA SER B 183 -14.56 -39.26 -15.23
C SER B 183 -14.71 -39.50 -13.74
N PHE B 184 -13.73 -40.19 -13.18
CA PHE B 184 -13.61 -40.29 -11.73
C PHE B 184 -13.32 -38.93 -11.12
N GLU B 185 -12.52 -38.12 -11.82
CA GLU B 185 -12.12 -36.83 -11.30
C GLU B 185 -13.30 -35.86 -11.25
N GLU B 186 -14.05 -35.79 -12.35
CA GLU B 186 -15.18 -34.88 -12.44
C GLU B 186 -16.29 -35.24 -11.46
N GLU B 187 -16.19 -36.35 -10.75
CA GLU B 187 -17.15 -36.71 -9.71
C GLU B 187 -16.65 -36.39 -8.32
N ALA B 188 -15.40 -36.76 -8.03
CA ALA B 188 -14.80 -36.38 -6.75
C ALA B 188 -14.80 -34.87 -6.60
N LEU B 189 -14.36 -34.17 -7.64
CA LEU B 189 -14.34 -32.72 -7.63
C LEU B 189 -15.69 -32.16 -7.20
N LEU B 190 -16.77 -32.68 -7.77
CA LEU B 190 -18.10 -32.15 -7.47
C LEU B 190 -18.52 -32.52 -6.06
N ASP B 191 -18.42 -33.81 -5.71
CA ASP B 191 -18.83 -34.24 -4.38
C ASP B 191 -18.12 -33.43 -3.30
N LEU B 192 -16.93 -32.92 -3.60
CA LEU B 192 -16.20 -32.15 -2.61
C LEU B 192 -16.53 -30.67 -2.65
N MET B 193 -16.55 -30.07 -3.84
CA MET B 193 -16.76 -28.64 -3.94
C MET B 193 -18.04 -28.20 -3.26
N SER B 194 -19.08 -29.04 -3.30
CA SER B 194 -20.29 -28.74 -2.54
C SER B 194 -19.98 -28.66 -1.05
N GLU B 195 -19.23 -29.62 -0.54
CA GLU B 195 -18.92 -29.69 0.88
C GLU B 195 -17.91 -28.66 1.32
N HIS B 196 -17.31 -27.92 0.39
CA HIS B 196 -16.29 -26.95 0.72
C HIS B 196 -16.67 -25.52 0.40
N THR B 197 -17.72 -25.28 -0.39
CA THR B 197 -18.01 -23.92 -0.82
C THR B 197 -19.33 -23.37 -0.27
N TRP B 198 -20.48 -23.91 -0.66
CA TRP B 198 -21.71 -23.17 -0.35
C TRP B 198 -22.37 -23.63 0.93
N VAL B 199 -22.16 -24.88 1.33
CA VAL B 199 -22.68 -25.38 2.60
C VAL B 199 -22.04 -24.61 3.76
N PRO B 200 -20.71 -24.62 3.89
CA PRO B 200 -20.09 -23.91 5.01
C PRO B 200 -20.30 -22.41 4.94
N ILE B 201 -20.31 -21.84 3.74
CA ILE B 201 -20.57 -20.41 3.61
C ILE B 201 -21.97 -20.10 4.14
N LEU B 202 -22.95 -20.88 3.73
CA LEU B 202 -24.31 -20.71 4.23
C LEU B 202 -24.34 -20.75 5.75
N PHE B 203 -23.72 -21.78 6.33
CA PHE B 203 -23.77 -21.92 7.78
C PHE B 203 -23.11 -20.74 8.47
N GLY B 204 -21.95 -20.32 7.98
CA GLY B 204 -21.27 -19.19 8.57
C GLY B 204 -22.07 -17.91 8.47
N ALA B 205 -22.74 -17.71 7.34
CA ALA B 205 -23.57 -16.54 7.17
C ALA B 205 -24.71 -16.52 8.17
N ILE B 206 -25.38 -17.66 8.34
CA ILE B 206 -26.46 -17.75 9.32
C ILE B 206 -25.94 -17.42 10.71
N LYS B 207 -24.85 -18.07 11.10
CA LYS B 207 -24.27 -17.84 12.42
C LYS B 207 -23.92 -16.38 12.62
N ALA B 208 -23.36 -15.75 11.59
CA ALA B 208 -22.97 -14.35 11.70
C ALA B 208 -24.19 -13.46 11.86
N CYS B 209 -25.24 -13.74 11.09
CA CYS B 209 -26.47 -12.97 11.24
C CYS B 209 -26.99 -13.05 12.66
N TYR B 210 -27.01 -14.26 13.22
CA TYR B 210 -27.44 -14.43 14.60
C TYR B 210 -26.60 -13.58 15.54
N ASP B 211 -25.28 -13.79 15.51
CA ASP B 211 -24.40 -13.09 16.43
C ASP B 211 -24.58 -11.59 16.34
N ILE B 212 -24.65 -11.08 15.12
CA ILE B 212 -24.78 -9.64 14.91
C ILE B 212 -26.09 -9.14 15.50
N ALA B 213 -27.20 -9.69 15.01
CA ALA B 213 -28.51 -9.25 15.47
C ALA B 213 -28.60 -9.23 16.98
N VAL B 214 -27.93 -10.19 17.64
CA VAL B 214 -28.03 -10.25 19.09
C VAL B 214 -27.15 -9.18 19.74
N LYS B 215 -25.88 -9.12 19.35
CA LYS B 215 -24.90 -8.35 20.09
C LYS B 215 -24.76 -6.90 19.62
N GLU B 216 -25.55 -6.47 18.65
CA GLU B 216 -25.47 -5.09 18.19
C GLU B 216 -26.81 -4.42 17.99
N TYR B 217 -27.92 -5.14 18.00
CA TYR B 217 -29.23 -4.55 17.84
C TYR B 217 -30.21 -5.04 18.89
N GLY B 218 -29.72 -5.68 19.95
CA GLY B 218 -30.55 -5.98 21.10
C GLY B 218 -31.68 -6.92 20.81
N VAL B 219 -31.49 -7.85 19.90
CA VAL B 219 -32.54 -8.79 19.54
C VAL B 219 -32.52 -9.96 20.52
N SER B 220 -33.66 -10.63 20.63
CA SER B 220 -33.76 -11.79 21.49
C SER B 220 -33.35 -13.04 20.72
N PRO B 221 -32.69 -13.99 21.38
CA PRO B 221 -32.28 -15.21 20.67
C PRO B 221 -33.44 -16.00 20.13
N GLU B 222 -34.58 -16.00 20.82
CA GLU B 222 -35.70 -16.84 20.43
C GLU B 222 -36.36 -16.39 19.13
N ALA B 223 -35.96 -15.26 18.58
CA ALA B 223 -36.56 -14.69 17.37
C ALA B 223 -35.66 -14.83 16.15
N ALA B 224 -34.37 -14.56 16.34
CA ALA B 224 -33.39 -14.77 15.28
C ALA B 224 -33.51 -16.16 14.70
N LEU B 225 -33.56 -17.17 15.58
CA LEU B 225 -33.65 -18.55 15.12
C LEU B 225 -34.90 -18.77 14.29
N LEU B 226 -36.04 -18.26 14.77
CA LEU B 226 -37.28 -18.40 14.02
C LEU B 226 -37.13 -17.84 12.62
N GLU B 227 -36.52 -16.68 12.49
CA GLU B 227 -36.40 -16.11 11.15
C GLU B 227 -35.43 -16.91 10.28
N PHE B 228 -34.31 -17.35 10.85
CA PHE B 228 -33.22 -17.85 10.03
C PHE B 228 -33.44 -19.29 9.60
N TYR B 229 -33.51 -20.23 10.55
CA TYR B 229 -33.69 -21.63 10.16
C TYR B 229 -34.66 -22.41 11.04
N ALA B 230 -35.04 -21.95 12.22
CA ALA B 230 -35.94 -22.74 13.04
C ALA B 230 -37.32 -22.89 12.40
N SER B 231 -37.62 -22.13 11.36
CA SER B 231 -38.81 -22.32 10.55
C SER B 231 -38.47 -23.13 9.31
N GLY B 232 -39.50 -23.69 8.70
CA GLY B 232 -39.36 -24.50 7.50
C GLY B 232 -39.26 -23.68 6.22
N GLU B 233 -38.93 -22.39 6.37
CA GLU B 233 -38.66 -21.53 5.23
C GLU B 233 -37.81 -22.23 4.18
N LEU B 234 -36.74 -22.88 4.61
CA LEU B 234 -35.65 -23.24 3.73
C LEU B 234 -35.98 -24.47 2.90
N ALA B 235 -36.62 -25.46 3.53
CA ALA B 235 -37.03 -26.65 2.78
C ALA B 235 -38.05 -26.29 1.71
N GLU B 236 -38.97 -25.38 2.02
CA GLU B 236 -39.86 -24.83 1.00
C GLU B 236 -39.08 -24.36 -0.22
N ILE B 237 -38.10 -23.49 0.00
CA ILE B 237 -37.34 -22.93 -1.11
C ILE B 237 -36.61 -24.03 -1.87
N ALA B 238 -36.02 -24.98 -1.14
CA ALA B 238 -35.31 -26.09 -1.78
C ALA B 238 -36.25 -26.86 -2.71
N ARG B 239 -37.47 -27.12 -2.25
CA ARG B 239 -38.43 -27.85 -3.06
C ARG B 239 -38.76 -27.08 -4.33
N LEU B 240 -39.16 -25.82 -4.18
CA LEU B 240 -39.51 -25.02 -5.36
C LEU B 240 -38.33 -24.95 -6.32
N ILE B 241 -37.11 -24.99 -5.81
CA ILE B 241 -35.94 -25.01 -6.67
C ILE B 241 -35.89 -26.30 -7.47
N ALA B 242 -35.95 -27.42 -6.77
CA ALA B 242 -35.84 -28.71 -7.44
C ALA B 242 -36.93 -28.91 -8.47
N GLU B 243 -38.09 -28.27 -8.29
CA GLU B 243 -39.23 -28.50 -9.17
C GLU B 243 -39.38 -27.43 -10.24
N GLU B 244 -39.56 -26.17 -9.83
CA GLU B 244 -39.87 -25.11 -10.77
C GLU B 244 -38.63 -24.46 -11.38
N GLY B 245 -37.49 -24.57 -10.73
CA GLY B 245 -36.31 -23.86 -11.14
C GLY B 245 -35.86 -22.87 -10.08
N ILE B 246 -34.57 -22.57 -10.09
CA ILE B 246 -33.98 -21.76 -9.04
C ILE B 246 -34.52 -20.34 -9.07
N PHE B 247 -34.57 -19.74 -10.26
CA PHE B 247 -34.98 -18.34 -10.36
C PHE B 247 -36.49 -18.21 -10.44
N ASN B 248 -37.11 -18.96 -11.34
CA ASN B 248 -38.57 -18.97 -11.42
C ASN B 248 -39.21 -19.25 -10.07
N GLN B 249 -38.47 -19.85 -9.15
CA GLN B 249 -38.96 -20.08 -7.80
C GLN B 249 -39.30 -18.77 -7.10
N MET B 250 -38.67 -17.67 -7.50
CA MET B 250 -38.77 -16.41 -6.78
C MET B 250 -40.01 -15.62 -7.12
N VAL B 251 -40.73 -16.01 -8.18
CA VAL B 251 -41.93 -15.28 -8.57
C VAL B 251 -42.99 -15.34 -7.48
N HIS B 252 -43.00 -16.41 -6.69
CA HIS B 252 -43.99 -16.57 -5.63
C HIS B 252 -43.66 -15.74 -4.40
N HIS B 253 -42.56 -15.00 -4.41
CA HIS B 253 -42.19 -14.12 -3.32
C HIS B 253 -42.56 -12.69 -3.67
N SER B 254 -42.32 -11.77 -2.73
CA SER B 254 -42.66 -10.38 -2.94
C SER B 254 -41.57 -9.66 -3.72
N THR B 255 -41.97 -8.58 -4.37
CA THR B 255 -41.05 -7.81 -5.22
C THR B 255 -39.86 -7.32 -4.42
N THR B 256 -40.09 -6.87 -3.20
CA THR B 256 -39.00 -6.38 -2.37
C THR B 256 -37.92 -7.43 -2.21
N SER B 257 -38.34 -8.66 -1.90
CA SER B 257 -37.39 -9.76 -1.75
C SER B 257 -36.62 -9.98 -3.04
N GLN B 258 -37.33 -10.03 -4.17
CA GLN B 258 -36.67 -10.23 -5.45
C GLN B 258 -35.60 -9.17 -5.67
N TYR B 259 -35.96 -7.91 -5.46
CA TYR B 259 -35.03 -6.82 -5.71
C TYR B 259 -33.78 -6.96 -4.87
N GLY B 260 -33.96 -7.07 -3.55
CA GLY B 260 -32.80 -7.20 -2.68
C GLY B 260 -31.94 -8.38 -3.06
N THR B 261 -32.57 -9.53 -3.26
CA THR B 261 -31.84 -10.74 -3.60
C THR B 261 -30.99 -10.55 -4.85
N LEU B 262 -31.61 -10.08 -5.93
CA LEU B 262 -30.89 -9.96 -7.19
C LEU B 262 -29.74 -8.97 -7.07
N THR B 263 -30.01 -7.81 -6.51
CA THR B 263 -28.95 -6.80 -6.38
C THR B 263 -27.77 -7.37 -5.60
N ARG B 264 -28.03 -7.91 -4.42
CA ARG B 264 -26.94 -8.39 -3.58
C ARG B 264 -26.27 -9.61 -4.16
N MET B 265 -26.97 -10.37 -5.01
CA MET B 265 -26.36 -11.50 -5.67
C MET B 265 -25.35 -11.05 -6.70
N PHE B 266 -25.77 -10.17 -7.61
CA PHE B 266 -24.83 -9.66 -8.60
C PHE B 266 -23.77 -8.79 -7.98
N LYS B 267 -23.93 -8.40 -6.72
CA LYS B 267 -22.98 -7.54 -6.04
C LYS B 267 -21.87 -8.30 -5.33
N TYR B 268 -22.14 -9.53 -4.90
CA TYR B 268 -21.18 -10.31 -4.13
C TYR B 268 -20.73 -11.56 -4.87
N TYR B 269 -20.74 -11.51 -6.20
CA TYR B 269 -20.46 -12.69 -7.00
C TYR B 269 -18.97 -12.94 -7.18
N ASP B 270 -18.17 -11.87 -7.24
CA ASP B 270 -16.75 -12.03 -7.49
C ASP B 270 -16.03 -12.62 -6.28
N VAL B 271 -16.43 -12.21 -5.08
CA VAL B 271 -15.81 -12.69 -3.86
C VAL B 271 -15.87 -14.21 -3.77
N VAL B 272 -17.09 -14.74 -3.79
CA VAL B 272 -17.28 -16.16 -3.67
C VAL B 272 -16.65 -16.88 -4.85
N ARG B 273 -16.60 -16.23 -6.01
CA ARG B 273 -15.92 -16.83 -7.15
C ARG B 273 -14.45 -17.06 -6.84
N ARG B 274 -13.79 -16.06 -6.26
CA ARG B 274 -12.40 -16.21 -5.85
C ARG B 274 -12.26 -17.38 -4.89
N ILE B 275 -13.13 -17.43 -3.90
CA ILE B 275 -13.10 -18.53 -2.93
C ILE B 275 -13.16 -19.88 -3.63
N VAL B 276 -14.14 -20.03 -4.52
CA VAL B 276 -14.37 -21.30 -5.19
C VAL B 276 -13.16 -21.69 -6.03
N GLU B 277 -12.57 -20.71 -6.73
CA GLU B 277 -11.34 -20.99 -7.45
C GLU B 277 -10.29 -21.58 -6.53
N ASN B 278 -10.05 -20.91 -5.40
CA ASN B 278 -9.03 -21.38 -4.46
C ASN B 278 -9.28 -22.83 -4.08
N GLU B 279 -10.51 -23.15 -3.70
CA GLU B 279 -10.78 -24.49 -3.18
C GLU B 279 -10.70 -25.55 -4.26
N ALA B 280 -11.30 -25.28 -5.41
CA ALA B 280 -11.22 -26.23 -6.52
C ALA B 280 -9.78 -26.51 -6.89
N LYS B 281 -8.94 -25.49 -6.90
CA LYS B 281 -7.53 -25.70 -7.18
C LYS B 281 -6.88 -26.55 -6.10
N TYR B 282 -7.15 -26.23 -4.84
CA TYR B 282 -6.63 -27.04 -3.74
C TYR B 282 -6.97 -28.51 -3.92
N ILE B 283 -8.11 -28.79 -4.55
CA ILE B 283 -8.52 -30.18 -4.71
C ILE B 283 -7.84 -30.82 -5.92
N TRP B 284 -7.99 -30.21 -7.09
CA TRP B 284 -7.44 -30.75 -8.33
C TRP B 284 -6.03 -31.27 -8.16
N ASP B 285 -5.26 -30.65 -7.27
CA ASP B 285 -3.86 -31.01 -7.10
C ASP B 285 -3.67 -32.22 -6.22
N GLY B 286 -4.61 -32.49 -5.32
CA GLY B 286 -4.50 -33.60 -4.41
C GLY B 286 -4.06 -33.25 -3.01
N SER B 287 -4.14 -31.98 -2.63
CA SER B 287 -3.67 -31.56 -1.32
C SER B 287 -4.65 -31.92 -0.22
N PHE B 288 -5.95 -31.81 -0.49
CA PHE B 288 -6.94 -32.11 0.52
C PHE B 288 -6.90 -33.56 0.93
N ALA B 289 -6.69 -34.46 -0.03
CA ALA B 289 -6.59 -35.87 0.31
C ALA B 289 -5.44 -36.11 1.28
N LYS B 290 -4.30 -35.48 1.01
CA LYS B 290 -3.17 -35.55 1.92
C LYS B 290 -3.55 -35.07 3.31
N GLU B 291 -4.12 -33.86 3.38
CA GLU B 291 -4.55 -33.30 4.66
C GLU B 291 -5.40 -34.28 5.44
N TRP B 292 -6.43 -34.81 4.78
CA TRP B 292 -7.39 -35.68 5.45
C TRP B 292 -6.76 -36.99 5.89
N SER B 293 -5.95 -37.59 5.03
CA SER B 293 -5.27 -38.83 5.40
C SER B 293 -4.37 -38.63 6.61
N LEU B 294 -3.63 -37.54 6.62
CA LEU B 294 -2.75 -37.27 7.74
C LEU B 294 -3.53 -37.08 9.03
N GLU B 295 -4.62 -36.31 8.97
CA GLU B 295 -5.43 -36.14 10.16
C GLU B 295 -5.91 -37.48 10.68
N GLN B 296 -6.31 -38.39 9.80
CA GLN B 296 -6.66 -39.73 10.26
C GLN B 296 -5.49 -40.36 10.99
N GLN B 297 -4.28 -40.16 10.48
CA GLN B 297 -3.12 -40.82 11.09
C GLN B 297 -2.76 -40.21 12.44
N ALA B 298 -3.17 -38.98 12.69
CA ALA B 298 -2.78 -38.32 13.94
C ALA B 298 -3.75 -38.58 15.07
N GLY B 299 -5.04 -38.75 14.77
CA GLY B 299 -6.01 -39.05 15.81
C GLY B 299 -7.22 -38.14 15.82
N TYR B 300 -7.46 -37.43 14.73
CA TYR B 300 -8.64 -36.59 14.60
C TYR B 300 -8.71 -35.53 15.69
N PRO B 301 -7.62 -34.84 16.01
CA PRO B 301 -7.71 -33.83 17.07
C PRO B 301 -8.50 -32.60 16.66
N VAL B 302 -8.23 -32.09 15.46
CA VAL B 302 -8.93 -30.90 14.97
C VAL B 302 -10.42 -31.17 14.85
N PHE B 303 -10.76 -32.30 14.22
CA PHE B 303 -12.14 -32.75 14.15
C PHE B 303 -12.81 -32.67 15.52
N TYR B 304 -12.15 -33.24 16.53
CA TYR B 304 -12.68 -33.24 17.88
C TYR B 304 -12.92 -31.81 18.38
N ARG B 305 -11.89 -30.98 18.33
CA ARG B 305 -11.99 -29.65 18.91
C ARG B 305 -13.06 -28.83 18.23
N LEU B 306 -13.20 -28.98 16.91
CA LEU B 306 -14.20 -28.20 16.20
C LEU B 306 -15.60 -28.69 16.53
N TRP B 307 -15.80 -30.01 16.57
CA TRP B 307 -17.09 -30.52 17.01
C TRP B 307 -17.46 -29.96 18.37
N GLU B 308 -16.48 -29.77 19.24
CA GLU B 308 -16.77 -29.18 20.53
C GLU B 308 -17.14 -27.70 20.39
N LEU B 309 -16.27 -26.92 19.76
CA LEU B 309 -16.50 -25.49 19.66
C LEU B 309 -17.84 -25.15 19.03
N ALA B 310 -18.29 -25.97 18.08
CA ALA B 310 -19.56 -25.68 17.42
C ALA B 310 -20.74 -25.88 18.38
N THR B 311 -20.73 -26.98 19.11
CA THR B 311 -21.84 -27.31 20.00
C THR B 311 -21.82 -26.47 21.27
N GLN B 312 -20.65 -26.02 21.71
CA GLN B 312 -20.54 -25.15 22.86
C GLN B 312 -20.73 -23.69 22.50
N SER B 313 -21.13 -23.40 21.27
CA SER B 313 -21.44 -22.04 20.89
C SER B 313 -22.78 -21.63 21.48
N GLU B 314 -23.04 -20.32 21.44
CA GLU B 314 -24.25 -19.78 22.04
C GLU B 314 -25.48 -20.15 21.21
N MET B 315 -25.37 -20.02 19.90
CA MET B 315 -26.49 -20.33 19.02
C MET B 315 -27.01 -21.73 19.27
N ALA B 316 -26.10 -22.70 19.45
CA ALA B 316 -26.53 -24.08 19.62
C ALA B 316 -27.27 -24.27 20.93
N LYS B 317 -26.79 -23.66 22.00
CA LYS B 317 -27.47 -23.77 23.28
C LYS B 317 -28.87 -23.18 23.21
N ALA B 318 -28.99 -22.00 22.59
CA ALA B 318 -30.31 -21.40 22.43
C ALA B 318 -31.22 -22.29 21.62
N GLU B 319 -30.71 -22.82 20.51
CA GLU B 319 -31.46 -23.77 19.70
C GLU B 319 -31.94 -24.93 20.55
N LYS B 320 -31.10 -25.39 21.46
CA LYS B 320 -31.46 -26.51 22.31
C LYS B 320 -32.64 -26.15 23.20
N GLU B 321 -32.51 -25.07 23.98
CA GLU B 321 -33.62 -24.63 24.80
C GLU B 321 -34.90 -24.53 23.99
N LEU B 322 -34.80 -23.97 22.79
CA LEU B 322 -35.99 -23.73 21.98
C LEU B 322 -36.63 -25.04 21.53
N TYR B 323 -35.88 -25.84 20.78
CA TYR B 323 -36.41 -27.10 20.28
C TYR B 323 -37.10 -27.87 21.40
N LYS B 324 -36.51 -27.85 22.59
CA LYS B 324 -37.14 -28.47 23.73
C LYS B 324 -38.48 -27.82 24.03
N LEU B 325 -38.58 -26.50 23.81
CA LEU B 325 -39.80 -25.78 24.14
C LEU B 325 -40.91 -26.08 23.14
N LEU B 326 -40.58 -26.14 21.85
CA LEU B 326 -41.55 -26.49 20.83
C LEU B 326 -41.89 -27.97 20.82
N GLY B 327 -41.24 -28.76 21.67
CA GLY B 327 -41.46 -30.19 21.70
C GLY B 327 -40.65 -30.98 20.71
N ARG B 328 -40.08 -30.33 19.71
CA ARG B 328 -39.21 -31.01 18.77
C ARG B 328 -38.10 -31.74 19.52
N LYS B 329 -38.06 -33.06 19.35
CA LYS B 329 -37.09 -33.89 20.04
C LYS B 329 -35.65 -33.43 19.84
N ASP C 2 -14.98 50.24 -0.31
CA ASP C 2 -15.20 48.81 -0.53
C ASP C 2 -16.49 48.54 -1.28
N LYS C 3 -16.84 47.26 -1.37
CA LYS C 3 -18.12 46.82 -1.88
C LYS C 3 -19.32 47.24 -1.02
N THR C 4 -19.07 47.89 0.10
CA THR C 4 -20.03 47.96 1.18
C THR C 4 -20.98 49.14 0.99
N VAL C 5 -22.15 49.02 1.61
CA VAL C 5 -23.19 50.03 1.55
C VAL C 5 -23.65 50.33 2.96
N LEU C 6 -23.99 51.59 3.20
CA LEU C 6 -24.27 52.08 4.54
C LEU C 6 -25.63 52.76 4.65
N ASP C 7 -26.04 53.43 3.58
CA ASP C 7 -27.37 54.02 3.49
C ASP C 7 -27.61 54.40 2.04
N ALA C 8 -28.87 54.57 1.68
CA ALA C 8 -29.22 54.85 0.30
C ALA C 8 -30.63 55.44 0.26
N ASN C 9 -31.15 55.58 -0.96
CA ASN C 9 -32.40 56.29 -1.21
C ASN C 9 -33.60 55.38 -0.94
N LEU C 10 -34.77 55.99 -1.01
CA LEU C 10 -36.03 55.29 -0.81
C LEU C 10 -37.12 55.73 -1.77
N ASP C 11 -36.77 56.45 -2.84
CA ASP C 11 -37.78 57.02 -3.74
C ASP C 11 -38.48 55.97 -4.61
N PRO C 12 -37.83 54.88 -5.05
CA PRO C 12 -38.48 54.05 -6.08
C PRO C 12 -39.73 53.36 -5.59
N LEU C 13 -39.91 53.22 -4.28
CA LEU C 13 -41.05 52.52 -3.72
C LEU C 13 -42.18 53.43 -3.32
N LYS C 14 -42.00 54.74 -3.42
CA LYS C 14 -43.03 55.68 -3.01
C LYS C 14 -44.03 55.85 -4.14
N GLY C 15 -45.27 55.48 -3.89
CA GLY C 15 -46.31 55.43 -4.89
C GLY C 15 -46.69 54.03 -5.30
N LYS C 16 -45.85 53.05 -5.01
CA LYS C 16 -46.09 51.65 -5.36
C LYS C 16 -46.71 50.91 -4.19
N THR C 17 -47.47 49.87 -4.52
CA THR C 17 -48.04 48.98 -3.52
C THR C 17 -47.14 47.76 -3.36
N ILE C 18 -47.14 47.20 -2.15
CA ILE C 18 -46.24 46.12 -1.80
C ILE C 18 -47.04 45.00 -1.15
N GLY C 19 -46.72 43.76 -1.51
CA GLY C 19 -47.38 42.61 -0.96
C GLY C 19 -46.40 41.69 -0.28
N VAL C 20 -46.73 41.27 0.94
CA VAL C 20 -45.86 40.42 1.75
C VAL C 20 -46.53 39.06 1.86
N ILE C 21 -45.82 38.03 1.42
CA ILE C 21 -46.33 36.67 1.46
C ILE C 21 -45.83 36.00 2.72
N GLY C 22 -46.76 35.46 3.50
CA GLY C 22 -46.40 34.85 4.76
C GLY C 22 -46.35 35.87 5.88
N TYR C 23 -46.79 35.45 7.05
CA TYR C 23 -46.78 36.28 8.24
C TYR C 23 -46.18 35.52 9.41
N GLY C 24 -45.12 34.77 9.14
CA GLY C 24 -44.41 34.08 10.18
C GLY C 24 -43.51 35.03 10.94
N ASN C 25 -42.30 34.58 11.27
CA ASN C 25 -41.37 35.45 11.96
C ASN C 25 -40.94 36.61 11.08
N GLN C 26 -40.29 36.31 9.96
CA GLN C 26 -39.77 37.35 9.09
C GLN C 26 -40.89 38.27 8.60
N GLY C 27 -41.88 37.68 7.92
CA GLY C 27 -42.93 38.50 7.31
C GLY C 27 -43.50 39.51 8.27
N ARG C 28 -43.93 39.05 9.44
CA ARG C 28 -44.46 39.96 10.45
C ARG C 28 -43.50 41.11 10.69
N VAL C 29 -42.22 40.80 10.90
CA VAL C 29 -41.24 41.82 11.26
C VAL C 29 -41.09 42.85 10.14
N GLN C 30 -40.67 42.38 8.96
CA GLN C 30 -40.43 43.31 7.86
C GLN C 30 -41.66 44.15 7.56
N ALA C 31 -42.83 43.51 7.56
CA ALA C 31 -44.08 44.19 7.25
C ALA C 31 -44.34 45.31 8.25
N THR C 32 -44.32 44.99 9.54
CA THR C 32 -44.52 46.02 10.56
C THR C 32 -43.58 47.18 10.37
N ILE C 33 -42.29 46.90 10.20
CA ILE C 33 -41.30 47.96 10.11
C ILE C 33 -41.58 48.85 8.90
N MET C 34 -41.57 48.25 7.70
CA MET C 34 -41.79 49.03 6.50
C MET C 34 -43.10 49.79 6.54
N ARG C 35 -44.10 49.29 7.28
CA ARG C 35 -45.29 50.09 7.51
C ARG C 35 -44.95 51.34 8.31
N GLU C 36 -44.13 51.19 9.35
CA GLU C 36 -43.72 52.35 10.12
C GLU C 36 -43.03 53.39 9.25
N ASN C 37 -42.26 52.95 8.26
CA ASN C 37 -41.54 53.87 7.39
C ASN C 37 -42.40 54.46 6.28
N GLY C 38 -43.73 54.34 6.39
CA GLY C 38 -44.61 55.03 5.48
C GLY C 38 -44.73 54.37 4.13
N LEU C 39 -45.28 53.16 4.10
CA LEU C 39 -45.45 52.42 2.86
C LEU C 39 -46.78 51.69 2.86
N ASN C 40 -47.48 51.74 1.73
CA ASN C 40 -48.73 51.02 1.58
C ASN C 40 -48.43 49.54 1.46
N VAL C 41 -48.97 48.75 2.38
CA VAL C 41 -48.58 47.36 2.53
C VAL C 41 -49.82 46.50 2.68
N ILE C 42 -49.76 45.30 2.14
CA ILE C 42 -50.81 44.31 2.24
C ILE C 42 -50.17 42.97 2.59
N VAL C 43 -50.98 41.93 2.67
CA VAL C 43 -50.51 40.62 3.08
C VAL C 43 -51.27 39.55 2.31
N GLY C 44 -50.58 38.46 2.02
CA GLY C 44 -51.17 37.33 1.36
C GLY C 44 -50.87 36.05 2.12
N ASN C 45 -51.92 35.34 2.50
CA ASN C 45 -51.77 34.11 3.27
C ASN C 45 -53.09 33.38 3.29
N VAL C 46 -53.00 32.07 3.48
CA VAL C 46 -54.17 31.22 3.60
C VAL C 46 -54.80 31.43 4.98
N LYS C 47 -56.10 31.17 5.07
CA LYS C 47 -56.85 31.44 6.29
C LYS C 47 -56.46 30.47 7.37
N ASP C 48 -55.61 30.93 8.29
CA ASP C 48 -55.19 30.13 9.43
C ASP C 48 -54.88 31.09 10.58
N LYS C 49 -54.15 30.60 11.57
CA LYS C 49 -53.75 31.40 12.73
C LYS C 49 -53.15 32.73 12.31
N TYR C 50 -52.05 32.68 11.55
CA TYR C 50 -51.36 33.90 11.15
C TYR C 50 -52.29 34.87 10.44
N TYR C 51 -53.28 34.35 9.72
CA TYR C 51 -54.23 35.23 9.04
C TYR C 51 -54.96 36.12 10.02
N GLU C 52 -55.56 35.50 11.04
CA GLU C 52 -56.25 36.26 12.08
C GLU C 52 -55.30 37.24 12.76
N LEU C 53 -54.11 36.77 13.11
CA LEU C 53 -53.15 37.63 13.78
C LEU C 53 -52.84 38.87 12.94
N ALA C 54 -52.57 38.67 11.65
CA ALA C 54 -52.15 39.78 10.81
C ALA C 54 -53.27 40.78 10.61
N LYS C 55 -54.48 40.30 10.32
CA LYS C 55 -55.60 41.23 10.19
C LYS C 55 -55.86 41.95 11.49
N LYS C 56 -55.60 41.31 12.63
CA LYS C 56 -55.71 41.96 13.93
C LYS C 56 -54.73 43.11 14.05
N GLU C 57 -53.48 42.88 13.66
CA GLU C 57 -52.44 43.89 13.80
C GLU C 57 -52.60 45.06 12.85
N GLY C 58 -53.69 45.14 12.10
CA GLY C 58 -53.99 46.28 11.28
C GLY C 58 -53.65 46.14 9.81
N PHE C 59 -53.58 44.92 9.30
CA PHE C 59 -53.21 44.67 7.92
C PHE C 59 -54.41 44.20 7.11
N GLU C 60 -54.58 44.78 5.94
CA GLU C 60 -55.59 44.31 5.00
C GLU C 60 -55.12 43.01 4.36
N VAL C 61 -55.90 41.95 4.50
CA VAL C 61 -55.47 40.62 4.14
C VAL C 61 -56.35 40.09 3.02
N TYR C 62 -55.71 39.74 1.91
CA TYR C 62 -56.29 38.97 0.84
C TYR C 62 -55.48 37.70 0.70
N GLU C 63 -56.00 36.74 -0.07
CA GLU C 63 -55.18 35.56 -0.31
C GLU C 63 -54.31 35.80 -1.54
N ILE C 64 -53.42 34.83 -1.78
CA ILE C 64 -52.12 35.12 -2.38
C ILE C 64 -52.26 35.71 -3.78
N ASP C 65 -52.83 34.93 -4.71
CA ASP C 65 -52.92 35.38 -6.09
C ASP C 65 -53.51 36.79 -6.17
N GLU C 66 -54.54 37.06 -5.38
CA GLU C 66 -55.14 38.38 -5.36
C GLU C 66 -54.13 39.44 -4.95
N ALA C 67 -53.35 39.17 -3.90
CA ALA C 67 -52.35 40.11 -3.45
C ALA C 67 -51.32 40.40 -4.54
N VAL C 68 -51.00 39.39 -5.35
CA VAL C 68 -50.01 39.61 -6.40
C VAL C 68 -50.60 40.43 -7.53
N ARG C 69 -51.91 40.37 -7.74
CA ARG C 69 -52.53 41.21 -8.75
C ARG C 69 -52.43 42.68 -8.36
N ARG C 70 -52.68 43.00 -7.09
CA ARG C 70 -52.70 44.38 -6.64
C ARG C 70 -51.32 44.96 -6.40
N SER C 71 -50.28 44.14 -6.50
CA SER C 71 -48.94 44.55 -6.09
C SER C 71 -48.06 44.79 -7.31
N ASP C 72 -47.18 45.78 -7.19
CA ASP C 72 -46.07 45.95 -8.12
C ASP C 72 -44.78 45.37 -7.56
N VAL C 73 -44.78 44.98 -6.29
CA VAL C 73 -43.62 44.36 -5.65
C VAL C 73 -44.14 43.33 -4.66
N ALA C 74 -43.37 42.26 -4.48
CA ALA C 74 -43.78 41.16 -3.63
C ALA C 74 -42.58 40.58 -2.91
N LEU C 75 -42.79 40.18 -1.66
CA LEU C 75 -41.78 39.54 -0.84
C LEU C 75 -42.23 38.12 -0.53
N LEU C 76 -41.45 37.14 -0.97
CA LEU C 76 -41.82 35.73 -0.86
C LEU C 76 -41.13 35.16 0.37
N LEU C 77 -41.71 35.46 1.53
CA LEU C 77 -41.14 35.07 2.81
C LEU C 77 -41.86 33.84 3.36
N ILE C 78 -41.50 32.69 2.79
CA ILE C 78 -42.03 31.42 3.28
C ILE C 78 -40.93 30.37 3.23
N PRO C 79 -41.11 29.22 3.88
CA PRO C 79 -40.07 28.20 3.89
C PRO C 79 -39.66 27.78 2.49
N ASP C 80 -38.39 27.41 2.36
CA ASP C 80 -37.84 26.96 1.09
C ASP C 80 -38.30 25.57 0.69
N GLU C 81 -39.12 24.92 1.51
CA GLU C 81 -39.57 23.57 1.25
C GLU C 81 -40.92 23.50 0.59
N VAL C 82 -41.70 24.57 0.63
CA VAL C 82 -43.04 24.61 0.07
C VAL C 82 -43.22 25.75 -0.91
N MET C 83 -42.21 26.58 -1.12
CA MET C 83 -42.35 27.72 -2.01
C MET C 83 -42.61 27.29 -3.44
N LYS C 84 -42.12 26.11 -3.81
CA LYS C 84 -42.19 25.68 -5.20
C LYS C 84 -43.63 25.52 -5.68
N GLU C 85 -44.41 24.71 -4.97
CA GLU C 85 -45.79 24.48 -5.36
C GLU C 85 -46.59 25.77 -5.33
N VAL C 86 -46.39 26.57 -4.29
CA VAL C 86 -47.08 27.84 -4.17
C VAL C 86 -46.79 28.72 -5.38
N TYR C 87 -45.53 28.75 -5.81
CA TYR C 87 -45.17 29.56 -6.96
C TYR C 87 -45.80 29.01 -8.23
N GLU C 88 -45.78 27.69 -8.40
CA GLU C 88 -46.24 27.09 -9.64
C GLU C 88 -47.73 27.27 -9.82
N LYS C 89 -48.51 27.02 -8.77
CA LYS C 89 -49.96 26.99 -8.91
C LYS C 89 -50.56 28.39 -8.96
N LYS C 90 -50.16 29.24 -8.02
CA LYS C 90 -50.87 30.49 -7.75
C LYS C 90 -50.19 31.72 -8.32
N ILE C 91 -48.86 31.74 -8.37
CA ILE C 91 -48.13 32.95 -8.71
C ILE C 91 -47.86 33.02 -10.20
N ALA C 92 -47.13 32.03 -10.71
CA ALA C 92 -46.70 32.05 -12.10
C ALA C 92 -47.79 32.45 -13.08
N PRO C 93 -49.02 31.98 -12.95
CA PRO C 93 -50.08 32.42 -13.88
C PRO C 93 -50.29 33.93 -13.84
N VAL C 94 -50.65 34.41 -12.65
CA VAL C 94 -50.84 35.84 -12.44
C VAL C 94 -49.65 36.61 -12.97
N LEU C 95 -48.47 36.01 -12.88
CA LEU C 95 -47.24 36.69 -13.23
C LEU C 95 -47.05 36.75 -14.74
N GLN C 96 -47.39 35.68 -15.44
CA GLN C 96 -47.43 35.75 -16.90
C GLN C 96 -48.25 36.94 -17.36
N GLY C 97 -49.30 37.27 -16.62
CA GLY C 97 -50.11 38.41 -16.97
C GLY C 97 -49.67 39.71 -16.33
N LYS C 98 -48.38 40.02 -16.41
CA LYS C 98 -47.85 41.25 -15.84
C LYS C 98 -46.98 41.97 -16.86
N LYS C 99 -46.61 43.21 -16.51
CA LYS C 99 -45.81 44.07 -17.37
C LYS C 99 -44.47 44.43 -16.75
N GLU C 100 -44.47 44.98 -15.53
CA GLU C 100 -43.26 45.39 -14.84
C GLU C 100 -43.43 44.99 -13.38
N PHE C 101 -42.74 43.94 -12.97
CA PHE C 101 -42.89 43.38 -11.64
C PHE C 101 -41.54 43.18 -11.01
N VAL C 102 -41.56 42.94 -9.71
CA VAL C 102 -40.37 42.77 -8.90
C VAL C 102 -40.62 41.67 -7.89
N LEU C 103 -39.63 40.80 -7.71
CA LEU C 103 -39.76 39.62 -6.87
C LEU C 103 -38.53 39.52 -5.98
N ASP C 104 -38.77 39.48 -4.67
CA ASP C 104 -37.70 39.46 -3.68
C ASP C 104 -37.75 38.16 -2.89
N PHE C 105 -36.58 37.63 -2.56
CA PHE C 105 -36.44 36.45 -1.74
C PHE C 105 -35.53 36.74 -0.57
N ALA C 106 -35.66 35.93 0.48
CA ALA C 106 -34.74 35.95 1.60
C ALA C 106 -33.74 34.83 1.54
N SER C 107 -33.88 33.90 0.60
CA SER C 107 -32.95 32.80 0.42
C SER C 107 -32.82 32.50 -1.05
N GLY C 108 -31.61 32.08 -1.46
CA GLY C 108 -31.33 31.78 -2.85
C GLY C 108 -31.30 30.31 -3.18
N TYR C 109 -31.80 29.45 -2.30
CA TYR C 109 -31.74 28.01 -2.54
C TYR C 109 -32.52 27.64 -3.79
N ASN C 110 -33.82 27.93 -3.79
CA ASN C 110 -34.70 27.46 -4.86
C ASN C 110 -34.41 28.10 -6.20
N VAL C 111 -33.62 29.17 -6.24
CA VAL C 111 -33.29 29.87 -7.47
C VAL C 111 -31.89 29.52 -7.94
N ALA C 112 -30.92 29.55 -7.04
CA ALA C 112 -29.56 29.21 -7.40
C ALA C 112 -29.48 27.84 -8.06
N PHE C 113 -30.38 26.93 -7.69
CA PHE C 113 -30.38 25.57 -8.21
C PHE C 113 -31.45 25.34 -9.26
N GLY C 114 -32.20 26.37 -9.64
CA GLY C 114 -33.07 26.29 -10.78
C GLY C 114 -34.42 25.67 -10.54
N LEU C 115 -34.81 25.47 -9.28
CA LEU C 115 -36.13 24.95 -8.98
C LEU C 115 -37.21 26.00 -9.21
N ILE C 116 -36.82 27.24 -9.46
CA ILE C 116 -37.75 28.32 -9.75
C ILE C 116 -37.11 29.21 -10.80
N ARG C 117 -37.76 29.33 -11.96
CA ARG C 117 -37.21 30.04 -13.10
C ARG C 117 -38.25 31.05 -13.56
N PRO C 118 -38.26 32.24 -12.99
CA PRO C 118 -39.24 33.25 -13.38
C PRO C 118 -38.94 33.76 -14.78
N PRO C 119 -39.88 34.48 -15.37
CA PRO C 119 -39.67 34.97 -16.74
C PRO C 119 -38.63 36.08 -16.81
N LYS C 120 -38.43 36.60 -18.01
CA LYS C 120 -37.53 37.72 -18.24
C LYS C 120 -38.23 39.06 -18.14
N SER C 121 -39.55 39.07 -18.00
CA SER C 121 -40.32 40.27 -17.77
C SER C 121 -40.23 40.78 -16.35
N VAL C 122 -39.31 40.24 -15.56
CA VAL C 122 -39.34 40.39 -14.12
C VAL C 122 -37.95 40.75 -13.62
N ASP C 123 -37.92 41.53 -12.55
CA ASP C 123 -36.68 41.86 -11.85
C ASP C 123 -36.58 40.94 -10.64
N THR C 124 -35.54 40.11 -10.62
CA THR C 124 -35.37 39.09 -9.59
C THR C 124 -34.22 39.49 -8.69
N ILE C 125 -34.51 39.61 -7.40
CA ILE C 125 -33.56 40.15 -6.44
C ILE C 125 -33.53 39.30 -5.18
N MET C 126 -32.80 39.79 -4.17
CA MET C 126 -32.52 39.01 -2.99
C MET C 126 -32.15 39.94 -1.85
N VAL C 127 -32.69 39.65 -0.68
CA VAL C 127 -32.34 40.40 0.53
C VAL C 127 -32.33 39.45 1.71
N ALA C 128 -31.14 39.16 2.22
CA ALA C 128 -30.95 38.11 3.22
C ALA C 128 -30.41 38.69 4.51
N PRO C 129 -31.19 38.73 5.58
CA PRO C 129 -30.66 39.17 6.87
C PRO C 129 -29.82 38.08 7.52
N ARG C 130 -29.14 38.47 8.59
CA ARG C 130 -28.28 37.56 9.36
C ARG C 130 -28.65 37.63 10.83
N MET C 131 -29.95 37.61 11.11
CA MET C 131 -30.45 37.61 12.48
C MET C 131 -31.74 36.80 12.53
N VAL C 132 -32.00 36.22 13.70
CA VAL C 132 -33.10 35.27 13.82
C VAL C 132 -34.44 35.93 13.59
N GLY C 133 -34.61 37.17 14.07
CA GLY C 133 -35.88 37.85 13.99
C GLY C 133 -36.38 38.30 15.34
N GLU C 134 -36.17 37.45 16.36
CA GLU C 134 -36.51 37.85 17.72
C GLU C 134 -35.65 39.02 18.18
N GLY C 135 -34.37 39.02 17.82
CA GLY C 135 -33.49 40.11 18.17
C GLY C 135 -33.59 41.30 17.25
N ILE C 136 -34.06 41.09 16.02
CA ILE C 136 -34.14 42.20 15.06
C ILE C 136 -35.05 43.30 15.59
N MET C 137 -36.22 42.92 16.11
CA MET C 137 -37.08 43.89 16.76
C MET C 137 -36.39 44.50 17.97
N ASP C 138 -35.78 43.65 18.80
CA ASP C 138 -35.01 44.11 19.95
C ASP C 138 -34.00 45.18 19.57
N LEU C 139 -33.56 45.23 18.31
CA LEU C 139 -32.62 46.23 17.85
C LEU C 139 -33.29 47.40 17.15
N HIS C 140 -34.42 47.17 16.47
CA HIS C 140 -35.09 48.26 15.78
C HIS C 140 -35.58 49.31 16.77
N LYS C 141 -35.98 48.88 17.96
CA LYS C 141 -36.46 49.84 18.95
C LYS C 141 -35.38 50.85 19.33
N GLN C 142 -34.11 50.47 19.19
CA GLN C 142 -32.99 51.34 19.53
C GLN C 142 -32.52 52.19 18.36
N GLY C 143 -33.26 52.19 17.25
CA GLY C 143 -32.79 52.85 16.06
C GLY C 143 -31.58 52.20 15.44
N LYS C 144 -31.24 50.98 15.85
CA LYS C 144 -30.10 50.28 15.31
C LYS C 144 -30.47 49.56 14.02
N GLY C 145 -29.49 49.38 13.15
CA GLY C 145 -29.64 48.60 11.94
C GLY C 145 -29.19 47.18 12.16
N TYR C 146 -28.96 46.48 11.06
CA TYR C 146 -28.42 45.14 11.12
C TYR C 146 -27.93 44.76 9.73
N PRO C 147 -27.08 43.74 9.62
CA PRO C 147 -26.52 43.37 8.32
C PRO C 147 -27.46 42.55 7.45
N VAL C 148 -27.22 42.64 6.14
CA VAL C 148 -27.97 41.87 5.15
C VAL C 148 -27.06 41.64 3.95
N LEU C 149 -27.47 40.72 3.09
CA LEU C 149 -26.81 40.48 1.82
C LEU C 149 -27.76 40.80 0.68
N LEU C 150 -27.19 41.27 -0.42
CA LEU C 150 -27.95 41.64 -1.60
C LEU C 150 -27.48 40.83 -2.80
N GLY C 151 -28.41 40.60 -3.71
CA GLY C 151 -28.08 39.88 -4.93
C GLY C 151 -29.11 40.15 -5.99
N VAL C 152 -28.68 39.97 -7.23
CA VAL C 152 -29.54 40.19 -8.39
C VAL C 152 -29.29 39.06 -9.38
N LYS C 153 -30.37 38.47 -9.86
CA LYS C 153 -30.32 37.37 -10.81
C LYS C 153 -30.77 37.77 -12.20
N GLN C 154 -31.69 38.73 -12.29
CA GLN C 154 -32.33 39.06 -13.57
C GLN C 154 -32.76 40.52 -13.51
N ASP C 155 -32.16 41.35 -14.35
CA ASP C 155 -32.48 42.76 -14.42
C ASP C 155 -33.13 43.05 -15.76
N ALA C 156 -34.39 43.47 -15.71
CA ALA C 156 -35.13 43.84 -16.91
C ALA C 156 -35.42 45.33 -16.96
N SER C 157 -34.92 46.10 -15.99
CA SER C 157 -35.26 47.52 -15.89
C SER C 157 -34.07 48.40 -15.52
N GLY C 158 -32.88 47.83 -15.39
CA GLY C 158 -31.70 48.62 -15.04
C GLY C 158 -31.81 49.34 -13.71
N LYS C 159 -32.80 48.98 -12.90
CA LYS C 159 -33.04 49.62 -11.62
C LYS C 159 -33.04 48.64 -10.45
N ALA C 160 -32.62 47.40 -10.68
CA ALA C 160 -32.75 46.38 -9.66
C ALA C 160 -32.00 46.75 -8.38
N TRP C 161 -30.72 47.10 -8.51
CA TRP C 161 -29.92 47.43 -7.34
C TRP C 161 -30.55 48.54 -6.52
N ASP C 162 -31.07 49.56 -7.20
CA ASP C 162 -31.76 50.63 -6.50
C ASP C 162 -32.93 50.10 -5.69
N TYR C 163 -33.73 49.21 -6.30
CA TYR C 163 -34.82 48.60 -5.58
C TYR C 163 -34.33 47.84 -4.36
N ALA C 164 -33.25 47.08 -4.52
CA ALA C 164 -32.74 46.27 -3.42
C ALA C 164 -32.32 47.14 -2.24
N LYS C 165 -31.57 48.20 -2.52
CA LYS C 165 -31.15 49.10 -1.45
C LYS C 165 -32.35 49.79 -0.81
N ALA C 166 -33.32 50.19 -1.62
CA ALA C 166 -34.54 50.78 -1.08
C ALA C 166 -35.21 49.82 -0.12
N ILE C 167 -35.31 48.55 -0.49
CA ILE C 167 -35.89 47.55 0.41
C ILE C 167 -35.10 47.49 1.71
N ALA C 168 -33.78 47.30 1.58
CA ALA C 168 -32.93 47.22 2.75
C ALA C 168 -33.21 48.36 3.71
N LYS C 169 -33.40 49.55 3.17
CA LYS C 169 -33.73 50.70 4.02
C LYS C 169 -35.14 50.58 4.59
N GLY C 170 -36.07 50.04 3.81
CA GLY C 170 -37.45 50.00 4.25
C GLY C 170 -37.69 49.08 5.43
N ILE C 171 -36.80 48.10 5.62
CA ILE C 171 -36.96 47.14 6.72
C ILE C 171 -36.09 47.49 7.91
N GLY C 172 -35.36 48.60 7.86
CA GLY C 172 -34.62 49.06 9.01
C GLY C 172 -33.26 48.45 9.20
N ALA C 173 -32.73 47.76 8.19
CA ALA C 173 -31.37 47.25 8.29
C ALA C 173 -30.36 48.38 8.25
N ILE C 174 -30.66 49.43 7.49
CA ILE C 174 -29.78 50.59 7.39
C ILE C 174 -30.62 51.85 7.38
N PRO C 175 -30.06 52.99 7.82
CA PRO C 175 -28.70 53.07 8.37
C PRO C 175 -28.62 52.56 9.80
N GLY C 176 -27.41 52.22 10.22
CA GLY C 176 -27.19 51.63 11.53
C GLY C 176 -26.49 50.30 11.42
N GLY C 177 -26.84 49.56 10.37
CA GLY C 177 -26.16 48.34 10.03
C GLY C 177 -25.44 48.51 8.71
N ILE C 178 -25.35 47.43 7.92
CA ILE C 178 -24.72 47.52 6.61
C ILE C 178 -25.39 46.57 5.64
N ALA C 179 -24.95 46.58 4.40
CA ALA C 179 -25.50 45.74 3.35
C ALA C 179 -24.38 45.37 2.40
N VAL C 180 -24.27 44.07 2.12
CA VAL C 180 -23.23 43.56 1.23
C VAL C 180 -23.88 43.09 -0.06
N ILE C 181 -23.20 43.33 -1.16
CA ILE C 181 -23.64 42.88 -2.47
C ILE C 181 -23.02 41.53 -2.74
N SER C 182 -23.83 40.59 -3.20
CA SER C 182 -23.35 39.24 -3.47
C SER C 182 -24.30 38.59 -4.45
N SER C 183 -24.22 37.28 -4.57
CA SER C 183 -25.05 36.50 -5.47
C SER C 183 -26.02 35.64 -4.67
N PHE C 184 -26.94 35.01 -5.39
CA PHE C 184 -27.77 33.98 -4.80
C PHE C 184 -26.93 32.78 -4.40
N GLU C 185 -25.91 32.48 -5.19
CA GLU C 185 -25.08 31.30 -4.94
C GLU C 185 -24.23 31.49 -3.68
N GLU C 186 -23.58 32.65 -3.58
CA GLU C 186 -22.72 32.94 -2.44
C GLU C 186 -23.47 33.02 -1.13
N GLU C 187 -24.79 32.96 -1.15
CA GLU C 187 -25.59 32.93 0.06
C GLU C 187 -26.05 31.52 0.40
N ALA C 188 -26.57 30.79 -0.58
CA ALA C 188 -26.92 29.40 -0.35
C ALA C 188 -25.71 28.61 0.11
N LEU C 189 -24.60 28.78 -0.59
CA LEU C 189 -23.35 28.13 -0.23
C LEU C 189 -23.05 28.32 1.25
N LEU C 190 -23.15 29.56 1.73
CA LEU C 190 -22.80 29.84 3.11
C LEU C 190 -23.82 29.26 4.07
N ASP C 191 -25.11 29.53 3.84
CA ASP C 191 -26.14 29.00 4.71
C ASP C 191 -26.03 27.50 4.86
N LEU C 192 -25.49 26.82 3.86
CA LEU C 192 -25.37 25.37 3.94
C LEU C 192 -24.06 24.93 4.58
N MET C 193 -22.94 25.52 4.17
CA MET C 193 -21.65 25.06 4.65
C MET C 193 -21.57 25.10 6.18
N SER C 194 -22.24 26.07 6.80
CA SER C 194 -22.32 26.08 8.25
C SER C 194 -23.02 24.83 8.76
N GLU C 195 -24.14 24.48 8.13
CA GLU C 195 -24.94 23.34 8.56
C GLU C 195 -24.32 22.00 8.20
N HIS C 196 -23.24 22.01 7.43
CA HIS C 196 -22.62 20.77 7.00
C HIS C 196 -21.21 20.57 7.52
N THR C 197 -20.56 21.60 8.07
CA THR C 197 -19.16 21.47 8.45
C THR C 197 -18.91 21.56 9.95
N TRP C 198 -19.13 22.71 10.58
CA TRP C 198 -18.62 22.84 11.94
C TRP C 198 -19.63 22.52 13.01
N VAL C 199 -20.92 22.67 12.72
CA VAL C 199 -21.98 22.29 13.64
C VAL C 199 -21.93 20.78 13.87
N PRO C 200 -22.06 19.97 12.83
CA PRO C 200 -22.05 18.52 13.06
C PRO C 200 -20.72 18.01 13.58
N ILE C 201 -19.62 18.60 13.14
CA ILE C 201 -18.32 18.21 13.67
C ILE C 201 -18.26 18.46 15.17
N LEU C 202 -18.69 19.65 15.58
CA LEU C 202 -18.75 19.97 17.00
C LEU C 202 -19.56 18.94 17.77
N PHE C 203 -20.77 18.66 17.28
CA PHE C 203 -21.63 17.72 17.99
C PHE C 203 -21.00 16.34 18.08
N GLY C 204 -20.43 15.85 16.98
CA GLY C 204 -19.79 14.55 17.00
C GLY C 204 -18.61 14.51 17.95
N ALA C 205 -17.84 15.59 18.00
CA ALA C 205 -16.70 15.64 18.91
C ALA C 205 -17.16 15.56 20.35
N ILE C 206 -18.20 16.31 20.69
CA ILE C 206 -18.73 16.27 22.05
C ILE C 206 -19.18 14.86 22.39
N LYS C 207 -19.98 14.27 21.51
CA LYS C 207 -20.49 12.92 21.73
C LYS C 207 -19.35 11.93 21.92
N ALA C 208 -18.31 12.06 21.12
CA ALA C 208 -17.17 11.15 21.20
C ALA C 208 -16.44 11.32 22.52
N CYS C 209 -16.24 12.56 22.95
CA CYS C 209 -15.61 12.80 24.24
C CYS C 209 -16.40 12.12 25.35
N TYR C 210 -17.72 12.28 25.33
CA TYR C 210 -18.55 11.62 26.33
C TYR C 210 -18.34 10.11 26.32
N ASP C 211 -18.57 9.50 25.16
CA ASP C 211 -18.48 8.05 25.04
C ASP C 211 -17.14 7.55 25.54
N ILE C 212 -16.05 8.22 25.13
CA ILE C 212 -14.72 7.80 25.50
C ILE C 212 -14.53 7.89 27.01
N ALA C 213 -14.72 9.10 27.55
CA ALA C 213 -14.51 9.30 28.97
C ALA C 213 -15.28 8.28 29.80
N VAL C 214 -16.45 7.88 29.33
CA VAL C 214 -17.25 6.93 30.11
C VAL C 214 -16.71 5.52 29.97
N LYS C 215 -16.50 5.06 28.75
CA LYS C 215 -16.26 3.65 28.49
C LYS C 215 -14.79 3.27 28.52
N GLU C 216 -13.88 4.19 28.80
CA GLU C 216 -12.47 3.85 28.86
C GLU C 216 -11.73 4.43 30.05
N TYR C 217 -12.32 5.36 30.79
CA TYR C 217 -11.68 5.95 31.95
C TYR C 217 -12.60 5.97 33.17
N GLY C 218 -13.70 5.23 33.11
CA GLY C 218 -14.52 5.02 34.29
C GLY C 218 -15.14 6.27 34.85
N VAL C 219 -15.48 7.23 34.00
CA VAL C 219 -16.06 8.47 34.46
C VAL C 219 -17.56 8.30 34.62
N SER C 220 -18.14 9.14 35.45
CA SER C 220 -19.58 9.13 35.66
C SER C 220 -20.28 9.99 34.61
N PRO C 221 -21.45 9.57 34.14
CA PRO C 221 -22.15 10.39 33.14
C PRO C 221 -22.51 11.78 33.64
N GLU C 222 -22.81 11.92 34.92
CA GLU C 222 -23.29 13.19 35.46
C GLU C 222 -22.21 14.26 35.47
N ALA C 223 -20.97 13.93 35.16
CA ALA C 223 -19.85 14.86 35.20
C ALA C 223 -19.38 15.28 33.82
N ALA C 224 -19.29 14.31 32.91
CA ALA C 224 -18.96 14.60 31.52
C ALA C 224 -19.86 15.69 30.98
N LEU C 225 -21.17 15.55 31.19
CA LEU C 225 -22.11 16.55 30.69
C LEU C 225 -21.82 17.91 31.26
N LEU C 226 -21.59 17.98 32.57
CA LEU C 226 -21.28 19.26 33.20
C LEU C 226 -20.09 19.92 32.52
N GLU C 227 -19.05 19.15 32.25
CA GLU C 227 -17.88 19.77 31.64
C GLU C 227 -18.16 20.19 30.20
N PHE C 228 -18.87 19.37 29.45
CA PHE C 228 -18.91 19.57 28.00
C PHE C 228 -19.92 20.64 27.60
N TYR C 229 -21.21 20.42 27.87
CA TYR C 229 -22.21 21.42 27.49
C TYR C 229 -23.29 21.69 28.52
N ALA C 230 -23.49 20.87 29.54
CA ALA C 230 -24.55 21.15 30.49
C ALA C 230 -24.30 22.43 31.28
N SER C 231 -23.10 22.98 31.21
CA SER C 231 -22.80 24.30 31.75
C SER C 231 -22.87 25.34 30.65
N GLY C 232 -23.00 26.61 31.06
CA GLY C 232 -23.08 27.71 30.14
C GLY C 232 -21.72 28.20 29.64
N GLU C 233 -20.71 27.33 29.77
CA GLU C 233 -19.40 27.60 29.20
C GLU C 233 -19.49 28.18 27.79
N LEU C 234 -20.32 27.57 26.96
CA LEU C 234 -20.21 27.75 25.52
C LEU C 234 -20.84 29.06 25.08
N ALA C 235 -21.98 29.42 25.65
CA ALA C 235 -22.59 30.70 25.32
C ALA C 235 -21.69 31.86 25.73
N GLU C 236 -21.04 31.74 26.89
CA GLU C 236 -20.01 32.70 27.26
C GLU C 236 -19.02 32.92 26.13
N ILE C 237 -18.42 31.83 25.66
CA ILE C 237 -17.40 31.95 24.62
C ILE C 237 -17.98 32.57 23.36
N ALA C 238 -19.19 32.14 22.98
CA ALA C 238 -19.84 32.70 21.79
C ALA C 238 -20.00 34.21 21.91
N ARG C 239 -20.40 34.68 23.09
CA ARG C 239 -20.58 36.12 23.30
C ARG C 239 -19.25 36.85 23.14
N LEU C 240 -18.23 36.40 23.88
CA LEU C 240 -16.93 37.06 23.78
C LEU C 240 -16.42 37.05 22.36
N ILE C 241 -16.77 36.03 21.59
CA ILE C 241 -16.37 36.00 20.18
C ILE C 241 -17.09 37.11 19.42
N ALA C 242 -18.41 37.14 19.52
CA ALA C 242 -19.17 38.13 18.76
C ALA C 242 -18.77 39.55 19.11
N GLU C 243 -18.26 39.79 20.33
CA GLU C 243 -17.97 41.14 20.78
C GLU C 243 -16.49 41.49 20.66
N GLU C 244 -15.62 40.75 21.32
CA GLU C 244 -14.21 41.10 21.40
C GLU C 244 -13.39 40.56 20.24
N GLY C 245 -13.87 39.52 19.59
CA GLY C 245 -13.09 38.83 18.58
C GLY C 245 -12.80 37.40 18.98
N ILE C 246 -12.59 36.56 17.98
CA ILE C 246 -12.46 35.12 18.21
C ILE C 246 -11.20 34.81 19.02
N PHE C 247 -10.07 35.41 18.62
CA PHE C 247 -8.81 35.09 19.27
C PHE C 247 -8.59 35.93 20.52
N ASN C 248 -8.75 37.24 20.41
CA ASN C 248 -8.66 38.10 21.58
C ASN C 248 -9.56 37.63 22.70
N GLN C 249 -10.59 36.84 22.38
CA GLN C 249 -11.45 36.27 23.40
C GLN C 249 -10.68 35.39 24.36
N MET C 250 -9.56 34.83 23.92
CA MET C 250 -8.85 33.81 24.69
C MET C 250 -7.94 34.40 25.76
N VAL C 251 -7.70 35.70 25.74
CA VAL C 251 -6.82 36.32 26.73
C VAL C 251 -7.40 36.17 28.13
N HIS C 252 -8.72 36.10 28.24
CA HIS C 252 -9.35 35.97 29.55
C HIS C 252 -9.29 34.56 30.10
N HIS C 253 -8.70 33.63 29.37
CA HIS C 253 -8.52 32.26 29.82
C HIS C 253 -7.09 32.07 30.33
N SER C 254 -6.80 30.88 30.83
CA SER C 254 -5.49 30.58 31.37
C SER C 254 -4.51 30.21 30.26
N THR C 255 -3.23 30.41 30.56
CA THR C 255 -2.19 30.15 29.57
C THR C 255 -2.21 28.72 29.08
N THR C 256 -2.44 27.77 30.00
CA THR C 256 -2.50 26.37 29.64
C THR C 256 -3.52 26.12 28.54
N SER C 257 -4.71 26.69 28.73
CA SER C 257 -5.77 26.55 27.74
C SER C 257 -5.34 27.13 26.40
N GLN C 258 -4.77 28.33 26.41
CA GLN C 258 -4.31 28.96 25.18
C GLN C 258 -3.33 28.06 24.45
N TYR C 259 -2.34 27.54 25.18
CA TYR C 259 -1.31 26.71 24.57
C TYR C 259 -1.92 25.49 23.91
N GLY C 260 -2.68 24.71 24.68
CA GLY C 260 -3.28 23.51 24.12
C GLY C 260 -4.14 23.82 22.92
N THR C 261 -4.99 24.84 23.04
CA THR C 261 -5.88 25.21 21.96
C THR C 261 -5.11 25.54 20.69
N LEU C 262 -4.14 26.43 20.78
CA LEU C 262 -3.41 26.86 19.60
C LEU C 262 -2.68 25.70 18.95
N THR C 263 -1.95 24.92 19.75
CA THR C 263 -1.20 23.81 19.20
C THR C 263 -2.13 22.86 18.45
N ARG C 264 -3.19 22.40 19.12
CA ARG C 264 -4.07 21.43 18.50
C ARG C 264 -4.85 22.01 17.34
N MET C 265 -5.04 23.33 17.31
CA MET C 265 -5.69 23.97 16.18
C MET C 265 -4.81 23.92 14.96
N PHE C 266 -3.58 24.41 15.07
CA PHE C 266 -2.67 24.35 13.94
C PHE C 266 -2.28 22.93 13.58
N LYS C 267 -2.59 21.97 14.44
CA LYS C 267 -2.23 20.58 14.21
C LYS C 267 -3.29 19.81 13.45
N TYR C 268 -4.56 20.19 13.57
CA TYR C 268 -5.67 19.48 12.95
C TYR C 268 -6.37 20.31 11.89
N TYR C 269 -5.65 21.22 11.26
CA TYR C 269 -6.27 22.15 10.32
C TYR C 269 -6.44 21.57 8.93
N ASP C 270 -5.53 20.68 8.51
CA ASP C 270 -5.59 20.14 7.16
C ASP C 270 -6.75 19.16 7.01
N VAL C 271 -6.99 18.36 8.04
CA VAL C 271 -8.05 17.35 8.00
C VAL C 271 -9.40 18.02 7.71
N VAL C 272 -9.79 18.94 8.58
CA VAL C 272 -11.07 19.60 8.43
C VAL C 272 -11.11 20.40 7.13
N ARG C 273 -9.95 20.89 6.69
CA ARG C 273 -9.90 21.58 5.40
C ARG C 273 -10.32 20.65 4.27
N ARG C 274 -9.79 19.43 4.28
CA ARG C 274 -10.19 18.45 3.28
C ARG C 274 -11.68 18.22 3.33
N ILE C 275 -12.21 18.02 4.55
CA ILE C 275 -13.65 17.81 4.70
C ILE C 275 -14.44 18.94 4.07
N VAL C 276 -14.07 20.17 4.40
CA VAL C 276 -14.81 21.34 3.94
C VAL C 276 -14.76 21.43 2.42
N GLU C 277 -13.60 21.16 1.83
CA GLU C 277 -13.50 21.10 0.38
C GLU C 277 -14.53 20.14 -0.18
N ASN C 278 -14.54 18.91 0.34
CA ASN C 278 -15.46 17.90 -0.16
C ASN C 278 -16.89 18.41 -0.13
N GLU C 279 -17.31 18.97 0.99
CA GLU C 279 -18.72 19.35 1.13
C GLU C 279 -19.07 20.54 0.25
N ALA C 280 -18.23 21.57 0.25
CA ALA C 280 -18.47 22.72 -0.60
C ALA C 280 -18.59 22.31 -2.05
N LYS C 281 -17.74 21.39 -2.48
CA LYS C 281 -17.82 20.90 -3.85
C LYS C 281 -19.14 20.16 -4.08
N TYR C 282 -19.51 19.28 -3.15
CA TYR C 282 -20.78 18.59 -3.24
C TYR C 282 -21.92 19.56 -3.44
N ILE C 283 -21.82 20.75 -2.87
CA ILE C 283 -22.90 21.72 -2.96
C ILE C 283 -22.86 22.46 -4.29
N TRP C 284 -21.73 23.10 -4.59
CA TRP C 284 -21.58 23.92 -5.79
C TRP C 284 -22.16 23.24 -7.03
N ASP C 285 -22.11 21.92 -7.06
CA ASP C 285 -22.56 21.18 -8.24
C ASP C 285 -24.07 20.99 -8.27
N GLY C 286 -24.72 21.00 -7.12
CA GLY C 286 -26.15 20.80 -7.04
C GLY C 286 -26.58 19.41 -6.63
N SER C 287 -25.69 18.63 -6.04
CA SER C 287 -26.02 17.25 -5.68
C SER C 287 -26.85 17.19 -4.41
N PHE C 288 -26.56 18.06 -3.45
CA PHE C 288 -27.29 18.03 -2.19
C PHE C 288 -28.76 18.37 -2.40
N ALA C 289 -29.05 19.32 -3.28
CA ALA C 289 -30.43 19.66 -3.56
C ALA C 289 -31.18 18.45 -4.10
N LYS C 290 -30.54 17.71 -5.01
CA LYS C 290 -31.12 16.48 -5.52
C LYS C 290 -31.40 15.50 -4.39
N GLU C 291 -30.38 15.23 -3.58
CA GLU C 291 -30.53 14.32 -2.46
C GLU C 291 -31.75 14.69 -1.61
N TRP C 292 -31.82 15.96 -1.21
CA TRP C 292 -32.87 16.40 -0.30
C TRP C 292 -34.24 16.32 -0.95
N SER C 293 -34.35 16.75 -2.21
CA SER C 293 -35.62 16.67 -2.90
C SER C 293 -36.11 15.23 -3.00
N LEU C 294 -35.21 14.32 -3.34
CA LEU C 294 -35.60 12.92 -3.45
C LEU C 294 -36.06 12.37 -2.11
N GLU C 295 -35.33 12.67 -1.03
CA GLU C 295 -35.76 12.21 0.27
C GLU C 295 -37.17 12.70 0.59
N GLN C 296 -37.46 13.96 0.25
CA GLN C 296 -38.84 14.43 0.41
C GLN C 296 -39.80 13.54 -0.35
N GLN C 297 -39.42 13.13 -1.56
CA GLN C 297 -40.34 12.37 -2.39
C GLN C 297 -40.53 10.95 -1.87
N ALA C 298 -39.59 10.44 -1.09
CA ALA C 298 -39.67 9.05 -0.63
C ALA C 298 -40.45 8.92 0.67
N GLY C 299 -40.37 9.91 1.55
CA GLY C 299 -41.13 9.87 2.78
C GLY C 299 -40.31 10.11 4.03
N TYR C 300 -39.14 10.71 3.87
CA TYR C 300 -38.30 11.07 5.00
C TYR C 300 -37.95 9.88 5.88
N PRO C 301 -37.56 8.74 5.31
CA PRO C 301 -37.23 7.59 6.17
C PRO C 301 -35.94 7.76 6.93
N VAL C 302 -34.89 8.24 6.26
CA VAL C 302 -33.60 8.43 6.89
C VAL C 302 -33.71 9.47 8.00
N PHE C 303 -34.34 10.61 7.69
CA PHE C 303 -34.64 11.62 8.69
C PHE C 303 -35.24 10.99 9.93
N TYR C 304 -36.27 10.18 9.74
CA TYR C 304 -36.95 9.51 10.85
C TYR C 304 -35.98 8.67 11.66
N ARG C 305 -35.27 7.75 10.99
CA ARG C 305 -34.43 6.80 11.70
C ARG C 305 -33.33 7.51 12.47
N LEU C 306 -32.78 8.58 11.90
CA LEU C 306 -31.71 9.29 12.57
C LEU C 306 -32.24 10.06 13.78
N TRP C 307 -33.39 10.72 13.63
CA TRP C 307 -34.00 11.36 14.78
C TRP C 307 -34.19 10.37 15.91
N GLU C 308 -34.52 9.12 15.56
CA GLU C 308 -34.66 8.11 16.61
C GLU C 308 -33.32 7.76 17.22
N LEU C 309 -32.36 7.38 16.38
CA LEU C 309 -31.06 6.93 16.88
C LEU C 309 -30.40 7.97 17.78
N ALA C 310 -30.60 9.25 17.48
CA ALA C 310 -29.96 10.28 18.28
C ALA C 310 -30.58 10.35 19.67
N THR C 311 -31.91 10.34 19.74
CA THR C 311 -32.59 10.46 21.03
C THR C 311 -32.53 9.19 21.85
N GLN C 312 -32.41 8.04 21.21
CA GLN C 312 -32.26 6.78 21.92
C GLN C 312 -30.82 6.48 22.27
N SER C 313 -29.92 7.44 22.07
CA SER C 313 -28.54 7.28 22.49
C SER C 313 -28.44 7.41 24.00
N GLU C 314 -27.29 7.00 24.53
CA GLU C 314 -27.09 7.02 25.97
C GLU C 314 -26.94 8.44 26.48
N MET C 315 -26.15 9.25 25.78
CA MET C 315 -25.92 10.63 26.20
C MET C 315 -27.23 11.36 26.39
N ALA C 316 -28.18 11.17 25.49
CA ALA C 316 -29.44 11.90 25.56
C ALA C 316 -30.25 11.48 26.78
N LYS C 317 -30.30 10.19 27.07
CA LYS C 317 -31.02 9.71 28.25
C LYS C 317 -30.42 10.27 29.52
N ALA C 318 -29.09 10.25 29.62
CA ALA C 318 -28.44 10.82 30.79
C ALA C 318 -28.75 12.30 30.91
N GLU C 319 -28.65 13.03 29.80
CA GLU C 319 -29.02 14.44 29.79
C GLU C 319 -30.43 14.63 30.30
N LYS C 320 -31.33 13.73 29.94
CA LYS C 320 -32.71 13.83 30.37
C LYS C 320 -32.82 13.69 31.88
N GLU C 321 -32.29 12.60 32.42
CA GLU C 321 -32.29 12.43 33.87
C GLU C 321 -31.74 13.67 34.56
N LEU C 322 -30.65 14.21 34.04
CA LEU C 322 -29.99 15.33 34.69
C LEU C 322 -30.84 16.58 34.66
N TYR C 323 -31.18 17.06 33.46
CA TYR C 323 -31.99 18.26 33.33
C TYR C 323 -33.20 18.21 34.25
N LYS C 324 -33.81 17.03 34.35
CA LYS C 324 -34.91 16.86 35.29
C LYS C 324 -34.44 17.10 36.71
N LEU C 325 -33.20 16.72 37.02
CA LEU C 325 -32.70 16.85 38.39
C LEU C 325 -32.40 18.30 38.74
N LEU C 326 -31.79 19.04 37.81
CA LEU C 326 -31.54 20.46 38.03
C LEU C 326 -32.80 21.31 37.92
N GLY C 327 -33.93 20.71 37.60
CA GLY C 327 -35.17 21.44 37.44
C GLY C 327 -35.37 22.04 36.07
N ARG C 328 -34.32 22.14 35.27
CA ARG C 328 -34.44 22.61 33.90
C ARG C 328 -35.50 21.81 33.17
N LYS C 329 -36.55 22.49 32.71
CA LYS C 329 -37.66 21.83 32.03
C LYS C 329 -37.21 20.98 30.85
N ASP D 2 -28.48 7.46 43.19
CA ASP D 2 -27.26 7.55 42.40
C ASP D 2 -26.07 7.96 43.27
N LYS D 3 -24.95 8.21 42.60
CA LYS D 3 -23.78 8.80 43.23
C LYS D 3 -23.96 10.21 43.76
N THR D 4 -25.13 10.79 43.53
CA THR D 4 -25.31 12.23 43.59
C THR D 4 -25.61 12.69 45.00
N VAL D 5 -25.33 13.96 45.26
CA VAL D 5 -25.52 14.59 46.55
C VAL D 5 -26.27 15.90 46.34
N LEU D 6 -27.14 16.22 47.29
CA LEU D 6 -28.06 17.34 47.14
C LEU D 6 -27.97 18.32 48.28
N ASP D 7 -27.69 17.82 49.49
CA ASP D 7 -27.46 18.66 50.65
C ASP D 7 -26.85 17.78 51.73
N ALA D 8 -26.21 18.42 52.70
CA ALA D 8 -25.52 17.67 53.74
C ALA D 8 -25.27 18.60 54.93
N ASN D 9 -24.48 18.10 55.88
CA ASN D 9 -24.27 18.76 57.15
C ASN D 9 -23.22 19.86 57.04
N LEU D 10 -23.06 20.61 58.13
CA LEU D 10 -22.10 21.68 58.21
C LEU D 10 -21.40 21.74 59.56
N ASP D 11 -21.51 20.69 60.39
CA ASP D 11 -20.98 20.74 61.74
C ASP D 11 -19.45 20.69 61.81
N PRO D 12 -18.74 19.98 60.92
CA PRO D 12 -17.30 19.77 61.17
C PRO D 12 -16.49 21.04 61.12
N LEU D 13 -17.00 22.10 60.50
CA LEU D 13 -16.27 23.34 60.35
C LEU D 13 -16.60 24.37 61.41
N LYS D 14 -17.57 24.08 62.27
CA LYS D 14 -17.99 25.04 63.29
C LYS D 14 -17.04 24.94 64.48
N GLY D 15 -16.34 26.03 64.76
CA GLY D 15 -15.29 26.06 65.76
C GLY D 15 -13.89 26.13 65.17
N LYS D 16 -13.74 25.79 63.90
CA LYS D 16 -12.45 25.80 63.22
C LYS D 16 -12.26 27.12 62.48
N THR D 17 -10.99 27.48 62.32
CA THR D 17 -10.61 28.64 61.53
C THR D 17 -10.24 28.20 60.12
N ILE D 18 -10.48 29.08 59.16
CA ILE D 18 -10.31 28.76 57.75
C ILE D 18 -9.50 29.86 57.08
N GLY D 19 -8.56 29.44 56.23
CA GLY D 19 -7.72 30.38 55.51
C GLY D 19 -7.88 30.22 54.02
N VAL D 20 -8.07 31.34 53.33
CA VAL D 20 -8.29 31.35 51.88
C VAL D 20 -7.07 31.99 51.23
N ILE D 21 -6.42 31.24 50.35
CA ILE D 21 -5.24 31.71 49.65
C ILE D 21 -5.67 32.30 48.31
N GLY D 22 -5.26 33.53 48.06
CA GLY D 22 -5.65 34.21 46.85
C GLY D 22 -6.99 34.89 47.00
N TYR D 23 -7.10 36.06 46.38
CA TYR D 23 -8.34 36.84 46.40
C TYR D 23 -8.69 37.28 44.99
N GLY D 24 -8.50 36.39 44.03
CA GLY D 24 -8.88 36.67 42.66
C GLY D 24 -10.38 36.51 42.50
N ASN D 25 -10.79 35.91 41.38
CA ASN D 25 -12.21 35.68 41.15
C ASN D 25 -12.77 34.68 42.16
N GLN D 26 -12.26 33.46 42.12
CA GLN D 26 -12.79 32.41 43.00
C GLN D 26 -12.66 32.80 44.46
N GLY D 27 -11.43 33.06 44.91
CA GLY D 27 -11.21 33.31 46.32
C GLY D 27 -12.17 34.33 46.89
N ARG D 28 -12.27 35.50 46.23
CA ARG D 28 -13.19 36.52 46.67
C ARG D 28 -14.59 35.94 46.85
N VAL D 29 -15.06 35.20 45.85
CA VAL D 29 -16.43 34.70 45.86
C VAL D 29 -16.65 33.74 47.03
N GLN D 30 -15.89 32.65 47.05
CA GLN D 30 -16.08 31.63 48.08
C GLN D 30 -15.95 32.24 49.47
N ALA D 31 -14.96 33.11 49.65
CA ALA D 31 -14.71 33.74 50.95
C ALA D 31 -15.91 34.55 51.39
N THR D 32 -16.37 35.47 50.54
CA THR D 32 -17.54 36.27 50.89
C THR D 32 -18.71 35.39 51.29
N ILE D 33 -19.01 34.38 50.48
CA ILE D 33 -20.18 33.55 50.73
C ILE D 33 -20.05 32.84 52.08
N MET D 34 -19.00 32.03 52.22
CA MET D 34 -18.82 31.28 53.46
C MET D 34 -18.77 32.19 54.67
N ARG D 35 -18.35 33.44 54.51
CA ARG D 35 -18.48 34.40 55.59
C ARG D 35 -19.95 34.65 55.90
N GLU D 36 -20.78 34.80 54.86
CA GLU D 36 -22.21 35.00 55.09
C GLU D 36 -22.80 33.83 55.86
N ASN D 37 -22.32 32.61 55.61
CA ASN D 37 -22.86 31.44 56.27
C ASN D 37 -22.29 31.23 57.68
N GLY D 38 -21.66 32.25 58.26
CA GLY D 38 -21.26 32.19 59.64
C GLY D 38 -20.01 31.36 59.88
N LEU D 39 -18.88 31.80 59.35
CA LEU D 39 -17.63 31.10 59.52
C LEU D 39 -16.49 32.08 59.71
N ASN D 40 -15.61 31.77 60.67
CA ASN D 40 -14.44 32.60 60.90
C ASN D 40 -13.46 32.39 59.76
N VAL D 41 -13.14 33.47 59.06
CA VAL D 41 -12.40 33.39 57.81
C VAL D 41 -11.29 34.43 57.81
N ILE D 42 -10.17 34.07 57.19
CA ILE D 42 -9.03 34.95 57.01
C ILE D 42 -8.57 34.83 55.57
N VAL D 43 -7.49 35.52 55.25
CA VAL D 43 -6.98 35.56 53.88
C VAL D 43 -5.47 35.63 53.91
N GLY D 44 -4.86 35.00 52.91
CA GLY D 44 -3.42 35.02 52.75
C GLY D 44 -3.05 35.43 51.35
N ASN D 45 -2.26 36.49 51.22
CA ASN D 45 -1.87 36.99 49.91
C ASN D 45 -0.74 37.99 50.09
N VAL D 46 0.05 38.14 49.05
CA VAL D 46 1.13 39.11 49.03
C VAL D 46 0.55 40.50 48.86
N LYS D 47 1.29 41.50 49.33
CA LYS D 47 0.80 42.88 49.35
C LYS D 47 0.74 43.42 47.93
N ASP D 48 -0.46 43.44 47.36
CA ASP D 48 -0.69 44.00 46.04
C ASP D 48 -2.12 44.53 46.00
N LYS D 49 -2.64 44.75 44.79
CA LYS D 49 -3.99 45.24 44.59
C LYS D 49 -5.00 44.42 45.39
N TYR D 50 -5.07 43.12 45.14
CA TYR D 50 -6.06 42.28 45.80
C TYR D 50 -5.94 42.37 47.32
N TYR D 51 -4.73 42.60 47.83
CA TYR D 51 -4.56 42.72 49.27
C TYR D 51 -5.38 43.88 49.81
N GLU D 52 -5.19 45.06 49.22
CA GLU D 52 -5.96 46.23 49.62
C GLU D 52 -7.46 45.99 49.48
N LEU D 53 -7.86 45.41 48.34
CA LEU D 53 -9.27 45.15 48.12
C LEU D 53 -9.85 44.26 49.22
N ALA D 54 -9.16 43.18 49.55
CA ALA D 54 -9.71 42.22 50.50
C ALA D 54 -9.79 42.81 51.90
N LYS D 55 -8.74 43.50 52.34
CA LYS D 55 -8.81 44.13 53.65
C LYS D 55 -9.90 45.20 53.68
N LYS D 56 -10.15 45.85 52.55
CA LYS D 56 -11.26 46.80 52.45
C LYS D 56 -12.59 46.12 52.66
N GLU D 57 -12.80 44.97 52.01
CA GLU D 57 -14.08 44.28 52.09
C GLU D 57 -14.34 43.65 53.46
N GLY D 58 -13.49 43.88 54.44
CA GLY D 58 -13.74 43.45 55.81
C GLY D 58 -13.02 42.18 56.22
N PHE D 59 -11.92 41.85 55.58
CA PHE D 59 -11.18 40.62 55.85
C PHE D 59 -9.86 40.94 56.55
N GLU D 60 -9.57 40.19 57.60
CA GLU D 60 -8.28 40.28 58.26
C GLU D 60 -7.24 39.57 57.41
N VAL D 61 -6.20 40.30 57.02
CA VAL D 61 -5.25 39.81 56.03
C VAL D 61 -3.88 39.68 56.66
N TYR D 62 -3.34 38.47 56.61
CA TYR D 62 -1.96 38.18 56.89
C TYR D 62 -1.34 37.59 55.62
N GLU D 63 -0.02 37.47 55.60
CA GLU D 63 0.56 36.80 54.46
C GLU D 63 0.65 35.30 54.74
N ILE D 64 1.04 34.56 53.71
CA ILE D 64 0.55 33.20 53.50
C ILE D 64 0.94 32.28 54.65
N ASP D 65 2.24 32.07 54.85
CA ASP D 65 2.69 31.13 55.87
C ASP D 65 2.01 31.40 57.21
N GLU D 66 1.87 32.67 57.56
CA GLU D 66 1.20 33.02 58.80
C GLU D 66 -0.25 32.54 58.81
N ALA D 67 -0.96 32.74 57.71
CA ALA D 67 -2.34 32.30 57.62
C ALA D 67 -2.44 30.78 57.79
N VAL D 68 -1.45 30.04 57.29
CA VAL D 68 -1.50 28.59 57.42
C VAL D 68 -1.23 28.16 58.84
N ARG D 69 -0.47 28.95 59.60
CA ARG D 69 -0.25 28.62 61.00
C ARG D 69 -1.54 28.73 61.79
N ARG D 70 -2.32 29.78 61.54
CA ARG D 70 -3.53 30.04 62.30
C ARG D 70 -4.71 29.19 61.85
N SER D 71 -4.57 28.43 60.77
CA SER D 71 -5.68 27.74 60.15
C SER D 71 -5.62 26.25 60.42
N ASP D 72 -6.80 25.65 60.59
CA ASP D 72 -6.95 24.21 60.55
C ASP D 72 -7.42 23.71 59.19
N VAL D 73 -7.80 24.64 58.31
CA VAL D 73 -8.23 24.32 56.95
C VAL D 73 -7.79 25.44 56.03
N ALA D 74 -7.47 25.09 54.80
CA ALA D 74 -6.95 26.04 53.84
C ALA D 74 -7.47 25.74 52.45
N LEU D 75 -7.75 26.80 51.69
CA LEU D 75 -8.19 26.70 50.31
C LEU D 75 -7.12 27.33 49.42
N LEU D 76 -6.56 26.52 48.52
CA LEU D 76 -5.44 26.96 47.69
C LEU D 76 -5.99 27.37 46.33
N LEU D 77 -6.55 28.57 46.30
CA LEU D 77 -7.22 29.10 45.11
C LEU D 77 -6.30 30.06 44.37
N ILE D 78 -5.34 29.50 43.66
CA ILE D 78 -4.45 30.29 42.82
C ILE D 78 -4.18 29.53 41.52
N PRO D 79 -3.62 30.19 40.52
CA PRO D 79 -3.39 29.53 39.24
C PRO D 79 -2.53 28.28 39.39
N ASP D 80 -2.78 27.31 38.50
CA ASP D 80 -2.05 26.06 38.50
C ASP D 80 -0.64 26.19 37.97
N GLU D 81 -0.24 27.39 37.57
CA GLU D 81 1.08 27.61 36.99
C GLU D 81 2.11 28.10 37.98
N VAL D 82 1.68 28.61 39.12
CA VAL D 82 2.57 29.16 40.14
C VAL D 82 2.35 28.54 41.50
N MET D 83 1.40 27.61 41.62
CA MET D 83 1.12 27.01 42.93
C MET D 83 2.30 26.21 43.44
N LYS D 84 3.12 25.68 42.53
CA LYS D 84 4.19 24.78 42.93
C LYS D 84 5.22 25.47 43.81
N GLU D 85 5.78 26.57 43.33
CA GLU D 85 6.79 27.29 44.10
C GLU D 85 6.22 27.79 45.41
N VAL D 86 5.01 28.34 45.36
CA VAL D 86 4.36 28.83 46.58
C VAL D 86 4.24 27.72 47.60
N TYR D 87 3.86 26.52 47.15
CA TYR D 87 3.73 25.40 48.07
C TYR D 87 5.08 24.98 48.63
N GLU D 88 6.10 24.95 47.77
CA GLU D 88 7.39 24.42 48.20
C GLU D 88 8.05 25.35 49.21
N LYS D 89 8.03 26.65 48.95
CA LYS D 89 8.79 27.57 49.77
C LYS D 89 8.09 27.88 51.09
N LYS D 90 6.81 28.21 51.02
CA LYS D 90 6.11 28.81 52.14
C LYS D 90 5.22 27.86 52.92
N ILE D 91 4.62 26.88 52.24
CA ILE D 91 3.59 26.06 52.86
C ILE D 91 4.21 24.80 53.47
N ALA D 92 4.84 24.00 52.62
CA ALA D 92 5.36 22.70 53.07
C ALA D 92 6.10 22.77 54.41
N PRO D 93 6.94 23.76 54.68
CA PRO D 93 7.60 23.82 55.99
C PRO D 93 6.60 23.90 57.14
N VAL D 94 5.79 24.96 57.10
CA VAL D 94 4.75 25.16 58.09
C VAL D 94 3.93 23.90 58.25
N LEU D 95 3.77 23.16 57.16
CA LEU D 95 2.90 22.00 57.13
C LEU D 95 3.56 20.80 57.78
N GLN D 96 4.86 20.62 57.56
CA GLN D 96 5.59 19.61 58.33
C GLN D 96 5.37 19.79 59.81
N GLY D 97 5.22 21.04 60.25
CA GLY D 97 4.97 21.29 61.66
C GLY D 97 3.51 21.35 62.02
N LYS D 98 2.72 20.37 61.59
CA LYS D 98 1.30 20.31 61.88
C LYS D 98 0.92 18.94 62.41
N LYS D 99 -0.32 18.84 62.91
CA LYS D 99 -0.86 17.63 63.49
C LYS D 99 -2.06 17.09 62.72
N GLU D 100 -3.08 17.92 62.53
CA GLU D 100 -4.30 17.51 61.84
C GLU D 100 -4.71 18.69 60.97
N PHE D 101 -4.49 18.56 59.67
CA PHE D 101 -4.71 19.64 58.73
C PHE D 101 -5.54 19.14 57.56
N VAL D 102 -6.04 20.09 56.79
CA VAL D 102 -6.90 19.82 55.64
C VAL D 102 -6.53 20.78 54.53
N LEU D 103 -6.46 20.26 53.31
CA LEU D 103 -6.01 21.01 52.16
C LEU D 103 -6.96 20.79 51.00
N ASP D 104 -7.52 21.87 50.48
CA ASP D 104 -8.52 21.83 49.42
C ASP D 104 -7.98 22.49 48.17
N PHE D 105 -8.32 21.92 47.02
CA PHE D 105 -7.97 22.49 45.72
C PHE D 105 -9.23 22.64 44.89
N ALA D 106 -9.14 23.52 43.89
CA ALA D 106 -10.17 23.66 42.89
C ALA D 106 -9.80 22.98 41.58
N SER D 107 -8.58 22.48 41.46
CA SER D 107 -8.13 21.77 40.27
C SER D 107 -7.19 20.65 40.71
N GLY D 108 -7.24 19.54 39.96
CA GLY D 108 -6.43 18.38 40.26
C GLY D 108 -5.21 18.22 39.37
N TYR D 109 -4.83 19.24 38.61
CA TYR D 109 -3.70 19.12 37.70
C TYR D 109 -2.41 18.82 38.45
N ASN D 110 -2.03 19.71 39.36
CA ASN D 110 -0.73 19.61 40.00
C ASN D 110 -0.62 18.42 40.93
N VAL D 111 -1.73 17.78 41.27
CA VAL D 111 -1.72 16.64 42.17
C VAL D 111 -1.86 15.33 41.40
N ALA D 112 -2.82 15.28 40.48
CA ALA D 112 -3.01 14.08 39.67
C ALA D 112 -1.72 13.65 38.99
N PHE D 113 -0.85 14.60 38.67
CA PHE D 113 0.39 14.31 37.96
C PHE D 113 1.61 14.34 38.87
N GLY D 114 1.41 14.54 40.17
CA GLY D 114 2.47 14.36 41.13
C GLY D 114 3.42 15.52 41.29
N LEU D 115 3.08 16.69 40.77
CA LEU D 115 3.89 17.88 40.98
C LEU D 115 3.77 18.41 42.39
N ILE D 116 2.84 17.89 43.17
CA ILE D 116 2.65 18.27 44.56
C ILE D 116 2.27 17.02 45.34
N ARG D 117 3.09 16.66 46.32
CA ARG D 117 2.93 15.42 47.07
C ARG D 117 2.94 15.77 48.55
N PRO D 118 1.79 16.11 49.11
CA PRO D 118 1.73 16.45 50.52
C PRO D 118 1.96 15.23 51.39
N PRO D 119 2.21 15.43 52.67
CA PRO D 119 2.47 14.29 53.56
C PRO D 119 1.24 13.44 53.81
N LYS D 120 1.41 12.41 54.63
CA LYS D 120 0.31 11.55 55.04
C LYS D 120 -0.38 12.04 56.30
N SER D 121 0.15 13.07 56.94
CA SER D 121 -0.46 13.69 58.10
C SER D 121 -1.62 14.60 57.73
N VAL D 122 -2.07 14.54 56.48
CA VAL D 122 -2.93 15.57 55.91
C VAL D 122 -4.09 14.92 55.18
N ASP D 123 -5.23 15.59 55.20
CA ASP D 123 -6.40 15.19 54.44
C ASP D 123 -6.43 16.03 53.16
N THR D 124 -6.33 15.37 52.02
CA THR D 124 -6.22 16.03 50.72
C THR D 124 -7.51 15.83 49.96
N ILE D 125 -8.15 16.94 49.59
CA ILE D 125 -9.48 16.90 49.00
C ILE D 125 -9.54 17.83 47.80
N MET D 126 -10.75 17.99 47.27
CA MET D 126 -10.94 18.67 46.00
C MET D 126 -12.38 19.15 45.92
N VAL D 127 -12.56 20.38 45.45
CA VAL D 127 -13.89 20.93 45.21
C VAL D 127 -13.83 21.82 43.98
N ALA D 128 -14.45 21.36 42.89
CA ALA D 128 -14.30 21.99 41.59
C ALA D 128 -15.65 22.48 41.08
N PRO D 129 -15.89 23.78 41.03
CA PRO D 129 -17.13 24.30 40.43
C PRO D 129 -17.07 24.22 38.92
N ARG D 130 -18.23 24.47 38.31
CA ARG D 130 -18.39 24.47 36.86
C ARG D 130 -19.05 25.76 36.41
N MET D 131 -18.58 26.88 36.95
CA MET D 131 -19.07 28.20 36.57
C MET D 131 -17.91 29.18 36.67
N VAL D 132 -18.00 30.23 35.85
CA VAL D 132 -16.88 31.16 35.72
C VAL D 132 -16.62 31.91 37.01
N GLY D 133 -17.66 32.29 37.73
CA GLY D 133 -17.52 33.08 38.93
C GLY D 133 -18.33 34.36 38.86
N GLU D 134 -18.36 34.98 37.68
CA GLU D 134 -19.19 36.15 37.49
C GLU D 134 -20.67 35.80 37.63
N GLY D 135 -21.06 34.64 37.11
CA GLY D 135 -22.44 34.20 37.24
C GLY D 135 -22.76 33.54 38.55
N ILE D 136 -21.75 33.03 39.26
CA ILE D 136 -21.99 32.34 40.52
C ILE D 136 -22.63 33.28 41.52
N MET D 137 -22.10 34.50 41.64
CA MET D 137 -22.74 35.51 42.47
C MET D 137 -24.13 35.83 41.95
N ASP D 138 -24.24 36.04 40.64
CA ASP D 138 -25.53 36.27 40.00
C ASP D 138 -26.57 35.23 40.38
N LEU D 139 -26.14 34.04 40.78
CA LEU D 139 -27.05 32.99 41.20
C LEU D 139 -27.20 32.89 42.70
N HIS D 140 -26.15 33.22 43.47
CA HIS D 140 -26.26 33.14 44.91
C HIS D 140 -27.30 34.12 45.45
N LYS D 141 -27.44 35.27 44.79
CA LYS D 141 -28.43 36.24 45.25
C LYS D 141 -29.84 35.68 45.20
N GLN D 142 -30.08 34.71 44.32
CA GLN D 142 -31.39 34.11 44.15
C GLN D 142 -31.60 32.90 45.06
N GLY D 143 -30.68 32.64 45.98
CA GLY D 143 -30.74 31.42 46.76
C GLY D 143 -30.50 30.17 45.96
N LYS D 144 -30.02 30.30 44.73
CA LYS D 144 -29.76 29.15 43.88
C LYS D 144 -28.39 28.56 44.18
N GLY D 145 -28.27 27.26 43.95
CA GLY D 145 -27.00 26.56 44.06
C GLY D 145 -26.31 26.49 42.72
N TYR D 146 -25.33 25.59 42.64
CA TYR D 146 -24.65 25.33 41.38
C TYR D 146 -23.87 24.03 41.52
N PRO D 147 -23.49 23.42 40.40
CA PRO D 147 -22.79 22.13 40.46
C PRO D 147 -21.32 22.24 40.80
N VAL D 148 -20.80 21.14 41.35
CA VAL D 148 -19.39 21.01 41.70
C VAL D 148 -19.02 19.54 41.63
N LEU D 149 -17.72 19.28 41.61
CA LEU D 149 -17.18 17.94 41.68
C LEU D 149 -16.36 17.78 42.96
N LEU D 150 -16.38 16.57 43.51
CA LEU D 150 -15.68 16.27 44.73
C LEU D 150 -14.69 15.14 44.49
N GLY D 151 -13.61 15.16 45.26
CA GLY D 151 -12.62 14.12 45.16
C GLY D 151 -11.76 14.07 46.39
N VAL D 152 -11.18 12.91 46.63
CA VAL D 152 -10.33 12.68 47.79
C VAL D 152 -9.12 11.88 47.36
N LYS D 153 -7.95 12.34 47.74
CA LYS D 153 -6.69 11.71 47.41
C LYS D 153 -6.03 11.03 48.59
N GLN D 154 -6.24 11.55 49.79
CA GLN D 154 -5.52 11.08 50.97
C GLN D 154 -6.38 11.33 52.19
N ASP D 155 -6.82 10.26 52.84
CA ASP D 155 -7.64 10.35 54.04
C ASP D 155 -6.83 9.85 55.22
N ALA D 156 -6.56 10.74 56.17
CA ALA D 156 -5.87 10.41 57.40
C ALA D 156 -6.77 10.48 58.62
N SER D 157 -8.06 10.76 58.42
CA SER D 157 -8.96 10.99 59.54
C SER D 157 -10.32 10.35 59.35
N GLY D 158 -10.56 9.64 58.25
CA GLY D 158 -11.83 9.00 58.01
C GLY D 158 -13.00 9.97 57.94
N LYS D 159 -12.72 11.27 57.83
CA LYS D 159 -13.74 12.30 57.79
C LYS D 159 -13.66 13.18 56.56
N ALA D 160 -12.84 12.80 55.57
CA ALA D 160 -12.59 13.68 54.44
C ALA D 160 -13.87 14.02 53.70
N TRP D 161 -14.65 13.01 53.32
CA TRP D 161 -15.86 13.24 52.56
C TRP D 161 -16.80 14.19 53.29
N ASP D 162 -16.93 14.03 54.60
CA ASP D 162 -17.75 14.94 55.37
C ASP D 162 -17.25 16.37 55.25
N TYR D 163 -15.94 16.55 55.35
CA TYR D 163 -15.36 17.88 55.17
C TYR D 163 -15.70 18.43 53.79
N ALA D 164 -15.57 17.61 52.76
CA ALA D 164 -15.81 18.06 51.40
C ALA D 164 -17.24 18.55 51.23
N LYS D 165 -18.20 17.76 51.70
CA LYS D 165 -19.59 18.16 51.59
C LYS D 165 -19.87 19.42 52.40
N ALA D 166 -19.27 19.50 53.59
CA ALA D 166 -19.42 20.71 54.40
C ALA D 166 -18.93 21.93 53.63
N ILE D 167 -17.78 21.82 52.97
CA ILE D 167 -17.28 22.93 52.16
C ILE D 167 -18.29 23.27 51.07
N ALA D 168 -18.69 22.26 50.30
CA ALA D 168 -19.66 22.50 49.22
C ALA D 168 -20.84 23.29 49.71
N LYS D 169 -21.32 22.98 50.92
CA LYS D 169 -22.43 23.74 51.48
C LYS D 169 -22.00 25.13 51.89
N GLY D 170 -20.77 25.29 52.37
CA GLY D 170 -20.33 26.57 52.88
C GLY D 170 -20.20 27.63 51.80
N ILE D 171 -19.99 27.20 50.55
CA ILE D 171 -19.82 28.14 49.45
C ILE D 171 -21.10 28.35 48.66
N GLY D 172 -22.20 27.73 49.06
CA GLY D 172 -23.48 27.99 48.45
C GLY D 172 -23.77 27.19 47.20
N ALA D 173 -23.00 26.15 46.91
CA ALA D 173 -23.31 25.30 45.78
C ALA D 173 -24.56 24.48 46.05
N ILE D 174 -24.77 24.09 47.30
CA ILE D 174 -25.96 23.33 47.69
C ILE D 174 -26.46 23.84 49.03
N PRO D 175 -27.76 23.68 49.31
CA PRO D 175 -28.73 23.09 48.38
C PRO D 175 -29.16 24.08 47.30
N GLY D 176 -29.71 23.55 46.20
CA GLY D 176 -30.07 24.36 45.06
C GLY D 176 -29.39 23.85 43.82
N GLY D 177 -28.14 23.41 43.98
CA GLY D 177 -27.41 22.76 42.92
C GLY D 177 -27.16 21.32 43.28
N ILE D 178 -26.03 20.77 42.86
CA ILE D 178 -25.69 19.40 43.20
C ILE D 178 -24.19 19.25 43.36
N ALA D 179 -23.76 18.05 43.73
CA ALA D 179 -22.34 17.76 43.94
C ALA D 179 -22.09 16.32 43.53
N VAL D 180 -21.08 16.13 42.70
CA VAL D 180 -20.73 14.80 42.21
C VAL D 180 -19.41 14.38 42.84
N ILE D 181 -19.31 13.11 43.17
CA ILE D 181 -18.10 12.53 43.71
C ILE D 181 -17.28 11.97 42.56
N SER D 182 -15.99 12.28 42.56
CA SER D 182 -15.12 11.84 41.49
C SER D 182 -13.69 11.86 42.01
N SER D 183 -12.73 11.80 41.10
CA SER D 183 -11.32 11.80 41.43
C SER D 183 -10.68 13.10 40.97
N PHE D 184 -9.42 13.28 41.37
CA PHE D 184 -8.61 14.35 40.81
C PHE D 184 -8.36 14.12 39.34
N GLU D 185 -8.19 12.86 38.94
CA GLU D 185 -7.88 12.52 37.57
C GLU D 185 -9.06 12.79 36.65
N GLU D 186 -10.25 12.33 37.05
CA GLU D 186 -11.44 12.50 36.26
C GLU D 186 -11.85 13.95 36.10
N GLU D 187 -11.18 14.88 36.78
CA GLU D 187 -11.44 16.30 36.60
C GLU D 187 -10.40 16.96 35.71
N ALA D 188 -9.12 16.67 35.94
CA ALA D 188 -8.08 17.18 35.04
C ALA D 188 -8.32 16.69 33.63
N LEU D 189 -8.60 15.40 33.49
CA LEU D 189 -8.89 14.82 32.19
C LEU D 189 -9.94 15.63 31.45
N LEU D 190 -11.03 15.97 32.14
CA LEU D 190 -12.12 16.67 31.50
C LEU D 190 -11.75 18.11 31.19
N ASP D 191 -11.22 18.83 32.18
CA ASP D 191 -10.82 20.22 31.95
C ASP D 191 -9.88 20.34 30.77
N LEU D 192 -9.12 19.29 30.48
CA LEU D 192 -8.19 19.35 29.37
C LEU D 192 -8.81 18.90 28.05
N MET D 193 -9.53 17.78 28.05
CA MET D 193 -10.06 17.24 26.82
C MET D 193 -10.93 18.26 26.09
N SER D 194 -11.64 19.10 26.82
CA SER D 194 -12.37 20.18 26.17
C SER D 194 -11.41 21.12 25.44
N GLU D 195 -10.32 21.49 26.09
CA GLU D 195 -9.37 22.43 25.52
C GLU D 195 -8.51 21.82 24.43
N HIS D 196 -8.60 20.52 24.21
CA HIS D 196 -7.79 19.84 23.23
C HIS D 196 -8.57 19.23 22.08
N THR D 197 -9.89 19.10 22.20
CA THR D 197 -10.64 18.38 21.17
C THR D 197 -11.61 19.27 20.39
N TRP D 198 -12.67 19.79 21.01
CA TRP D 198 -13.72 20.37 20.18
C TRP D 198 -13.58 21.87 19.99
N VAL D 199 -12.94 22.56 20.92
CA VAL D 199 -12.67 23.97 20.79
C VAL D 199 -11.73 24.21 19.59
N PRO D 200 -10.54 23.61 19.58
CA PRO D 200 -9.63 23.86 18.46
C PRO D 200 -10.15 23.32 17.15
N ILE D 201 -10.86 22.19 17.18
CA ILE D 201 -11.46 21.66 15.96
C ILE D 201 -12.46 22.67 15.40
N LEU D 202 -13.32 23.18 16.26
CA LEU D 202 -14.28 24.21 15.85
C LEU D 202 -13.57 25.38 15.19
N PHE D 203 -12.55 25.91 15.86
CA PHE D 203 -11.86 27.08 15.34
C PHE D 203 -11.23 26.79 13.99
N GLY D 204 -10.55 25.64 13.88
CA GLY D 204 -9.93 25.29 12.61
C GLY D 204 -10.94 25.12 11.50
N ALA D 205 -12.10 24.54 11.82
CA ALA D 205 -13.14 24.37 10.82
C ALA D 205 -13.63 25.72 10.32
N ILE D 206 -13.87 26.65 11.23
CA ILE D 206 -14.30 27.98 10.84
C ILE D 206 -13.27 28.63 9.94
N LYS D 207 -12.02 28.61 10.38
CA LYS D 207 -10.94 29.21 9.60
C LYS D 207 -10.86 28.60 8.22
N ALA D 208 -11.01 27.29 8.13
CA ALA D 208 -10.92 26.61 6.85
C ALA D 208 -12.07 27.02 5.94
N CYS D 209 -13.28 27.10 6.50
CA CYS D 209 -14.42 27.54 5.71
C CYS D 209 -14.17 28.92 5.13
N TYR D 210 -13.66 29.83 5.96
CA TYR D 210 -13.33 31.17 5.48
C TYR D 210 -12.34 31.11 4.32
N ASP D 211 -11.19 30.48 4.56
CA ASP D 211 -10.14 30.43 3.55
C ASP D 211 -10.66 29.86 2.25
N ILE D 212 -11.42 28.77 2.34
CA ILE D 212 -11.93 28.11 1.15
C ILE D 212 -12.88 29.03 0.40
N ALA D 213 -13.93 29.47 1.07
CA ALA D 213 -14.92 30.32 0.43
C ALA D 213 -14.29 31.51 -0.26
N VAL D 214 -13.21 32.03 0.31
CA VAL D 214 -12.58 33.20 -0.29
C VAL D 214 -11.75 32.81 -1.51
N LYS D 215 -10.87 31.82 -1.35
CA LYS D 215 -9.84 31.57 -2.35
C LYS D 215 -10.25 30.57 -3.41
N GLU D 216 -11.49 30.07 -3.39
CA GLU D 216 -11.93 29.14 -4.41
C GLU D 216 -13.31 29.41 -4.97
N TYR D 217 -14.09 30.30 -4.36
CA TYR D 217 -15.42 30.62 -4.84
C TYR D 217 -15.64 32.12 -4.92
N GLY D 218 -14.58 32.91 -4.81
CA GLY D 218 -14.67 34.33 -5.08
C GLY D 218 -15.58 35.09 -4.14
N VAL D 219 -15.66 34.67 -2.90
CA VAL D 219 -16.52 35.32 -1.92
C VAL D 219 -15.78 36.51 -1.32
N SER D 220 -16.55 37.46 -0.82
CA SER D 220 -15.98 38.62 -0.16
C SER D 220 -15.73 38.33 1.31
N PRO D 221 -14.64 38.85 1.89
CA PRO D 221 -14.38 38.59 3.30
C PRO D 221 -15.46 39.10 4.22
N GLU D 222 -16.09 40.22 3.88
CA GLU D 222 -17.06 40.85 4.76
C GLU D 222 -18.34 40.03 4.94
N ALA D 223 -18.50 38.95 4.18
CA ALA D 223 -19.71 38.13 4.20
C ALA D 223 -19.50 36.80 4.91
N ALA D 224 -18.36 36.15 4.62
CA ALA D 224 -18.00 34.93 5.30
C ALA D 224 -18.08 35.11 6.81
N LEU D 225 -17.49 36.19 7.31
CA LEU D 225 -17.49 36.45 8.74
C LEU D 225 -18.90 36.56 9.27
N LEU D 226 -19.75 37.31 8.58
CA LEU D 226 -21.13 37.46 9.00
C LEU D 226 -21.80 36.10 9.15
N GLU D 227 -21.58 35.21 8.17
CA GLU D 227 -22.25 33.92 8.28
C GLU D 227 -21.67 33.08 9.40
N PHE D 228 -20.35 33.10 9.58
CA PHE D 228 -19.71 32.10 10.41
C PHE D 228 -19.80 32.48 11.90
N TYR D 229 -19.19 33.59 12.31
CA TYR D 229 -19.24 33.96 13.71
C TYR D 229 -19.48 35.43 14.00
N ALA D 230 -19.34 36.34 13.04
CA ALA D 230 -19.54 37.74 13.35
C ALA D 230 -20.98 38.04 13.74
N SER D 231 -21.90 37.11 13.52
CA SER D 231 -23.26 37.20 14.02
C SER D 231 -23.39 36.41 15.32
N GLY D 232 -24.45 36.71 16.06
CA GLY D 232 -24.72 36.05 17.32
C GLY D 232 -25.43 34.71 17.17
N GLU D 233 -25.34 34.14 15.96
CA GLU D 233 -25.85 32.79 15.72
C GLU D 233 -25.48 31.83 16.83
N LEU D 234 -24.22 31.87 17.25
CA LEU D 234 -23.64 30.76 18.00
C LEU D 234 -24.05 30.81 19.47
N ALA D 235 -24.08 32.00 20.05
CA ALA D 235 -24.54 32.13 21.43
C ALA D 235 -25.99 31.70 21.56
N GLU D 236 -26.82 32.06 20.58
CA GLU D 236 -28.18 31.55 20.52
C GLU D 236 -28.20 30.03 20.68
N ILE D 237 -27.45 29.33 19.83
CA ILE D 237 -27.46 27.87 19.85
C ILE D 237 -26.96 27.37 21.21
N ALA D 238 -25.90 27.98 21.73
CA ALA D 238 -25.38 27.57 23.03
C ALA D 238 -26.44 27.66 24.11
N ARG D 239 -27.21 28.75 24.10
CA ARG D 239 -28.27 28.94 25.09
C ARG D 239 -29.32 27.84 24.97
N LEU D 240 -29.86 27.67 23.76
CA LEU D 240 -30.88 26.64 23.57
C LEU D 240 -30.37 25.27 23.97
N ILE D 241 -29.06 25.04 23.81
CA ILE D 241 -28.48 23.78 24.25
C ILE D 241 -28.54 23.67 25.77
N ALA D 242 -28.01 24.67 26.45
CA ALA D 242 -27.97 24.62 27.90
C ALA D 242 -29.35 24.49 28.52
N GLU D 243 -30.38 24.98 27.83
CA GLU D 243 -31.72 25.01 28.40
C GLU D 243 -32.59 23.85 27.92
N GLU D 244 -32.82 23.74 26.62
CA GLU D 244 -33.77 22.78 26.07
C GLU D 244 -33.14 21.42 25.81
N GLY D 245 -31.84 21.36 25.64
CA GLY D 245 -31.17 20.15 25.22
C GLY D 245 -30.51 20.32 23.88
N ILE D 246 -29.47 19.51 23.65
CA ILE D 246 -28.63 19.68 22.48
C ILE D 246 -29.41 19.37 21.20
N PHE D 247 -30.15 18.26 21.19
CA PHE D 247 -30.84 17.84 19.99
C PHE D 247 -32.20 18.52 19.87
N ASN D 248 -33.01 18.48 20.93
CA ASN D 248 -34.29 19.18 20.92
C ASN D 248 -34.12 20.63 20.54
N GLN D 249 -32.91 21.18 20.69
CA GLN D 249 -32.64 22.55 20.27
C GLN D 249 -32.89 22.73 18.78
N MET D 250 -32.77 21.67 18.00
CA MET D 250 -32.78 21.77 16.55
C MET D 250 -34.18 21.84 15.96
N VAL D 251 -35.21 21.58 16.76
CA VAL D 251 -36.57 21.62 16.24
C VAL D 251 -36.93 23.02 15.78
N HIS D 252 -36.34 24.05 16.38
CA HIS D 252 -36.64 25.42 16.02
C HIS D 252 -35.96 25.84 14.73
N HIS D 253 -35.17 24.97 14.12
CA HIS D 253 -34.52 25.25 12.85
C HIS D 253 -35.32 24.61 11.71
N SER D 254 -34.87 24.83 10.49
CA SER D 254 -35.54 24.30 9.32
C SER D 254 -35.15 22.85 9.07
N THR D 255 -36.03 22.13 8.38
CA THR D 255 -35.81 20.72 8.11
C THR D 255 -34.52 20.50 7.35
N THR D 256 -34.24 21.36 6.38
CA THR D 256 -33.01 21.23 5.59
C THR D 256 -31.79 21.19 6.50
N SER D 257 -31.73 22.14 7.44
CA SER D 257 -30.63 22.19 8.38
C SER D 257 -30.54 20.90 9.19
N GLN D 258 -31.66 20.44 9.72
CA GLN D 258 -31.68 19.20 10.49
C GLN D 258 -31.10 18.05 9.68
N TYR D 259 -31.57 17.90 8.45
CA TYR D 259 -31.14 16.80 7.61
C TYR D 259 -29.63 16.84 7.40
N GLY D 260 -29.13 17.97 6.90
CA GLY D 260 -27.71 18.07 6.65
C GLY D 260 -26.90 17.80 7.90
N THR D 261 -27.29 18.43 9.00
CA THR D 261 -26.57 18.29 10.25
C THR D 261 -26.49 16.83 10.67
N LEU D 262 -27.63 16.14 10.72
CA LEU D 262 -27.65 14.77 11.21
C LEU D 262 -26.82 13.86 10.31
N THR D 263 -27.02 13.96 9.00
CA THR D 263 -26.28 13.12 8.08
C THR D 263 -24.78 13.30 8.26
N ARG D 264 -24.32 14.55 8.21
CA ARG D 264 -22.89 14.80 8.28
C ARG D 264 -22.34 14.50 9.66
N MET D 265 -23.17 14.52 10.69
CA MET D 265 -22.74 14.16 12.02
C MET D 265 -22.46 12.67 12.11
N PHE D 266 -23.43 11.86 11.73
CA PHE D 266 -23.22 10.41 11.75
C PHE D 266 -22.20 9.97 10.71
N LYS D 267 -21.83 10.86 9.79
CA LYS D 267 -20.88 10.53 8.75
C LYS D 267 -19.43 10.79 9.14
N TYR D 268 -19.18 11.74 10.04
CA TYR D 268 -17.84 12.15 10.42
C TYR D 268 -17.54 11.84 11.88
N TYR D 269 -18.20 10.82 12.44
CA TYR D 269 -18.08 10.54 13.85
C TYR D 269 -16.85 9.72 14.20
N ASP D 270 -16.42 8.84 13.29
CA ASP D 270 -15.29 7.97 13.59
C ASP D 270 -13.98 8.73 13.60
N VAL D 271 -13.84 9.69 12.68
CA VAL D 271 -12.62 10.47 12.57
C VAL D 271 -12.31 11.17 13.88
N VAL D 272 -13.24 12.01 14.33
CA VAL D 272 -13.05 12.76 15.55
C VAL D 272 -12.91 11.83 16.74
N ARG D 273 -13.57 10.67 16.68
CA ARG D 273 -13.40 9.69 17.74
C ARG D 273 -11.96 9.25 17.86
N ARG D 274 -11.33 8.94 16.72
CA ARG D 274 -9.92 8.59 16.72
C ARG D 274 -9.09 9.70 17.33
N ILE D 275 -9.35 10.93 16.91
CA ILE D 275 -8.62 12.08 17.44
C ILE D 275 -8.72 12.11 18.96
N VAL D 276 -9.95 12.01 19.47
CA VAL D 276 -10.19 12.13 20.90
C VAL D 276 -9.48 11.03 21.65
N GLU D 277 -9.52 9.81 21.12
CA GLU D 277 -8.76 8.72 21.73
C GLU D 277 -7.30 9.11 21.86
N ASN D 278 -6.69 9.56 20.77
CA ASN D 278 -5.28 9.92 20.79
C ASN D 278 -5.00 10.92 21.91
N GLU D 279 -5.80 11.98 21.99
CA GLU D 279 -5.49 13.05 22.93
C GLU D 279 -5.71 12.60 24.37
N ALA D 280 -6.83 11.94 24.64
CA ALA D 280 -7.10 11.45 25.98
C ALA D 280 -5.98 10.53 26.44
N LYS D 281 -5.49 9.67 25.55
CA LYS D 281 -4.38 8.81 25.91
C LYS D 281 -3.13 9.62 26.21
N TYR D 282 -2.83 10.59 25.35
CA TYR D 282 -1.68 11.46 25.58
C TYR D 282 -1.74 12.08 26.97
N ILE D 283 -2.95 12.32 27.48
CA ILE D 283 -3.09 12.96 28.78
C ILE D 283 -2.93 11.96 29.91
N TRP D 284 -3.75 10.91 29.88
CA TRP D 284 -3.78 9.90 30.94
C TRP D 284 -2.37 9.49 31.37
N ASP D 285 -1.43 9.51 30.44
CA ASP D 285 -0.08 9.05 30.72
C ASP D 285 0.77 10.11 31.42
N GLY D 286 0.46 11.38 31.22
CA GLY D 286 1.22 12.45 31.80
C GLY D 286 2.19 13.13 30.88
N SER D 287 2.03 12.96 29.57
CA SER D 287 2.98 13.54 28.62
C SER D 287 2.74 15.02 28.42
N PHE D 288 1.47 15.44 28.41
CA PHE D 288 1.17 16.85 28.18
C PHE D 288 1.72 17.71 29.29
N ALA D 289 1.63 17.25 30.53
CA ALA D 289 2.18 18.00 31.65
C ALA D 289 3.67 18.22 31.46
N LYS D 290 4.38 17.18 31.04
CA LYS D 290 5.80 17.30 30.74
C LYS D 290 6.03 18.35 29.66
N GLU D 291 5.33 18.23 28.54
CA GLU D 291 5.45 19.18 27.45
C GLU D 291 5.31 20.61 27.96
N TRP D 292 4.23 20.87 28.69
CA TRP D 292 3.91 22.22 29.14
C TRP D 292 4.94 22.74 30.12
N SER D 293 5.36 21.91 31.07
CA SER D 293 6.37 22.32 32.03
C SER D 293 7.67 22.68 31.34
N LEU D 294 8.09 21.87 30.38
CA LEU D 294 9.32 22.15 29.66
C LEU D 294 9.20 23.45 28.89
N GLU D 295 8.09 23.67 28.20
CA GLU D 295 7.94 24.93 27.48
C GLU D 295 8.07 26.12 28.43
N GLN D 296 7.49 26.02 29.62
CA GLN D 296 7.70 27.06 30.61
C GLN D 296 9.19 27.27 30.88
N GLN D 297 9.95 26.17 30.96
CA GLN D 297 11.34 26.28 31.31
C GLN D 297 12.18 26.86 30.17
N ALA D 298 11.69 26.79 28.94
CA ALA D 298 12.47 27.25 27.80
C ALA D 298 12.24 28.73 27.50
N GLY D 299 11.04 29.24 27.74
CA GLY D 299 10.77 30.64 27.53
C GLY D 299 9.55 30.93 26.67
N TYR D 300 8.68 29.95 26.53
CA TYR D 300 7.43 30.13 25.80
C TYR D 300 7.66 30.58 24.36
N PRO D 301 8.60 29.97 23.63
CA PRO D 301 8.81 30.41 22.25
C PRO D 301 7.68 30.02 21.31
N VAL D 302 7.22 28.78 21.40
CA VAL D 302 6.14 28.31 20.54
C VAL D 302 4.87 29.10 20.80
N PHE D 303 4.52 29.25 22.08
CA PHE D 303 3.41 30.10 22.47
C PHE D 303 3.47 31.45 21.76
N TYR D 304 4.64 32.10 21.83
CA TYR D 304 4.84 33.39 21.20
C TYR D 304 4.57 33.32 19.71
N ARG D 305 5.25 32.42 19.01
CA ARG D 305 5.16 32.38 17.56
C ARG D 305 3.74 32.10 17.10
N LEU D 306 3.02 31.24 17.83
CA LEU D 306 1.66 30.92 17.43
C LEU D 306 0.73 32.10 17.67
N TRP D 307 0.87 32.76 18.82
CA TRP D 307 0.08 33.96 19.05
C TRP D 307 0.29 34.96 17.93
N GLU D 308 1.51 35.03 17.40
CA GLU D 308 1.75 35.92 16.27
C GLU D 308 1.05 35.42 15.01
N LEU D 309 1.33 34.18 14.62
CA LEU D 309 0.78 33.64 13.38
C LEU D 309 -0.73 33.74 13.33
N ALA D 310 -1.40 33.59 14.47
CA ALA D 310 -2.86 33.65 14.47
C ALA D 310 -3.35 35.06 14.19
N THR D 311 -2.76 36.05 14.85
CA THR D 311 -3.21 37.42 14.70
C THR D 311 -2.78 38.03 13.38
N GLN D 312 -1.67 37.58 12.82
CA GLN D 312 -1.21 38.04 11.53
C GLN D 312 -1.85 37.29 10.38
N SER D 313 -2.84 36.45 10.67
CA SER D 313 -3.58 35.79 9.62
C SER D 313 -4.52 36.77 8.93
N GLU D 314 -5.04 36.36 7.78
CA GLU D 314 -5.90 37.23 7.00
C GLU D 314 -7.27 37.40 7.67
N MET D 315 -7.84 36.29 8.14
CA MET D 315 -9.14 36.35 8.78
C MET D 315 -9.16 37.36 9.91
N ALA D 316 -8.10 37.41 10.71
CA ALA D 316 -8.08 38.30 11.86
C ALA D 316 -8.05 39.76 11.42
N LYS D 317 -7.26 40.07 10.40
CA LYS D 317 -7.20 41.44 9.91
C LYS D 317 -8.56 41.88 9.37
N ALA D 318 -9.20 41.02 8.59
CA ALA D 318 -10.53 41.35 8.08
C ALA D 318 -11.51 41.56 9.23
N GLU D 319 -11.48 40.67 10.22
CA GLU D 319 -12.32 40.83 11.39
C GLU D 319 -12.07 42.17 12.04
N LYS D 320 -10.82 42.61 12.06
CA LYS D 320 -10.47 43.89 12.67
C LYS D 320 -11.13 45.03 11.91
N GLU D 321 -10.88 45.11 10.61
CA GLU D 321 -11.53 46.14 9.80
C GLU D 321 -13.02 46.16 10.05
N LEU D 322 -13.63 44.99 10.09
CA LEU D 322 -15.08 44.90 10.21
C LEU D 322 -15.57 45.40 11.56
N TYR D 323 -15.12 44.78 12.64
CA TYR D 323 -15.54 45.18 13.98
C TYR D 323 -15.43 46.69 14.14
N LYS D 324 -14.36 47.26 13.60
CA LYS D 324 -14.22 48.72 13.62
C LYS D 324 -15.35 49.37 12.87
N LEU D 325 -15.82 48.74 11.79
CA LEU D 325 -16.86 49.33 10.97
C LEU D 325 -18.22 49.27 11.65
N LEU D 326 -18.54 48.16 12.29
CA LEU D 326 -19.79 48.04 13.03
C LEU D 326 -19.76 48.80 14.35
N GLY D 327 -18.64 49.41 14.69
CA GLY D 327 -18.50 50.13 15.95
C GLY D 327 -18.11 49.26 17.12
N ARG D 328 -18.25 47.95 17.01
CA ARG D 328 -17.80 47.05 18.07
C ARG D 328 -16.35 47.33 18.41
N LYS D 329 -16.12 47.71 19.66
CA LYS D 329 -14.78 48.05 20.12
C LYS D 329 -13.76 46.96 19.85
N ASP E 2 -23.59 -12.53 -45.04
CA ASP E 2 -23.58 -12.00 -43.68
C ASP E 2 -24.98 -11.80 -43.14
N LYS E 3 -25.05 -11.17 -41.96
CA LYS E 3 -26.31 -10.71 -41.39
C LYS E 3 -27.02 -9.62 -42.17
N THR E 4 -26.40 -9.15 -43.25
CA THR E 4 -26.73 -7.87 -43.84
C THR E 4 -27.88 -8.00 -44.83
N VAL E 5 -28.55 -6.87 -45.05
CA VAL E 5 -29.68 -6.79 -45.94
C VAL E 5 -29.49 -5.61 -46.87
N LEU E 6 -29.92 -5.76 -48.12
CA LEU E 6 -29.62 -4.78 -49.15
C LEU E 6 -30.88 -4.29 -49.85
N ASP E 7 -31.88 -5.14 -49.99
CA ASP E 7 -33.18 -4.76 -50.52
C ASP E 7 -34.15 -5.89 -50.20
N ALA E 8 -35.43 -5.57 -50.24
CA ALA E 8 -36.45 -6.55 -49.88
C ALA E 8 -37.80 -6.09 -50.43
N ASN E 9 -38.85 -6.80 -50.02
CA ASN E 9 -40.18 -6.63 -50.57
C ASN E 9 -40.89 -5.44 -49.93
N LEU E 10 -42.06 -5.13 -50.48
CA LEU E 10 -42.88 -4.05 -49.98
C LEU E 10 -44.37 -4.39 -49.98
N ASP E 11 -44.73 -5.67 -50.12
CA ASP E 11 -46.13 -6.06 -50.26
C ASP E 11 -46.93 -5.93 -48.96
N PRO E 12 -46.36 -6.17 -47.77
CA PRO E 12 -47.21 -6.28 -46.59
C PRO E 12 -47.93 -4.99 -46.23
N LEU E 13 -47.42 -3.85 -46.70
CA LEU E 13 -47.98 -2.56 -46.36
C LEU E 13 -48.96 -2.04 -47.38
N LYS E 14 -49.12 -2.73 -48.51
CA LYS E 14 -50.00 -2.26 -49.56
C LYS E 14 -51.43 -2.68 -49.24
N GLY E 15 -52.30 -1.69 -49.05
CA GLY E 15 -53.66 -1.89 -48.59
C GLY E 15 -53.88 -1.44 -47.17
N LYS E 16 -52.81 -1.27 -46.39
CA LYS E 16 -52.90 -0.86 -45.01
C LYS E 16 -52.72 0.66 -44.89
N THR E 17 -53.30 1.21 -43.84
CA THR E 17 -53.13 2.61 -43.51
C THR E 17 -52.04 2.76 -42.46
N ILE E 18 -51.35 3.89 -42.51
CA ILE E 18 -50.18 4.14 -41.67
C ILE E 18 -50.32 5.49 -41.00
N GLY E 19 -49.96 5.54 -39.72
CA GLY E 19 -50.03 6.76 -38.95
C GLY E 19 -48.68 7.15 -38.41
N VAL E 20 -48.29 8.41 -38.59
CA VAL E 20 -46.99 8.91 -38.17
C VAL E 20 -47.22 9.88 -37.03
N ILE E 21 -46.62 9.60 -35.88
CA ILE E 21 -46.74 10.43 -34.71
C ILE E 21 -45.58 11.40 -34.66
N GLY E 22 -45.89 12.68 -34.56
CA GLY E 22 -44.87 13.70 -34.58
C GLY E 22 -44.51 14.12 -35.98
N TYR E 23 -44.24 15.40 -36.15
CA TYR E 23 -43.85 15.96 -37.44
C TYR E 23 -42.62 16.84 -37.26
N GLY E 24 -41.68 16.39 -36.44
CA GLY E 24 -40.43 17.09 -36.27
C GLY E 24 -39.51 16.82 -37.43
N ASN E 25 -38.22 16.62 -37.13
CA ASN E 25 -37.28 16.32 -38.20
C ASN E 25 -37.57 14.96 -38.83
N GLN E 26 -37.48 13.90 -38.03
CA GLN E 26 -37.67 12.55 -38.55
C GLN E 26 -39.05 12.40 -39.17
N GLY E 27 -40.10 12.62 -38.38
CA GLY E 27 -41.45 12.37 -38.87
C GLY E 27 -41.70 12.99 -40.22
N ARG E 28 -41.41 14.29 -40.36
CA ARG E 28 -41.57 14.96 -41.64
C ARG E 28 -40.88 14.18 -42.74
N VAL E 29 -39.62 13.80 -42.51
CA VAL E 29 -38.83 13.17 -43.56
C VAL E 29 -39.45 11.83 -43.97
N GLN E 30 -39.55 10.91 -43.01
CA GLN E 30 -40.04 9.58 -43.33
C GLN E 30 -41.42 9.65 -43.98
N ALA E 31 -42.30 10.51 -43.45
CA ALA E 31 -43.65 10.66 -43.96
C ALA E 31 -43.63 11.09 -45.42
N THR E 32 -42.94 12.18 -45.72
CA THR E 32 -42.85 12.66 -47.08
C THR E 32 -42.38 11.55 -48.02
N ILE E 33 -41.29 10.88 -47.64
CA ILE E 33 -40.71 9.86 -48.53
C ILE E 33 -41.70 8.75 -48.77
N MET E 34 -42.13 8.07 -47.71
CA MET E 34 -43.06 6.96 -47.86
C MET E 34 -44.31 7.37 -48.60
N ARG E 35 -44.72 8.64 -48.53
CA ARG E 35 -45.79 9.10 -49.38
C ARG E 35 -45.39 9.04 -50.84
N GLU E 36 -44.16 9.46 -51.15
CA GLU E 36 -43.69 9.36 -52.52
C GLU E 36 -43.73 7.93 -53.03
N ASN E 37 -43.45 6.97 -52.18
CA ASN E 37 -43.43 5.57 -52.58
C ASN E 37 -44.81 4.94 -52.64
N GLY E 38 -45.87 5.76 -52.62
CA GLY E 38 -47.21 5.24 -52.85
C GLY E 38 -47.81 4.55 -51.66
N LEU E 39 -48.04 5.29 -50.58
CA LEU E 39 -48.63 4.73 -49.37
C LEU E 39 -49.60 5.72 -48.76
N ASN E 40 -50.75 5.20 -48.32
CA ASN E 40 -51.74 6.01 -47.64
C ASN E 40 -51.22 6.36 -46.26
N VAL E 41 -51.09 7.66 -45.99
CA VAL E 41 -50.40 8.13 -44.80
C VAL E 41 -51.21 9.22 -44.14
N ILE E 42 -51.17 9.26 -42.82
CA ILE E 42 -51.80 10.28 -42.01
C ILE E 42 -50.81 10.75 -40.97
N VAL E 43 -51.26 11.63 -40.10
CA VAL E 43 -50.39 12.23 -39.10
C VAL E 43 -51.18 12.47 -37.82
N GLY E 44 -50.49 12.33 -36.69
CA GLY E 44 -51.07 12.60 -35.40
C GLY E 44 -50.20 13.53 -34.60
N ASN E 45 -50.76 14.66 -34.17
CA ASN E 45 -50.00 15.64 -33.41
C ASN E 45 -50.97 16.63 -32.80
N VAL E 46 -50.54 17.25 -31.72
CA VAL E 46 -51.32 18.29 -31.06
C VAL E 46 -51.25 19.56 -31.88
N LYS E 47 -52.26 20.41 -31.73
CA LYS E 47 -52.38 21.61 -32.56
C LYS E 47 -51.32 22.62 -32.16
N ASP E 48 -50.26 22.69 -32.95
CA ASP E 48 -49.20 23.66 -32.75
C ASP E 48 -48.58 23.99 -34.11
N LYS E 49 -47.39 24.55 -34.09
CA LYS E 49 -46.66 24.91 -35.31
C LYS E 49 -46.63 23.75 -36.29
N TYR E 50 -46.03 22.63 -35.87
CA TYR E 50 -45.88 21.48 -36.76
C TYR E 50 -47.22 21.04 -37.34
N TYR E 51 -48.30 21.21 -36.58
CA TYR E 51 -49.62 20.82 -37.09
C TYR E 51 -49.97 21.60 -38.34
N GLU E 52 -49.87 22.93 -38.27
CA GLU E 52 -50.13 23.76 -39.44
C GLU E 52 -49.20 23.40 -40.58
N LEU E 53 -47.91 23.23 -40.29
CA LEU E 53 -46.95 22.89 -41.33
C LEU E 53 -47.35 21.61 -42.04
N ALA E 54 -47.68 20.57 -41.28
CA ALA E 54 -47.95 19.27 -41.88
C ALA E 54 -49.22 19.30 -42.72
N LYS E 55 -50.29 19.90 -42.20
CA LYS E 55 -51.50 20.01 -43.00
C LYS E 55 -51.27 20.84 -44.25
N LYS E 56 -50.37 21.82 -44.17
CA LYS E 56 -49.99 22.60 -45.34
C LYS E 56 -49.32 21.72 -46.39
N GLU E 57 -48.39 20.88 -45.97
CA GLU E 57 -47.64 20.05 -46.91
C GLU E 57 -48.48 18.93 -47.53
N GLY E 58 -49.78 18.91 -47.28
CA GLY E 58 -50.66 17.97 -47.95
C GLY E 58 -51.04 16.75 -47.16
N PHE E 59 -50.97 16.80 -45.84
CA PHE E 59 -51.25 15.67 -44.97
C PHE E 59 -52.56 15.88 -44.23
N GLU E 60 -53.38 14.84 -44.22
CA GLU E 60 -54.60 14.84 -43.41
C GLU E 60 -54.22 14.63 -41.96
N VAL E 61 -54.60 15.56 -41.10
CA VAL E 61 -54.12 15.60 -39.73
C VAL E 61 -55.30 15.42 -38.78
N TYR E 62 -55.21 14.39 -37.95
CA TYR E 62 -56.05 14.19 -36.79
C TYR E 62 -55.15 14.17 -35.57
N GLU E 63 -55.76 14.24 -34.39
CA GLU E 63 -54.94 14.11 -33.21
C GLU E 63 -54.81 12.63 -32.83
N ILE E 64 -53.97 12.38 -31.85
CA ILE E 64 -53.20 11.14 -31.78
C ILE E 64 -54.11 9.92 -31.68
N ASP E 65 -54.86 9.82 -30.59
CA ASP E 65 -55.69 8.63 -30.38
C ASP E 65 -56.53 8.31 -31.60
N GLU E 66 -57.09 9.34 -32.24
CA GLU E 66 -57.88 9.13 -33.45
C GLU E 66 -57.04 8.49 -34.55
N ALA E 67 -55.82 9.00 -34.74
CA ALA E 67 -54.94 8.44 -35.76
C ALA E 67 -54.63 6.98 -35.50
N VAL E 68 -54.53 6.60 -34.22
CA VAL E 68 -54.23 5.21 -33.91
C VAL E 68 -55.45 4.32 -34.16
N ARG E 69 -56.65 4.88 -34.05
CA ARG E 69 -57.83 4.08 -34.37
C ARG E 69 -57.88 3.75 -35.85
N ARG E 70 -57.55 4.71 -36.70
CA ARG E 70 -57.65 4.51 -38.15
C ARG E 70 -56.48 3.74 -38.73
N SER E 71 -55.45 3.45 -37.93
CA SER E 71 -54.20 2.90 -38.43
C SER E 71 -54.07 1.44 -38.07
N ASP E 72 -53.48 0.68 -38.97
CA ASP E 72 -53.00 -0.67 -38.68
C ASP E 72 -51.51 -0.68 -38.37
N VAL E 73 -50.82 0.44 -38.58
CA VAL E 73 -49.41 0.58 -38.29
C VAL E 73 -49.15 2.00 -37.83
N ALA E 74 -48.19 2.17 -36.93
CA ALA E 74 -47.91 3.46 -36.34
C ALA E 74 -46.42 3.62 -36.11
N LEU E 75 -45.93 4.84 -36.33
CA LEU E 75 -44.53 5.20 -36.08
C LEU E 75 -44.49 6.23 -34.98
N LEU E 76 -43.83 5.88 -33.89
CA LEU E 76 -43.79 6.72 -32.69
C LEU E 76 -42.51 7.53 -32.71
N LEU E 77 -42.51 8.58 -33.51
CA LEU E 77 -41.33 9.42 -33.72
C LEU E 77 -41.43 10.69 -32.90
N ILE E 78 -41.16 10.55 -31.61
CA ILE E 78 -41.12 11.69 -30.72
C ILE E 78 -39.98 11.51 -29.71
N PRO E 79 -39.59 12.55 -28.99
CA PRO E 79 -38.48 12.42 -28.05
C PRO E 79 -38.71 11.33 -27.03
N ASP E 80 -37.59 10.72 -26.60
CA ASP E 80 -37.63 9.66 -25.62
C ASP E 80 -37.92 10.15 -24.21
N GLU E 81 -38.11 11.45 -24.03
CA GLU E 81 -38.32 12.03 -22.71
C GLU E 81 -39.79 12.26 -22.39
N VAL E 82 -40.65 12.25 -23.39
CA VAL E 82 -42.08 12.50 -23.22
C VAL E 82 -42.94 11.41 -23.81
N MET E 83 -42.33 10.39 -24.42
CA MET E 83 -43.11 9.34 -25.04
C MET E 83 -43.92 8.56 -24.01
N LYS E 84 -43.44 8.49 -22.77
CA LYS E 84 -44.07 7.66 -21.77
C LYS E 84 -45.49 8.11 -21.47
N GLU E 85 -45.65 9.37 -21.09
CA GLU E 85 -46.98 9.87 -20.74
C GLU E 85 -47.91 9.78 -21.94
N VAL E 86 -47.42 10.16 -23.11
CA VAL E 86 -48.21 10.08 -24.33
C VAL E 86 -48.72 8.68 -24.54
N TYR E 87 -47.85 7.69 -24.35
CA TYR E 87 -48.25 6.30 -24.53
C TYR E 87 -49.29 5.89 -23.49
N GLU E 88 -49.07 6.28 -22.24
CA GLU E 88 -49.93 5.82 -21.16
C GLU E 88 -51.33 6.37 -21.29
N LYS E 89 -51.45 7.67 -21.57
CA LYS E 89 -52.74 8.33 -21.52
C LYS E 89 -53.57 8.05 -22.76
N LYS E 90 -52.96 8.21 -23.94
CA LYS E 90 -53.70 8.27 -25.19
C LYS E 90 -53.65 7.00 -26.01
N ILE E 91 -52.54 6.27 -25.97
CA ILE E 91 -52.33 5.16 -26.88
C ILE E 91 -52.81 3.85 -26.25
N ALA E 92 -52.22 3.49 -25.12
CA ALA E 92 -52.52 2.21 -24.50
C ALA E 92 -54.00 1.86 -24.45
N PRO E 93 -54.90 2.79 -24.11
CA PRO E 93 -56.33 2.46 -24.13
C PRO E 93 -56.81 1.98 -25.50
N VAL E 94 -56.65 2.88 -26.47
CA VAL E 94 -57.02 2.57 -27.85
C VAL E 94 -56.41 1.24 -28.27
N LEU E 95 -55.23 0.94 -27.74
CA LEU E 95 -54.48 -0.23 -28.14
C LEU E 95 -55.04 -1.50 -27.51
N GLN E 96 -55.46 -1.42 -26.25
CA GLN E 96 -56.18 -2.53 -25.66
C GLN E 96 -57.35 -2.93 -26.54
N GLY E 97 -57.98 -1.96 -27.20
CA GLY E 97 -59.08 -2.27 -28.08
C GLY E 97 -58.67 -2.53 -29.52
N LYS E 98 -57.66 -3.38 -29.72
CA LYS E 98 -57.19 -3.71 -31.07
C LYS E 98 -57.08 -5.22 -31.22
N LYS E 99 -56.85 -5.64 -32.46
CA LYS E 99 -56.76 -7.04 -32.83
C LYS E 99 -55.39 -7.41 -33.38
N GLU E 100 -54.93 -6.71 -34.42
CA GLU E 100 -53.65 -6.99 -35.07
C GLU E 100 -53.03 -5.63 -35.37
N PHE E 101 -52.02 -5.26 -34.58
CA PHE E 101 -51.42 -3.95 -34.69
C PHE E 101 -49.91 -4.09 -34.76
N VAL E 102 -49.26 -2.98 -35.13
CA VAL E 102 -47.82 -2.93 -35.30
C VAL E 102 -47.33 -1.59 -34.78
N LEU E 103 -46.21 -1.63 -34.06
CA LEU E 103 -45.68 -0.45 -33.39
C LEU E 103 -44.19 -0.36 -33.66
N ASP E 104 -43.76 0.76 -34.22
CA ASP E 104 -42.38 0.97 -34.61
C ASP E 104 -41.78 2.12 -33.80
N PHE E 105 -40.51 1.96 -33.45
CA PHE E 105 -39.76 2.99 -32.76
C PHE E 105 -38.47 3.29 -33.52
N ALA E 106 -37.93 4.47 -33.27
CA ALA E 106 -36.61 4.83 -33.77
C ALA E 106 -35.54 4.73 -32.71
N SER E 107 -35.92 4.47 -31.46
CA SER E 107 -34.98 4.29 -30.36
C SER E 107 -35.51 3.21 -29.43
N GLY E 108 -34.58 2.47 -28.84
CA GLY E 108 -34.93 1.39 -27.93
C GLY E 108 -34.76 1.70 -26.47
N TYR E 109 -34.58 2.97 -26.11
CA TYR E 109 -34.35 3.33 -24.72
C TYR E 109 -35.53 2.95 -23.85
N ASN E 110 -36.71 3.49 -24.15
CA ASN E 110 -37.86 3.33 -23.28
C ASN E 110 -38.39 1.90 -23.25
N VAL E 111 -37.95 1.05 -24.16
CA VAL E 111 -38.40 -0.34 -24.21
C VAL E 111 -37.36 -1.28 -23.65
N ALA E 112 -36.10 -1.10 -24.04
CA ALA E 112 -35.03 -1.94 -23.53
C ALA E 112 -35.00 -1.94 -22.01
N PHE E 113 -35.39 -0.84 -21.40
CA PHE E 113 -35.37 -0.68 -19.95
C PHE E 113 -36.73 -0.84 -19.30
N GLY E 114 -37.76 -1.15 -20.08
CA GLY E 114 -39.03 -1.54 -19.52
C GLY E 114 -39.94 -0.40 -19.11
N LEU E 115 -39.63 0.83 -19.52
CA LEU E 115 -40.51 1.95 -19.24
C LEU E 115 -41.77 1.91 -20.09
N ILE E 116 -41.82 1.03 -21.08
CA ILE E 116 -42.98 0.85 -21.94
C ILE E 116 -43.10 -0.62 -22.24
N ARG E 117 -44.24 -1.21 -21.85
CA ARG E 117 -44.45 -2.65 -21.96
C ARG E 117 -45.77 -2.87 -22.68
N PRO E 118 -45.75 -2.90 -24.01
CA PRO E 118 -46.99 -3.10 -24.75
C PRO E 118 -47.51 -4.51 -24.58
N PRO E 119 -48.74 -4.77 -24.97
CA PRO E 119 -49.31 -6.11 -24.80
C PRO E 119 -48.69 -7.14 -25.72
N LYS E 120 -49.19 -8.36 -25.64
CA LYS E 120 -48.76 -9.45 -26.51
C LYS E 120 -49.59 -9.54 -27.77
N SER E 121 -50.65 -8.75 -27.89
CA SER E 121 -51.47 -8.68 -29.08
C SER E 121 -50.82 -7.85 -30.17
N VAL E 122 -49.54 -7.51 -30.02
CA VAL E 122 -48.91 -6.45 -30.80
C VAL E 122 -47.56 -6.94 -31.30
N ASP E 123 -47.19 -6.47 -32.48
CA ASP E 123 -45.87 -6.70 -33.05
C ASP E 123 -45.02 -5.47 -32.76
N THR E 124 -43.95 -5.66 -32.01
CA THR E 124 -43.11 -4.57 -31.55
C THR E 124 -41.77 -4.62 -32.28
N ILE E 125 -41.44 -3.54 -32.98
CA ILE E 125 -40.28 -3.53 -33.86
C ILE E 125 -39.49 -2.26 -33.67
N MET E 126 -38.49 -2.06 -34.53
CA MET E 126 -37.52 -1.00 -34.35
C MET E 126 -36.87 -0.71 -35.69
N VAL E 127 -36.71 0.58 -35.98
CA VAL E 127 -36.00 1.01 -37.19
C VAL E 127 -35.23 2.28 -36.86
N ALA E 128 -33.91 2.18 -36.80
CA ALA E 128 -33.06 3.25 -36.31
C ALA E 128 -32.10 3.72 -37.38
N PRO E 129 -32.27 4.91 -37.93
CA PRO E 129 -31.30 5.44 -38.89
C PRO E 129 -30.04 5.92 -38.18
N ARG E 130 -29.03 6.24 -38.98
CA ARG E 130 -27.76 6.74 -38.49
C ARG E 130 -27.39 8.01 -39.23
N MET E 131 -28.36 8.91 -39.38
CA MET E 131 -28.14 10.21 -40.01
C MET E 131 -29.05 11.23 -39.34
N VAL E 132 -28.61 12.48 -39.36
CA VAL E 132 -29.28 13.53 -38.60
C VAL E 132 -30.68 13.77 -39.15
N GLY E 133 -30.85 13.74 -40.47
CA GLY E 133 -32.12 14.05 -41.07
C GLY E 133 -31.99 15.16 -42.10
N GLU E 134 -31.16 16.15 -41.80
CA GLU E 134 -30.90 17.20 -42.77
C GLU E 134 -30.19 16.64 -44.00
N GLY E 135 -29.26 15.71 -43.79
CA GLY E 135 -28.57 15.08 -44.90
C GLY E 135 -29.34 13.95 -45.55
N ILE E 136 -30.29 13.36 -44.82
CA ILE E 136 -31.03 12.23 -45.38
C ILE E 136 -31.79 12.66 -46.63
N MET E 137 -32.46 13.81 -46.56
CA MET E 137 -33.10 14.35 -47.76
C MET E 137 -32.06 14.67 -48.82
N ASP E 138 -30.97 15.32 -48.41
CA ASP E 138 -29.86 15.61 -49.32
C ASP E 138 -29.39 14.38 -50.07
N LEU E 139 -29.63 13.19 -49.53
CA LEU E 139 -29.25 11.94 -50.20
C LEU E 139 -30.40 11.30 -50.94
N HIS E 140 -31.64 11.45 -50.46
CA HIS E 140 -32.76 10.84 -51.15
C HIS E 140 -32.94 11.42 -52.54
N LYS E 141 -32.62 12.71 -52.71
CA LYS E 141 -32.76 13.32 -54.03
C LYS E 141 -31.88 12.63 -55.06
N GLN E 142 -30.78 12.03 -54.63
CA GLN E 142 -29.84 11.36 -55.51
C GLN E 142 -30.17 9.90 -55.73
N GLY E 143 -31.32 9.43 -55.26
CA GLY E 143 -31.63 8.02 -55.29
C GLY E 143 -30.75 7.18 -54.40
N LYS E 144 -30.02 7.82 -53.49
CA LYS E 144 -29.14 7.10 -52.58
C LYS E 144 -29.92 6.61 -51.36
N GLY E 145 -29.45 5.50 -50.79
CA GLY E 145 -30.00 4.99 -49.55
C GLY E 145 -29.20 5.48 -48.37
N TYR E 146 -29.39 4.81 -47.24
CA TYR E 146 -28.61 5.12 -46.04
C TYR E 146 -28.78 3.96 -45.07
N PRO E 147 -27.89 3.85 -44.09
CA PRO E 147 -27.95 2.73 -43.15
C PRO E 147 -28.99 2.88 -42.06
N VAL E 148 -29.42 1.74 -41.54
CA VAL E 148 -30.37 1.66 -40.43
C VAL E 148 -30.12 0.38 -39.67
N LEU E 149 -30.68 0.31 -38.47
CA LEU E 149 -30.67 -0.89 -37.66
C LEU E 149 -32.09 -1.39 -37.46
N LEU E 150 -32.21 -2.71 -37.36
CA LEU E 150 -33.50 -3.36 -37.19
C LEU E 150 -33.50 -4.19 -35.92
N GLY E 151 -34.68 -4.30 -35.33
CA GLY E 151 -34.82 -5.10 -34.13
C GLY E 151 -36.26 -5.48 -33.92
N VAL E 152 -36.44 -6.58 -33.19
CA VAL E 152 -37.77 -7.10 -32.89
C VAL E 152 -37.79 -7.53 -31.43
N LYS E 153 -38.82 -7.10 -30.71
CA LYS E 153 -39.00 -7.40 -29.31
C LYS E 153 -40.12 -8.38 -29.05
N GLN E 154 -41.16 -8.37 -29.89
CA GLN E 154 -42.37 -9.13 -29.64
C GLN E 154 -43.02 -9.45 -30.97
N ASP E 155 -43.07 -10.73 -31.32
CA ASP E 155 -43.68 -11.18 -32.57
C ASP E 155 -44.94 -11.97 -32.24
N ALA E 156 -46.08 -11.45 -32.67
CA ALA E 156 -47.35 -12.13 -32.49
C ALA E 156 -47.94 -12.61 -33.81
N SER E 157 -47.21 -12.45 -34.91
CA SER E 157 -47.74 -12.75 -36.23
C SER E 157 -46.74 -13.45 -37.14
N GLY E 158 -45.54 -13.74 -36.67
CA GLY E 158 -44.53 -14.39 -37.48
C GLY E 158 -44.15 -13.62 -38.73
N LYS E 159 -44.54 -12.35 -38.80
CA LYS E 159 -44.26 -11.51 -39.96
C LYS E 159 -43.51 -10.23 -39.62
N ALA E 160 -43.00 -10.13 -38.39
CA ALA E 160 -42.42 -8.87 -37.94
C ALA E 160 -41.25 -8.45 -38.83
N TRP E 161 -40.28 -9.35 -39.03
CA TRP E 161 -39.11 -9.01 -39.83
C TRP E 161 -39.50 -8.50 -41.21
N ASP E 162 -40.48 -9.16 -41.83
CA ASP E 162 -40.95 -8.70 -43.13
C ASP E 162 -41.46 -7.27 -43.05
N TYR E 163 -42.25 -6.97 -42.02
CA TYR E 163 -42.73 -5.61 -41.83
C TYR E 163 -41.56 -4.64 -41.69
N ALA E 164 -40.56 -5.02 -40.90
CA ALA E 164 -39.43 -4.12 -40.65
C ALA E 164 -38.70 -3.80 -41.95
N LYS E 165 -38.41 -4.82 -42.75
CA LYS E 165 -37.73 -4.59 -44.01
C LYS E 165 -38.59 -3.75 -44.95
N ALA E 166 -39.89 -4.03 -44.98
CA ALA E 166 -40.80 -3.22 -45.78
C ALA E 166 -40.72 -1.76 -45.39
N ILE E 167 -40.72 -1.48 -44.09
CA ILE E 167 -40.58 -0.10 -43.62
C ILE E 167 -39.27 0.49 -44.13
N ALA E 168 -38.17 -0.21 -43.86
CA ALA E 168 -36.86 0.27 -44.28
C ALA E 168 -36.89 0.69 -45.75
N LYS E 169 -37.57 -0.10 -46.58
CA LYS E 169 -37.68 0.26 -47.98
C LYS E 169 -38.59 1.45 -48.18
N GLY E 170 -39.65 1.57 -47.38
CA GLY E 170 -40.61 2.63 -47.58
C GLY E 170 -40.06 4.01 -47.31
N ILE E 171 -39.01 4.10 -46.48
CA ILE E 171 -38.43 5.38 -46.13
C ILE E 171 -37.19 5.70 -46.95
N GLY E 172 -36.82 4.85 -47.89
CA GLY E 172 -35.74 5.15 -48.80
C GLY E 172 -34.36 4.84 -48.29
N ALA E 173 -34.24 4.07 -47.22
CA ALA E 173 -32.92 3.65 -46.75
C ALA E 173 -32.31 2.64 -47.71
N ILE E 174 -33.14 1.80 -48.32
CA ILE E 174 -32.68 0.81 -49.28
C ILE E 174 -33.67 0.73 -50.43
N PRO E 175 -33.21 0.32 -51.62
CA PRO E 175 -31.81 0.00 -51.91
C PRO E 175 -30.96 1.24 -52.09
N GLY E 176 -29.64 1.08 -51.94
CA GLY E 176 -28.72 2.20 -52.00
C GLY E 176 -27.90 2.27 -50.74
N GLY E 177 -28.54 1.96 -49.61
CA GLY E 177 -27.86 1.83 -48.35
C GLY E 177 -27.91 0.40 -47.88
N ILE E 178 -27.98 0.19 -46.57
CA ILE E 178 -28.07 -1.16 -46.03
C ILE E 178 -28.92 -1.17 -44.76
N ALA E 179 -29.13 -2.35 -44.20
CA ALA E 179 -29.92 -2.52 -43.00
C ALA E 179 -29.34 -3.67 -42.21
N VAL E 180 -29.09 -3.42 -40.92
CA VAL E 180 -28.54 -4.42 -40.03
C VAL E 180 -29.59 -4.87 -39.05
N ILE E 181 -29.58 -6.16 -38.74
CA ILE E 181 -30.49 -6.74 -37.78
C ILE E 181 -29.79 -6.73 -36.42
N SER E 182 -30.51 -6.29 -35.40
CA SER E 182 -29.94 -6.19 -34.07
C SER E 182 -31.10 -6.18 -33.07
N SER E 183 -30.81 -5.78 -31.84
CA SER E 183 -31.78 -5.73 -30.77
C SER E 183 -32.05 -4.28 -30.40
N PHE E 184 -33.05 -4.11 -29.53
CA PHE E 184 -33.26 -2.81 -28.91
C PHE E 184 -32.10 -2.46 -28.00
N GLU E 185 -31.54 -3.46 -27.34
CA GLU E 185 -30.46 -3.23 -26.38
C GLU E 185 -29.19 -2.80 -27.08
N GLU E 186 -28.82 -3.52 -28.14
CA GLU E 186 -27.60 -3.22 -28.88
C GLU E 186 -27.64 -1.88 -29.57
N GLU E 187 -28.78 -1.18 -29.55
CA GLU E 187 -28.88 0.16 -30.09
C GLU E 187 -28.82 1.23 -29.01
N ALA E 188 -29.57 1.04 -27.92
CA ALA E 188 -29.47 1.95 -26.80
C ALA E 188 -28.06 1.99 -26.27
N LEU E 189 -27.47 0.81 -26.07
CA LEU E 189 -26.10 0.72 -25.61
C LEU E 189 -25.18 1.60 -26.44
N LEU E 190 -25.30 1.52 -27.75
CA LEU E 190 -24.41 2.27 -28.63
C LEU E 190 -24.70 3.76 -28.57
N ASP E 191 -25.98 4.13 -28.73
CA ASP E 191 -26.34 5.54 -28.70
C ASP E 191 -25.85 6.21 -27.42
N LEU E 192 -25.72 5.44 -26.35
CA LEU E 192 -25.28 6.01 -25.08
C LEU E 192 -23.76 6.00 -24.94
N MET E 193 -23.12 4.87 -25.24
CA MET E 193 -21.69 4.76 -25.01
C MET E 193 -20.91 5.85 -25.73
N SER E 194 -21.39 6.28 -26.90
CA SER E 194 -20.77 7.42 -27.56
C SER E 194 -20.88 8.66 -26.69
N GLU E 195 -22.05 8.91 -26.14
CA GLU E 195 -22.31 10.11 -25.34
C GLU E 195 -21.67 10.05 -23.97
N HIS E 196 -21.11 8.90 -23.59
CA HIS E 196 -20.52 8.74 -22.27
C HIS E 196 -19.02 8.49 -22.29
N THR E 197 -18.42 8.17 -23.43
CA THR E 197 -17.01 7.79 -23.43
C THR E 197 -16.11 8.76 -24.18
N TRP E 198 -16.24 8.89 -25.50
CA TRP E 198 -15.18 9.60 -26.22
C TRP E 198 -15.49 11.06 -26.44
N VAL E 199 -16.76 11.44 -26.49
CA VAL E 199 -17.15 12.84 -26.59
C VAL E 199 -16.68 13.60 -25.36
N PRO E 200 -17.11 13.19 -24.16
CA PRO E 200 -16.69 13.94 -22.97
C PRO E 200 -15.20 13.87 -22.70
N ILE E 201 -14.59 12.72 -23.00
CA ILE E 201 -13.15 12.61 -22.85
C ILE E 201 -12.45 13.61 -23.75
N LEU E 202 -12.85 13.67 -25.01
CA LEU E 202 -12.31 14.64 -25.94
C LEU E 202 -12.43 16.05 -25.39
N PHE E 203 -13.63 16.42 -24.95
CA PHE E 203 -13.83 17.78 -24.46
C PHE E 203 -12.96 18.07 -23.26
N GLY E 204 -12.89 17.14 -22.31
CA GLY E 204 -12.06 17.35 -21.14
C GLY E 204 -10.59 17.48 -21.48
N ALA E 205 -10.14 16.68 -22.45
CA ALA E 205 -8.75 16.76 -22.87
C ALA E 205 -8.44 18.12 -23.46
N ILE E 206 -9.32 18.62 -24.32
CA ILE E 206 -9.12 19.94 -24.91
C ILE E 206 -9.06 21.00 -23.82
N LYS E 207 -10.04 20.97 -22.92
CA LYS E 207 -10.08 21.95 -21.84
C LYS E 207 -8.81 21.90 -21.00
N ALA E 208 -8.33 20.70 -20.72
CA ALA E 208 -7.13 20.55 -19.91
C ALA E 208 -5.91 21.10 -20.63
N CYS E 209 -5.80 20.83 -21.93
CA CYS E 209 -4.70 21.38 -22.70
C CYS E 209 -4.71 22.90 -22.62
N TYR E 210 -5.87 23.50 -22.79
CA TYR E 210 -5.98 24.95 -22.69
C TYR E 210 -5.50 25.43 -21.33
N ASP E 211 -6.10 24.91 -20.26
CA ASP E 211 -5.78 25.36 -18.92
C ASP E 211 -4.29 25.25 -18.64
N ILE E 212 -3.71 24.11 -19.03
CA ILE E 212 -2.29 23.87 -18.78
C ILE E 212 -1.44 24.88 -19.53
N ALA E 213 -1.60 24.91 -20.86
CA ALA E 213 -0.79 25.80 -21.67
C ALA E 213 -0.84 27.23 -21.16
N VAL E 214 -1.99 27.64 -20.62
CA VAL E 214 -2.10 29.02 -20.16
C VAL E 214 -1.40 29.20 -18.82
N LYS E 215 -1.71 28.34 -17.85
CA LYS E 215 -1.33 28.59 -16.47
C LYS E 215 0.03 28.01 -16.09
N GLU E 216 0.74 27.38 -17.02
CA GLU E 216 2.05 26.83 -16.70
C GLU E 216 3.12 27.12 -17.72
N TYR E 217 2.77 27.61 -18.91
CA TYR E 217 3.75 27.94 -19.93
C TYR E 217 3.53 29.32 -20.53
N GLY E 218 2.72 30.13 -19.88
CA GLY E 218 2.61 31.53 -20.25
C GLY E 218 2.08 31.78 -21.64
N VAL E 219 1.20 30.93 -22.11
CA VAL E 219 0.66 31.08 -23.45
C VAL E 219 -0.51 32.04 -23.42
N SER E 220 -0.80 32.64 -24.56
CA SER E 220 -1.92 33.55 -24.69
C SER E 220 -3.19 32.77 -25.01
N PRO E 221 -4.34 33.18 -24.46
CA PRO E 221 -5.58 32.47 -24.77
C PRO E 221 -5.93 32.46 -26.23
N GLU E 222 -5.62 33.54 -26.94
CA GLU E 222 -6.03 33.68 -28.33
C GLU E 222 -5.34 32.70 -29.27
N ALA E 223 -4.35 31.96 -28.78
CA ALA E 223 -3.57 31.05 -29.61
C ALA E 223 -3.91 29.59 -29.34
N ALA E 224 -4.06 29.24 -28.06
CA ALA E 224 -4.49 27.90 -27.69
C ALA E 224 -5.75 27.51 -28.45
N LEU E 225 -6.74 28.40 -28.46
CA LEU E 225 -7.99 28.12 -29.15
C LEU E 225 -7.76 27.85 -30.63
N LEU E 226 -6.95 28.69 -31.27
CA LEU E 226 -6.66 28.51 -32.68
C LEU E 226 -6.10 27.12 -32.93
N GLU E 227 -5.18 26.67 -32.08
CA GLU E 227 -4.59 25.36 -32.33
C GLU E 227 -5.59 24.25 -32.07
N PHE E 228 -6.40 24.37 -31.01
CA PHE E 228 -7.15 23.22 -30.54
C PHE E 228 -8.43 23.01 -31.34
N TYR E 229 -9.36 23.97 -31.32
CA TYR E 229 -10.60 23.79 -32.06
C TYR E 229 -11.09 25.02 -32.81
N ALA E 230 -10.60 26.23 -32.53
CA ALA E 230 -11.12 27.39 -33.24
C ALA E 230 -10.81 27.34 -34.73
N SER E 231 -9.93 26.45 -35.16
CA SER E 231 -9.69 26.18 -36.57
C SER E 231 -10.50 24.96 -37.00
N GLY E 232 -10.67 24.84 -38.32
CA GLY E 232 -11.41 23.73 -38.90
C GLY E 232 -10.59 22.47 -39.06
N GLU E 233 -9.48 22.38 -38.32
CA GLU E 233 -8.67 21.17 -38.26
C GLU E 233 -9.54 19.92 -38.15
N LEU E 234 -10.52 19.96 -37.25
CA LEU E 234 -11.14 18.74 -36.76
C LEU E 234 -12.17 18.20 -37.75
N ALA E 235 -12.95 19.08 -38.37
CA ALA E 235 -13.89 18.64 -39.38
C ALA E 235 -13.18 18.02 -40.57
N GLU E 236 -12.04 18.61 -40.96
CA GLU E 236 -11.18 17.98 -41.96
C GLU E 236 -10.92 16.52 -41.62
N ILE E 237 -10.40 16.28 -40.40
CA ILE E 237 -10.04 14.92 -40.01
C ILE E 237 -11.28 14.02 -40.02
N ALA E 238 -12.39 14.53 -39.50
CA ALA E 238 -13.62 13.75 -39.50
C ALA E 238 -14.01 13.31 -40.90
N ARG E 239 -13.90 14.22 -41.86
CA ARG E 239 -14.24 13.90 -43.23
C ARG E 239 -13.34 12.81 -43.78
N LEU E 240 -12.03 13.01 -43.69
CA LEU E 240 -11.11 12.00 -44.19
C LEU E 240 -11.34 10.66 -43.53
N ILE E 241 -11.80 10.66 -42.27
CA ILE E 241 -12.11 9.42 -41.60
C ILE E 241 -13.31 8.75 -42.26
N ALA E 242 -14.41 9.50 -42.39
CA ALA E 242 -15.62 8.93 -42.95
C ALA E 242 -15.40 8.42 -44.36
N GLU E 243 -14.45 8.99 -45.10
CA GLU E 243 -14.26 8.64 -46.51
C GLU E 243 -13.13 7.63 -46.72
N GLU E 244 -11.91 7.99 -46.33
CA GLU E 244 -10.75 7.18 -46.64
C GLU E 244 -10.48 6.09 -45.61
N GLY E 245 -10.99 6.26 -44.39
CA GLY E 245 -10.65 5.37 -43.30
C GLY E 245 -9.91 6.11 -42.20
N ILE E 246 -10.03 5.56 -40.99
CA ILE E 246 -9.51 6.26 -39.82
C ILE E 246 -7.99 6.33 -39.86
N PHE E 247 -7.33 5.22 -40.17
CA PHE E 247 -5.88 5.18 -40.13
C PHE E 247 -5.27 5.68 -41.44
N ASN E 248 -5.75 5.16 -42.57
CA ASN E 248 -5.29 5.64 -43.86
C ASN E 248 -5.43 7.15 -43.97
N GLN E 249 -6.30 7.76 -43.16
CA GLN E 249 -6.44 9.20 -43.13
C GLN E 249 -5.13 9.88 -42.76
N MET E 250 -4.27 9.20 -42.02
CA MET E 250 -3.08 9.82 -41.44
C MET E 250 -1.92 9.92 -42.41
N VAL E 251 -2.00 9.26 -43.57
CA VAL E 251 -0.91 9.32 -44.53
C VAL E 251 -0.71 10.73 -45.04
N HIS E 252 -1.77 11.53 -45.09
CA HIS E 252 -1.66 12.90 -45.57
C HIS E 252 -1.05 13.84 -44.56
N HIS E 253 -0.71 13.35 -43.38
CA HIS E 253 -0.05 14.15 -42.35
C HIS E 253 1.46 13.87 -42.37
N SER E 254 2.18 14.58 -41.52
CA SER E 254 3.63 14.43 -41.46
C SER E 254 4.02 13.24 -40.60
N THR E 255 5.21 12.72 -40.86
CA THR E 255 5.69 11.53 -40.16
C THR E 255 5.74 11.76 -38.66
N THR E 256 6.17 12.95 -38.25
CA THR E 256 6.25 13.26 -36.83
C THR E 256 4.90 13.06 -36.15
N SER E 257 3.85 13.59 -36.78
CA SER E 257 2.51 13.44 -36.24
C SER E 257 2.13 11.97 -36.13
N GLN E 258 2.37 11.21 -37.20
CA GLN E 258 2.05 9.79 -37.20
C GLN E 258 2.74 9.10 -36.03
N TYR E 259 4.03 9.34 -35.86
CA TYR E 259 4.79 8.68 -34.82
C TYR E 259 4.22 8.99 -33.45
N GLY E 260 4.09 10.27 -33.12
CA GLY E 260 3.56 10.64 -31.82
C GLY E 260 2.19 10.03 -31.57
N THR E 261 1.31 10.16 -32.56
CA THR E 261 -0.05 9.66 -32.44
C THR E 261 -0.06 8.17 -32.13
N LEU E 262 0.65 7.38 -32.94
CA LEU E 262 0.62 5.94 -32.77
C LEU E 262 1.18 5.54 -31.42
N THR E 263 2.34 6.07 -31.07
CA THR E 263 2.96 5.71 -29.80
C THR E 263 2.01 6.01 -28.65
N ARG E 264 1.51 7.24 -28.57
CA ARG E 264 0.67 7.62 -27.45
C ARG E 264 -0.68 6.91 -27.48
N MET E 265 -1.12 6.45 -28.65
CA MET E 265 -2.35 5.68 -28.72
C MET E 265 -2.17 4.32 -28.10
N PHE E 266 -1.16 3.58 -28.55
CA PHE E 266 -0.91 2.28 -27.96
C PHE E 266 -0.44 2.37 -26.53
N LYS E 267 -0.10 3.57 -26.06
CA LYS E 267 0.38 3.77 -24.70
C LYS E 267 -0.72 4.04 -23.71
N TYR E 268 -1.84 4.63 -24.14
CA TYR E 268 -2.92 5.03 -23.26
C TYR E 268 -4.20 4.25 -23.54
N TYR E 269 -4.08 3.03 -24.05
CA TYR E 269 -5.23 2.26 -24.49
C TYR E 269 -5.92 1.54 -23.34
N ASP E 270 -5.16 1.11 -22.34
CA ASP E 270 -5.73 0.34 -21.24
C ASP E 270 -6.59 1.21 -20.34
N VAL E 271 -6.14 2.44 -20.09
CA VAL E 271 -6.86 3.36 -19.22
C VAL E 271 -8.29 3.56 -19.71
N VAL E 272 -8.41 4.06 -20.94
CA VAL E 272 -9.71 4.33 -21.51
C VAL E 272 -10.52 3.06 -21.63
N ARG E 273 -9.85 1.93 -21.84
CA ARG E 273 -10.56 0.66 -21.87
C ARG E 273 -11.26 0.39 -20.56
N ARG E 274 -10.55 0.59 -19.45
CA ARG E 274 -11.15 0.46 -18.14
C ARG E 274 -12.36 1.35 -18.00
N ILE E 275 -12.20 2.62 -18.39
CA ILE E 275 -13.31 3.57 -18.31
C ILE E 275 -14.52 3.04 -19.06
N VAL E 276 -14.31 2.61 -20.30
CA VAL E 276 -15.40 2.17 -21.16
C VAL E 276 -16.09 0.96 -20.55
N GLU E 277 -15.31 0.03 -20.01
CA GLU E 277 -15.91 -1.10 -19.31
C GLU E 277 -16.86 -0.61 -18.22
N ASN E 278 -16.36 0.29 -17.36
CA ASN E 278 -17.18 0.78 -16.27
C ASN E 278 -18.50 1.33 -16.78
N GLU E 279 -18.44 2.18 -17.80
CA GLU E 279 -19.66 2.86 -18.24
C GLU E 279 -20.62 1.91 -18.92
N ALA E 280 -20.11 1.05 -19.81
CA ALA E 280 -20.97 0.08 -20.46
C ALA E 280 -21.68 -0.80 -19.44
N LYS E 281 -20.96 -1.20 -18.39
CA LYS E 281 -21.58 -1.99 -17.35
C LYS E 281 -22.66 -1.20 -16.63
N TYR E 282 -22.35 0.05 -16.28
CA TYR E 282 -23.33 0.92 -15.65
C TYR E 282 -24.61 0.97 -16.47
N ILE E 283 -24.50 0.86 -17.79
CA ILE E 283 -25.67 0.96 -18.64
C ILE E 283 -26.42 -0.36 -18.70
N TRP E 284 -25.73 -1.42 -19.10
CA TRP E 284 -26.33 -2.73 -19.29
C TRP E 284 -27.27 -3.09 -18.15
N ASP E 285 -26.98 -2.61 -16.95
CA ASP E 285 -27.76 -2.98 -15.77
C ASP E 285 -29.03 -2.16 -15.64
N GLY E 286 -29.05 -0.95 -16.18
CA GLY E 286 -30.20 -0.07 -16.08
C GLY E 286 -30.07 1.02 -15.05
N SER E 287 -28.86 1.31 -14.58
CA SER E 287 -28.69 2.31 -13.53
C SER E 287 -28.79 3.72 -14.07
N PHE E 288 -28.26 3.96 -15.27
CA PHE E 288 -28.29 5.30 -15.83
C PHE E 288 -29.72 5.76 -16.08
N ALA E 289 -30.58 4.87 -16.55
CA ALA E 289 -31.97 5.24 -16.77
C ALA E 289 -32.61 5.70 -15.47
N LYS E 290 -32.35 4.97 -14.39
CA LYS E 290 -32.82 5.38 -13.08
C LYS E 290 -32.33 6.76 -12.72
N GLU E 291 -31.01 6.97 -12.80
CA GLU E 291 -30.42 8.26 -12.51
C GLU E 291 -31.14 9.38 -13.25
N TRP E 292 -31.28 9.22 -14.56
CA TRP E 292 -31.83 10.26 -15.41
C TRP E 292 -33.30 10.51 -15.09
N SER E 293 -34.07 9.45 -14.91
CA SER E 293 -35.48 9.61 -14.56
C SER E 293 -35.64 10.36 -13.26
N LEU E 294 -34.85 10.01 -12.25
CA LEU E 294 -34.93 10.68 -10.98
C LEU E 294 -34.57 12.15 -11.10
N GLU E 295 -33.51 12.47 -11.83
CA GLU E 295 -33.17 13.86 -12.02
C GLU E 295 -34.32 14.63 -12.64
N GLN E 296 -34.99 14.03 -13.62
CA GLN E 296 -36.19 14.68 -14.15
C GLN E 296 -37.19 14.95 -13.05
N GLN E 297 -37.36 14.00 -12.13
CA GLN E 297 -38.38 14.15 -11.10
C GLN E 297 -37.99 15.21 -10.07
N ALA E 298 -36.71 15.52 -9.94
CA ALA E 298 -36.27 16.46 -8.92
C ALA E 298 -36.29 17.90 -9.41
N GLY E 299 -36.03 18.13 -10.69
CA GLY E 299 -36.08 19.48 -11.22
C GLY E 299 -34.85 19.91 -11.99
N TYR E 300 -34.04 18.94 -12.40
CA TYR E 300 -32.85 19.21 -13.21
C TYR E 300 -31.90 20.18 -12.53
N PRO E 301 -31.60 20.00 -11.24
CA PRO E 301 -30.67 20.93 -10.59
C PRO E 301 -29.23 20.78 -11.05
N VAL E 302 -28.76 19.54 -11.14
CA VAL E 302 -27.39 19.27 -11.56
C VAL E 302 -27.17 19.76 -12.99
N PHE E 303 -28.10 19.39 -13.88
CA PHE E 303 -28.10 19.89 -15.24
C PHE E 303 -27.89 21.41 -15.26
N TYR E 304 -28.70 22.12 -14.49
CA TYR E 304 -28.61 23.57 -14.40
C TYR E 304 -27.22 24.02 -13.98
N ARG E 305 -26.74 23.51 -12.85
CA ARG E 305 -25.49 24.00 -12.30
C ARG E 305 -24.33 23.73 -13.23
N LEU E 306 -24.35 22.59 -13.92
CA LEU E 306 -23.26 22.26 -14.83
C LEU E 306 -23.31 23.14 -16.06
N TRP E 307 -24.50 23.35 -16.63
CA TRP E 307 -24.61 24.28 -17.74
C TRP E 307 -24.04 25.64 -17.36
N GLU E 308 -24.22 26.05 -16.11
CA GLU E 308 -23.64 27.31 -15.67
C GLU E 308 -22.12 27.22 -15.59
N LEU E 309 -21.61 26.24 -14.85
CA LEU E 309 -20.18 26.13 -14.63
C LEU E 309 -19.42 26.05 -15.94
N ALA E 310 -19.99 25.42 -16.96
CA ALA E 310 -19.27 25.28 -18.23
C ALA E 310 -19.16 26.62 -18.93
N THR E 311 -20.25 27.38 -18.98
CA THR E 311 -20.26 28.64 -19.70
C THR E 311 -19.55 29.74 -18.94
N GLN E 312 -19.52 29.67 -17.61
CA GLN E 312 -18.79 30.63 -16.80
C GLN E 312 -17.32 30.26 -16.66
N SER E 313 -16.85 29.27 -17.39
CA SER E 313 -15.45 28.94 -17.39
C SER E 313 -14.67 29.98 -18.18
N GLU E 314 -13.35 29.94 -18.02
CA GLU E 314 -12.49 30.93 -18.68
C GLU E 314 -12.42 30.67 -20.18
N MET E 315 -12.25 29.41 -20.56
CA MET E 315 -12.14 29.05 -21.96
C MET E 315 -13.32 29.58 -22.75
N ALA E 316 -14.53 29.47 -22.20
CA ALA E 316 -15.72 29.89 -22.92
C ALA E 316 -15.75 31.38 -23.13
N LYS E 317 -15.38 32.14 -22.09
CA LYS E 317 -15.35 33.59 -22.22
C LYS E 317 -14.35 34.03 -23.29
N ALA E 318 -13.16 33.43 -23.27
CA ALA E 318 -12.16 33.75 -24.28
C ALA E 318 -12.68 33.42 -25.67
N GLU E 319 -13.28 32.23 -25.81
CA GLU E 319 -13.89 31.84 -27.08
C GLU E 319 -14.90 32.89 -27.53
N LYS E 320 -15.64 33.44 -26.58
CA LYS E 320 -16.65 34.44 -26.91
C LYS E 320 -15.99 35.69 -27.48
N GLU E 321 -15.06 36.27 -26.73
CA GLU E 321 -14.34 37.43 -27.24
C GLU E 321 -13.80 37.17 -28.63
N LEU E 322 -13.23 36.00 -28.84
CA LEU E 322 -12.58 35.69 -30.11
C LEU E 322 -13.59 35.61 -31.25
N TYR E 323 -14.55 34.69 -31.14
CA TYR E 323 -15.55 34.53 -32.18
C TYR E 323 -16.14 35.87 -32.59
N LYS E 324 -16.37 36.73 -31.60
CA LYS E 324 -16.82 38.08 -31.90
C LYS E 324 -15.80 38.83 -32.74
N LEU E 325 -14.52 38.57 -32.51
CA LEU E 325 -13.47 39.29 -33.22
C LEU E 325 -13.35 38.82 -34.66
N LEU E 326 -13.43 37.51 -34.88
CA LEU E 326 -13.40 36.98 -36.24
C LEU E 326 -14.71 37.20 -36.99
N GLY E 327 -15.71 37.79 -36.35
CA GLY E 327 -16.99 38.02 -36.97
C GLY E 327 -17.94 36.83 -36.89
N ARG E 328 -17.44 35.64 -36.59
CA ARG E 328 -18.30 34.49 -36.39
C ARG E 328 -19.38 34.80 -35.38
N LYS E 329 -20.63 34.72 -35.82
CA LYS E 329 -21.77 35.05 -34.96
C LYS E 329 -21.76 34.27 -33.65
N ASP F 2 -5.30 44.49 -27.09
CA ASP F 2 -4.65 43.22 -26.78
C ASP F 2 -3.31 43.10 -27.49
N LYS F 3 -2.73 41.90 -27.39
CA LYS F 3 -1.56 41.52 -28.16
C LYS F 3 -1.78 41.44 -29.66
N THR F 4 -3.01 41.66 -30.11
CA THR F 4 -3.44 41.22 -31.41
C THR F 4 -3.12 42.25 -32.49
N VAL F 5 -3.03 41.77 -33.72
CA VAL F 5 -2.71 42.60 -34.87
C VAL F 5 -3.73 42.31 -35.96
N LEU F 6 -4.10 43.34 -36.71
CA LEU F 6 -5.20 43.26 -37.67
C LEU F 6 -4.77 43.69 -39.06
N ASP F 7 -3.87 44.64 -39.15
CA ASP F 7 -3.29 45.06 -40.42
C ASP F 7 -2.06 45.90 -40.12
N ALA F 8 -1.19 46.03 -41.11
CA ALA F 8 0.05 46.75 -40.90
C ALA F 8 0.64 47.14 -42.25
N ASN F 9 1.87 47.64 -42.22
CA ASN F 9 2.51 48.23 -43.39
C ASN F 9 3.11 47.15 -44.28
N LEU F 10 3.60 47.59 -45.43
CA LEU F 10 4.23 46.71 -46.41
C LEU F 10 5.46 47.34 -47.05
N ASP F 11 5.99 48.43 -46.50
CA ASP F 11 7.09 49.15 -47.14
C ASP F 11 8.43 48.41 -47.08
N PRO F 12 8.75 47.65 -46.02
CA PRO F 12 10.14 47.18 -45.90
C PRO F 12 10.54 46.21 -47.00
N LEU F 13 9.58 45.58 -47.67
CA LEU F 13 9.86 44.58 -48.68
C LEU F 13 9.86 45.15 -50.09
N LYS F 14 9.51 46.41 -50.26
CA LYS F 14 9.43 47.00 -51.58
C LYS F 14 10.82 47.45 -52.00
N GLY F 15 11.33 46.85 -53.09
CA GLY F 15 12.69 47.04 -53.54
C GLY F 15 13.58 45.85 -53.29
N LYS F 16 13.17 44.94 -52.40
CA LYS F 16 13.94 43.76 -52.07
C LYS F 16 13.48 42.56 -52.89
N THR F 17 14.39 41.63 -53.11
CA THR F 17 14.08 40.38 -53.76
C THR F 17 13.83 39.30 -52.72
N ILE F 18 12.97 38.35 -53.07
CA ILE F 18 12.51 37.32 -52.14
C ILE F 18 12.65 35.96 -52.79
N GLY F 19 13.12 35.00 -52.00
CA GLY F 19 13.28 33.65 -52.48
C GLY F 19 12.47 32.66 -51.67
N VAL F 20 11.74 31.80 -52.35
CA VAL F 20 10.87 30.83 -51.71
C VAL F 20 11.44 29.44 -51.95
N ILE F 21 11.74 28.74 -50.86
CA ILE F 21 12.31 27.41 -50.92
C ILE F 21 11.19 26.39 -50.85
N GLY F 22 11.15 25.49 -51.82
CA GLY F 22 10.08 24.52 -51.88
C GLY F 22 8.86 25.05 -52.59
N TYR F 23 8.22 24.19 -53.36
CA TYR F 23 7.00 24.53 -54.10
C TYR F 23 5.95 23.48 -53.85
N GLY F 24 5.83 23.01 -52.62
CA GLY F 24 4.79 22.09 -52.26
C GLY F 24 3.48 22.80 -52.08
N ASN F 25 2.72 22.42 -51.06
CA ASN F 25 1.45 23.08 -50.79
C ASN F 25 1.67 24.53 -50.38
N GLN F 26 2.36 24.73 -49.26
CA GLN F 26 2.55 26.08 -48.74
C GLN F 26 3.28 26.96 -49.75
N GLY F 27 4.48 26.56 -50.14
CA GLY F 27 5.29 27.39 -51.01
C GLY F 27 4.53 27.91 -52.21
N ARG F 28 3.88 27.00 -52.93
CA ARG F 28 3.07 27.41 -54.08
C ARG F 28 2.09 28.50 -53.68
N VAL F 29 1.38 28.30 -52.59
CA VAL F 29 0.33 29.23 -52.18
C VAL F 29 0.91 30.61 -51.88
N GLN F 30 1.81 30.66 -50.89
CA GLN F 30 2.35 31.94 -50.46
C GLN F 30 2.99 32.66 -51.63
N ALA F 31 3.73 31.94 -52.46
CA ALA F 31 4.43 32.52 -53.60
C ALA F 31 3.45 33.17 -54.56
N THR F 32 2.45 32.40 -55.00
CA THR F 32 1.44 32.95 -55.90
C THR F 32 0.83 34.22 -55.34
N ILE F 33 0.40 34.17 -54.08
CA ILE F 33 -0.28 35.32 -53.50
C ILE F 33 0.62 36.53 -53.46
N MET F 34 1.76 36.43 -52.78
CA MET F 34 2.67 37.56 -52.68
C MET F 34 3.09 38.07 -54.04
N ARG F 35 3.10 37.22 -55.06
CA ARG F 35 3.30 37.73 -56.42
C ARG F 35 2.13 38.63 -56.83
N GLU F 36 0.91 38.22 -56.51
CA GLU F 36 -0.24 39.06 -56.82
C GLU F 36 -0.12 40.43 -56.16
N ASN F 37 0.42 40.47 -54.95
CA ASN F 37 0.54 41.73 -54.22
C ASN F 37 1.74 42.56 -54.66
N GLY F 38 2.34 42.26 -55.80
CA GLY F 38 3.36 43.11 -56.37
C GLY F 38 4.71 42.98 -55.72
N LEU F 39 5.32 41.80 -55.83
CA LEU F 39 6.62 41.56 -55.24
C LEU F 39 7.47 40.71 -56.18
N ASN F 40 8.74 41.09 -56.31
CA ASN F 40 9.68 40.32 -57.12
C ASN F 40 10.01 39.03 -56.38
N VAL F 41 9.71 37.90 -57.01
CA VAL F 41 9.76 36.61 -56.35
C VAL F 41 10.47 35.61 -57.24
N ILE F 42 11.21 34.71 -56.61
CA ILE F 42 11.90 33.63 -57.27
C ILE F 42 11.63 32.35 -56.49
N VAL F 43 12.24 31.25 -56.93
CA VAL F 43 12.01 29.95 -56.33
C VAL F 43 13.30 29.15 -56.36
N GLY F 44 13.49 28.34 -55.32
CA GLY F 44 14.62 27.45 -55.23
C GLY F 44 14.18 26.03 -54.94
N ASN F 45 14.55 25.10 -55.81
CA ASN F 45 14.16 23.71 -55.65
C ASN F 45 14.99 22.87 -56.58
N VAL F 46 15.14 21.60 -56.20
CA VAL F 46 15.84 20.62 -57.04
C VAL F 46 14.96 20.24 -58.21
N LYS F 47 15.59 19.80 -59.29
CA LYS F 47 14.89 19.52 -60.54
C LYS F 47 14.03 18.27 -60.38
N ASP F 48 12.74 18.48 -60.18
CA ASP F 48 11.79 17.38 -60.08
C ASP F 48 10.44 17.88 -60.57
N LYS F 49 9.38 17.15 -60.23
CA LYS F 49 8.02 17.52 -60.61
C LYS F 49 7.72 18.98 -60.29
N TYR F 50 7.81 19.34 -59.01
CA TYR F 50 7.49 20.70 -58.59
C TYR F 50 8.29 21.74 -59.36
N TYR F 51 9.51 21.40 -59.76
CA TYR F 51 10.32 22.33 -60.53
C TYR F 51 9.64 22.71 -61.83
N GLU F 52 9.25 21.69 -62.60
CA GLU F 52 8.54 21.93 -63.86
C GLU F 52 7.25 22.70 -63.61
N LEU F 53 6.48 22.29 -62.60
CA LEU F 53 5.23 22.97 -62.30
C LEU F 53 5.45 24.45 -62.03
N ALA F 54 6.44 24.77 -61.19
CA ALA F 54 6.63 26.15 -60.80
C ALA F 54 7.10 27.01 -61.96
N LYS F 55 8.06 26.52 -62.74
CA LYS F 55 8.49 27.28 -63.90
C LYS F 55 7.34 27.45 -64.89
N LYS F 56 6.45 26.47 -64.97
CA LYS F 56 5.26 26.59 -65.80
C LYS F 56 4.37 27.73 -65.32
N GLU F 57 4.13 27.81 -64.02
CA GLU F 57 3.23 28.83 -63.48
C GLU F 57 3.79 30.23 -63.55
N GLY F 58 4.94 30.43 -64.18
CA GLY F 58 5.47 31.76 -64.41
C GLY F 58 6.55 32.20 -63.46
N PHE F 59 7.27 31.28 -62.83
CA PHE F 59 8.28 31.59 -61.85
C PHE F 59 9.67 31.30 -62.42
N GLU F 60 10.59 32.24 -62.21
CA GLU F 60 11.98 32.02 -62.56
C GLU F 60 12.62 31.12 -61.51
N VAL F 61 13.16 29.99 -61.95
CA VAL F 61 13.60 28.94 -61.04
C VAL F 61 15.09 28.75 -61.17
N TYR F 62 15.78 28.91 -60.06
CA TYR F 62 17.16 28.52 -59.88
C TYR F 62 17.21 27.49 -58.77
N GLU F 63 18.35 26.83 -58.61
CA GLU F 63 18.44 25.93 -57.47
C GLU F 63 18.98 26.69 -56.27
N ILE F 64 18.97 26.01 -55.12
CA ILE F 64 18.76 26.66 -53.84
C ILE F 64 19.84 27.69 -53.53
N ASP F 65 21.09 27.24 -53.40
CA ASP F 65 22.16 28.16 -53.02
C ASP F 65 22.17 29.40 -53.88
N GLU F 66 21.94 29.23 -55.18
CA GLU F 66 21.89 30.38 -56.08
C GLU F 66 20.76 31.33 -55.69
N ALA F 67 19.58 30.79 -55.38
CA ALA F 67 18.47 31.63 -54.98
C ALA F 67 18.78 32.41 -53.72
N VAL F 68 19.55 31.82 -52.82
CA VAL F 68 19.89 32.53 -51.58
C VAL F 68 20.89 33.63 -51.83
N ARG F 69 21.73 33.49 -52.86
CA ARG F 69 22.65 34.55 -53.21
C ARG F 69 21.91 35.78 -53.71
N ARG F 70 20.90 35.57 -54.54
CA ARG F 70 20.18 36.68 -55.15
C ARG F 70 19.15 37.30 -54.22
N SER F 71 18.91 36.72 -53.06
CA SER F 71 17.81 37.12 -52.20
C SER F 71 18.32 37.88 -50.99
N ASP F 72 17.53 38.87 -50.57
CA ASP F 72 17.70 39.50 -49.27
C ASP F 72 16.75 38.92 -48.22
N VAL F 73 15.80 38.09 -48.66
CA VAL F 73 14.86 37.43 -47.76
C VAL F 73 14.56 36.05 -48.33
N ALA F 74 14.31 35.10 -47.44
CA ALA F 74 14.09 33.72 -47.84
C ALA F 74 13.04 33.07 -46.95
N LEU F 75 12.22 32.23 -47.55
CA LEU F 75 11.21 31.47 -46.84
C LEU F 75 11.56 29.99 -46.97
N LEU F 76 11.78 29.34 -45.84
CA LEU F 76 12.23 27.95 -45.81
C LEU F 76 11.02 27.06 -45.57
N LEU F 77 10.27 26.85 -46.64
CA LEU F 77 9.02 26.09 -46.59
C LEU F 77 9.24 24.66 -47.09
N ILE F 78 9.84 23.85 -46.22
CA ILE F 78 10.03 22.44 -46.52
C ILE F 78 9.80 21.63 -45.26
N PRO F 79 9.65 20.31 -45.36
CA PRO F 79 9.38 19.50 -44.18
C PRO F 79 10.45 19.67 -43.12
N ASP F 80 10.02 19.52 -41.87
CA ASP F 80 10.92 19.65 -40.72
C ASP F 80 11.83 18.45 -40.55
N GLU F 81 11.73 17.45 -41.43
CA GLU F 81 12.52 16.23 -41.31
C GLU F 81 13.76 16.24 -42.18
N VAL F 82 13.84 17.13 -43.17
CA VAL F 82 14.96 17.20 -44.09
C VAL F 82 15.56 18.59 -44.15
N MET F 83 15.01 19.55 -43.43
CA MET F 83 15.53 20.91 -43.49
C MET F 83 16.96 20.99 -42.98
N LYS F 84 17.33 20.10 -42.07
CA LYS F 84 18.62 20.20 -41.41
C LYS F 84 19.77 20.05 -42.41
N GLU F 85 19.78 18.95 -43.15
CA GLU F 85 20.85 18.70 -44.10
C GLU F 85 20.89 19.80 -45.16
N VAL F 86 19.72 20.17 -45.67
CA VAL F 86 19.63 21.23 -46.67
C VAL F 86 20.27 22.50 -46.15
N TYR F 87 19.99 22.84 -44.90
CA TYR F 87 20.56 24.05 -44.32
C TYR F 87 22.06 23.93 -44.17
N GLU F 88 22.53 22.78 -43.71
CA GLU F 88 23.94 22.62 -43.40
C GLU F 88 24.80 22.67 -44.67
N LYS F 89 24.37 21.96 -45.71
CA LYS F 89 25.20 21.80 -46.89
C LYS F 89 25.18 23.03 -47.78
N LYS F 90 23.99 23.53 -48.08
CA LYS F 90 23.79 24.49 -49.16
C LYS F 90 23.61 25.92 -48.67
N ILE F 91 22.98 26.12 -47.53
CA ILE F 91 22.59 27.46 -47.10
C ILE F 91 23.67 28.09 -46.25
N ALA F 92 23.98 27.45 -45.11
CA ALA F 92 24.92 28.04 -44.16
C ALA F 92 26.18 28.62 -44.80
N PRO F 93 26.81 27.99 -45.78
CA PRO F 93 27.98 28.60 -46.41
C PRO F 93 27.66 29.95 -47.04
N VAL F 94 26.72 29.92 -47.99
CA VAL F 94 26.27 31.14 -48.65
C VAL F 94 25.92 32.19 -47.62
N LEU F 95 25.42 31.76 -46.48
CA LEU F 95 24.92 32.66 -45.46
C LEU F 95 26.05 33.29 -44.67
N GLN F 96 27.10 32.51 -44.38
CA GLN F 96 28.30 33.11 -43.79
C GLN F 96 28.78 34.26 -44.65
N GLY F 97 28.60 34.16 -45.96
CA GLY F 97 29.01 35.25 -46.83
C GLY F 97 27.92 36.27 -47.09
N LYS F 98 27.25 36.75 -46.04
CA LYS F 98 26.20 37.75 -46.17
C LYS F 98 26.42 38.89 -45.19
N LYS F 99 25.63 39.95 -45.38
CA LYS F 99 25.71 41.16 -44.57
C LYS F 99 24.45 41.43 -43.78
N GLU F 100 23.31 41.49 -44.46
CA GLU F 100 22.02 41.78 -43.82
C GLU F 100 21.00 40.85 -44.49
N PHE F 101 20.60 39.82 -43.77
CA PHE F 101 19.71 38.80 -44.31
C PHE F 101 18.57 38.56 -43.36
N VAL F 102 17.56 37.86 -43.87
CA VAL F 102 16.34 37.56 -43.13
C VAL F 102 15.92 36.14 -43.45
N LEU F 103 15.50 35.39 -42.44
CA LEU F 103 15.18 33.98 -42.58
C LEU F 103 13.86 33.72 -41.88
N ASP F 104 12.90 33.19 -42.62
CA ASP F 104 11.56 32.93 -42.12
C ASP F 104 11.27 31.44 -42.13
N PHE F 105 10.55 30.98 -41.11
CA PHE F 105 10.11 29.61 -41.00
C PHE F 105 8.61 29.57 -40.80
N ALA F 106 8.02 28.42 -41.13
CA ALA F 106 6.63 28.15 -40.83
C ALA F 106 6.46 27.25 -39.61
N SER F 107 7.56 26.72 -39.08
CA SER F 107 7.53 25.88 -37.89
C SER F 107 8.77 26.16 -37.06
N GLY F 108 8.61 26.07 -35.74
CA GLY F 108 9.70 26.33 -34.82
C GLY F 108 10.34 25.10 -34.23
N TYR F 109 10.09 23.92 -34.79
CA TYR F 109 10.63 22.69 -34.23
C TYR F 109 12.15 22.70 -34.27
N ASN F 110 12.72 22.82 -35.46
CA ASN F 110 14.16 22.66 -35.63
C ASN F 110 14.96 23.78 -34.99
N VAL F 111 14.32 24.87 -34.61
CA VAL F 111 15.00 26.01 -33.99
C VAL F 111 14.79 26.03 -32.49
N ALA F 112 13.55 25.86 -32.05
CA ALA F 112 13.26 25.83 -30.62
C ALA F 112 14.13 24.83 -29.89
N PHE F 113 14.50 23.75 -30.56
CA PHE F 113 15.29 22.68 -29.96
C PHE F 113 16.75 22.71 -30.37
N GLY F 114 17.16 23.70 -31.14
CA GLY F 114 18.57 23.95 -31.38
C GLY F 114 19.19 23.10 -32.46
N LEU F 115 18.39 22.42 -33.28
CA LEU F 115 18.93 21.68 -34.39
C LEU F 115 19.39 22.58 -35.52
N ILE F 116 19.09 23.87 -35.43
CA ILE F 116 19.50 24.85 -36.42
C ILE F 116 19.82 26.14 -35.67
N ARG F 117 21.08 26.58 -35.76
CA ARG F 117 21.56 27.73 -35.02
C ARG F 117 22.21 28.70 -36.00
N PRO F 118 21.42 29.59 -36.59
CA PRO F 118 21.97 30.54 -37.55
C PRO F 118 22.85 31.56 -36.85
N PRO F 119 23.63 32.32 -37.60
CA PRO F 119 24.52 33.30 -36.98
C PRO F 119 23.78 34.48 -36.38
N LYS F 120 24.54 35.42 -35.84
CA LYS F 120 23.99 36.65 -35.28
C LYS F 120 23.90 37.76 -36.31
N SER F 121 24.43 37.55 -37.51
CA SER F 121 24.33 38.49 -38.61
C SER F 121 22.96 38.45 -39.28
N VAL F 122 22.00 37.77 -38.67
CA VAL F 122 20.78 37.38 -39.35
C VAL F 122 19.58 37.71 -38.47
N ASP F 123 18.47 38.05 -39.12
CA ASP F 123 17.20 38.24 -38.45
C ASP F 123 16.38 36.96 -38.62
N THR F 124 16.07 36.33 -37.50
CA THR F 124 15.40 35.03 -37.49
C THR F 124 13.97 35.22 -37.01
N ILE F 125 13.02 34.82 -37.84
CA ILE F 125 11.61 35.09 -37.58
C ILE F 125 10.78 33.86 -37.85
N MET F 126 9.46 34.03 -37.80
CA MET F 126 8.54 32.90 -37.83
C MET F 126 7.17 33.40 -38.26
N VAL F 127 6.53 32.65 -39.15
CA VAL F 127 5.17 32.95 -39.57
C VAL F 127 4.44 31.63 -39.79
N ALA F 128 3.50 31.33 -38.91
CA ALA F 128 2.85 30.02 -38.87
C ALA F 128 1.36 30.15 -39.12
N PRO F 129 0.84 29.71 -40.26
CA PRO F 129 -0.60 29.71 -40.48
C PRO F 129 -1.27 28.58 -39.72
N ARG F 130 -2.60 28.62 -39.69
CA ARG F 130 -3.42 27.61 -39.04
C ARG F 130 -4.48 27.10 -40.00
N MET F 131 -4.06 26.81 -41.23
CA MET F 131 -4.95 26.25 -42.24
C MET F 131 -4.13 25.32 -43.13
N VAL F 132 -4.82 24.34 -43.70
CA VAL F 132 -4.14 23.26 -44.43
C VAL F 132 -3.45 23.81 -45.67
N GLY F 133 -4.10 24.74 -46.36
CA GLY F 133 -3.56 25.24 -47.61
C GLY F 133 -4.56 25.10 -48.74
N GLU F 134 -5.28 23.99 -48.76
CA GLU F 134 -6.35 23.81 -49.75
C GLU F 134 -7.46 24.83 -49.54
N GLY F 135 -7.80 25.11 -48.28
CA GLY F 135 -8.80 26.11 -47.99
C GLY F 135 -8.30 27.54 -48.00
N ILE F 136 -6.99 27.73 -47.84
CA ILE F 136 -6.44 29.08 -47.81
C ILE F 136 -6.72 29.79 -49.14
N MET F 137 -6.46 29.10 -50.25
CA MET F 137 -6.83 29.66 -51.55
C MET F 137 -8.35 29.87 -51.64
N ASP F 138 -9.11 28.87 -51.22
CA ASP F 138 -10.56 28.97 -51.18
C ASP F 138 -11.03 30.22 -50.46
N LEU F 139 -10.21 30.77 -49.57
CA LEU F 139 -10.56 31.98 -48.84
C LEU F 139 -9.95 33.24 -49.45
N HIS F 140 -8.77 33.13 -50.06
CA HIS F 140 -8.15 34.30 -50.66
C HIS F 140 -9.00 34.85 -51.79
N LYS F 141 -9.68 33.97 -52.52
CA LYS F 141 -10.51 34.43 -53.63
C LYS F 141 -11.61 35.37 -53.14
N GLN F 142 -12.04 35.23 -51.89
CA GLN F 142 -13.09 36.03 -51.32
C GLN F 142 -12.57 37.30 -50.67
N GLY F 143 -11.30 37.62 -50.82
CA GLY F 143 -10.71 38.72 -50.10
C GLY F 143 -10.63 38.50 -48.61
N LYS F 144 -10.82 37.27 -48.15
CA LYS F 144 -10.75 36.96 -46.74
C LYS F 144 -9.32 36.71 -46.31
N GLY F 145 -9.04 36.99 -45.05
CA GLY F 145 -7.76 36.69 -44.44
C GLY F 145 -7.80 35.35 -43.73
N TYR F 146 -6.81 35.14 -42.87
CA TYR F 146 -6.78 33.94 -42.05
C TYR F 146 -5.77 34.16 -40.94
N PRO F 147 -5.84 33.36 -39.87
CA PRO F 147 -4.94 33.57 -38.73
C PRO F 147 -3.54 33.01 -38.94
N VAL F 148 -2.60 33.58 -38.19
CA VAL F 148 -1.21 33.16 -38.19
C VAL F 148 -0.61 33.50 -36.84
N LEU F 149 0.54 32.91 -36.57
CA LEU F 149 1.34 33.23 -35.39
C LEU F 149 2.67 33.82 -35.81
N LEU F 150 3.17 34.73 -34.99
CA LEU F 150 4.43 35.40 -35.24
C LEU F 150 5.40 35.16 -34.11
N GLY F 151 6.68 35.15 -34.44
CA GLY F 151 7.71 34.98 -33.44
C GLY F 151 9.03 35.48 -33.95
N VAL F 152 9.90 35.82 -33.00
CA VAL F 152 11.21 36.33 -33.30
C VAL F 152 12.21 35.69 -32.35
N LYS F 153 13.30 35.18 -32.91
CA LYS F 153 14.34 34.52 -32.15
C LYS F 153 15.61 35.34 -32.06
N GLN F 154 15.91 36.15 -33.08
CA GLN F 154 17.18 36.83 -33.18
C GLN F 154 16.98 38.10 -33.99
N ASP F 155 17.16 39.26 -33.35
CA ASP F 155 17.01 40.55 -34.00
C ASP F 155 18.36 41.21 -34.07
N ALA F 156 18.85 41.43 -35.29
CA ALA F 156 20.10 42.11 -35.53
C ALA F 156 19.90 43.47 -36.17
N SER F 157 18.66 43.90 -36.37
CA SER F 157 18.37 45.12 -37.11
C SER F 157 17.25 45.94 -36.50
N GLY F 158 16.69 45.53 -35.37
CA GLY F 158 15.62 46.27 -34.73
C GLY F 158 14.38 46.43 -35.59
N LYS F 159 14.30 45.69 -36.69
CA LYS F 159 13.18 45.79 -37.62
C LYS F 159 12.47 44.46 -37.84
N ALA F 160 12.77 43.44 -37.02
CA ALA F 160 12.26 42.11 -37.29
C ALA F 160 10.74 42.09 -37.29
N TRP F 161 10.12 42.61 -36.23
CA TRP F 161 8.67 42.59 -36.13
C TRP F 161 8.01 43.24 -37.35
N ASP F 162 8.57 44.36 -37.79
CA ASP F 162 8.04 45.01 -38.98
C ASP F 162 8.09 44.08 -40.17
N TYR F 163 9.22 43.38 -40.35
CA TYR F 163 9.34 42.42 -41.43
C TYR F 163 8.27 41.34 -41.31
N ALA F 164 8.07 40.83 -40.10
CA ALA F 164 7.11 39.75 -39.90
C ALA F 164 5.72 40.17 -40.29
N LYS F 165 5.29 41.34 -39.82
CA LYS F 165 3.96 41.84 -40.18
C LYS F 165 3.84 42.09 -41.67
N ALA F 166 4.90 42.64 -42.27
CA ALA F 166 4.90 42.83 -43.72
C ALA F 166 4.68 41.51 -44.44
N ILE F 167 5.37 40.46 -44.01
CA ILE F 167 5.17 39.15 -44.60
C ILE F 167 3.72 38.71 -44.45
N ALA F 168 3.22 38.75 -43.21
CA ALA F 168 1.84 38.34 -42.96
C ALA F 168 0.89 39.02 -43.93
N LYS F 169 1.13 40.29 -44.21
CA LYS F 169 0.29 41.00 -45.18
C LYS F 169 0.55 40.51 -46.59
N GLY F 170 1.79 40.18 -46.91
CA GLY F 170 2.13 39.81 -48.27
C GLY F 170 1.49 38.51 -48.71
N ILE F 171 1.17 37.62 -47.76
CA ILE F 171 0.59 36.34 -48.08
C ILE F 171 -0.93 36.32 -47.95
N GLY F 172 -1.54 37.45 -47.62
CA GLY F 172 -2.98 37.57 -47.61
C GLY F 172 -3.65 37.09 -46.33
N ALA F 173 -2.90 36.89 -45.26
CA ALA F 173 -3.52 36.56 -43.99
C ALA F 173 -4.28 37.75 -43.42
N ILE F 174 -3.78 38.95 -43.65
CA ILE F 174 -4.44 40.17 -43.19
C ILE F 174 -4.33 41.24 -44.26
N PRO F 175 -5.28 42.19 -44.29
CA PRO F 175 -6.42 42.24 -43.37
C PRO F 175 -7.51 41.26 -43.76
N GLY F 176 -8.38 40.94 -42.81
CA GLY F 176 -9.42 39.94 -43.03
C GLY F 176 -9.33 38.86 -41.99
N GLY F 177 -8.10 38.50 -41.64
CA GLY F 177 -7.84 37.57 -40.54
C GLY F 177 -7.13 38.30 -39.42
N ILE F 178 -6.26 37.61 -38.70
CA ILE F 178 -5.50 38.25 -37.63
C ILE F 178 -4.12 37.63 -37.53
N ALA F 179 -3.32 38.17 -36.61
CA ALA F 179 -1.95 37.70 -36.41
C ALA F 179 -1.61 37.84 -34.94
N VAL F 180 -1.11 36.76 -34.35
CA VAL F 180 -0.76 36.74 -32.95
C VAL F 180 0.76 36.68 -32.82
N ILE F 181 1.27 37.40 -31.83
CA ILE F 181 2.68 37.40 -31.52
C ILE F 181 2.95 36.33 -30.48
N SER F 182 3.98 35.53 -30.72
CA SER F 182 4.31 34.44 -29.82
C SER F 182 5.77 34.08 -30.03
N SER F 183 6.17 32.92 -29.54
CA SER F 183 7.53 32.43 -29.65
C SER F 183 7.57 31.23 -30.57
N PHE F 184 8.80 30.80 -30.88
CA PHE F 184 8.98 29.52 -31.56
C PHE F 184 8.54 28.37 -30.66
N GLU F 185 8.77 28.50 -29.37
CA GLU F 185 8.45 27.44 -28.42
C GLU F 185 6.95 27.27 -28.28
N GLU F 186 6.24 28.37 -28.09
CA GLU F 186 4.79 28.33 -27.91
C GLU F 186 4.06 27.84 -29.14
N GLU F 187 4.75 27.63 -30.26
CA GLU F 187 4.14 27.05 -31.45
C GLU F 187 4.45 25.57 -31.60
N ALA F 188 5.72 25.19 -31.41
CA ALA F 188 6.06 23.78 -31.42
C ALA F 188 5.28 23.04 -30.35
N LEU F 189 5.26 23.60 -29.14
CA LEU F 189 4.52 23.00 -28.04
C LEU F 189 3.09 22.68 -28.46
N LEU F 190 2.43 23.64 -29.11
CA LEU F 190 1.03 23.44 -29.47
C LEU F 190 0.90 22.42 -30.61
N ASP F 191 1.67 22.60 -31.67
CA ASP F 191 1.58 21.67 -32.79
C ASP F 191 1.79 20.24 -32.34
N LEU F 192 2.53 20.04 -31.25
CA LEU F 192 2.78 18.70 -30.76
C LEU F 192 1.71 18.22 -29.79
N MET F 193 1.35 19.05 -28.82
CA MET F 193 0.42 18.61 -27.79
C MET F 193 -0.88 18.10 -28.39
N SER F 194 -1.32 18.69 -29.49
CA SER F 194 -2.48 18.16 -30.18
C SER F 194 -2.23 16.73 -30.64
N GLU F 195 -1.07 16.49 -31.24
CA GLU F 195 -0.73 15.19 -31.79
C GLU F 195 -0.39 14.17 -30.72
N HIS F 196 -0.29 14.58 -29.47
CA HIS F 196 0.08 13.68 -28.40
C HIS F 196 -1.01 13.48 -27.35
N THR F 197 -2.04 14.30 -27.32
CA THR F 197 -3.02 14.22 -26.24
C THR F 197 -4.41 13.79 -26.69
N TRP F 198 -5.12 14.59 -27.47
CA TRP F 198 -6.54 14.30 -27.65
C TRP F 198 -6.83 13.48 -28.89
N VAL F 199 -6.00 13.57 -29.91
CA VAL F 199 -6.13 12.74 -31.11
C VAL F 199 -5.96 11.27 -30.74
N PRO F 200 -4.83 10.88 -30.17
CA PRO F 200 -4.63 9.46 -29.85
C PRO F 200 -5.60 8.96 -28.78
N ILE F 201 -5.94 9.81 -27.82
CA ILE F 201 -6.92 9.42 -26.82
C ILE F 201 -8.24 9.12 -27.48
N LEU F 202 -8.69 10.01 -28.36
CA LEU F 202 -9.92 9.79 -29.10
C LEU F 202 -9.89 8.46 -29.84
N PHE F 203 -8.81 8.21 -30.57
CA PHE F 203 -8.73 6.99 -31.36
C PHE F 203 -8.77 5.76 -30.46
N GLY F 204 -8.01 5.78 -29.37
CA GLY F 204 -8.01 4.65 -28.46
C GLY F 204 -9.35 4.42 -27.83
N ALA F 205 -10.06 5.49 -27.50
CA ALA F 205 -11.39 5.36 -26.92
C ALA F 205 -12.35 4.69 -27.91
N ILE F 206 -12.31 5.13 -29.17
CA ILE F 206 -13.15 4.53 -30.19
C ILE F 206 -12.84 3.05 -30.32
N LYS F 207 -11.56 2.72 -30.46
CA LYS F 207 -11.16 1.33 -30.61
C LYS F 207 -11.62 0.50 -29.43
N ALA F 208 -11.50 1.04 -28.22
CA ALA F 208 -11.89 0.30 -27.04
C ALA F 208 -13.39 0.07 -27.02
N CYS F 209 -14.17 1.09 -27.39
CA CYS F 209 -15.61 0.91 -27.45
C CYS F 209 -15.97 -0.21 -28.41
N TYR F 210 -15.34 -0.22 -29.58
CA TYR F 210 -15.58 -1.29 -30.54
C TYR F 210 -15.28 -2.65 -29.92
N ASP F 211 -14.05 -2.82 -29.44
CA ASP F 211 -13.63 -4.11 -28.91
C ASP F 211 -14.57 -4.58 -27.82
N ILE F 212 -14.94 -3.69 -26.92
CA ILE F 212 -15.80 -4.04 -25.81
C ILE F 212 -17.16 -4.48 -26.32
N ALA F 213 -17.84 -3.60 -27.04
CA ALA F 213 -19.17 -3.90 -27.53
C ALA F 213 -19.22 -5.23 -28.25
N VAL F 214 -18.14 -5.58 -28.95
CA VAL F 214 -18.15 -6.83 -29.69
C VAL F 214 -17.92 -8.02 -28.77
N LYS F 215 -16.90 -7.97 -27.93
CA LYS F 215 -16.44 -9.15 -27.22
C LYS F 215 -17.09 -9.33 -25.86
N GLU F 216 -18.02 -8.47 -25.47
CA GLU F 216 -18.67 -8.63 -24.18
C GLU F 216 -20.18 -8.44 -24.22
N TYR F 217 -20.75 -7.92 -25.30
CA TYR F 217 -22.18 -7.73 -25.41
C TYR F 217 -22.74 -8.26 -26.72
N GLY F 218 -21.95 -9.06 -27.44
CA GLY F 218 -22.46 -9.78 -28.58
C GLY F 218 -22.94 -8.91 -29.71
N VAL F 219 -22.33 -7.76 -29.91
CA VAL F 219 -22.73 -6.85 -30.96
C VAL F 219 -22.07 -7.25 -32.27
N SER F 220 -22.69 -6.85 -33.36
CA SER F 220 -22.16 -7.12 -34.68
C SER F 220 -21.17 -6.03 -35.08
N PRO F 221 -20.08 -6.39 -35.77
CA PRO F 221 -19.13 -5.36 -36.18
C PRO F 221 -19.72 -4.31 -37.08
N GLU F 222 -20.67 -4.68 -37.94
CA GLU F 222 -21.20 -3.76 -38.93
C GLU F 222 -22.02 -2.64 -38.32
N ALA F 223 -22.29 -2.68 -37.03
CA ALA F 223 -23.13 -1.70 -36.35
C ALA F 223 -22.32 -0.75 -35.48
N ALA F 224 -21.36 -1.30 -34.73
CA ALA F 224 -20.46 -0.48 -33.94
C ALA F 224 -19.84 0.62 -34.79
N LEU F 225 -19.33 0.25 -35.96
CA LEU F 225 -18.70 1.22 -36.84
C LEU F 225 -19.68 2.31 -37.23
N LEU F 226 -20.91 1.93 -37.61
CA LEU F 226 -21.90 2.93 -37.97
C LEU F 226 -22.11 3.92 -36.85
N GLU F 227 -22.20 3.44 -35.62
CA GLU F 227 -22.43 4.38 -34.53
C GLU F 227 -21.22 5.26 -34.27
N PHE F 228 -20.02 4.69 -34.33
CA PHE F 228 -18.85 5.39 -33.82
C PHE F 228 -18.29 6.40 -34.82
N TYR F 229 -17.82 5.93 -35.97
CA TYR F 229 -17.28 6.87 -36.95
C TYR F 229 -17.66 6.62 -38.40
N ALA F 230 -18.20 5.45 -38.76
CA ALA F 230 -18.53 5.23 -40.16
C ALA F 230 -19.63 6.16 -40.64
N SER F 231 -20.32 6.85 -39.75
CA SER F 231 -21.26 7.90 -40.09
C SER F 231 -20.57 9.26 -39.99
N GLY F 232 -21.18 10.25 -40.62
CA GLY F 232 -20.67 11.61 -40.61
C GLY F 232 -21.05 12.40 -39.38
N GLU F 233 -21.43 11.68 -38.32
CA GLU F 233 -21.70 12.31 -37.02
C GLU F 233 -20.63 13.34 -36.67
N LEU F 234 -19.37 12.97 -36.85
CA LEU F 234 -18.28 13.68 -36.19
C LEU F 234 -17.93 14.98 -36.91
N ALA F 235 -17.94 14.95 -38.25
CA ALA F 235 -17.69 16.18 -38.99
C ALA F 235 -18.78 17.22 -38.73
N GLU F 236 -20.03 16.76 -38.62
CA GLU F 236 -21.10 17.64 -38.16
C GLU F 236 -20.71 18.38 -36.90
N ILE F 237 -20.34 17.63 -35.87
CA ILE F 237 -20.01 18.24 -34.59
C ILE F 237 -18.83 19.19 -34.73
N ALA F 238 -17.81 18.79 -35.48
CA ALA F 238 -16.66 19.66 -35.69
C ALA F 238 -17.07 20.99 -36.31
N ARG F 239 -17.96 20.94 -37.29
CA ARG F 239 -18.43 22.16 -37.93
C ARG F 239 -19.14 23.07 -36.94
N LEU F 240 -20.15 22.51 -36.25
CA LEU F 240 -20.88 23.32 -35.28
C LEU F 240 -19.95 23.90 -34.23
N ILE F 241 -18.87 23.19 -33.92
CA ILE F 241 -17.89 23.72 -32.97
C ILE F 241 -17.20 24.93 -33.56
N ALA F 242 -16.63 24.76 -34.76
CA ALA F 242 -15.88 25.86 -35.37
C ALA F 242 -16.75 27.09 -35.57
N GLU F 243 -18.06 26.92 -35.73
CA GLU F 243 -18.94 28.04 -36.05
C GLU F 243 -19.66 28.60 -34.83
N GLU F 244 -20.46 27.78 -34.15
CA GLU F 244 -21.30 28.26 -33.07
C GLU F 244 -20.61 28.28 -31.72
N GLY F 245 -19.56 27.50 -31.56
CA GLY F 245 -18.93 27.32 -30.27
C GLY F 245 -19.04 25.89 -29.79
N ILE F 246 -18.10 25.51 -28.94
CA ILE F 246 -17.98 24.11 -28.52
C ILE F 246 -19.19 23.69 -27.69
N PHE F 247 -19.58 24.52 -26.72
CA PHE F 247 -20.66 24.15 -25.82
C PHE F 247 -22.02 24.49 -26.41
N ASN F 248 -22.18 25.73 -26.87
CA ASN F 248 -23.43 26.11 -27.53
C ASN F 248 -23.79 25.16 -28.66
N GLN F 249 -22.80 24.41 -29.17
CA GLN F 249 -23.07 23.41 -30.18
C GLN F 249 -24.03 22.35 -29.68
N MET F 250 -24.07 22.12 -28.37
CA MET F 250 -24.80 21.00 -27.80
C MET F 250 -26.28 21.27 -27.64
N VAL F 251 -26.72 22.51 -27.79
CA VAL F 251 -28.13 22.82 -27.64
C VAL F 251 -28.97 22.10 -28.68
N HIS F 252 -28.40 21.83 -29.85
CA HIS F 252 -29.14 21.16 -30.92
C HIS F 252 -29.26 19.66 -30.69
N HIS F 253 -28.69 19.15 -29.61
CA HIS F 253 -28.81 17.74 -29.26
C HIS F 253 -29.89 17.56 -28.19
N SER F 254 -30.14 16.32 -27.82
CA SER F 254 -31.16 16.01 -26.84
C SER F 254 -30.62 16.19 -25.42
N THR F 255 -31.56 16.43 -24.50
CA THR F 255 -31.19 16.67 -23.11
C THR F 255 -30.40 15.52 -22.52
N THR F 256 -30.81 14.29 -22.84
CA THR F 256 -30.13 13.12 -22.33
C THR F 256 -28.63 13.16 -22.68
N SER F 257 -28.34 13.47 -23.94
CA SER F 257 -26.97 13.57 -24.39
C SER F 257 -26.22 14.64 -23.61
N GLN F 258 -26.84 15.82 -23.47
CA GLN F 258 -26.20 16.91 -22.72
C GLN F 258 -25.85 16.46 -21.32
N TYR F 259 -26.81 15.84 -20.63
CA TYR F 259 -26.60 15.42 -19.26
C TYR F 259 -25.43 14.46 -19.15
N GLY F 260 -25.49 13.37 -19.92
CA GLY F 260 -24.42 12.39 -19.85
C GLY F 260 -23.07 13.01 -20.16
N THR F 261 -23.01 13.80 -21.23
CA THR F 261 -21.76 14.42 -21.65
C THR F 261 -21.18 15.28 -20.53
N LEU F 262 -21.98 16.19 -19.99
CA LEU F 262 -21.47 17.11 -18.98
C LEU F 262 -20.99 16.36 -17.74
N THR F 263 -21.82 15.45 -17.24
CA THR F 263 -21.44 14.71 -16.04
C THR F 263 -20.12 13.99 -16.26
N ARG F 264 -20.03 13.20 -17.33
CA ARG F 264 -18.83 12.42 -17.54
C ARG F 264 -17.62 13.28 -17.89
N MET F 265 -17.86 14.49 -18.40
CA MET F 265 -16.76 15.40 -18.67
C MET F 265 -16.16 15.92 -17.38
N PHE F 266 -17.00 16.47 -16.50
CA PHE F 266 -16.50 16.95 -15.23
C PHE F 266 -16.03 15.81 -14.34
N LYS F 267 -16.34 14.57 -14.70
CA LYS F 267 -15.96 13.42 -13.90
C LYS F 267 -14.60 12.85 -14.26
N TYR F 268 -14.18 13.01 -15.51
CA TYR F 268 -12.92 12.43 -16.01
C TYR F 268 -11.91 13.50 -16.38
N TYR F 269 -11.99 14.66 -15.76
CA TYR F 269 -11.15 15.78 -16.16
C TYR F 269 -9.75 15.72 -15.55
N ASP F 270 -9.63 15.18 -14.33
CA ASP F 270 -8.34 15.16 -13.65
C ASP F 270 -7.38 14.17 -14.31
N VAL F 271 -7.91 13.02 -14.72
CA VAL F 271 -7.10 11.98 -15.35
C VAL F 271 -6.35 12.52 -16.56
N VAL F 272 -7.12 13.01 -17.53
CA VAL F 272 -6.53 13.52 -18.75
C VAL F 272 -5.65 14.72 -18.46
N ARG F 273 -5.98 15.48 -17.43
CA ARG F 273 -5.11 16.59 -17.03
C ARG F 273 -3.73 16.09 -16.65
N ARG F 274 -3.68 15.04 -15.83
CA ARG F 274 -2.41 14.43 -15.48
C ARG F 274 -1.65 14.02 -16.72
N ILE F 275 -2.34 13.33 -17.63
CA ILE F 275 -1.71 12.89 -18.87
C ILE F 275 -1.08 14.08 -19.60
N VAL F 276 -1.85 15.14 -19.78
CA VAL F 276 -1.41 16.29 -20.54
C VAL F 276 -0.20 16.93 -19.88
N GLU F 277 -0.23 17.04 -18.56
CA GLU F 277 0.95 17.53 -17.84
C GLU F 277 2.18 16.72 -18.20
N ASN F 278 2.06 15.39 -18.10
CA ASN F 278 3.20 14.53 -18.39
C ASN F 278 3.76 14.81 -19.78
N GLU F 279 2.89 14.86 -20.78
CA GLU F 279 3.37 14.98 -22.15
C GLU F 279 3.96 16.36 -22.41
N ALA F 280 3.28 17.42 -21.97
CA ALA F 280 3.81 18.76 -22.16
C ALA F 280 5.18 18.90 -21.53
N LYS F 281 5.36 18.30 -20.34
CA LYS F 281 6.66 18.34 -19.71
C LYS F 281 7.69 17.58 -20.52
N TYR F 282 7.32 16.39 -20.98
CA TYR F 282 8.22 15.62 -21.84
C TYR F 282 8.70 16.45 -23.01
N ILE F 283 7.87 17.36 -23.50
CA ILE F 283 8.23 18.14 -24.67
C ILE F 283 9.12 19.32 -24.28
N TRP F 284 8.64 20.15 -23.36
CA TRP F 284 9.34 21.37 -22.95
C TRP F 284 10.83 21.12 -22.73
N ASP F 285 11.18 19.91 -22.30
CA ASP F 285 12.57 19.60 -21.99
C ASP F 285 13.39 19.25 -23.22
N GLY F 286 12.76 18.76 -24.26
CA GLY F 286 13.46 18.37 -25.46
C GLY F 286 13.68 16.89 -25.62
N SER F 287 12.96 16.06 -24.88
CA SER F 287 13.18 14.62 -24.93
C SER F 287 12.56 13.99 -26.16
N PHE F 288 11.39 14.48 -26.57
CA PHE F 288 10.72 13.91 -27.72
C PHE F 288 11.54 14.10 -28.99
N ALA F 289 12.16 15.28 -29.14
CA ALA F 289 12.99 15.51 -30.30
C ALA F 289 14.12 14.50 -30.37
N LYS F 290 14.75 14.24 -29.23
CA LYS F 290 15.78 13.21 -29.16
C LYS F 290 15.24 11.87 -29.59
N GLU F 291 14.14 11.44 -28.99
CA GLU F 291 13.51 10.17 -29.34
C GLU F 291 13.32 10.05 -30.84
N TRP F 292 12.70 11.07 -31.44
CA TRP F 292 12.34 11.02 -32.86
C TRP F 292 13.58 11.01 -33.74
N SER F 293 14.57 11.84 -33.42
CA SER F 293 15.80 11.87 -34.20
C SER F 293 16.49 10.52 -34.17
N LEU F 294 16.56 9.91 -32.98
CA LEU F 294 17.20 8.61 -32.87
C LEU F 294 16.47 7.57 -33.69
N GLU F 295 15.14 7.54 -33.60
CA GLU F 295 14.40 6.58 -34.40
C GLU F 295 14.70 6.75 -35.88
N GLN F 296 14.80 7.99 -36.35
CA GLN F 296 15.23 8.19 -37.73
C GLN F 296 16.57 7.54 -37.99
N GLN F 297 17.49 7.65 -37.03
CA GLN F 297 18.83 7.12 -37.24
C GLN F 297 18.87 5.61 -37.21
N ALA F 298 17.87 4.97 -36.60
CA ALA F 298 17.90 3.51 -36.48
C ALA F 298 17.24 2.81 -37.65
N GLY F 299 16.22 3.42 -38.26
CA GLY F 299 15.58 2.84 -39.41
C GLY F 299 14.08 2.71 -39.32
N TYR F 300 13.47 3.46 -38.41
CA TYR F 300 12.03 3.50 -38.27
C TYR F 300 11.44 2.12 -38.00
N PRO F 301 12.02 1.32 -37.10
CA PRO F 301 11.45 -0.01 -36.86
C PRO F 301 10.12 0.04 -36.12
N VAL F 302 10.04 0.85 -35.08
CA VAL F 302 8.81 0.96 -34.29
C VAL F 302 7.68 1.50 -35.15
N PHE F 303 7.95 2.58 -35.87
CA PHE F 303 7.02 3.12 -36.85
C PHE F 303 6.45 2.01 -37.72
N TYR F 304 7.32 1.20 -38.29
CA TYR F 304 6.92 0.10 -39.15
C TYR F 304 5.99 -0.86 -38.42
N ARG F 305 6.43 -1.37 -37.27
CA ARG F 305 5.67 -2.40 -36.58
C ARG F 305 4.30 -1.89 -36.16
N LEU F 306 4.22 -0.62 -35.75
CA LEU F 306 2.94 -0.08 -35.33
C LEU F 306 2.02 0.13 -36.50
N TRP F 307 2.53 0.64 -37.61
CA TRP F 307 1.72 0.74 -38.82
C TRP F 307 1.14 -0.61 -39.18
N GLU F 308 1.91 -1.67 -38.97
CA GLU F 308 1.38 -3.01 -39.25
C GLU F 308 0.30 -3.38 -38.25
N LEU F 309 0.62 -3.31 -36.96
CA LEU F 309 -0.33 -3.74 -35.93
C LEU F 309 -1.66 -3.03 -36.04
N ALA F 310 -1.66 -1.76 -36.45
CA ALA F 310 -2.91 -1.02 -36.53
C ALA F 310 -3.77 -1.55 -37.68
N THR F 311 -3.17 -1.76 -38.84
CA THR F 311 -3.92 -2.18 -40.01
C THR F 311 -4.31 -3.66 -39.94
N GLN F 312 -3.54 -4.47 -39.25
CA GLN F 312 -3.87 -5.88 -39.06
C GLN F 312 -4.80 -6.09 -37.89
N SER F 313 -5.32 -5.02 -37.30
CA SER F 313 -6.32 -5.15 -36.26
C SER F 313 -7.65 -5.57 -36.85
N GLU F 314 -8.56 -5.99 -35.96
CA GLU F 314 -9.86 -6.48 -36.41
C GLU F 314 -10.72 -5.33 -36.90
N MET F 315 -10.74 -4.23 -36.15
CA MET F 315 -11.56 -3.09 -36.53
C MET F 315 -11.26 -2.63 -37.95
N ALA F 316 -9.98 -2.61 -38.33
CA ALA F 316 -9.62 -2.12 -39.65
C ALA F 316 -10.12 -3.05 -40.74
N LYS F 317 -9.99 -4.35 -40.53
CA LYS F 317 -10.49 -5.31 -41.52
C LYS F 317 -11.99 -5.18 -41.70
N ALA F 318 -12.72 -5.07 -40.60
CA ALA F 318 -14.16 -4.89 -40.70
C ALA F 318 -14.49 -3.61 -41.44
N GLU F 319 -13.81 -2.51 -41.09
CA GLU F 319 -13.99 -1.26 -41.80
C GLU F 319 -13.75 -1.44 -43.29
N LYS F 320 -12.78 -2.26 -43.65
CA LYS F 320 -12.47 -2.50 -45.05
C LYS F 320 -13.64 -3.18 -45.74
N GLU F 321 -14.07 -4.33 -45.21
CA GLU F 321 -15.23 -5.00 -45.78
C GLU F 321 -16.39 -4.05 -45.95
N LEU F 322 -16.64 -3.22 -44.95
CA LEU F 322 -17.80 -2.35 -44.97
C LEU F 322 -17.67 -1.27 -46.05
N TYR F 323 -16.64 -0.44 -45.96
CA TYR F 323 -16.44 0.61 -46.95
C TYR F 323 -16.59 0.08 -48.36
N LYS F 324 -16.07 -1.13 -48.59
CA LYS F 324 -16.26 -1.76 -49.88
C LYS F 324 -17.73 -2.01 -50.16
N LEU F 325 -18.49 -2.31 -49.12
CA LEU F 325 -19.90 -2.62 -49.31
C LEU F 325 -20.73 -1.37 -49.61
N LEU F 326 -20.45 -0.27 -48.91
CA LEU F 326 -21.13 0.98 -49.18
C LEU F 326 -20.63 1.65 -50.45
N GLY F 327 -19.65 1.07 -51.13
CA GLY F 327 -19.09 1.66 -52.33
C GLY F 327 -18.01 2.68 -52.09
N ARG F 328 -17.90 3.20 -50.87
CA ARG F 328 -16.81 4.12 -50.54
C ARG F 328 -15.48 3.50 -50.90
N LYS F 329 -14.76 4.17 -51.80
CA LYS F 329 -13.47 3.67 -52.27
C LYS F 329 -12.50 3.37 -51.15
N ASP G 2 52.09 1.68 2.48
CA ASP G 2 50.82 1.68 1.77
C ASP G 2 51.02 1.51 0.27
N LYS G 3 49.93 1.65 -0.48
CA LYS G 3 49.96 1.72 -1.93
C LYS G 3 50.69 2.92 -2.50
N THR G 4 51.17 3.82 -1.65
CA THR G 4 51.49 5.17 -2.04
C THR G 4 52.91 5.27 -2.55
N VAL G 5 53.15 6.29 -3.35
CA VAL G 5 54.44 6.56 -3.97
C VAL G 5 54.81 8.01 -3.73
N LEU G 6 56.09 8.26 -3.51
CA LEU G 6 56.57 9.57 -3.09
C LEU G 6 57.64 10.12 -4.01
N ASP G 7 58.47 9.25 -4.57
CA ASP G 7 59.47 9.63 -5.56
C ASP G 7 59.96 8.35 -6.21
N ALA G 8 60.56 8.50 -7.39
CA ALA G 8 61.03 7.33 -8.13
C ALA G 8 62.03 7.78 -9.18
N ASN G 9 62.40 6.86 -10.06
CA ASN G 9 63.48 7.04 -11.01
C ASN G 9 63.00 7.83 -12.23
N LEU G 10 63.96 8.17 -13.08
CA LEU G 10 63.69 8.90 -14.32
C LEU G 10 64.52 8.38 -15.49
N ASP G 11 65.14 7.21 -15.38
CA ASP G 11 66.05 6.72 -16.41
C ASP G 11 65.34 6.27 -17.69
N PRO G 12 64.12 5.70 -17.64
CA PRO G 12 63.60 5.07 -18.87
C PRO G 12 63.33 6.04 -19.98
N LEU G 13 63.18 7.33 -19.68
CA LEU G 13 62.84 8.34 -20.67
C LEU G 13 64.06 9.07 -21.21
N LYS G 14 65.25 8.80 -20.67
CA LYS G 14 66.45 9.50 -21.10
C LYS G 14 67.00 8.82 -22.35
N GLY G 15 67.03 9.58 -23.45
CA GLY G 15 67.37 9.04 -24.75
C GLY G 15 66.19 8.92 -25.68
N LYS G 16 64.97 8.94 -25.15
CA LYS G 16 63.76 8.82 -25.94
C LYS G 16 63.19 10.20 -26.26
N THR G 17 62.47 10.27 -27.38
CA THR G 17 61.76 11.47 -27.76
C THR G 17 60.31 11.37 -27.33
N ILE G 18 59.71 12.52 -27.03
CA ILE G 18 58.39 12.59 -26.45
C ILE G 18 57.55 13.59 -27.25
N GLY G 19 56.30 13.22 -27.50
CA GLY G 19 55.39 14.07 -28.24
C GLY G 19 54.17 14.40 -27.42
N VAL G 20 53.81 15.68 -27.36
CA VAL G 20 52.68 16.16 -26.58
C VAL G 20 51.61 16.63 -27.53
N ILE G 21 50.43 16.03 -27.43
CA ILE G 21 49.30 16.37 -28.28
C ILE G 21 48.45 17.40 -27.58
N GLY G 22 48.19 18.50 -28.25
CA GLY G 22 47.43 19.58 -27.64
C GLY G 22 48.32 20.51 -26.84
N TYR G 23 48.00 21.79 -26.91
CA TYR G 23 48.72 22.82 -26.17
C TYR G 23 47.75 23.72 -25.44
N GLY G 24 46.72 23.13 -24.87
CA GLY G 24 45.77 23.88 -24.08
C GLY G 24 46.34 24.15 -22.70
N ASN G 25 45.51 24.03 -21.68
CA ASN G 25 45.98 24.25 -20.31
C ASN G 25 47.00 23.17 -19.92
N GLN G 26 46.55 21.92 -19.88
CA GLN G 26 47.42 20.84 -19.44
C GLN G 26 48.67 20.74 -20.32
N GLY G 27 48.49 20.53 -21.61
CA GLY G 27 49.62 20.31 -22.50
C GLY G 27 50.71 21.33 -22.30
N ARG G 28 50.35 22.62 -22.36
CA ARG G 28 51.33 23.67 -22.14
C ARG G 28 52.09 23.44 -20.84
N VAL G 29 51.38 23.16 -19.76
CA VAL G 29 52.00 23.04 -18.44
C VAL G 29 52.99 21.87 -18.42
N GLN G 30 52.47 20.67 -18.67
CA GLN G 30 53.33 19.48 -18.58
C GLN G 30 54.53 19.61 -19.50
N ALA G 31 54.31 20.11 -20.72
CA ALA G 31 55.37 20.26 -21.70
C ALA G 31 56.47 21.18 -21.18
N THR G 32 56.09 22.39 -20.76
CA THR G 32 57.06 23.33 -20.23
C THR G 32 57.88 22.69 -19.11
N ILE G 33 57.20 22.07 -18.15
CA ILE G 33 57.89 21.52 -16.99
C ILE G 33 58.88 20.45 -17.42
N MET G 34 58.38 19.39 -18.06
CA MET G 34 59.25 18.30 -18.47
C MET G 34 60.39 18.78 -19.35
N ARG G 35 60.20 19.88 -20.08
CA ARG G 35 61.33 20.49 -20.76
C ARG G 35 62.35 21.00 -19.77
N GLU G 36 61.89 21.65 -18.71
CA GLU G 36 62.82 22.11 -17.69
C GLU G 36 63.63 20.97 -17.10
N ASN G 37 63.01 19.79 -16.95
CA ASN G 37 63.70 18.66 -16.36
C ASN G 37 64.59 17.92 -17.35
N GLY G 38 64.90 18.53 -18.50
CA GLY G 38 65.89 17.98 -19.40
C GLY G 38 65.37 16.82 -20.23
N LEU G 39 64.41 17.11 -21.11
CA LEU G 39 63.83 16.08 -21.96
C LEU G 39 63.56 16.65 -23.35
N ASN G 40 63.91 15.87 -24.37
CA ASN G 40 63.64 16.27 -25.75
C ASN G 40 62.14 16.16 -26.00
N VAL G 41 61.52 17.28 -26.36
CA VAL G 41 60.08 17.38 -26.41
C VAL G 41 59.66 18.06 -27.71
N ILE G 42 58.53 17.62 -28.25
CA ILE G 42 57.94 18.20 -29.43
C ILE G 42 56.45 18.38 -29.16
N VAL G 43 55.72 18.84 -30.16
CA VAL G 43 54.31 19.15 -30.02
C VAL G 43 53.59 18.81 -31.31
N GLY G 44 52.34 18.36 -31.17
CA GLY G 44 51.50 18.08 -32.30
C GLY G 44 50.16 18.77 -32.16
N ASN G 45 49.81 19.58 -33.14
CA ASN G 45 48.55 20.32 -33.09
C ASN G 45 48.28 20.90 -34.48
N VAL G 46 47.01 21.14 -34.73
CA VAL G 46 46.59 21.77 -35.98
C VAL G 46 46.91 23.25 -35.93
N LYS G 47 47.07 23.86 -37.09
CA LYS G 47 47.52 25.25 -37.20
C LYS G 47 46.41 26.17 -36.73
N ASP G 48 46.52 26.66 -35.50
CA ASP G 48 45.58 27.61 -34.95
C ASP G 48 46.32 28.47 -33.93
N LYS G 49 45.56 29.15 -33.07
CA LYS G 49 46.12 30.01 -32.02
C LYS G 49 47.21 29.28 -31.24
N TYR G 50 46.85 28.17 -30.60
CA TYR G 50 47.80 27.44 -29.77
C TYR G 50 49.05 27.06 -30.55
N TYR G 51 48.92 26.81 -31.85
CA TYR G 51 50.09 26.48 -32.64
C TYR G 51 51.12 27.60 -32.62
N GLU G 52 50.67 28.81 -32.94
CA GLU G 52 51.55 29.97 -32.90
C GLU G 52 52.14 30.16 -31.50
N LEU G 53 51.29 30.06 -30.48
CA LEU G 53 51.76 30.24 -29.11
C LEU G 53 52.87 29.26 -28.78
N ALA G 54 52.67 27.98 -29.10
CA ALA G 54 53.63 26.97 -28.71
C ALA G 54 54.95 27.13 -29.45
N LYS G 55 54.90 27.37 -30.76
CA LYS G 55 56.14 27.60 -31.48
C LYS G 55 56.85 28.85 -30.97
N LYS G 56 56.08 29.84 -30.51
CA LYS G 56 56.67 31.02 -29.90
C LYS G 56 57.43 30.66 -28.63
N GLU G 57 56.83 29.85 -27.77
CA GLU G 57 57.44 29.51 -26.50
C GLU G 57 58.65 28.59 -26.64
N GLY G 58 59.11 28.31 -27.85
CA GLY G 58 60.35 27.59 -28.05
C GLY G 58 60.18 26.11 -28.38
N PHE G 59 59.03 25.71 -28.89
CA PHE G 59 58.74 24.31 -29.19
C PHE G 59 58.73 24.08 -30.69
N GLU G 60 59.40 23.00 -31.11
CA GLU G 60 59.33 22.57 -32.50
C GLU G 60 57.99 21.90 -32.75
N VAL G 61 57.24 22.42 -33.70
CA VAL G 61 55.85 22.01 -33.89
C VAL G 61 55.69 21.37 -35.26
N TYR G 62 55.23 20.13 -35.25
CA TYR G 62 54.74 19.43 -36.41
C TYR G 62 53.28 19.09 -36.17
N GLU G 63 52.59 18.65 -37.22
CA GLU G 63 51.23 18.21 -36.98
C GLU G 63 51.22 16.73 -36.63
N ILE G 64 50.05 16.25 -36.26
CA ILE G 64 49.93 15.18 -35.27
C ILE G 64 50.60 13.89 -35.75
N ASP G 65 50.10 13.32 -36.85
CA ASP G 65 50.64 12.04 -37.31
C ASP G 65 52.16 12.08 -37.41
N GLU G 66 52.70 13.19 -37.91
CA GLU G 66 54.15 13.32 -38.00
C GLU G 66 54.80 13.24 -36.63
N ALA G 67 54.22 13.92 -35.64
CA ALA G 67 54.78 13.88 -34.29
C ALA G 67 54.77 12.47 -33.73
N VAL G 68 53.76 11.67 -34.09
CA VAL G 68 53.69 10.31 -33.58
C VAL G 68 54.74 9.43 -34.25
N ARG G 69 55.11 9.75 -35.49
CA ARG G 69 56.16 8.99 -36.15
C ARG G 69 57.49 9.19 -35.45
N ARG G 70 57.80 10.43 -35.07
CA ARG G 70 59.10 10.75 -34.48
C ARG G 70 59.18 10.38 -33.01
N SER G 71 58.08 9.97 -32.39
CA SER G 71 58.01 9.80 -30.95
C SER G 71 58.01 8.32 -30.58
N ASP G 72 58.66 8.01 -29.47
CA ASP G 72 58.51 6.73 -28.80
C ASP G 72 57.52 6.79 -27.66
N VAL G 73 57.07 7.99 -27.30
CA VAL G 73 56.09 8.19 -26.24
C VAL G 73 55.22 9.37 -26.63
N ALA G 74 53.96 9.33 -26.23
CA ALA G 74 53.00 10.36 -26.61
C ALA G 74 52.03 10.61 -25.48
N LEU G 75 51.65 11.87 -25.31
CA LEU G 75 50.67 12.29 -24.32
C LEU G 75 49.47 12.85 -25.04
N LEU G 76 48.30 12.23 -24.85
CA LEU G 76 47.09 12.58 -25.57
C LEU G 76 46.26 13.50 -24.69
N LEU G 77 46.67 14.76 -24.65
CA LEU G 77 46.05 15.76 -23.77
C LEU G 77 45.09 16.63 -24.58
N ILE G 78 43.92 16.07 -24.86
CA ILE G 78 42.86 16.81 -25.53
C ILE G 78 41.51 16.43 -24.93
N PRO G 79 40.47 17.18 -25.20
CA PRO G 79 39.16 16.87 -24.62
C PRO G 79 38.70 15.47 -24.94
N ASP G 80 37.94 14.89 -24.01
CA ASP G 80 37.42 13.54 -24.17
C ASP G 80 36.27 13.47 -25.16
N GLU G 81 35.88 14.58 -25.76
CA GLU G 81 34.76 14.62 -26.67
C GLU G 81 35.16 14.53 -28.14
N VAL G 82 36.43 14.78 -28.44
CA VAL G 82 36.93 14.77 -29.81
C VAL G 82 38.13 13.86 -29.99
N MET G 83 38.58 13.21 -28.92
CA MET G 83 39.75 12.35 -29.02
C MET G 83 39.50 11.17 -29.94
N LYS G 84 38.25 10.74 -30.04
CA LYS G 84 37.94 9.51 -30.77
C LYS G 84 38.28 9.65 -32.25
N GLU G 85 37.74 10.66 -32.91
CA GLU G 85 37.99 10.84 -34.33
C GLU G 85 39.47 11.07 -34.60
N VAL G 86 40.10 11.90 -33.77
CA VAL G 86 41.52 12.17 -33.92
C VAL G 86 42.31 10.87 -33.85
N TYR G 87 41.97 9.99 -32.93
CA TYR G 87 42.67 8.73 -32.80
C TYR G 87 42.42 7.84 -34.02
N GLU G 88 41.18 7.79 -34.48
CA GLU G 88 40.82 6.86 -35.54
C GLU G 88 41.49 7.25 -36.85
N LYS G 89 41.45 8.54 -37.20
CA LYS G 89 41.90 8.97 -38.52
C LYS G 89 43.41 9.05 -38.60
N LYS G 90 44.04 9.69 -37.63
CA LYS G 90 45.43 10.11 -37.73
C LYS G 90 46.41 9.23 -36.99
N ILE G 91 46.00 8.68 -35.84
CA ILE G 91 46.93 7.99 -34.96
C ILE G 91 46.98 6.50 -35.28
N ALA G 92 45.84 5.84 -35.16
CA ALA G 92 45.80 4.38 -35.31
C ALA G 92 46.58 3.88 -36.51
N PRO G 93 46.53 4.50 -37.68
CA PRO G 93 47.34 4.01 -38.81
C PRO G 93 48.82 4.01 -38.50
N VAL G 94 49.33 5.20 -38.20
CA VAL G 94 50.73 5.37 -37.82
C VAL G 94 51.10 4.36 -36.76
N LEU G 95 50.15 4.04 -35.88
CA LEU G 95 50.41 3.19 -34.74
C LEU G 95 50.49 1.73 -35.13
N GLN G 96 49.63 1.29 -36.06
CA GLN G 96 49.78 -0.04 -36.62
C GLN G 96 51.19 -0.24 -37.14
N GLY G 97 51.80 0.82 -37.65
CA GLY G 97 53.17 0.71 -38.13
C GLY G 97 54.22 1.02 -37.09
N LYS G 98 54.11 0.44 -35.90
CA LYS G 98 55.06 0.66 -34.82
C LYS G 98 55.52 -0.66 -34.24
N LYS G 99 56.54 -0.57 -33.39
CA LYS G 99 57.15 -1.74 -32.75
C LYS G 99 57.01 -1.71 -31.24
N GLU G 100 57.47 -0.64 -30.60
CA GLU G 100 57.44 -0.49 -29.15
C GLU G 100 57.04 0.95 -28.86
N PHE G 101 55.80 1.14 -28.44
CA PHE G 101 55.24 2.47 -28.24
C PHE G 101 54.58 2.55 -26.89
N VAL G 102 54.29 3.78 -26.48
CA VAL G 102 53.70 4.08 -25.18
C VAL G 102 52.69 5.19 -25.36
N LEU G 103 51.54 5.04 -24.71
CA LEU G 103 50.42 5.95 -24.87
C LEU G 103 49.88 6.32 -23.50
N ASP G 104 49.86 7.61 -23.21
CA ASP G 104 49.43 8.13 -21.91
C ASP G 104 48.17 8.96 -22.07
N PHE G 105 47.28 8.86 -21.09
CA PHE G 105 46.07 9.66 -21.04
C PHE G 105 46.00 10.36 -19.69
N ALA G 106 45.22 11.44 -19.66
CA ALA G 106 44.88 12.12 -18.42
C ALA G 106 43.48 11.77 -17.93
N SER G 107 42.71 11.03 -18.71
CA SER G 107 41.38 10.60 -18.33
C SER G 107 41.14 9.21 -18.89
N GLY G 108 40.37 8.42 -18.14
CA GLY G 108 40.07 7.05 -18.52
C GLY G 108 38.69 6.85 -19.10
N TYR G 109 37.99 7.91 -19.45
CA TYR G 109 36.63 7.79 -19.95
C TYR G 109 36.59 6.96 -21.23
N ASN G 110 37.29 7.43 -22.27
CA ASN G 110 37.19 6.82 -23.59
C ASN G 110 37.78 5.43 -23.65
N VAL G 111 38.54 5.02 -22.64
CA VAL G 111 39.15 3.70 -22.61
C VAL G 111 38.39 2.75 -21.70
N ALA G 112 38.06 3.22 -20.50
CA ALA G 112 37.31 2.39 -19.57
C ALA G 112 36.03 1.85 -20.19
N PHE G 113 35.45 2.61 -21.12
CA PHE G 113 34.19 2.23 -21.74
C PHE G 113 34.38 1.70 -23.15
N GLY G 114 35.61 1.56 -23.61
CA GLY G 114 35.87 0.84 -24.84
C GLY G 114 35.70 1.63 -26.11
N LEU G 115 35.58 2.95 -26.02
CA LEU G 115 35.51 3.78 -27.22
C LEU G 115 36.85 3.89 -27.91
N ILE G 116 37.92 3.42 -27.27
CA ILE G 116 39.25 3.42 -27.85
C ILE G 116 39.94 2.15 -27.42
N ARG G 117 40.33 1.32 -28.38
CA ARG G 117 40.89 -0.01 -28.12
C ARG G 117 42.20 -0.11 -28.88
N PRO G 118 43.30 0.33 -28.29
CA PRO G 118 44.58 0.26 -28.97
C PRO G 118 45.06 -1.17 -29.09
N PRO G 119 46.06 -1.43 -29.91
CA PRO G 119 46.53 -2.80 -30.09
C PRO G 119 47.25 -3.34 -28.87
N LYS G 120 47.74 -4.57 -28.99
CA LYS G 120 48.52 -5.21 -27.95
C LYS G 120 50.01 -4.96 -28.08
N SER G 121 50.43 -4.32 -29.17
CA SER G 121 51.81 -3.92 -29.37
C SER G 121 52.18 -2.67 -28.58
N VAL G 122 51.34 -2.27 -27.65
CA VAL G 122 51.39 -0.94 -27.07
C VAL G 122 51.27 -1.03 -25.56
N ASP G 123 51.94 -0.13 -24.86
CA ASP G 123 51.81 0.02 -23.43
C ASP G 123 50.84 1.17 -23.16
N THR G 124 49.72 0.86 -22.52
CA THR G 124 48.65 1.82 -22.30
C THR G 124 48.60 2.18 -20.83
N ILE G 125 48.74 3.47 -20.54
CA ILE G 125 48.89 3.94 -19.17
C ILE G 125 48.02 5.15 -18.93
N MET G 126 48.19 5.76 -17.76
CA MET G 126 47.29 6.81 -17.31
C MET G 126 47.99 7.64 -16.26
N VAL G 127 47.84 8.95 -16.35
CA VAL G 127 48.37 9.87 -15.35
C VAL G 127 47.40 11.03 -15.18
N ALA G 128 46.72 11.07 -14.05
CA ALA G 128 45.60 11.99 -13.84
C ALA G 128 45.90 12.93 -12.68
N PRO G 129 46.14 14.21 -12.92
CA PRO G 129 46.33 15.16 -11.83
C PRO G 129 44.98 15.52 -11.20
N ARG G 130 45.06 16.22 -10.07
CA ARG G 130 43.90 16.67 -9.32
C ARG G 130 44.00 18.16 -9.05
N MET G 131 44.39 18.92 -10.07
CA MET G 131 44.47 20.37 -9.98
C MET G 131 44.11 20.96 -11.33
N VAL G 132 43.60 22.19 -11.29
CA VAL G 132 43.04 22.80 -12.50
C VAL G 132 44.13 23.05 -13.53
N GLY G 133 45.31 23.46 -13.11
CA GLY G 133 46.37 23.81 -14.02
C GLY G 133 46.88 25.22 -13.78
N GLU G 134 45.96 26.14 -13.47
CA GLU G 134 46.38 27.49 -13.12
C GLU G 134 47.18 27.50 -11.83
N GLY G 135 46.78 26.67 -10.86
CA GLY G 135 47.51 26.58 -9.61
C GLY G 135 48.71 25.66 -9.67
N ILE G 136 48.74 24.74 -10.63
CA ILE G 136 49.86 23.80 -10.71
C ILE G 136 51.16 24.54 -10.95
N MET G 137 51.15 25.51 -11.88
CA MET G 137 52.33 26.35 -12.06
C MET G 137 52.61 27.16 -10.80
N ASP G 138 51.56 27.75 -10.22
CA ASP G 138 51.69 28.48 -8.97
C ASP G 138 52.39 27.66 -7.90
N LEU G 139 52.36 26.33 -8.00
CA LEU G 139 53.03 25.47 -7.03
C LEU G 139 54.39 24.99 -7.51
N HIS G 140 54.57 24.81 -8.83
CA HIS G 140 55.86 24.35 -9.33
C HIS G 140 56.95 25.37 -9.04
N LYS G 141 56.61 26.65 -9.05
CA LYS G 141 57.62 27.67 -8.78
C LYS G 141 58.21 27.52 -7.38
N GLN G 142 57.45 26.94 -6.46
CA GLN G 142 57.88 26.76 -5.08
C GLN G 142 58.59 25.44 -4.86
N GLY G 143 58.90 24.70 -5.92
CA GLY G 143 59.44 23.37 -5.76
C GLY G 143 58.46 22.38 -5.17
N LYS G 144 57.18 22.72 -5.10
CA LYS G 144 56.17 21.84 -4.55
C LYS G 144 55.68 20.86 -5.60
N GLY G 145 55.25 19.70 -5.14
CA GLY G 145 54.62 18.71 -5.98
C GLY G 145 53.12 18.85 -5.95
N TYR G 146 52.45 17.79 -6.42
CA TYR G 146 51.00 17.75 -6.35
C TYR G 146 50.56 16.31 -6.59
N PRO G 147 49.32 15.97 -6.22
CA PRO G 147 48.87 14.59 -6.36
C PRO G 147 48.43 14.22 -7.77
N VAL G 148 48.51 12.91 -8.03
CA VAL G 148 48.09 12.34 -9.30
C VAL G 148 47.65 10.90 -9.06
N LEU G 149 46.95 10.34 -10.04
CA LEU G 149 46.57 8.94 -10.03
C LEU G 149 47.24 8.23 -11.20
N LEU G 150 47.57 6.96 -10.98
CA LEU G 150 48.23 6.14 -11.97
C LEU G 150 47.38 4.92 -12.29
N GLY G 151 47.51 4.45 -13.52
CA GLY G 151 46.79 3.27 -13.93
C GLY G 151 47.43 2.65 -15.15
N VAL G 152 47.19 1.36 -15.31
CA VAL G 152 47.73 0.60 -16.44
C VAL G 152 46.65 -0.32 -16.96
N LYS G 153 46.46 -0.30 -18.27
CA LYS G 153 45.46 -1.11 -18.95
C LYS G 153 46.06 -2.24 -19.75
N GLN G 154 47.26 -2.06 -20.27
CA GLN G 154 47.85 -3.01 -21.21
C GLN G 154 49.36 -2.90 -21.10
N ASP G 155 50.00 -3.97 -20.63
CA ASP G 155 51.45 -4.02 -20.49
C ASP G 155 51.99 -5.03 -21.48
N ALA G 156 52.79 -4.54 -22.43
CA ALA G 156 53.46 -5.38 -23.40
C ALA G 156 54.96 -5.44 -23.20
N SER G 157 55.47 -4.80 -22.15
CA SER G 157 56.92 -4.69 -21.96
C SER G 157 57.34 -4.87 -20.51
N GLY G 158 56.42 -5.16 -19.59
CA GLY G 158 56.75 -5.35 -18.20
C GLY G 158 57.40 -4.14 -17.54
N LYS G 159 57.34 -2.99 -18.21
CA LYS G 159 57.96 -1.77 -17.71
C LYS G 159 56.96 -0.62 -17.57
N ALA G 160 55.67 -0.89 -17.69
CA ALA G 160 54.68 0.19 -17.74
C ALA G 160 54.73 1.03 -16.48
N TRP G 161 54.65 0.40 -15.31
CA TRP G 161 54.64 1.14 -14.06
C TRP G 161 55.85 2.05 -13.94
N ASP G 162 57.02 1.56 -14.32
CA ASP G 162 58.22 2.38 -14.30
C ASP G 162 58.04 3.61 -15.18
N TYR G 163 57.50 3.42 -16.37
CA TYR G 163 57.24 4.55 -17.26
C TYR G 163 56.30 5.54 -16.59
N ALA G 164 55.24 5.05 -15.95
CA ALA G 164 54.25 5.92 -15.35
C ALA G 164 54.88 6.78 -14.26
N LYS G 165 55.65 6.16 -13.38
CA LYS G 165 56.30 6.91 -12.32
C LYS G 165 57.30 7.91 -12.88
N ALA G 166 58.04 7.50 -13.91
CA ALA G 166 58.96 8.42 -14.56
C ALA G 166 58.23 9.64 -15.09
N ILE G 167 57.08 9.43 -15.72
CA ILE G 167 56.28 10.56 -16.19
C ILE G 167 55.89 11.45 -15.01
N ALA G 168 55.29 10.85 -13.99
CA ALA G 168 54.87 11.61 -12.82
C ALA G 168 55.99 12.51 -12.32
N LYS G 169 57.22 11.99 -12.33
CA LYS G 169 58.35 12.80 -11.92
C LYS G 169 58.66 13.88 -12.95
N GLY G 170 58.49 13.56 -14.24
CA GLY G 170 58.89 14.50 -15.28
C GLY G 170 58.03 15.75 -15.30
N ILE G 171 56.80 15.67 -14.79
CA ILE G 171 55.89 16.80 -14.81
C ILE G 171 55.87 17.55 -13.48
N GLY G 172 56.69 17.14 -12.51
CA GLY G 172 56.82 17.88 -11.28
C GLY G 172 55.79 17.58 -10.24
N ALA G 173 55.03 16.50 -10.37
CA ALA G 173 54.10 16.12 -9.32
C ALA G 173 54.84 15.60 -8.11
N ILE G 174 55.97 14.93 -8.32
CA ILE G 174 56.79 14.42 -7.23
C ILE G 174 58.25 14.63 -7.57
N PRO G 175 59.12 14.72 -6.54
CA PRO G 175 58.73 14.70 -5.13
C PRO G 175 58.14 16.03 -4.67
N GLY G 176 57.41 15.99 -3.56
CA GLY G 176 56.72 17.16 -3.07
C GLY G 176 55.24 16.88 -2.92
N GLY G 177 54.71 16.11 -3.86
CA GLY G 177 53.34 15.63 -3.79
C GLY G 177 53.35 14.12 -3.64
N ILE G 178 52.34 13.45 -4.19
CA ILE G 178 52.30 12.00 -4.13
C ILE G 178 51.66 11.44 -5.39
N ALA G 179 51.61 10.12 -5.48
CA ALA G 179 51.05 9.44 -6.64
C ALA G 179 50.38 8.16 -6.15
N VAL G 180 49.14 7.96 -6.57
CA VAL G 180 48.37 6.79 -6.19
C VAL G 180 48.19 5.89 -7.39
N ILE G 181 48.27 4.59 -7.15
CA ILE G 181 48.05 3.59 -8.18
C ILE G 181 46.59 3.21 -8.17
N SER G 182 45.99 3.16 -9.36
CA SER G 182 44.58 2.85 -9.47
C SER G 182 44.32 2.36 -10.90
N SER G 183 43.06 2.32 -11.28
CA SER G 183 42.64 1.87 -12.59
C SER G 183 42.10 3.04 -13.40
N PHE G 184 41.84 2.77 -14.68
CA PHE G 184 41.11 3.72 -15.49
C PHE G 184 39.68 3.87 -14.99
N GLU G 185 39.10 2.78 -14.51
CA GLU G 185 37.72 2.78 -14.07
C GLU G 185 37.56 3.58 -12.79
N GLU G 186 38.42 3.35 -11.81
CA GLU G 186 38.36 4.04 -10.54
C GLU G 186 38.61 5.52 -10.66
N GLU G 187 38.98 6.02 -11.83
CA GLU G 187 39.14 7.45 -12.06
C GLU G 187 37.95 8.05 -12.78
N ALA G 188 37.48 7.40 -13.83
CA ALA G 188 36.27 7.86 -14.50
C ALA G 188 35.11 7.88 -13.52
N LEU G 189 34.95 6.79 -12.77
CA LEU G 189 33.90 6.71 -11.76
C LEU G 189 33.90 7.93 -10.87
N LEU G 190 35.08 8.31 -10.38
CA LEU G 190 35.17 9.44 -9.45
C LEU G 190 34.89 10.76 -10.16
N ASP G 191 35.57 11.00 -11.26
CA ASP G 191 35.36 12.25 -11.99
C ASP G 191 33.90 12.46 -12.31
N LEU G 192 33.13 11.39 -12.45
CA LEU G 192 31.72 11.52 -12.77
C LEU G 192 30.85 11.66 -11.53
N MET G 193 31.06 10.80 -10.54
CA MET G 193 30.19 10.79 -9.38
C MET G 193 30.12 12.15 -8.71
N SER G 194 31.22 12.91 -8.74
CA SER G 194 31.17 14.27 -8.25
C SER G 194 30.19 15.11 -9.05
N GLU G 195 30.25 14.99 -10.38
CA GLU G 195 29.43 15.78 -11.27
C GLU G 195 27.98 15.31 -11.29
N HIS G 196 27.67 14.19 -10.66
CA HIS G 196 26.33 13.65 -10.68
C HIS G 196 25.66 13.61 -9.31
N THR G 197 26.38 13.78 -8.21
CA THR G 197 25.78 13.61 -6.90
C THR G 197 25.71 14.89 -6.08
N TRP G 198 26.83 15.46 -5.66
CA TRP G 198 26.73 16.51 -4.64
C TRP G 198 26.69 17.91 -5.22
N VAL G 199 27.26 18.11 -6.39
CA VAL G 199 27.20 19.40 -7.07
C VAL G 199 25.75 19.73 -7.42
N PRO G 200 25.07 18.87 -8.19
CA PRO G 200 23.68 19.18 -8.56
C PRO G 200 22.74 19.21 -7.38
N ILE G 201 22.97 18.33 -6.40
CA ILE G 201 22.16 18.35 -5.19
C ILE G 201 22.30 19.68 -4.48
N LEU G 202 23.53 20.14 -4.31
CA LEU G 202 23.79 21.43 -3.71
C LEU G 202 23.03 22.53 -4.45
N PHE G 203 23.17 22.57 -5.77
CA PHE G 203 22.53 23.63 -6.55
C PHE G 203 21.01 23.58 -6.39
N GLY G 204 20.44 22.39 -6.49
CA GLY G 204 19.00 22.28 -6.34
C GLY G 204 18.53 22.69 -4.97
N ALA G 205 19.30 22.35 -3.93
CA ALA G 205 18.93 22.76 -2.58
C ALA G 205 18.92 24.26 -2.45
N ILE G 206 19.95 24.92 -2.97
CA ILE G 206 20.00 26.37 -2.93
C ILE G 206 18.80 26.97 -3.64
N LYS G 207 18.55 26.52 -4.86
CA LYS G 207 17.44 27.02 -5.63
C LYS G 207 16.12 26.83 -4.89
N ALA G 208 15.94 25.68 -4.26
CA ALA G 208 14.71 25.41 -3.54
C ALA G 208 14.56 26.33 -2.34
N CYS G 209 15.65 26.54 -1.61
CA CYS G 209 15.60 27.47 -0.48
C CYS G 209 15.15 28.85 -0.95
N TYR G 210 15.74 29.32 -2.05
CA TYR G 210 15.32 30.61 -2.60
C TYR G 210 13.84 30.64 -2.90
N ASP G 211 13.39 29.70 -3.74
CA ASP G 211 12.00 29.68 -4.17
C ASP G 211 11.06 29.67 -2.97
N ILE G 212 11.38 28.82 -1.99
CA ILE G 212 10.52 28.68 -0.81
C ILE G 212 10.46 29.99 -0.04
N ALA G 213 11.63 30.47 0.40
CA ALA G 213 11.69 31.69 1.18
C ALA G 213 10.94 32.81 0.52
N VAL G 214 10.95 32.87 -0.81
CA VAL G 214 10.27 33.96 -1.49
C VAL G 214 8.77 33.74 -1.53
N LYS G 215 8.34 32.57 -1.97
CA LYS G 215 6.93 32.35 -2.31
C LYS G 215 6.10 31.84 -1.15
N GLU G 216 6.67 31.69 0.04
CA GLU G 216 5.88 31.23 1.17
C GLU G 216 6.13 31.99 2.46
N TYR G 217 7.16 32.83 2.53
CA TYR G 217 7.44 33.60 3.73
C TYR G 217 7.69 35.07 3.40
N GLY G 218 7.36 35.50 2.19
CA GLY G 218 7.36 36.91 1.87
C GLY G 218 8.71 37.58 1.95
N VAL G 219 9.77 36.85 1.63
CA VAL G 219 11.10 37.39 1.70
C VAL G 219 11.42 38.13 0.41
N SER G 220 12.36 39.04 0.50
CA SER G 220 12.80 39.79 -0.67
C SER G 220 13.90 39.03 -1.41
N PRO G 221 13.91 39.07 -2.73
CA PRO G 221 14.96 38.37 -3.47
C PRO G 221 16.36 38.83 -3.14
N GLU G 222 16.52 40.13 -2.87
CA GLU G 222 17.84 40.70 -2.66
C GLU G 222 18.52 40.22 -1.39
N ALA G 223 17.81 39.48 -0.54
CA ALA G 223 18.33 39.02 0.75
C ALA G 223 18.65 37.53 0.75
N ALA G 224 17.75 36.74 0.16
CA ALA G 224 17.99 35.32 0.01
C ALA G 224 19.35 35.07 -0.64
N LEU G 225 19.62 35.78 -1.72
CA LEU G 225 20.90 35.60 -2.42
C LEU G 225 22.06 35.91 -1.51
N LEU G 226 21.99 37.02 -0.79
CA LEU G 226 23.06 37.38 0.13
C LEU G 226 23.33 36.26 1.11
N GLU G 227 22.28 35.66 1.66
CA GLU G 227 22.53 34.60 2.63
C GLU G 227 23.09 33.36 1.98
N PHE G 228 22.59 33.00 0.80
CA PHE G 228 22.86 31.66 0.27
C PHE G 228 24.22 31.60 -0.43
N TYR G 229 24.42 32.36 -1.50
CA TYR G 229 25.70 32.31 -2.19
C TYR G 229 26.26 33.65 -2.64
N ALA G 230 25.48 34.72 -2.67
CA ALA G 230 26.04 35.99 -3.14
C ALA G 230 27.12 36.52 -2.22
N SER G 231 27.27 35.95 -1.03
CA SER G 231 28.38 36.23 -0.14
C SER G 231 29.45 35.17 -0.30
N GLY G 232 30.66 35.50 0.15
CA GLY G 232 31.79 34.58 0.09
C GLY G 232 31.83 33.57 1.21
N GLU G 233 30.68 33.37 1.86
CA GLU G 233 30.54 32.33 2.87
C GLU G 233 31.20 31.02 2.43
N LEU G 234 30.93 30.62 1.20
CA LEU G 234 31.14 29.24 0.80
C LEU G 234 32.61 28.96 0.49
N ALA G 235 33.28 29.91 -0.16
CA ALA G 235 34.71 29.73 -0.42
C ALA G 235 35.50 29.68 0.90
N GLU G 236 35.11 30.50 1.87
CA GLU G 236 35.66 30.38 3.21
C GLU G 236 35.61 28.93 3.71
N ILE G 237 34.42 28.35 3.69
CA ILE G 237 34.25 26.99 4.21
C ILE G 237 35.09 26.01 3.41
N ALA G 238 35.10 26.16 2.09
CA ALA G 238 35.90 25.28 1.25
C ALA G 238 37.38 25.32 1.64
N ARG G 239 37.88 26.52 1.90
CA ARG G 239 39.28 26.68 2.28
C ARG G 239 39.56 25.97 3.60
N LEU G 240 38.77 26.29 4.63
CA LEU G 240 38.97 25.65 5.92
C LEU G 240 38.88 24.15 5.82
N ILE G 241 38.07 23.64 4.88
CA ILE G 241 37.99 22.20 4.66
C ILE G 241 39.30 21.68 4.11
N ALA G 242 39.77 22.28 3.01
CA ALA G 242 40.98 21.80 2.38
C ALA G 242 42.18 21.85 3.32
N GLU G 243 42.16 22.76 4.29
CA GLU G 243 43.32 22.96 5.16
C GLU G 243 43.19 22.25 6.51
N GLU G 244 42.16 22.60 7.28
CA GLU G 244 42.04 22.10 8.65
C GLU G 244 41.33 20.76 8.73
N GLY G 245 40.53 20.42 7.73
CA GLY G 245 39.68 19.25 7.80
C GLY G 245 38.22 19.63 7.76
N ILE G 246 37.41 18.68 7.28
CA ILE G 246 35.99 18.97 7.02
C ILE G 246 35.25 19.25 8.33
N PHE G 247 35.47 18.41 9.34
CA PHE G 247 34.72 18.54 10.58
C PHE G 247 35.38 19.55 11.52
N ASN G 248 36.68 19.40 11.75
CA ASN G 248 37.40 20.38 12.56
C ASN G 248 37.19 21.79 12.05
N GLN G 249 36.80 21.95 10.80
CA GLN G 249 36.47 23.26 10.25
C GLN G 249 35.35 23.93 11.02
N MET G 250 34.47 23.14 11.64
CA MET G 250 33.25 23.66 12.24
C MET G 250 33.44 24.24 13.62
N VAL G 251 34.61 24.02 14.23
CA VAL G 251 34.84 24.56 15.57
C VAL G 251 34.81 26.08 15.57
N HIS G 252 35.17 26.70 14.45
CA HIS G 252 35.19 28.15 14.36
C HIS G 252 33.80 28.74 14.18
N HIS G 253 32.77 27.92 14.10
CA HIS G 253 31.39 28.37 14.01
C HIS G 253 30.74 28.31 15.38
N SER G 254 29.49 28.75 15.44
CA SER G 254 28.75 28.76 16.69
C SER G 254 28.15 27.40 16.99
N THR G 255 27.90 27.17 18.28
CA THR G 255 27.37 25.88 18.72
C THR G 255 26.04 25.56 18.05
N THR G 256 25.18 26.56 17.91
CA THR G 256 23.89 26.36 17.28
C THR G 256 24.06 25.77 15.89
N SER G 257 24.96 26.35 15.11
CA SER G 257 25.23 25.84 13.76
C SER G 257 25.70 24.41 13.81
N GLN G 258 26.66 24.11 14.69
CA GLN G 258 27.17 22.75 14.82
C GLN G 258 26.03 21.77 15.09
N TYR G 259 25.19 22.11 16.06
CA TYR G 259 24.10 21.22 16.46
C TYR G 259 23.18 20.94 15.28
N GLY G 260 22.65 21.99 14.67
CA GLY G 260 21.75 21.80 13.56
C GLY G 260 22.37 20.99 12.45
N THR G 261 23.61 21.36 12.08
CA THR G 261 24.30 20.67 11.00
C THR G 261 24.43 19.19 11.28
N LEU G 262 24.95 18.83 12.45
CA LEU G 262 25.19 17.43 12.76
C LEU G 262 23.89 16.63 12.77
N THR G 263 22.88 17.16 13.47
CA THR G 263 21.61 16.45 13.55
C THR G 263 21.05 16.19 12.15
N ARG G 264 20.94 17.25 11.35
CA ARG G 264 20.33 17.09 10.04
C ARG G 264 21.20 16.29 9.09
N MET G 265 22.51 16.22 9.35
CA MET G 265 23.38 15.39 8.55
C MET G 265 23.11 13.92 8.81
N PHE G 266 23.17 13.52 10.08
CA PHE G 266 22.89 12.13 10.41
C PHE G 266 21.44 11.77 10.16
N LYS G 267 20.58 12.75 9.92
CA LYS G 267 19.16 12.51 9.70
C LYS G 267 18.82 12.27 8.24
N TYR G 268 19.59 12.84 7.31
CA TYR G 268 19.30 12.75 5.88
C TYR G 268 20.37 11.98 5.13
N TYR G 269 21.03 11.04 5.80
CA TYR G 269 22.17 10.34 5.20
C TYR G 269 21.74 9.18 4.33
N ASP G 270 20.63 8.52 4.67
CA ASP G 270 20.22 7.34 3.92
C ASP G 270 19.67 7.72 2.55
N VAL G 271 18.94 8.83 2.49
CA VAL G 271 18.33 9.28 1.24
C VAL G 271 19.41 9.46 0.16
N VAL G 272 20.36 10.35 0.45
CA VAL G 272 21.41 10.64 -0.49
C VAL G 272 22.24 9.41 -0.78
N ARG G 273 22.36 8.51 0.20
CA ARG G 273 23.07 7.26 -0.03
C ARG G 273 22.39 6.45 -1.12
N ARG G 274 21.07 6.34 -1.05
CA ARG G 274 20.31 5.66 -2.09
C ARG G 274 20.58 6.30 -3.44
N ILE G 275 20.50 7.62 -3.49
CA ILE G 275 20.75 8.34 -4.74
C ILE G 275 22.11 7.97 -5.31
N VAL G 276 23.14 8.03 -4.48
CA VAL G 276 24.51 7.80 -4.92
C VAL G 276 24.65 6.38 -5.43
N GLU G 277 24.06 5.42 -4.73
CA GLU G 277 24.05 4.05 -5.23
C GLU G 277 23.50 4.00 -6.65
N ASN G 278 22.31 4.58 -6.85
CA ASN G 278 21.69 4.55 -8.16
C ASN G 278 22.63 5.08 -9.23
N GLU G 279 23.24 6.24 -8.98
CA GLU G 279 24.03 6.87 -10.02
C GLU G 279 25.33 6.10 -10.29
N ALA G 280 26.02 5.70 -9.22
CA ALA G 280 27.24 4.92 -9.40
C ALA G 280 26.96 3.66 -10.20
N LYS G 281 25.84 3.00 -9.92
CA LYS G 281 25.49 1.82 -10.69
C LYS G 281 25.22 2.16 -12.14
N TYR G 282 24.46 3.24 -12.38
CA TYR G 282 24.21 3.69 -13.74
C TYR G 282 25.52 3.87 -14.50
N ILE G 283 26.58 4.25 -13.80
CA ILE G 283 27.85 4.51 -14.47
C ILE G 283 28.61 3.21 -14.71
N TRP G 284 28.86 2.45 -13.65
CA TRP G 284 29.65 1.23 -13.72
C TRP G 284 29.27 0.37 -14.91
N ASP G 285 28.00 0.42 -15.31
CA ASP G 285 27.51 -0.43 -16.39
C ASP G 285 27.83 0.13 -17.77
N GLY G 286 27.99 1.44 -17.88
CA GLY G 286 28.25 2.07 -19.15
C GLY G 286 27.06 2.73 -19.81
N SER G 287 25.99 2.98 -19.06
CA SER G 287 24.78 3.55 -19.63
C SER G 287 24.92 5.05 -19.89
N PHE G 288 25.60 5.75 -18.99
CA PHE G 288 25.74 7.19 -19.15
C PHE G 288 26.54 7.54 -20.39
N ALA G 289 27.59 6.76 -20.67
CA ALA G 289 28.36 7.00 -21.88
C ALA G 289 27.49 6.89 -23.12
N LYS G 290 26.65 5.86 -23.15
CA LYS G 290 25.70 5.70 -24.23
C LYS G 290 24.80 6.93 -24.36
N GLU G 291 24.16 7.31 -23.25
CA GLU G 291 23.30 8.48 -23.23
C GLU G 291 23.99 9.69 -23.84
N TRP G 292 25.18 9.99 -23.34
CA TRP G 292 25.91 11.19 -23.76
C TRP G 292 26.30 11.13 -25.23
N SER G 293 26.82 9.98 -25.67
CA SER G 293 27.18 9.83 -27.07
C SER G 293 25.99 10.03 -27.98
N LEU G 294 24.85 9.45 -27.63
CA LEU G 294 23.66 9.61 -28.44
C LEU G 294 23.23 11.07 -28.50
N GLU G 295 23.22 11.75 -27.36
CA GLU G 295 22.85 13.16 -27.38
C GLU G 295 23.75 13.95 -28.31
N GLN G 296 25.05 13.65 -28.30
CA GLN G 296 25.93 14.29 -29.28
C GLN G 296 25.44 14.02 -30.70
N GLN G 297 25.00 12.80 -30.97
CA GLN G 297 24.62 12.44 -32.32
C GLN G 297 23.31 13.10 -32.74
N ALA G 298 22.49 13.50 -31.78
CA ALA G 298 21.18 14.06 -32.11
C ALA G 298 21.23 15.57 -32.32
N GLY G 299 22.10 16.28 -31.61
CA GLY G 299 22.23 17.71 -31.80
C GLY G 299 22.14 18.53 -30.53
N TYR G 300 22.33 17.88 -29.39
CA TYR G 300 22.34 18.57 -28.11
C TYR G 300 21.05 19.33 -27.85
N PRO G 301 19.87 18.75 -28.10
CA PRO G 301 18.64 19.51 -27.85
C PRO G 301 18.35 19.70 -26.37
N VAL G 302 18.50 18.64 -25.58
CA VAL G 302 18.23 18.72 -24.15
C VAL G 302 19.18 19.70 -23.48
N PHE G 303 20.47 19.56 -23.79
CA PHE G 303 21.47 20.52 -23.33
C PHE G 303 21.01 21.95 -23.57
N TYR G 304 20.59 22.23 -24.81
CA TYR G 304 20.11 23.56 -25.18
C TYR G 304 18.96 24.00 -24.29
N ARG G 305 17.91 23.19 -24.22
CA ARG G 305 16.69 23.59 -23.52
C ARG G 305 16.97 23.82 -22.05
N LEU G 306 17.83 23.00 -21.46
CA LEU G 306 18.12 23.16 -20.04
C LEU G 306 18.95 24.41 -19.79
N TRP G 307 19.95 24.66 -20.63
CA TRP G 307 20.70 25.90 -20.51
C TRP G 307 19.76 27.10 -20.56
N GLU G 308 18.71 27.00 -21.38
CA GLU G 308 17.74 28.10 -21.42
C GLU G 308 16.94 28.17 -20.13
N LEU G 309 16.32 27.07 -19.74
CA LEU G 309 15.45 27.07 -18.57
C LEU G 309 16.16 27.55 -17.32
N ALA G 310 17.45 27.25 -17.20
CA ALA G 310 18.18 27.67 -16.01
C ALA G 310 18.38 29.18 -15.98
N THR G 311 18.78 29.76 -17.11
CA THR G 311 19.05 31.18 -17.16
C THR G 311 17.79 32.02 -17.19
N GLN G 312 16.70 31.48 -17.71
CA GLN G 312 15.42 32.18 -17.71
C GLN G 312 14.66 31.96 -16.41
N SER G 313 15.28 31.36 -15.42
CA SER G 313 14.67 31.23 -14.12
C SER G 313 14.67 32.57 -13.39
N GLU G 314 13.88 32.65 -12.32
CA GLU G 314 13.76 33.91 -11.59
C GLU G 314 15.03 34.21 -10.80
N MET G 315 15.57 33.19 -10.14
CA MET G 315 16.78 33.38 -9.34
C MET G 315 17.89 34.01 -10.17
N ALA G 316 18.05 33.55 -11.40
CA ALA G 316 19.15 34.05 -12.23
C ALA G 316 18.95 35.51 -12.60
N LYS G 317 17.73 35.90 -12.92
CA LYS G 317 17.45 37.29 -13.26
C LYS G 317 17.72 38.19 -12.06
N ALA G 318 17.26 37.78 -10.88
CA ALA G 318 17.52 38.56 -9.68
C ALA G 318 19.02 38.67 -9.44
N GLU G 319 19.74 37.56 -9.55
CA GLU G 319 21.19 37.58 -9.42
C GLU G 319 21.80 38.57 -10.38
N LYS G 320 21.25 38.65 -11.60
CA LYS G 320 21.76 39.58 -12.59
C LYS G 320 21.59 41.01 -12.13
N GLU G 321 20.36 41.40 -11.82
CA GLU G 321 20.12 42.75 -11.31
C GLU G 321 21.08 43.08 -10.18
N LEU G 322 21.27 42.13 -9.26
CA LEU G 322 22.07 42.39 -8.08
C LEU G 322 23.54 42.59 -8.43
N TYR G 323 24.17 41.58 -9.04
CA TYR G 323 25.57 41.67 -9.40
C TYR G 323 25.85 42.99 -10.11
N LYS G 324 24.94 43.40 -10.98
CA LYS G 324 25.07 44.70 -11.62
C LYS G 324 25.08 45.82 -10.59
N LEU G 325 24.31 45.66 -9.53
CA LEU G 325 24.20 46.70 -8.52
C LEU G 325 25.45 46.81 -7.66
N LEU G 326 26.01 45.66 -7.26
CA LEU G 326 27.24 45.66 -6.50
C LEU G 326 28.46 45.96 -7.36
N GLY G 327 28.28 46.16 -8.66
CA GLY G 327 29.38 46.42 -9.55
C GLY G 327 30.08 45.18 -10.07
N ARG G 328 29.88 44.04 -9.44
CA ARG G 328 30.45 42.79 -9.93
C ARG G 328 30.07 42.58 -11.39
N LYS G 329 31.07 42.51 -12.25
CA LYS G 329 30.85 42.36 -13.68
C LYS G 329 29.96 41.18 -14.03
N ASP H 2 13.51 50.18 -5.87
CA ASP H 2 13.27 48.99 -5.08
C ASP H 2 13.23 49.30 -3.60
N LYS H 3 13.15 48.24 -2.80
CA LYS H 3 13.32 48.32 -1.35
C LYS H 3 14.69 48.79 -0.88
N THR H 4 15.61 48.98 -1.81
CA THR H 4 17.03 49.00 -1.50
C THR H 4 17.48 50.39 -1.06
N VAL H 5 18.59 50.41 -0.33
CA VAL H 5 19.17 51.63 0.19
C VAL H 5 20.66 51.63 -0.14
N LEU H 6 21.19 52.81 -0.44
CA LEU H 6 22.54 52.94 -0.95
C LEU H 6 23.38 53.90 -0.13
N ASP H 7 22.76 54.94 0.43
CA ASP H 7 23.42 55.86 1.34
C ASP H 7 22.34 56.67 2.01
N ALA H 8 22.69 57.28 3.14
CA ALA H 8 21.71 58.03 3.91
C ALA H 8 22.44 58.95 4.88
N ASN H 9 21.67 59.57 5.78
CA ASN H 9 22.17 60.62 6.66
C ASN H 9 22.89 60.03 7.86
N LEU H 10 23.49 60.92 8.64
CA LEU H 10 24.20 60.55 9.85
C LEU H 10 23.97 61.52 10.99
N ASP H 11 22.96 62.39 10.90
CA ASP H 11 22.76 63.44 11.90
C ASP H 11 22.24 62.91 13.24
N PRO H 12 21.40 61.87 13.29
CA PRO H 12 20.73 61.56 14.56
C PRO H 12 21.69 61.13 15.65
N LEU H 13 22.88 60.67 15.30
CA LEU H 13 23.84 60.15 16.25
C LEU H 13 24.86 61.19 16.70
N LYS H 14 24.85 62.38 16.09
CA LYS H 14 25.84 63.40 16.42
C LYS H 14 25.37 64.14 17.67
N GLY H 15 26.18 64.06 18.73
CA GLY H 15 25.82 64.57 20.03
C GLY H 15 25.48 63.49 21.03
N LYS H 16 25.18 62.29 20.57
CA LYS H 16 24.83 61.17 21.44
C LYS H 16 26.05 60.32 21.73
N THR H 17 26.02 59.65 22.88
CA THR H 17 27.05 58.69 23.25
C THR H 17 26.58 57.29 22.90
N ILE H 18 27.55 56.43 22.60
CA ILE H 18 27.27 55.09 22.10
C ILE H 18 28.09 54.09 22.89
N GLY H 19 27.46 52.97 23.25
CA GLY H 19 28.11 51.92 23.99
C GLY H 19 28.11 50.62 23.23
N VAL H 20 29.26 49.97 23.14
CA VAL H 20 29.41 48.73 22.39
C VAL H 20 29.68 47.62 23.39
N ILE H 21 28.82 46.61 23.38
CA ILE H 21 28.93 45.48 24.29
C ILE H 21 29.70 44.37 23.59
N GLY H 22 30.75 43.89 24.22
CA GLY H 22 31.58 42.87 23.62
C GLY H 22 32.65 43.47 22.73
N TYR H 23 33.82 42.87 22.74
CA TYR H 23 34.94 43.29 21.92
C TYR H 23 35.54 42.10 21.21
N GLY H 24 34.69 41.21 20.73
CA GLY H 24 35.15 40.08 19.96
C GLY H 24 35.47 40.50 18.54
N ASN H 25 35.10 39.68 17.57
CA ASN H 25 35.34 40.02 16.18
C ASN H 25 34.51 41.24 15.77
N GLN H 26 33.19 41.10 15.82
CA GLN H 26 32.31 42.18 15.38
C GLN H 26 32.56 43.46 16.17
N GLY H 27 32.40 43.38 17.50
CA GLY H 27 32.50 44.58 18.31
C GLY H 27 33.74 45.39 18.01
N ARG H 28 34.89 44.74 18.04
CA ARG H 28 36.13 45.43 17.70
C ARG H 28 36.01 46.17 16.38
N VAL H 29 35.51 45.48 15.36
CA VAL H 29 35.45 46.06 14.01
C VAL H 29 34.56 47.29 13.99
N GLN H 30 33.28 47.08 14.32
CA GLN H 30 32.32 48.19 14.23
C GLN H 30 32.79 49.37 15.07
N ALA H 31 33.29 49.10 16.28
CA ALA H 31 33.74 50.14 17.19
C ALA H 31 34.86 50.97 16.56
N THR H 32 35.92 50.29 16.10
CA THR H 32 37.02 50.99 15.47
C THR H 32 36.53 51.88 14.34
N ILE H 33 35.71 51.32 13.45
CA ILE H 33 35.27 52.06 12.28
C ILE H 33 34.48 53.29 12.70
N MET H 34 33.38 53.09 13.41
CA MET H 34 32.55 54.21 13.83
C MET H 34 33.33 55.24 14.61
N ARG H 35 34.39 54.84 15.30
CA ARG H 35 35.29 55.82 15.90
C ARG H 35 35.97 56.65 14.81
N GLU H 36 36.43 56.00 13.74
CA GLU H 36 37.03 56.74 12.65
C GLU H 36 36.07 57.76 12.07
N ASN H 37 34.79 57.44 12.01
CA ASN H 37 33.80 58.35 11.44
C ASN H 37 33.35 59.43 12.41
N GLY H 38 34.09 59.65 13.50
CA GLY H 38 33.83 60.78 14.36
C GLY H 38 32.64 60.58 15.29
N LEU H 39 32.74 59.62 16.20
CA LEU H 39 31.67 59.35 17.14
C LEU H 39 32.24 59.03 18.51
N ASN H 40 31.62 59.59 19.54
CA ASN H 40 32.02 59.30 20.91
C ASN H 40 31.59 57.89 21.26
N VAL H 41 32.55 57.04 21.60
CA VAL H 41 32.30 55.61 21.73
C VAL H 41 32.95 55.10 23.02
N ILE H 42 32.30 54.13 23.65
CA ILE H 42 32.79 53.47 24.83
C ILE H 42 32.60 51.97 24.64
N VAL H 43 32.94 51.21 25.67
CA VAL H 43 32.89 49.76 25.60
C VAL H 43 32.49 49.20 26.94
N GLY H 44 31.75 48.10 26.89
CA GLY H 44 31.34 47.39 28.09
C GLY H 44 31.69 45.93 28.00
N ASN H 45 32.46 45.43 28.96
CA ASN H 45 32.88 44.04 28.96
C ASN H 45 33.46 43.70 30.31
N VAL H 46 33.41 42.43 30.64
CA VAL H 46 34.00 41.93 31.88
C VAL H 46 35.52 41.89 31.73
N LYS H 47 36.21 41.96 32.86
CA LYS H 47 37.66 42.07 32.87
C LYS H 47 38.27 40.75 32.43
N ASP H 48 38.70 40.69 31.18
CA ASP H 48 39.38 39.52 30.64
C ASP H 48 40.32 39.99 29.54
N LYS H 49 40.75 39.06 28.70
CA LYS H 49 41.65 39.36 27.58
C LYS H 49 41.16 40.55 26.77
N TYR H 50 39.95 40.42 26.21
CA TYR H 50 39.42 41.48 25.35
C TYR H 50 39.39 42.82 26.06
N TYR H 51 39.21 42.81 27.38
CA TYR H 51 39.19 44.06 28.13
C TYR H 51 40.52 44.79 27.98
N GLU H 52 41.61 44.09 28.28
CA GLU H 52 42.94 44.68 28.12
C GLU H 52 43.17 45.13 26.69
N LEU H 53 42.82 44.29 25.73
CA LEU H 53 43.03 44.64 24.33
C LEU H 53 42.30 45.93 23.98
N ALA H 54 41.04 46.05 24.37
CA ALA H 54 40.25 47.20 23.97
C ALA H 54 40.76 48.47 24.62
N LYS H 55 41.06 48.43 25.92
CA LYS H 55 41.62 49.61 26.55
C LYS H 55 42.96 49.99 25.94
N LYS H 56 43.72 48.99 25.49
CA LYS H 56 44.97 49.26 24.79
C LYS H 56 44.73 50.02 23.49
N GLU H 57 43.74 49.58 22.71
CA GLU H 57 43.48 50.20 21.41
C GLU H 57 42.89 51.60 21.52
N GLY H 58 42.79 52.16 22.72
CA GLY H 58 42.37 53.54 22.88
C GLY H 58 40.94 53.74 23.28
N PHE H 59 40.30 52.75 23.89
CA PHE H 59 38.90 52.82 24.26
C PHE H 59 38.75 52.92 25.77
N GLU H 60 37.89 53.84 26.21
CA GLU H 60 37.54 53.94 27.61
C GLU H 60 36.59 52.82 27.97
N VAL H 61 36.97 52.01 28.95
CA VAL H 61 36.27 50.77 29.24
C VAL H 61 35.68 50.83 30.63
N TYR H 62 34.38 50.66 30.71
CA TYR H 62 33.64 50.41 31.93
C TYR H 62 32.96 49.07 31.80
N GLU H 63 32.44 48.54 32.89
CA GLU H 63 31.68 47.31 32.76
C GLU H 63 30.22 47.65 32.48
N ILE H 64 29.46 46.60 32.20
CA ILE H 64 28.33 46.69 31.28
C ILE H 64 27.28 47.67 31.78
N ASP H 65 26.66 47.38 32.92
CA ASP H 65 25.57 48.21 33.41
C ASP H 65 25.97 49.69 33.42
N GLU H 66 27.21 49.98 33.83
CA GLU H 66 27.68 51.35 33.83
C GLU H 66 27.67 51.94 32.43
N ALA H 67 28.14 51.18 31.44
CA ALA H 67 28.15 51.65 30.07
C ALA H 67 26.73 51.96 29.58
N VAL H 68 25.75 51.18 30.03
CA VAL H 68 24.39 51.42 29.59
C VAL H 68 23.81 52.66 30.24
N ARG H 69 24.29 53.01 31.43
CA ARG H 69 23.83 54.24 32.07
C ARG H 69 24.30 55.45 31.28
N ARG H 70 25.55 55.44 30.83
CA ARG H 70 26.12 56.59 30.14
C ARG H 70 25.71 56.69 28.69
N SER H 71 25.01 55.70 28.16
CA SER H 71 24.73 55.60 26.73
C SER H 71 23.28 55.93 26.44
N ASP H 72 23.07 56.58 25.29
CA ASP H 72 21.75 56.71 24.71
C ASP H 72 21.51 55.68 23.62
N VAL H 73 22.55 54.94 23.23
CA VAL H 73 22.45 53.89 22.23
C VAL H 73 23.43 52.79 22.61
N ALA H 74 23.06 51.55 22.29
CA ALA H 74 23.87 50.40 22.68
C ALA H 74 23.81 49.34 21.60
N LEU H 75 24.94 48.67 21.39
CA LEU H 75 25.05 47.57 20.44
C LEU H 75 25.37 46.30 21.22
N LEU H 76 24.48 45.33 21.12
CA LEU H 76 24.59 44.10 21.90
C LEU H 76 25.23 43.02 21.02
N LEU H 77 26.55 43.12 20.89
CA LEU H 77 27.32 42.24 20.01
C LEU H 77 27.99 41.15 20.83
N ILE H 78 27.19 40.16 21.21
CA ILE H 78 27.71 39.00 21.90
C ILE H 78 26.99 37.75 21.41
N PRO H 79 27.49 36.55 21.72
CA PRO H 79 26.86 35.34 21.22
C PRO H 79 25.39 35.24 21.63
N ASP H 80 24.60 34.59 20.77
CA ASP H 80 23.19 34.41 21.02
C ASP H 80 22.90 33.36 22.08
N GLU H 81 23.93 32.75 22.65
CA GLU H 81 23.76 31.69 23.64
C GLU H 81 23.85 32.17 25.07
N VAL H 82 24.41 33.36 25.29
CA VAL H 82 24.60 33.91 26.63
C VAL H 82 24.00 35.30 26.77
N MET H 83 23.41 35.84 25.71
CA MET H 83 22.86 37.19 25.78
C MET H 83 21.70 37.26 26.77
N LYS H 84 21.00 36.15 26.97
CA LYS H 84 19.79 36.18 27.76
C LYS H 84 20.08 36.55 29.21
N GLU H 85 20.97 35.81 29.86
CA GLU H 85 21.29 36.08 31.26
C GLU H 85 21.87 37.46 31.42
N VAL H 86 22.77 37.85 30.52
CA VAL H 86 23.38 39.17 30.57
C VAL H 86 22.30 40.24 30.52
N TYR H 87 21.32 40.07 29.65
CA TYR H 87 20.24 41.05 29.53
C TYR H 87 19.40 41.07 30.80
N GLU H 88 19.08 39.90 31.35
CA GLU H 88 18.17 39.83 32.47
C GLU H 88 18.78 40.45 33.73
N LYS H 89 20.03 40.12 34.01
CA LYS H 89 20.63 40.51 35.28
C LYS H 89 21.07 41.97 35.27
N LYS H 90 21.78 42.38 34.22
CA LYS H 90 22.51 43.63 34.24
C LYS H 90 21.84 44.75 33.47
N ILE H 91 21.15 44.44 32.38
CA ILE H 91 20.64 45.46 31.48
C ILE H 91 19.23 45.87 31.85
N ALA H 92 18.31 44.91 31.84
CA ALA H 92 16.90 45.22 32.06
C ALA H 92 16.65 46.16 33.24
N PRO H 93 17.31 46.01 34.38
CA PRO H 93 17.10 46.97 35.48
C PRO H 93 17.43 48.40 35.08
N VAL H 94 18.69 48.60 34.69
CA VAL H 94 19.14 49.90 34.22
C VAL H 94 18.20 50.45 33.19
N LEU H 95 17.61 49.56 32.39
CA LEU H 95 16.78 49.95 31.27
C LEU H 95 15.40 50.39 31.73
N GLN H 96 14.84 49.71 32.72
CA GLN H 96 13.60 50.20 33.33
C GLN H 96 13.77 51.64 33.77
N GLY H 97 14.97 52.01 34.20
CA GLY H 97 15.21 53.38 34.60
C GLY H 97 15.70 54.28 33.49
N LYS H 98 15.04 54.25 32.33
CA LYS H 98 15.41 55.07 31.19
C LYS H 98 14.20 55.80 30.64
N LYS H 99 14.46 56.73 29.73
CA LYS H 99 13.45 57.56 29.11
C LYS H 99 13.36 57.36 27.61
N GLU H 100 14.47 57.52 26.90
CA GLU H 100 14.51 57.39 25.45
C GLU H 100 15.80 56.64 25.11
N PHE H 101 15.67 55.36 24.76
CA PHE H 101 16.82 54.52 24.54
C PHE H 101 16.67 53.79 23.21
N VAL H 102 17.77 53.20 22.77
CA VAL H 102 17.84 52.50 21.50
C VAL H 102 18.70 51.25 21.69
N LEU H 103 18.24 50.14 21.12
CA LEU H 103 18.89 48.86 21.31
C LEU H 103 19.04 48.18 19.95
N ASP H 104 20.27 47.83 19.60
CA ASP H 104 20.59 47.24 18.31
C ASP H 104 21.12 45.82 18.50
N PHE H 105 20.75 44.94 17.59
CA PHE H 105 21.24 43.57 17.56
C PHE H 105 21.83 43.27 16.20
N ALA H 106 22.69 42.26 16.17
CA ALA H 106 23.20 41.72 14.91
C ALA H 106 22.51 40.42 14.53
N SER H 107 21.66 39.88 15.40
CA SER H 107 20.91 38.67 15.10
C SER H 107 19.53 38.79 15.74
N GLY H 108 18.54 38.20 15.07
CA GLY H 108 17.17 38.25 15.54
C GLY H 108 16.69 36.98 16.20
N TYR H 109 17.58 36.06 16.55
CA TYR H 109 17.16 34.80 17.14
C TYR H 109 16.43 35.02 18.46
N ASN H 110 17.11 35.63 19.43
CA ASN H 110 16.58 35.74 20.77
C ASN H 110 15.36 36.64 20.86
N VAL H 111 15.08 37.43 19.83
CA VAL H 111 13.94 38.34 19.83
C VAL H 111 12.79 37.78 19.00
N ALA H 112 13.09 37.29 17.80
CA ALA H 112 12.05 36.71 16.96
C ALA H 112 11.28 35.63 17.68
N PHE H 113 11.93 34.93 18.60
CA PHE H 113 11.32 33.83 19.33
C PHE H 113 10.91 34.19 20.75
N GLY H 114 11.10 35.45 21.14
CA GLY H 114 10.54 35.94 22.37
C GLY H 114 11.34 35.64 23.62
N LEU H 115 12.58 35.21 23.47
CA LEU H 115 13.44 35.00 24.63
C LEU H 115 13.91 36.30 25.24
N ILE H 116 13.65 37.42 24.57
CA ILE H 116 14.01 38.74 25.06
C ILE H 116 12.90 39.70 24.65
N ARG H 117 12.24 40.31 25.62
CA ARG H 117 11.08 41.16 25.39
C ARG H 117 11.32 42.49 26.07
N PRO H 118 11.97 43.42 25.40
CA PRO H 118 12.24 44.71 26.00
C PRO H 118 10.96 45.52 26.16
N PRO H 119 11.00 46.59 26.93
CA PRO H 119 9.79 47.39 27.14
C PRO H 119 9.35 48.15 25.91
N LYS H 120 8.28 48.92 26.06
CA LYS H 120 7.78 49.78 25.00
C LYS H 120 8.39 51.18 25.04
N SER H 121 9.17 51.49 26.06
CA SER H 121 9.89 52.74 26.16
C SER H 121 11.13 52.77 25.29
N VAL H 122 11.28 51.81 24.40
CA VAL H 122 12.55 51.53 23.75
C VAL H 122 12.35 51.35 22.26
N ASP H 123 13.34 51.76 21.48
CA ASP H 123 13.36 51.53 20.06
C ASP H 123 14.23 50.31 19.80
N THR H 124 13.64 49.26 19.23
CA THR H 124 14.30 47.99 19.03
C THR H 124 14.56 47.78 17.56
N ILE H 125 15.83 47.60 17.20
CA ILE H 125 16.24 47.57 15.80
C ILE H 125 17.20 46.44 15.56
N MET H 126 17.76 46.39 14.36
CA MET H 126 18.54 45.25 13.91
C MET H 126 19.45 45.69 12.77
N VAL H 127 20.70 45.24 12.82
CA VAL H 127 21.65 45.48 11.75
C VAL H 127 22.53 44.26 11.59
N ALA H 128 22.34 43.54 10.49
CA ALA H 128 22.97 42.23 10.30
C ALA H 128 23.88 42.24 9.09
N PRO H 129 25.20 42.19 9.26
CA PRO H 129 26.11 42.08 8.11
C PRO H 129 26.10 40.68 7.55
N ARG H 130 26.73 40.53 6.39
CA ARG H 130 26.86 39.26 5.69
C ARG H 130 28.31 39.00 5.35
N MET H 131 29.19 39.24 6.31
CA MET H 131 30.62 38.98 6.14
C MET H 131 31.19 38.56 7.48
N VAL H 132 32.26 37.76 7.42
CA VAL H 132 32.79 37.13 8.63
C VAL H 132 33.35 38.17 9.59
N GLY H 133 34.01 39.21 9.06
CA GLY H 133 34.64 40.20 9.90
C GLY H 133 36.11 40.36 9.56
N GLU H 134 36.76 39.24 9.27
CA GLU H 134 38.16 39.30 8.84
C GLU H 134 38.28 40.02 7.50
N GLY H 135 37.32 39.78 6.59
CA GLY H 135 37.34 40.45 5.31
C GLY H 135 36.73 41.83 5.34
N ILE H 136 35.90 42.12 6.34
CA ILE H 136 35.24 43.44 6.40
C ILE H 136 36.28 44.54 6.52
N MET H 137 37.27 44.35 7.40
CA MET H 137 38.38 45.29 7.47
C MET H 137 39.14 45.32 6.17
N ASP H 138 39.45 44.14 5.61
CA ASP H 138 40.11 44.02 4.33
C ASP H 138 39.42 44.85 3.25
N LEU H 139 38.13 45.14 3.42
CA LEU H 139 37.39 45.95 2.46
C LEU H 139 37.27 47.41 2.88
N HIS H 140 37.21 47.68 4.18
CA HIS H 140 37.09 49.06 4.63
C HIS H 140 38.31 49.87 4.23
N LYS H 141 39.49 49.24 4.21
CA LYS H 141 40.70 49.97 3.82
C LYS H 141 40.60 50.51 2.40
N GLN H 142 39.81 49.87 1.56
CA GLN H 142 39.65 50.26 0.17
C GLN H 142 38.52 51.25 -0.04
N GLY H 143 37.94 51.78 1.04
CA GLY H 143 36.75 52.60 0.91
C GLY H 143 35.54 51.86 0.42
N LYS H 144 35.57 50.53 0.41
CA LYS H 144 34.45 49.74 -0.04
C LYS H 144 33.44 49.54 1.09
N GLY H 145 32.19 49.37 0.70
CA GLY H 145 31.13 49.04 1.63
C GLY H 145 30.92 47.54 1.68
N TYR H 146 29.77 47.16 2.23
CA TYR H 146 29.37 45.76 2.26
C TYR H 146 27.89 45.68 2.59
N PRO H 147 27.25 44.55 2.30
CA PRO H 147 25.82 44.43 2.54
C PRO H 147 25.43 44.17 3.99
N VAL H 148 24.20 44.56 4.31
CA VAL H 148 23.62 44.35 5.62
C VAL H 148 22.11 44.25 5.47
N LEU H 149 21.46 43.75 6.52
CA LEU H 149 20.01 43.72 6.60
C LEU H 149 19.54 44.59 7.75
N LEU H 150 18.38 45.19 7.58
CA LEU H 150 17.79 46.07 8.56
C LEU H 150 16.44 45.55 8.98
N GLY H 151 16.08 45.84 10.22
CA GLY H 151 14.78 45.45 10.73
C GLY H 151 14.42 46.26 11.94
N VAL H 152 13.11 46.35 12.18
CA VAL H 152 12.57 47.10 13.29
C VAL H 152 11.46 46.29 13.92
N LYS H 153 11.50 46.16 15.25
CA LYS H 153 10.53 45.42 16.01
C LYS H 153 9.61 46.30 16.83
N GLN H 154 10.10 47.45 17.27
CA GLN H 154 9.37 48.29 18.22
C GLN H 154 9.82 49.73 18.01
N ASP H 155 8.90 50.58 17.56
CA ASP H 155 9.18 51.99 17.33
C ASP H 155 8.39 52.81 18.34
N ALA H 156 9.11 53.51 19.21
CA ALA H 156 8.50 54.40 20.18
C ALA H 156 8.79 55.86 19.90
N SER H 157 9.46 56.17 18.79
CA SER H 157 9.89 57.52 18.50
C SER H 157 9.72 57.91 17.04
N GLY H 158 9.17 57.04 16.20
CA GLY H 158 8.99 57.35 14.79
C GLY H 158 10.28 57.66 14.05
N LYS H 159 11.41 57.36 14.66
CA LYS H 159 12.72 57.64 14.07
C LYS H 159 13.60 56.41 13.94
N ALA H 160 13.03 55.22 14.15
CA ALA H 160 13.85 54.01 14.20
C ALA H 160 14.61 53.80 12.90
N TRP H 161 13.92 53.81 11.77
CA TRP H 161 14.56 53.56 10.49
C TRP H 161 15.72 54.52 10.25
N ASP H 162 15.53 55.80 10.60
CA ASP H 162 16.60 56.77 10.46
C ASP H 162 17.81 56.35 11.29
N TYR H 163 17.57 55.93 12.52
CA TYR H 163 18.66 55.44 13.36
C TYR H 163 19.37 54.26 12.71
N ALA H 164 18.59 53.32 12.17
CA ALA H 164 19.19 52.12 11.58
C ALA H 164 20.10 52.48 10.41
N LYS H 165 19.62 53.34 9.52
CA LYS H 165 20.44 53.74 8.39
C LYS H 165 21.67 54.50 8.85
N ALA H 166 21.51 55.37 9.84
CA ALA H 166 22.65 56.07 10.40
C ALA H 166 23.70 55.10 10.91
N ILE H 167 23.27 54.06 11.62
CA ILE H 167 24.21 53.04 12.08
C ILE H 167 24.91 52.40 10.90
N ALA H 168 24.12 51.91 9.93
CA ALA H 168 24.70 51.27 8.76
C ALA H 168 25.80 52.12 8.16
N LYS H 169 25.58 53.43 8.11
CA LYS H 169 26.63 54.32 7.60
C LYS H 169 27.79 54.43 8.56
N GLY H 170 27.52 54.40 9.86
CA GLY H 170 28.58 54.59 10.84
C GLY H 170 29.60 53.48 10.85
N ILE H 171 29.21 52.28 10.42
CA ILE H 171 30.10 51.13 10.44
C ILE H 171 30.73 50.87 9.08
N GLY H 172 30.47 51.72 8.09
CA GLY H 172 31.15 51.62 6.82
C GLY H 172 30.56 50.64 5.84
N ALA H 173 29.34 50.16 6.09
CA ALA H 173 28.69 49.30 5.11
C ALA H 173 28.29 50.09 3.88
N ILE H 174 27.91 51.35 4.05
CA ILE H 174 27.54 52.21 2.94
C ILE H 174 28.10 53.60 3.18
N PRO H 175 28.35 54.37 2.10
CA PRO H 175 28.15 53.93 0.72
C PRO H 175 29.27 53.02 0.23
N GLY H 176 29.00 52.27 -0.83
CA GLY H 176 29.94 51.30 -1.34
C GLY H 176 29.32 49.93 -1.38
N GLY H 177 28.51 49.63 -0.37
CA GLY H 177 27.72 48.42 -0.34
C GLY H 177 26.25 48.77 -0.43
N ILE H 178 25.39 47.98 0.22
CA ILE H 178 23.96 48.27 0.23
C ILE H 178 23.36 47.85 1.55
N ALA H 179 22.06 48.11 1.70
CA ALA H 179 21.33 47.78 2.92
C ALA H 179 19.91 47.41 2.55
N VAL H 180 19.46 46.28 3.04
CA VAL H 180 18.11 45.78 2.76
C VAL H 180 17.28 45.88 4.01
N ILE H 181 16.02 46.25 3.82
CA ILE H 181 15.06 46.32 4.91
C ILE H 181 14.34 44.99 5.01
N SER H 182 14.23 44.47 6.23
CA SER H 182 13.60 43.19 6.43
C SER H 182 13.15 43.11 7.89
N SER H 183 12.85 41.91 8.35
CA SER H 183 12.39 41.68 9.71
C SER H 183 13.45 40.92 10.49
N PHE H 184 13.20 40.79 11.80
CA PHE H 184 14.00 39.89 12.61
C PHE H 184 13.78 38.45 12.19
N GLU H 185 12.55 38.13 11.79
CA GLU H 185 12.21 36.76 11.43
C GLU H 185 12.88 36.35 10.13
N GLU H 186 12.80 37.20 9.12
CA GLU H 186 13.37 36.91 7.82
C GLU H 186 14.89 36.82 7.85
N GLU H 187 15.51 37.12 8.98
CA GLU H 187 16.95 36.94 9.13
C GLU H 187 17.31 35.68 9.88
N ALA H 188 16.63 35.43 11.00
CA ALA H 188 16.83 34.17 11.72
C ALA H 188 16.53 33.00 10.80
N LEU H 189 15.39 33.06 10.11
CA LEU H 189 15.00 32.02 9.18
C LEU H 189 16.13 31.69 8.23
N LEU H 190 16.76 32.72 7.65
CA LEU H 190 17.81 32.49 6.68
C LEU H 190 19.07 31.95 7.33
N ASP H 191 19.53 32.61 8.39
CA ASP H 191 20.73 32.14 9.06
C ASP H 191 20.62 30.69 9.47
N LEU H 192 19.40 30.21 9.69
CA LEU H 192 19.23 28.82 10.09
C LEU H 192 19.07 27.88 8.91
N MET H 193 18.24 28.24 7.94
CA MET H 193 17.96 27.34 6.84
C MET H 193 19.22 26.93 6.11
N SER H 194 20.21 27.81 6.04
CA SER H 194 21.50 27.42 5.48
C SER H 194 22.13 26.31 6.31
N GLU H 195 22.11 26.46 7.64
CA GLU H 195 22.73 25.52 8.54
C GLU H 195 21.95 24.22 8.67
N HIS H 196 20.75 24.16 8.11
CA HIS H 196 19.91 22.98 8.23
C HIS H 196 19.64 22.27 6.92
N THR H 197 19.91 22.89 5.76
CA THR H 197 19.52 22.28 4.50
C THR H 197 20.71 21.87 3.63
N TRP H 198 21.50 22.81 3.11
CA TRP H 198 22.42 22.41 2.06
C TRP H 198 23.81 22.07 2.56
N VAL H 199 24.21 22.64 3.69
CA VAL H 199 25.48 22.30 4.32
C VAL H 199 25.48 20.83 4.74
N PRO H 200 24.54 20.41 5.59
CA PRO H 200 24.55 19.01 6.03
C PRO H 200 24.28 18.03 4.90
N ILE H 201 23.42 18.41 3.95
CA ILE H 201 23.18 17.56 2.79
C ILE H 201 24.47 17.35 2.01
N LEU H 202 25.19 18.44 1.75
CA LEU H 202 26.48 18.35 1.08
C LEU H 202 27.41 17.39 1.80
N PHE H 203 27.56 17.59 3.11
CA PHE H 203 28.47 16.75 3.88
C PHE H 203 28.07 15.29 3.81
N GLY H 204 26.78 15.01 4.00
CA GLY H 204 26.32 13.64 3.95
C GLY H 204 26.53 13.01 2.58
N ALA H 205 26.33 13.79 1.53
CA ALA H 205 26.56 13.27 0.17
C ALA H 205 28.01 12.90 -0.03
N ILE H 206 28.92 13.77 0.41
CA ILE H 206 30.34 13.48 0.29
C ILE H 206 30.69 12.21 1.05
N LYS H 207 30.25 12.13 2.29
CA LYS H 207 30.53 10.96 3.11
C LYS H 207 30.00 9.69 2.46
N ALA H 208 28.80 9.76 1.89
CA ALA H 208 28.20 8.60 1.27
C ALA H 208 28.99 8.19 0.04
N CYS H 209 29.41 9.15 -0.77
CA CYS H 209 30.23 8.83 -1.93
C CYS H 209 31.49 8.10 -1.50
N TYR H 210 32.16 8.60 -0.47
CA TYR H 210 33.35 7.93 0.04
C TYR H 210 33.04 6.50 0.44
N ASP H 211 32.08 6.32 1.34
CA ASP H 211 31.76 4.99 1.85
C ASP H 211 31.45 4.03 0.71
N ILE H 212 30.65 4.48 -0.25
CA ILE H 212 30.25 3.63 -1.36
C ILE H 212 31.46 3.24 -2.19
N ALA H 213 32.17 4.23 -2.71
CA ALA H 213 33.32 3.96 -3.56
C ALA H 213 34.28 2.99 -2.89
N VAL H 214 34.41 3.07 -1.57
CA VAL H 214 35.36 2.18 -0.90
C VAL H 214 34.79 0.77 -0.77
N LYS H 215 33.58 0.65 -0.25
CA LYS H 215 33.06 -0.64 0.18
C LYS H 215 32.31 -1.39 -0.90
N GLU H 216 32.22 -0.86 -2.11
CA GLU H 216 31.53 -1.56 -3.18
C GLU H 216 32.25 -1.57 -4.51
N TYR H 217 33.30 -0.77 -4.69
CA TYR H 217 34.05 -0.74 -5.93
C TYR H 217 35.54 -0.82 -5.69
N GLY H 218 35.96 -1.19 -4.49
CA GLY H 218 37.35 -1.50 -4.23
C GLY H 218 38.30 -0.34 -4.41
N VAL H 219 37.85 0.86 -4.13
CA VAL H 219 38.69 2.03 -4.30
C VAL H 219 39.55 2.22 -3.07
N SER H 220 40.66 2.92 -3.25
CA SER H 220 41.55 3.22 -2.15
C SER H 220 41.11 4.50 -1.44
N PRO H 221 41.24 4.56 -0.13
CA PRO H 221 40.84 5.79 0.58
C PRO H 221 41.61 7.01 0.14
N GLU H 222 42.89 6.86 -0.19
CA GLU H 222 43.73 8.00 -0.50
C GLU H 222 43.34 8.71 -1.78
N ALA H 223 42.41 8.15 -2.57
CA ALA H 223 42.02 8.70 -3.85
C ALA H 223 40.64 9.36 -3.80
N ALA H 224 39.70 8.71 -3.14
CA ALA H 224 38.38 9.29 -2.94
C ALA H 224 38.49 10.69 -2.36
N LEU H 225 39.30 10.84 -1.31
CA LEU H 225 39.48 12.15 -0.69
C LEU H 225 40.00 13.17 -1.68
N LEU H 226 41.01 12.80 -2.45
CA LEU H 226 41.55 13.72 -3.45
C LEU H 226 40.47 14.20 -4.39
N GLU H 227 39.61 13.28 -4.85
CA GLU H 227 38.58 13.73 -5.78
C GLU H 227 37.55 14.60 -5.11
N PHE H 228 37.15 14.25 -3.89
CA PHE H 228 35.95 14.86 -3.31
C PHE H 228 36.25 16.23 -2.70
N TYR H 229 37.09 16.29 -1.67
CA TYR H 229 37.38 17.58 -1.06
C TYR H 229 38.84 17.83 -0.70
N ALA H 230 39.71 16.82 -0.67
CA ALA H 230 41.09 17.08 -0.30
C ALA H 230 41.80 17.97 -1.31
N SER H 231 41.21 18.19 -2.48
CA SER H 231 41.70 19.16 -3.45
C SER H 231 40.92 20.46 -3.30
N GLY H 232 41.49 21.53 -3.84
CA GLY H 232 40.87 22.85 -3.79
C GLY H 232 39.84 23.07 -4.87
N GLU H 233 39.34 21.97 -5.44
CA GLU H 233 38.23 22.03 -6.39
C GLU H 233 37.14 23.00 -5.93
N LEU H 234 36.76 22.89 -4.67
CA LEU H 234 35.49 23.45 -4.21
C LEU H 234 35.58 24.95 -3.99
N ALA H 235 36.70 25.41 -3.43
CA ALA H 235 36.87 26.84 -3.25
C ALA H 235 36.92 27.56 -4.60
N GLU H 236 37.57 26.95 -5.58
CA GLU H 236 37.51 27.45 -6.96
C GLU H 236 36.07 27.72 -7.37
N ILE H 237 35.22 26.69 -7.26
CA ILE H 237 33.84 26.82 -7.70
C ILE H 237 33.13 27.92 -6.91
N ALA H 238 33.35 27.95 -5.60
CA ALA H 238 32.72 28.97 -4.77
C ALA H 238 33.09 30.38 -5.25
N ARG H 239 34.36 30.58 -5.59
CA ARG H 239 34.81 31.88 -6.07
C ARG H 239 34.11 32.24 -7.37
N LEU H 240 34.18 31.36 -8.36
CA LEU H 240 33.53 31.65 -9.63
C LEU H 240 32.05 31.92 -9.45
N ILE H 241 31.43 31.30 -8.45
CA ILE H 241 30.03 31.56 -8.16
C ILE H 241 29.87 32.99 -7.67
N ALA H 242 30.61 33.34 -6.63
CA ALA H 242 30.47 34.67 -6.05
C ALA H 242 30.74 35.77 -7.05
N GLU H 243 31.57 35.50 -8.07
CA GLU H 243 31.98 36.54 -9.01
C GLU H 243 31.18 36.51 -10.30
N GLU H 244 31.23 35.40 -11.04
CA GLU H 244 30.63 35.33 -12.37
C GLU H 244 29.16 34.96 -12.35
N GLY H 245 28.71 34.31 -11.29
CA GLY H 245 27.37 33.75 -11.25
C GLY H 245 27.40 32.24 -11.13
N ILE H 246 26.32 31.71 -10.57
CA ILE H 246 26.29 30.28 -10.24
C ILE H 246 26.31 29.44 -11.51
N PHE H 247 25.48 29.79 -12.49
CA PHE H 247 25.37 28.98 -13.69
C PHE H 247 26.44 29.34 -14.71
N ASN H 248 26.59 30.62 -15.01
CA ASN H 248 27.65 31.05 -15.90
C ASN H 248 29.01 30.54 -15.47
N GLN H 249 29.14 30.18 -14.19
CA GLN H 249 30.38 29.57 -13.69
C GLN H 249 30.71 28.29 -14.43
N MET H 250 29.70 27.60 -14.96
CA MET H 250 29.88 26.26 -15.49
C MET H 250 30.42 26.25 -16.91
N VAL H 251 30.45 27.40 -17.58
CA VAL H 251 30.93 27.44 -18.95
C VAL H 251 32.40 27.05 -19.01
N HIS H 252 33.17 27.30 -17.95
CA HIS H 252 34.58 26.99 -17.94
C HIS H 252 34.84 25.51 -17.70
N HIS H 253 33.80 24.71 -17.53
CA HIS H 253 33.93 23.27 -17.36
C HIS H 253 33.64 22.58 -18.70
N SER H 254 33.76 21.26 -18.70
CA SER H 254 33.53 20.48 -19.91
C SER H 254 32.06 20.19 -20.10
N THR H 255 31.70 19.95 -21.36
CA THR H 255 30.30 19.73 -21.71
C THR H 255 29.72 18.55 -20.95
N THR H 256 30.51 17.48 -20.81
CA THR H 256 30.03 16.30 -20.09
C THR H 256 29.58 16.67 -18.68
N SER H 257 30.41 17.45 -17.98
CA SER H 257 30.06 17.88 -16.64
C SER H 257 28.77 18.69 -16.64
N GLN H 258 28.65 19.64 -17.57
CA GLN H 258 27.44 20.44 -17.66
C GLN H 258 26.21 19.57 -17.82
N TYR H 259 26.28 18.63 -18.75
CA TYR H 259 25.15 17.77 -19.04
C TYR H 259 24.73 16.98 -17.81
N GLY H 260 25.67 16.26 -17.21
CA GLY H 260 25.34 15.47 -16.04
C GLY H 260 24.77 16.33 -14.93
N THR H 261 25.42 17.45 -14.65
CA THR H 261 24.98 18.34 -13.59
C THR H 261 23.56 18.80 -13.80
N LEU H 262 23.26 19.34 -14.98
CA LEU H 262 21.94 19.88 -15.25
C LEU H 262 20.87 18.80 -15.14
N THR H 263 21.09 17.67 -15.81
CA THR H 263 20.11 16.60 -15.77
C THR H 263 19.81 16.19 -14.34
N ARG H 264 20.85 15.86 -13.57
CA ARG H 264 20.65 15.37 -12.23
C ARG H 264 20.11 16.45 -11.30
N MET H 265 20.34 17.71 -11.63
CA MET H 265 19.78 18.80 -10.84
C MET H 265 18.28 18.88 -11.03
N PHE H 266 17.83 18.97 -12.27
CA PHE H 266 16.40 19.00 -12.53
C PHE H 266 15.73 17.69 -12.17
N LYS H 267 16.49 16.64 -11.93
CA LYS H 267 15.95 15.34 -11.61
C LYS H 267 15.72 15.13 -10.12
N TYR H 268 16.49 15.78 -9.27
CA TYR H 268 16.44 15.59 -7.82
C TYR H 268 15.97 16.84 -7.10
N TYR H 269 15.19 17.68 -7.76
CA TYR H 269 14.80 18.97 -7.21
C TYR H 269 13.62 18.87 -6.25
N ASP H 270 12.70 17.95 -6.50
CA ASP H 270 11.50 17.84 -5.67
C ASP H 270 11.83 17.30 -4.28
N VAL H 271 12.73 16.32 -4.23
CA VAL H 271 13.11 15.69 -2.97
C VAL H 271 13.60 16.74 -1.97
N VAL H 272 14.66 17.44 -2.36
CA VAL H 272 15.25 18.44 -1.49
C VAL H 272 14.25 19.55 -1.20
N ARG H 273 13.37 19.83 -2.14
CA ARG H 273 12.33 20.82 -1.90
C ARG H 273 11.44 20.40 -0.73
N ARG H 274 11.03 19.13 -0.72
CA ARG H 274 10.25 18.62 0.40
C ARG H 274 11.01 18.79 1.70
N ILE H 275 12.29 18.40 1.69
CA ILE H 275 13.12 18.53 2.89
C ILE H 275 13.10 19.97 3.39
N VAL H 276 13.35 20.91 2.49
CA VAL H 276 13.48 22.31 2.86
C VAL H 276 12.16 22.82 3.43
N GLU H 277 11.04 22.43 2.83
CA GLU H 277 9.74 22.77 3.38
C GLU H 277 9.65 22.31 4.82
N ASN H 278 9.95 21.04 5.06
CA ASN H 278 9.86 20.50 6.41
C ASN H 278 10.65 21.35 7.40
N GLU H 279 11.90 21.65 7.06
CA GLU H 279 12.76 22.33 8.03
C GLU H 279 12.33 23.77 8.25
N ALA H 280 12.04 24.49 7.17
CA ALA H 280 11.58 25.86 7.31
C ALA H 280 10.34 25.93 8.17
N LYS H 281 9.42 24.99 8.00
CA LYS H 281 8.23 24.96 8.84
C LYS H 281 8.59 24.68 10.29
N TYR H 282 9.47 23.70 10.52
CA TYR H 282 9.94 23.43 11.87
C TYR H 282 10.46 24.68 12.54
N ILE H 283 11.03 25.58 11.76
CA ILE H 283 11.62 26.79 12.34
C ILE H 283 10.55 27.84 12.60
N TRP H 284 9.82 28.22 11.55
CA TRP H 284 8.80 29.27 11.64
C TRP H 284 7.96 29.15 12.89
N ASP H 285 7.73 27.94 13.36
CA ASP H 285 6.86 27.71 14.51
C ASP H 285 7.55 27.96 15.83
N GLY H 286 8.87 27.80 15.89
CA GLY H 286 9.62 27.97 17.10
C GLY H 286 10.02 26.69 17.79
N SER H 287 9.97 25.56 17.09
CA SER H 287 10.28 24.28 17.73
C SER H 287 11.77 24.08 17.90
N PHE H 288 12.57 24.52 16.93
CA PHE H 288 14.01 24.33 17.01
C PHE H 288 14.60 25.08 18.19
N ALA H 289 14.11 26.30 18.44
CA ALA H 289 14.59 27.05 19.58
C ALA H 289 14.35 26.30 20.88
N LYS H 290 13.17 25.72 21.01
CA LYS H 290 12.86 24.88 22.16
C LYS H 290 13.84 23.72 22.28
N GLU H 291 14.00 22.97 21.19
CA GLU H 291 14.93 21.85 21.17
C GLU H 291 16.31 22.26 21.68
N TRP H 292 16.85 23.33 21.10
CA TRP H 292 18.20 23.76 21.42
C TRP H 292 18.32 24.24 22.86
N SER H 293 17.35 25.02 23.33
CA SER H 293 17.37 25.49 24.70
C SER H 293 17.35 24.32 25.67
N LEU H 294 16.50 23.33 25.42
CA LEU H 294 16.42 22.19 26.29
C LEU H 294 17.74 21.42 26.31
N GLU H 295 18.32 21.20 25.14
CA GLU H 295 19.61 20.51 25.12
C GLU H 295 20.64 21.24 25.96
N GLN H 296 20.66 22.58 25.89
CA GLN H 296 21.53 23.32 26.77
C GLN H 296 21.25 22.98 28.23
N GLN H 297 19.97 22.86 28.57
CA GLN H 297 19.62 22.63 29.97
C GLN H 297 19.98 21.22 30.44
N ALA H 298 20.12 20.29 29.51
CA ALA H 298 20.38 18.90 29.90
C ALA H 298 21.86 18.60 30.03
N GLY H 299 22.72 19.25 29.23
CA GLY H 299 24.14 19.05 29.35
C GLY H 299 24.84 18.71 28.05
N TYR H 300 24.19 18.98 26.93
CA TYR H 300 24.79 18.77 25.62
C TYR H 300 25.22 17.33 25.40
N PRO H 301 24.39 16.35 25.74
CA PRO H 301 24.82 14.96 25.54
C PRO H 301 24.86 14.55 24.07
N VAL H 302 23.81 14.90 23.32
CA VAL H 302 23.75 14.55 21.91
C VAL H 302 24.88 15.23 21.15
N PHE H 303 25.06 16.52 21.38
CA PHE H 303 26.20 17.25 20.82
C PHE H 303 27.50 16.47 21.03
N TYR H 304 27.74 16.05 22.26
CA TYR H 304 28.94 15.30 22.60
C TYR H 304 29.05 14.03 21.76
N ARG H 305 28.01 13.20 21.81
CA ARG H 305 28.08 11.90 21.16
C ARG H 305 28.28 12.04 19.66
N LEU H 306 27.65 13.03 19.05
CA LEU H 306 27.79 13.22 17.62
C LEU H 306 29.18 13.71 17.26
N TRP H 307 29.71 14.68 18.03
CA TRP H 307 31.09 15.10 17.80
C TRP H 307 32.02 13.91 17.86
N GLU H 308 31.73 12.95 18.73
CA GLU H 308 32.57 11.75 18.79
C GLU H 308 32.38 10.90 17.54
N LEU H 309 31.14 10.53 17.24
CA LEU H 309 30.87 9.63 16.14
C LEU H 309 31.44 10.15 14.82
N ALA H 310 31.44 11.47 14.63
CA ALA H 310 31.94 12.03 13.38
C ALA H 310 33.46 11.85 13.28
N THR H 311 34.17 12.17 14.35
CA THR H 311 35.62 12.10 14.32
C THR H 311 36.15 10.67 14.39
N GLN H 312 35.41 9.76 15.00
CA GLN H 312 35.77 8.36 15.03
C GLN H 312 35.31 7.61 13.80
N SER H 313 34.82 8.31 12.79
CA SER H 313 34.47 7.68 11.53
C SER H 313 35.74 7.34 10.76
N GLU H 314 35.57 6.50 9.74
CA GLU H 314 36.71 6.06 8.95
C GLU H 314 37.25 7.17 8.08
N MET H 315 36.36 7.91 7.43
CA MET H 315 36.77 9.00 6.56
C MET H 315 37.68 9.97 7.28
N ALA H 316 37.36 10.30 8.53
CA ALA H 316 38.14 11.28 9.27
C ALA H 316 39.54 10.77 9.57
N LYS H 317 39.64 9.50 9.96
CA LYS H 317 40.95 8.91 10.24
C LYS H 317 41.82 8.91 8.99
N ALA H 318 41.23 8.51 7.87
CA ALA H 318 41.99 8.52 6.61
C ALA H 318 42.44 9.93 6.27
N GLU H 319 41.52 10.90 6.40
CA GLU H 319 41.87 12.30 6.18
C GLU H 319 43.04 12.70 7.06
N LYS H 320 43.06 12.21 8.29
CA LYS H 320 44.14 12.54 9.22
C LYS H 320 45.47 12.02 8.70
N GLU H 321 45.53 10.71 8.44
CA GLU H 321 46.76 10.14 7.89
C GLU H 321 47.23 10.94 6.69
N LEU H 322 46.31 11.30 5.80
CA LEU H 322 46.67 11.96 4.56
C LEU H 322 47.23 13.36 4.81
N TYR H 323 46.42 14.23 5.43
CA TYR H 323 46.86 15.59 5.71
C TYR H 323 48.25 15.59 6.33
N LYS H 324 48.50 14.64 7.23
CA LYS H 324 49.83 14.50 7.80
C LYS H 324 50.85 14.19 6.73
N LEU H 325 50.46 13.42 5.72
CA LEU H 325 51.39 13.02 4.68
C LEU H 325 51.72 14.18 3.74
N LEU H 326 50.72 14.97 3.36
CA LEU H 326 50.95 16.14 2.53
C LEU H 326 51.59 17.28 3.31
N GLY H 327 51.81 17.12 4.60
CA GLY H 327 52.38 18.17 5.42
C GLY H 327 51.37 19.17 5.94
N ARG H 328 50.17 19.22 5.37
CA ARG H 328 49.12 20.08 5.90
C ARG H 328 48.92 19.83 7.38
N LYS H 329 49.14 20.86 8.18
CA LYS H 329 49.02 20.75 9.62
C LYS H 329 47.68 20.18 10.07
N ASP I 2 45.41 -26.09 -1.35
CA ASP I 2 43.99 -25.95 -1.05
C ASP I 2 43.49 -27.12 -0.19
N LYS I 3 42.18 -27.14 -0.01
CA LYS I 3 41.49 -28.28 0.60
C LYS I 3 41.57 -29.58 -0.18
N THR I 4 42.18 -29.54 -1.35
CA THR I 4 41.96 -30.55 -2.37
C THR I 4 42.90 -31.73 -2.17
N VAL I 5 42.49 -32.87 -2.72
CA VAL I 5 43.23 -34.12 -2.63
C VAL I 5 43.33 -34.71 -4.02
N LEU I 6 44.47 -35.34 -4.31
CA LEU I 6 44.78 -35.81 -5.66
C LEU I 6 45.13 -37.28 -5.69
N ASP I 7 45.76 -37.78 -4.63
CA ASP I 7 46.04 -39.21 -4.49
C ASP I 7 46.45 -39.43 -3.04
N ALA I 8 46.36 -40.69 -2.61
CA ALA I 8 46.65 -41.02 -1.23
C ALA I 8 46.90 -42.52 -1.11
N ASN I 9 47.00 -42.99 0.12
CA ASN I 9 47.42 -44.34 0.43
C ASN I 9 46.26 -45.32 0.27
N LEU I 10 46.59 -46.61 0.40
CA LEU I 10 45.61 -47.68 0.32
C LEU I 10 45.85 -48.77 1.33
N ASP I 11 46.71 -48.55 2.34
CA ASP I 11 47.09 -49.60 3.28
C ASP I 11 45.97 -50.00 4.24
N PRO I 12 45.09 -49.09 4.69
CA PRO I 12 44.20 -49.47 5.80
C PRO I 12 43.22 -50.56 5.45
N LEU I 13 42.96 -50.77 4.15
CA LEU I 13 41.97 -51.75 3.71
C LEU I 13 42.58 -53.09 3.35
N LYS I 14 43.90 -53.20 3.36
CA LYS I 14 44.56 -54.44 2.98
C LYS I 14 44.58 -55.39 4.17
N GLY I 15 43.91 -56.53 4.02
CA GLY I 15 43.69 -57.47 5.09
C GLY I 15 42.27 -57.49 5.59
N LYS I 16 41.49 -56.46 5.30
CA LYS I 16 40.11 -56.37 5.74
C LYS I 16 39.17 -56.86 4.65
N THR I 17 38.00 -57.33 5.08
CA THR I 17 36.95 -57.74 4.17
C THR I 17 35.96 -56.60 4.03
N ILE I 18 35.33 -56.54 2.85
CA ILE I 18 34.45 -55.44 2.49
C ILE I 18 33.15 -55.99 1.96
N GLY I 19 32.05 -55.37 2.36
CA GLY I 19 30.73 -55.79 1.91
C GLY I 19 30.02 -54.66 1.21
N VAL I 20 29.46 -54.95 0.05
CA VAL I 20 28.77 -53.95 -0.76
C VAL I 20 27.29 -54.29 -0.77
N ILE I 21 26.47 -53.36 -0.32
CA ILE I 21 25.03 -53.54 -0.25
C ILE I 21 24.41 -52.97 -1.52
N GLY I 22 23.62 -53.79 -2.20
CA GLY I 22 23.03 -53.38 -3.45
C GLY I 22 23.96 -53.61 -4.62
N TYR I 23 23.36 -54.01 -5.73
CA TYR I 23 24.10 -54.26 -6.97
C TYR I 23 23.43 -53.56 -8.12
N GLY I 24 22.95 -52.35 -7.90
CA GLY I 24 22.37 -51.55 -8.95
C GLY I 24 23.45 -50.94 -9.80
N ASN I 25 23.26 -49.68 -10.20
CA ASN I 25 24.27 -49.01 -11.00
C ASN I 25 25.55 -48.82 -10.21
N GLN I 26 25.49 -48.05 -9.12
CA GLN I 26 26.67 -47.74 -8.34
C GLN I 26 27.34 -49.01 -7.82
N GLY I 27 26.60 -49.80 -7.05
CA GLY I 27 27.18 -50.97 -6.41
C GLY I 27 27.98 -51.81 -7.39
N ARG I 28 27.36 -52.19 -8.50
CA ARG I 28 28.06 -52.96 -9.51
C ARG I 28 29.38 -52.31 -9.88
N VAL I 29 29.35 -51.00 -10.15
CA VAL I 29 30.54 -50.31 -10.64
C VAL I 29 31.64 -50.34 -9.59
N GLN I 30 31.37 -49.76 -8.41
CA GLN I 30 32.39 -49.67 -7.39
C GLN I 30 32.94 -51.04 -7.05
N ALA I 31 32.07 -52.05 -6.93
CA ALA I 31 32.46 -53.39 -6.58
C ALA I 31 33.44 -53.96 -7.61
N THR I 32 33.04 -53.94 -8.88
CA THR I 32 33.92 -54.42 -9.94
C THR I 32 35.28 -53.77 -9.86
N ILE I 33 35.31 -52.44 -9.77
CA ILE I 33 36.57 -51.71 -9.81
C ILE I 33 37.45 -52.12 -8.63
N MET I 34 36.95 -51.90 -7.41
CA MET I 34 37.73 -52.24 -6.23
C MET I 34 38.18 -53.68 -6.22
N ARG I 35 37.42 -54.58 -6.86
CA ARG I 35 37.91 -55.93 -7.05
C ARG I 35 39.14 -55.94 -7.95
N GLU I 36 39.12 -55.16 -9.03
CA GLU I 36 40.30 -55.07 -9.88
C GLU I 36 41.52 -54.60 -9.11
N ASN I 37 41.33 -53.69 -8.16
CA ASN I 37 42.45 -53.15 -7.40
C ASN I 37 42.89 -54.06 -6.27
N GLY I 38 42.48 -55.33 -6.28
CA GLY I 38 43.00 -56.30 -5.33
C GLY I 38 42.42 -56.19 -3.95
N LEU I 39 41.12 -56.44 -3.82
CA LEU I 39 40.46 -56.37 -2.53
C LEU I 39 39.44 -57.49 -2.40
N ASN I 40 39.41 -58.12 -1.23
CA ASN I 40 38.44 -59.16 -0.96
C ASN I 40 37.07 -58.52 -0.79
N VAL I 41 36.13 -58.92 -1.63
CA VAL I 41 34.85 -58.23 -1.73
C VAL I 41 33.73 -59.25 -1.75
N ILE I 42 32.60 -58.89 -1.14
CA ILE I 42 31.40 -59.69 -1.12
C ILE I 42 30.22 -58.77 -1.45
N VAL I 43 29.02 -59.33 -1.41
CA VAL I 43 27.82 -58.60 -1.78
C VAL I 43 26.67 -59.05 -0.91
N GLY I 44 25.78 -58.10 -0.62
CA GLY I 44 24.58 -58.39 0.14
C GLY I 44 23.36 -57.85 -0.57
N ASN I 45 22.41 -58.72 -0.85
CA ASN I 45 21.20 -58.33 -1.55
C ASN I 45 20.19 -59.44 -1.44
N VAL I 46 18.93 -59.07 -1.57
CA VAL I 46 17.83 -60.03 -1.57
C VAL I 46 17.80 -60.76 -2.90
N LYS I 47 17.24 -61.96 -2.89
CA LYS I 47 17.26 -62.84 -4.07
C LYS I 47 16.33 -62.28 -5.13
N ASP I 48 16.91 -61.61 -6.12
CA ASP I 48 16.16 -61.09 -7.26
C ASP I 48 17.08 -61.07 -8.46
N LYS I 49 16.70 -60.30 -9.48
CA LYS I 49 17.49 -60.16 -10.70
C LYS I 49 18.95 -59.86 -10.40
N TYR I 50 19.20 -58.74 -9.71
CA TYR I 50 20.56 -58.33 -9.43
C TYR I 50 21.34 -59.41 -8.71
N TYR I 51 20.67 -60.22 -7.89
CA TYR I 51 21.35 -61.29 -7.19
C TYR I 51 21.99 -62.27 -8.17
N GLU I 52 21.18 -62.77 -9.11
CA GLU I 52 21.69 -63.67 -10.13
C GLU I 52 22.81 -63.01 -10.93
N LEU I 53 22.60 -61.76 -11.34
CA LEU I 53 23.62 -61.06 -12.11
C LEU I 53 24.94 -61.00 -11.36
N ALA I 54 24.90 -60.62 -10.09
CA ALA I 54 26.13 -60.42 -9.34
C ALA I 54 26.86 -61.73 -9.11
N LYS I 55 26.14 -62.78 -8.72
CA LYS I 55 26.80 -64.07 -8.56
C LYS I 55 27.36 -64.56 -9.88
N LYS I 56 26.72 -64.22 -10.99
CA LYS I 56 27.24 -64.55 -12.31
C LYS I 56 28.57 -63.86 -12.56
N GLU I 57 28.65 -62.57 -12.24
CA GLU I 57 29.86 -61.81 -12.52
C GLU I 57 31.02 -62.18 -11.61
N GLY I 58 30.90 -63.22 -10.80
CA GLY I 58 32.00 -63.73 -10.01
C GLY I 58 32.04 -63.29 -8.57
N PHE I 59 30.91 -62.91 -8.00
CA PHE I 59 30.84 -62.40 -6.64
C PHE I 59 30.16 -63.42 -5.73
N GLU I 60 30.76 -63.65 -4.57
CA GLU I 60 30.13 -64.49 -3.55
C GLU I 60 29.03 -63.70 -2.87
N VAL I 61 27.81 -64.22 -2.91
CA VAL I 61 26.64 -63.47 -2.51
C VAL I 61 25.99 -64.14 -1.30
N TYR I 62 25.87 -63.38 -0.23
CA TYR I 62 25.07 -63.71 0.93
C TYR I 62 24.02 -62.63 1.07
N GLU I 63 23.02 -62.86 1.92
CA GLU I 63 22.08 -61.80 2.16
C GLU I 63 22.58 -60.93 3.32
N ILE I 64 21.87 -59.83 3.55
CA ILE I 64 22.48 -58.61 4.05
C ILE I 64 23.11 -58.80 5.42
N ASP I 65 22.29 -59.12 6.42
CA ASP I 65 22.81 -59.23 7.78
C ASP I 65 24.04 -60.12 7.84
N GLU I 66 24.02 -61.23 7.09
CA GLU I 66 25.17 -62.12 7.06
C GLU I 66 26.40 -61.40 6.52
N ALA I 67 26.23 -60.64 5.43
CA ALA I 67 27.35 -59.90 4.87
C ALA I 67 27.93 -58.91 5.86
N VAL I 68 27.09 -58.32 6.70
CA VAL I 68 27.58 -57.36 7.68
C VAL I 68 28.34 -58.05 8.79
N ARG I 69 27.99 -59.31 9.09
CA ARG I 69 28.74 -60.04 10.09
C ARG I 69 30.16 -60.31 9.64
N ARG I 70 30.32 -60.69 8.37
CA ARG I 70 31.63 -61.05 7.84
C ARG I 70 32.49 -59.85 7.49
N SER I 71 31.95 -58.65 7.55
CA SER I 71 32.62 -57.47 7.04
C SER I 71 33.12 -56.60 8.18
N ASP I 72 34.28 -55.98 7.95
CA ASP I 72 34.75 -54.89 8.78
C ASP I 72 34.44 -53.53 8.17
N VAL I 73 33.98 -53.51 6.93
CA VAL I 73 33.59 -52.28 6.24
C VAL I 73 32.40 -52.60 5.34
N ALA I 74 31.53 -51.62 5.17
CA ALA I 74 30.31 -51.81 4.40
C ALA I 74 29.97 -50.55 3.63
N LEU I 75 29.45 -50.74 2.43
CA LEU I 75 29.00 -49.64 1.58
C LEU I 75 27.51 -49.78 1.37
N LEU I 76 26.76 -48.77 1.80
CA LEU I 76 25.29 -48.82 1.79
C LEU I 76 24.81 -48.09 0.55
N LEU I 77 24.90 -48.77 -0.58
CA LEU I 77 24.56 -48.19 -1.88
C LEU I 77 23.17 -48.64 -2.31
N ILE I 78 22.16 -48.01 -1.71
CA ILE I 78 20.78 -48.26 -2.09
C ILE I 78 20.01 -46.95 -2.06
N PRO I 79 18.81 -46.90 -2.63
CA PRO I 79 18.06 -45.64 -2.67
C PRO I 79 17.83 -45.07 -1.27
N ASP I 80 17.76 -43.75 -1.22
CA ASP I 80 17.54 -43.04 0.03
C ASP I 80 16.11 -43.15 0.53
N GLU I 81 15.24 -43.85 -0.19
CA GLU I 81 13.84 -43.95 0.17
C GLU I 81 13.50 -45.22 0.93
N VAL I 82 14.38 -46.22 0.89
CA VAL I 82 14.15 -47.50 1.53
C VAL I 82 15.28 -47.90 2.46
N MET I 83 16.33 -47.07 2.56
CA MET I 83 17.46 -47.43 3.39
C MET I 83 17.08 -47.49 4.85
N LYS I 84 16.06 -46.74 5.26
CA LYS I 84 15.73 -46.63 6.67
C LYS I 84 15.28 -47.97 7.25
N GLU I 85 14.27 -48.58 6.64
CA GLU I 85 13.76 -49.84 7.14
C GLU I 85 14.84 -50.91 7.10
N VAL I 86 15.59 -50.97 5.99
CA VAL I 86 16.67 -51.94 5.86
C VAL I 86 17.65 -51.78 7.00
N TYR I 87 18.00 -50.54 7.34
CA TYR I 87 18.94 -50.32 8.43
C TYR I 87 18.35 -50.74 9.76
N GLU I 88 17.09 -50.40 10.00
CA GLU I 88 16.48 -50.65 11.30
C GLU I 88 16.33 -52.13 11.57
N LYS I 89 15.85 -52.88 10.59
CA LYS I 89 15.50 -54.28 10.83
C LYS I 89 16.72 -55.18 10.84
N LYS I 90 17.58 -55.04 9.83
CA LYS I 90 18.61 -56.02 9.55
C LYS I 90 20.00 -55.62 10.01
N ILE I 91 20.33 -54.34 9.97
CA ILE I 91 21.69 -53.89 10.19
C ILE I 91 21.91 -53.55 11.65
N ALA I 92 21.16 -52.58 12.16
CA ALA I 92 21.36 -52.09 13.52
C ALA I 92 21.58 -53.20 14.55
N PRO I 93 20.82 -54.29 14.53
CA PRO I 93 21.08 -55.36 15.50
C PRO I 93 22.50 -55.91 15.40
N VAL I 94 22.80 -56.44 14.22
CA VAL I 94 24.13 -56.97 13.94
C VAL I 94 25.18 -55.96 14.35
N LEU I 95 24.87 -54.68 14.21
CA LEU I 95 25.82 -53.62 14.44
C LEU I 95 26.03 -53.36 15.92
N GLN I 96 24.95 -53.42 16.71
CA GLN I 96 25.12 -53.38 18.16
C GLN I 96 26.11 -54.43 18.61
N GLY I 97 26.15 -55.57 17.93
CA GLY I 97 27.10 -56.60 18.28
C GLY I 97 28.42 -56.51 17.54
N LYS I 98 29.02 -55.32 17.50
CA LYS I 98 30.29 -55.11 16.84
C LYS I 98 31.26 -54.38 17.76
N LYS I 99 32.51 -54.32 17.32
CA LYS I 99 33.60 -53.69 18.07
C LYS I 99 34.21 -52.51 17.35
N GLU I 100 34.66 -52.70 16.11
CA GLU I 100 35.30 -51.66 15.31
C GLU I 100 34.77 -51.81 13.90
N PHE I 101 33.87 -50.93 13.50
CA PHE I 101 33.20 -51.02 12.21
C PHE I 101 33.28 -49.68 11.49
N VAL I 102 32.95 -49.73 10.20
CA VAL I 102 33.00 -48.57 9.33
C VAL I 102 31.80 -48.62 8.41
N LEU I 103 31.17 -47.47 8.20
CA LEU I 103 29.94 -47.37 7.44
C LEU I 103 30.06 -46.21 6.47
N ASP I 104 29.88 -46.49 5.18
CA ASP I 104 30.02 -45.51 4.12
C ASP I 104 28.70 -45.31 3.42
N PHE I 105 28.43 -44.06 3.03
CA PHE I 105 27.26 -43.70 2.27
C PHE I 105 27.67 -42.94 1.02
N ALA I 106 26.79 -42.94 0.04
CA ALA I 106 26.95 -42.12 -1.15
C ALA I 106 26.08 -40.87 -1.12
N SER I 107 25.21 -40.75 -0.11
CA SER I 107 24.36 -39.59 0.06
C SER I 107 24.19 -39.31 1.55
N GLY I 108 24.08 -38.02 1.88
CA GLY I 108 23.95 -37.61 3.26
C GLY I 108 22.55 -37.22 3.67
N TYR I 109 21.54 -37.55 2.87
CA TYR I 109 20.17 -37.16 3.18
C TYR I 109 19.71 -37.76 4.50
N ASN I 110 19.71 -39.09 4.58
CA ASN I 110 19.13 -39.77 5.72
C ASN I 110 19.91 -39.56 7.00
N VAL I 111 21.12 -39.05 6.93
CA VAL I 111 21.96 -38.82 8.09
C VAL I 111 21.97 -37.35 8.49
N ALA I 112 22.15 -36.47 7.52
CA ALA I 112 22.14 -35.04 7.80
C ALA I 112 20.88 -34.62 8.53
N PHE I 113 19.77 -35.30 8.28
CA PHE I 113 18.49 -34.97 8.86
C PHE I 113 18.10 -35.89 10.00
N GLY I 114 18.95 -36.84 10.37
CA GLY I 114 18.75 -37.61 11.57
C GLY I 114 17.82 -38.77 11.46
N LEU I 115 17.46 -39.17 10.24
CA LEU I 115 16.65 -40.36 10.06
C LEU I 115 17.43 -41.64 10.31
N ILE I 116 18.74 -41.54 10.47
CA ILE I 116 19.60 -42.67 10.76
C ILE I 116 20.67 -42.20 11.72
N ARG I 117 20.72 -42.79 12.91
CA ARG I 117 21.62 -42.36 13.97
C ARG I 117 22.39 -43.58 14.45
N PRO I 118 23.52 -43.89 13.81
CA PRO I 118 24.29 -45.04 14.22
C PRO I 118 24.95 -44.80 15.57
N PRO I 119 25.48 -45.84 16.19
CA PRO I 119 26.10 -45.67 17.50
C PRO I 119 27.42 -44.92 17.45
N LYS I 120 28.05 -44.78 18.61
CA LYS I 120 29.35 -44.15 18.71
C LYS I 120 30.50 -45.14 18.58
N SER I 121 30.19 -46.43 18.53
CA SER I 121 31.18 -47.47 18.30
C SER I 121 31.60 -47.58 16.85
N VAL I 122 31.23 -46.60 16.03
CA VAL I 122 31.26 -46.74 14.59
C VAL I 122 31.89 -45.51 13.98
N ASP I 123 32.59 -45.71 12.87
CA ASP I 123 33.13 -44.62 12.07
C ASP I 123 32.19 -44.38 10.91
N THR I 124 31.62 -43.18 10.85
CA THR I 124 30.60 -42.84 9.88
C THR I 124 31.17 -41.86 8.88
N ILE I 125 31.15 -42.24 7.60
CA ILE I 125 31.83 -41.49 6.55
C ILE I 125 30.92 -41.34 5.34
N MET I 126 31.49 -40.80 4.27
CA MET I 126 30.71 -40.41 3.11
C MET I 126 31.63 -40.33 1.90
N VAL I 127 31.15 -40.85 0.78
CA VAL I 127 31.88 -40.75 -0.48
C VAL I 127 30.88 -40.58 -1.61
N ALA I 128 30.84 -39.39 -2.19
CA ALA I 128 29.78 -39.02 -3.14
C ALA I 128 30.38 -38.69 -4.49
N PRO I 129 30.18 -39.52 -5.51
CA PRO I 129 30.64 -39.18 -6.85
C PRO I 129 29.73 -38.15 -7.50
N ARG I 130 30.18 -37.63 -8.63
CA ARG I 130 29.45 -36.64 -9.41
C ARG I 130 29.33 -37.09 -10.86
N MET I 131 29.00 -38.37 -11.04
CA MET I 131 28.80 -38.92 -12.37
C MET I 131 27.71 -39.99 -12.29
N VAL I 132 27.01 -40.18 -13.41
CA VAL I 132 25.84 -41.04 -13.41
C VAL I 132 26.20 -42.48 -13.12
N GLY I 133 27.33 -42.95 -13.66
CA GLY I 133 27.71 -44.34 -13.52
C GLY I 133 27.94 -45.00 -14.86
N GLU I 134 27.10 -44.65 -15.84
CA GLU I 134 27.32 -45.16 -17.19
C GLU I 134 28.61 -44.62 -17.76
N GLY I 135 28.92 -43.35 -17.50
CA GLY I 135 30.17 -42.77 -17.97
C GLY I 135 31.37 -43.07 -17.09
N ILE I 136 31.13 -43.44 -15.83
CA ILE I 136 32.25 -43.70 -14.93
C ILE I 136 33.08 -44.87 -15.46
N MET I 137 32.42 -45.95 -15.87
CA MET I 137 33.13 -47.05 -16.51
C MET I 137 33.80 -46.58 -17.79
N ASP I 138 33.05 -45.84 -18.62
CA ASP I 138 33.60 -45.26 -19.84
C ASP I 138 34.89 -44.50 -19.60
N LEU I 139 35.12 -44.02 -18.37
CA LEU I 139 36.33 -43.31 -18.03
C LEU I 139 37.37 -44.19 -17.34
N HIS I 140 36.93 -45.18 -16.58
CA HIS I 140 37.89 -46.06 -15.91
C HIS I 140 38.73 -46.83 -16.90
N LYS I 141 38.14 -47.18 -18.05
CA LYS I 141 38.91 -47.92 -19.06
C LYS I 141 40.10 -47.13 -19.55
N GLN I 142 40.03 -45.80 -19.48
CA GLN I 142 41.10 -44.93 -19.94
C GLN I 142 42.10 -44.61 -18.85
N GLY I 143 42.02 -45.26 -17.70
CA GLY I 143 42.85 -44.89 -16.57
C GLY I 143 42.53 -43.53 -16.00
N LYS I 144 41.40 -42.95 -16.38
CA LYS I 144 41.01 -41.64 -15.87
C LYS I 144 40.30 -41.77 -14.53
N GLY I 145 40.42 -40.73 -13.72
CA GLY I 145 39.70 -40.62 -12.48
C GLY I 145 38.41 -39.87 -12.65
N TYR I 146 37.85 -39.43 -11.52
CA TYR I 146 36.66 -38.61 -11.55
C TYR I 146 36.49 -37.97 -10.17
N PRO I 147 35.71 -36.90 -10.07
CA PRO I 147 35.55 -36.20 -8.80
C PRO I 147 34.61 -36.88 -7.83
N VAL I 148 34.83 -36.59 -6.55
CA VAL I 148 33.99 -37.08 -5.46
C VAL I 148 34.05 -36.09 -4.32
N LEU I 149 33.12 -36.23 -3.38
CA LEU I 149 33.11 -35.46 -2.16
C LEU I 149 33.29 -36.39 -0.96
N LEU I 150 33.95 -35.89 0.07
CA LEU I 150 34.22 -36.65 1.26
C LEU I 150 33.61 -35.95 2.47
N GLY I 151 33.24 -36.74 3.46
CA GLY I 151 32.70 -36.19 4.68
C GLY I 151 32.79 -37.19 5.81
N VAL I 152 32.80 -36.66 7.02
CA VAL I 152 32.90 -37.48 8.22
C VAL I 152 31.92 -36.93 9.25
N LYS I 153 31.13 -37.81 9.83
CA LYS I 153 30.14 -37.46 10.83
C LYS I 153 30.53 -37.92 12.22
N GLN I 154 31.25 -39.02 12.34
CA GLN I 154 31.52 -39.65 13.62
C GLN I 154 32.83 -40.41 13.52
N ASP I 155 33.83 -39.96 14.27
CA ASP I 155 35.14 -40.60 14.29
C ASP I 155 35.35 -41.23 15.67
N ALA I 156 35.47 -42.55 15.68
CA ALA I 156 35.75 -43.29 16.90
C ALA I 156 37.14 -43.92 16.89
N SER I 157 37.94 -43.66 15.85
CA SER I 157 39.23 -44.31 15.70
C SER I 157 40.33 -43.38 15.22
N GLY I 158 40.04 -42.10 15.02
CA GLY I 158 41.05 -41.16 14.56
C GLY I 158 41.63 -41.50 13.21
N LYS I 159 41.00 -42.43 12.49
CA LYS I 159 41.49 -42.87 11.19
C LYS I 159 40.46 -42.71 10.07
N ALA I 160 39.37 -42.01 10.34
CA ALA I 160 38.27 -41.95 9.38
C ALA I 160 38.72 -41.39 8.04
N TRP I 161 39.35 -40.21 8.06
CA TRP I 161 39.77 -39.57 6.82
C TRP I 161 40.66 -40.49 5.99
N ASP I 162 41.58 -41.19 6.65
CA ASP I 162 42.42 -42.14 5.94
C ASP I 162 41.58 -43.20 5.25
N TYR I 163 40.59 -43.73 5.96
CA TYR I 163 39.69 -44.71 5.34
C TYR I 163 38.99 -44.11 4.14
N ALA I 164 38.51 -42.88 4.26
CA ALA I 164 37.75 -42.26 3.17
C ALA I 164 38.62 -42.13 1.93
N LYS I 165 39.83 -41.62 2.09
CA LYS I 165 40.73 -41.47 0.96
C LYS I 165 41.09 -42.83 0.37
N ALA I 166 41.31 -43.82 1.22
CA ALA I 166 41.58 -45.17 0.73
C ALA I 166 40.43 -45.66 -0.14
N ILE I 167 39.20 -45.45 0.31
CA ILE I 167 38.04 -45.83 -0.49
C ILE I 167 38.08 -45.11 -1.83
N ALA I 168 38.19 -43.78 -1.79
CA ALA I 168 38.22 -43.00 -3.02
C ALA I 168 39.21 -43.59 -4.01
N LYS I 169 40.37 -44.02 -3.52
CA LYS I 169 41.34 -44.65 -4.41
C LYS I 169 40.87 -46.02 -4.87
N GLY I 170 40.19 -46.76 -4.00
CA GLY I 170 39.81 -48.12 -4.35
C GLY I 170 38.79 -48.20 -5.46
N ILE I 171 38.01 -47.13 -5.65
CA ILE I 171 36.98 -47.12 -6.68
C ILE I 171 37.43 -46.42 -7.95
N GLY I 172 38.67 -45.96 -8.02
CA GLY I 172 39.22 -45.41 -9.23
C GLY I 172 38.91 -43.96 -9.48
N ALA I 173 38.44 -43.23 -8.47
CA ALA I 173 38.24 -41.80 -8.64
C ALA I 173 39.57 -41.08 -8.73
N ILE I 174 40.58 -41.56 -8.00
CA ILE I 174 41.91 -40.97 -8.04
C ILE I 174 42.94 -42.08 -8.03
N PRO I 175 44.14 -41.81 -8.57
CA PRO I 175 44.49 -40.54 -9.21
C PRO I 175 43.93 -40.42 -10.61
N GLY I 176 43.83 -39.19 -11.10
CA GLY I 176 43.23 -38.92 -12.39
C GLY I 176 42.10 -37.93 -12.25
N GLY I 177 41.36 -38.04 -11.15
CA GLY I 177 40.35 -37.08 -10.79
C GLY I 177 40.77 -36.35 -9.52
N ILE I 178 39.80 -35.97 -8.70
CA ILE I 178 40.11 -35.30 -7.44
C ILE I 178 39.10 -35.69 -6.38
N ALA I 179 39.30 -35.18 -5.17
CA ALA I 179 38.43 -35.48 -4.05
C ALA I 179 38.38 -34.25 -3.15
N VAL I 180 37.16 -33.83 -2.81
CA VAL I 180 36.96 -32.66 -1.98
C VAL I 180 36.44 -33.11 -0.62
N ILE I 181 36.90 -32.44 0.42
CA ILE I 181 36.45 -32.70 1.78
C ILE I 181 35.30 -31.76 2.07
N SER I 182 34.23 -32.31 2.64
CA SER I 182 33.04 -31.52 2.93
C SER I 182 32.26 -32.25 4.02
N SER I 183 31.01 -31.85 4.20
CA SER I 183 30.13 -32.43 5.20
C SER I 183 29.03 -33.23 4.51
N PHE I 184 28.25 -33.93 5.33
CA PHE I 184 27.02 -34.54 4.85
C PHE I 184 26.02 -33.47 4.45
N GLU I 185 26.01 -32.37 5.18
CA GLU I 185 25.04 -31.31 4.93
C GLU I 185 25.33 -30.59 3.63
N GLU I 186 26.59 -30.23 3.41
CA GLU I 186 26.99 -29.52 2.21
C GLU I 186 26.82 -30.34 0.95
N GLU I 187 26.46 -31.62 1.07
CA GLU I 187 26.17 -32.45 -0.09
C GLU I 187 24.68 -32.60 -0.33
N ALA I 188 23.91 -32.87 0.72
CA ALA I 188 22.47 -32.92 0.59
C ALA I 188 21.94 -31.58 0.09
N LEU I 189 22.41 -30.50 0.71
CA LEU I 189 22.03 -29.16 0.29
C LEU I 189 22.19 -28.98 -1.21
N LEU I 190 23.33 -29.39 -1.75
CA LEU I 190 23.60 -29.20 -3.16
C LEU I 190 22.73 -30.11 -4.02
N ASP I 191 22.71 -31.41 -3.71
CA ASP I 191 21.92 -32.34 -4.49
C ASP I 191 20.47 -31.90 -4.56
N LEU I 192 20.00 -31.16 -3.57
CA LEU I 192 18.62 -30.71 -3.58
C LEU I 192 18.44 -29.38 -4.28
N MET I 193 19.29 -28.40 -3.98
CA MET I 193 19.10 -27.07 -4.53
C MET I 193 19.06 -27.09 -6.04
N SER I 194 19.81 -27.98 -6.68
CA SER I 194 19.70 -28.15 -8.11
C SER I 194 18.29 -28.57 -8.50
N GLU I 195 17.74 -29.54 -7.79
CA GLU I 195 16.43 -30.09 -8.10
C GLU I 195 15.30 -29.16 -7.72
N HIS I 196 15.59 -28.06 -7.02
CA HIS I 196 14.56 -27.15 -6.57
C HIS I 196 14.65 -25.77 -7.18
N THR I 197 15.75 -25.40 -7.83
CA THR I 197 15.92 -24.03 -8.29
C THR I 197 15.97 -23.90 -9.81
N TRP I 198 16.99 -24.40 -10.48
CA TRP I 198 17.16 -24.01 -11.88
C TRP I 198 16.53 -24.99 -12.85
N VAL I 199 16.41 -26.25 -12.49
CA VAL I 199 15.74 -27.24 -13.31
C VAL I 199 14.27 -26.87 -13.47
N PRO I 200 13.51 -26.74 -12.38
CA PRO I 200 12.09 -26.42 -12.53
C PRO I 200 11.86 -25.04 -13.12
N ILE I 201 12.71 -24.08 -12.79
CA ILE I 201 12.60 -22.75 -13.38
C ILE I 201 12.76 -22.84 -14.89
N LEU I 202 13.79 -23.55 -15.33
CA LEU I 202 14.00 -23.76 -16.75
C LEU I 202 12.76 -24.35 -17.42
N PHE I 203 12.24 -25.43 -16.83
CA PHE I 203 11.09 -26.09 -17.43
C PHE I 203 9.89 -25.18 -17.50
N GLY I 204 9.62 -24.44 -16.41
CA GLY I 204 8.49 -23.53 -16.42
C GLY I 204 8.66 -22.42 -17.43
N ALA I 205 9.88 -21.92 -17.59
CA ALA I 205 10.12 -20.88 -18.57
C ALA I 205 9.85 -21.38 -19.99
N ILE I 206 10.32 -22.58 -20.29
CA ILE I 206 10.06 -23.17 -21.60
C ILE I 206 8.56 -23.30 -21.83
N LYS I 207 7.87 -23.90 -20.87
CA LYS I 207 6.44 -24.10 -20.99
C LYS I 207 5.71 -22.77 -21.21
N ALA I 208 6.13 -21.74 -20.48
CA ALA I 208 5.49 -20.44 -20.60
C ALA I 208 5.73 -19.84 -21.97
N CYS I 209 6.96 -19.95 -22.48
CA CYS I 209 7.25 -19.47 -23.81
C CYS I 209 6.34 -20.13 -24.84
N TYR I 210 6.19 -21.45 -24.73
CA TYR I 210 5.30 -22.17 -25.63
C TYR I 210 3.88 -21.62 -25.55
N ASP I 211 3.32 -21.63 -24.35
CA ASP I 211 1.93 -21.21 -24.17
C ASP I 211 1.72 -19.81 -24.73
N ILE I 212 2.64 -18.89 -24.43
CA ILE I 212 2.51 -17.51 -24.87
C ILE I 212 2.54 -17.45 -26.39
N ALA I 213 3.63 -17.93 -26.98
CA ALA I 213 3.78 -17.85 -28.43
C ALA I 213 2.56 -18.41 -29.14
N VAL I 214 1.94 -19.44 -28.57
CA VAL I 214 0.79 -20.03 -29.25
C VAL I 214 -0.45 -19.18 -29.07
N LYS I 215 -0.77 -18.80 -27.84
CA LYS I 215 -2.07 -18.22 -27.53
C LYS I 215 -2.12 -16.72 -27.64
N GLU I 216 -1.03 -16.06 -28.03
CA GLU I 216 -1.05 -14.61 -28.17
C GLU I 216 -0.40 -14.10 -29.43
N TYR I 217 0.33 -14.92 -30.18
CA TYR I 217 0.97 -14.50 -31.41
C TYR I 217 0.70 -15.46 -32.56
N GLY I 218 -0.26 -16.36 -32.40
CA GLY I 218 -0.74 -17.18 -33.50
C GLY I 218 0.30 -18.09 -34.08
N VAL I 219 1.21 -18.59 -33.26
CA VAL I 219 2.26 -19.47 -33.74
C VAL I 219 1.74 -20.90 -33.79
N SER I 220 2.38 -21.70 -34.62
CA SER I 220 2.03 -23.10 -34.73
C SER I 220 2.77 -23.93 -33.69
N PRO I 221 2.14 -24.94 -33.12
CA PRO I 221 2.84 -25.76 -32.12
C PRO I 221 4.08 -26.44 -32.65
N GLU I 222 4.06 -26.85 -33.92
CA GLU I 222 5.15 -27.63 -34.48
C GLU I 222 6.44 -26.83 -34.62
N ALA I 223 6.42 -25.53 -34.39
CA ALA I 223 7.57 -24.65 -34.55
C ALA I 223 8.17 -24.22 -33.23
N ALA I 224 7.31 -23.86 -32.28
CA ALA I 224 7.76 -23.53 -30.94
C ALA I 224 8.65 -24.62 -30.39
N LEU I 225 8.21 -25.88 -30.50
CA LEU I 225 8.99 -27.00 -29.99
C LEU I 225 10.36 -27.06 -30.66
N LEU I 226 10.39 -26.92 -31.98
CA LEU I 226 11.66 -26.94 -32.68
C LEU I 226 12.61 -25.90 -32.14
N GLU I 227 12.12 -24.70 -31.90
CA GLU I 227 13.03 -23.67 -31.40
C GLU I 227 13.47 -23.96 -29.97
N PHE I 228 12.56 -24.42 -29.12
CA PHE I 228 12.84 -24.43 -27.69
C PHE I 228 13.68 -25.64 -27.28
N TYR I 229 13.15 -26.85 -27.45
CA TYR I 229 13.92 -28.03 -27.05
C TYR I 229 13.88 -29.20 -28.02
N ALA I 230 12.96 -29.25 -28.97
CA ALA I 230 12.93 -30.40 -29.87
C ALA I 230 14.17 -30.51 -30.74
N SER I 231 14.99 -29.46 -30.77
CA SER I 231 16.30 -29.50 -31.41
C SER I 231 17.37 -29.75 -30.36
N GLY I 232 18.54 -30.18 -30.83
CA GLY I 232 19.67 -30.46 -29.96
C GLY I 232 20.47 -29.23 -29.59
N GLU I 233 19.85 -28.06 -29.74
CA GLU I 233 20.45 -26.81 -29.28
C GLU I 233 21.08 -26.96 -27.89
N LEU I 234 20.36 -27.58 -26.98
CA LEU I 234 20.66 -27.43 -25.56
C LEU I 234 21.82 -28.32 -25.13
N ALA I 235 21.87 -29.55 -25.66
CA ALA I 235 23.00 -30.42 -25.35
C ALA I 235 24.30 -29.83 -25.88
N GLU I 236 24.26 -29.22 -27.06
CA GLU I 236 25.40 -28.47 -27.57
C GLU I 236 25.91 -27.50 -26.52
N ILE I 237 25.02 -26.63 -26.02
CA ILE I 237 25.43 -25.61 -25.06
C ILE I 237 25.99 -26.26 -23.80
N ALA I 238 25.33 -27.31 -23.32
CA ALA I 238 25.80 -27.99 -22.13
C ALA I 238 27.23 -28.50 -22.31
N ARG I 239 27.51 -29.07 -23.48
CA ARG I 239 28.85 -29.58 -23.75
C ARG I 239 29.88 -28.46 -23.73
N LEU I 240 29.62 -27.39 -24.51
CA LEU I 240 30.57 -26.28 -24.54
C LEU I 240 30.77 -25.71 -23.15
N ILE I 241 29.75 -25.77 -22.30
CA ILE I 241 29.89 -25.30 -20.93
C ILE I 241 30.86 -26.19 -20.18
N ALA I 242 30.60 -27.51 -20.19
CA ALA I 242 31.43 -28.43 -19.44
C ALA I 242 32.88 -28.38 -19.89
N GLU I 243 33.13 -28.01 -21.15
CA GLU I 243 34.49 -28.06 -21.69
C GLU I 243 35.18 -26.70 -21.68
N GLU I 244 34.61 -25.72 -22.37
CA GLU I 244 35.27 -24.43 -22.55
C GLU I 244 35.01 -23.45 -21.43
N GLY I 245 33.92 -23.64 -20.69
CA GLY I 245 33.50 -22.67 -19.71
C GLY I 245 32.15 -22.08 -20.06
N ILE I 246 31.44 -21.62 -19.03
CA ILE I 246 30.06 -21.19 -19.20
C ILE I 246 29.99 -19.93 -20.06
N PHE I 247 30.85 -18.95 -19.79
CA PHE I 247 30.78 -17.69 -20.49
C PHE I 247 31.55 -17.74 -21.79
N ASN I 248 32.81 -18.19 -21.74
CA ASN I 248 33.59 -18.37 -22.96
C ASN I 248 32.85 -19.20 -23.99
N GLN I 249 31.87 -20.00 -23.56
CA GLN I 249 31.05 -20.76 -24.49
C GLN I 249 30.31 -19.86 -25.46
N MET I 250 30.05 -18.62 -25.07
CA MET I 250 29.17 -17.74 -25.82
C MET I 250 29.88 -17.04 -26.99
N VAL I 251 31.20 -17.11 -27.05
CA VAL I 251 31.92 -16.46 -28.12
C VAL I 251 31.56 -17.05 -29.47
N HIS I 252 31.18 -18.32 -29.50
CA HIS I 252 30.82 -18.99 -30.75
C HIS I 252 29.43 -18.63 -31.23
N HIS I 253 28.71 -17.81 -30.48
CA HIS I 253 27.40 -17.34 -30.88
C HIS I 253 27.50 -15.93 -31.47
N SER I 254 26.37 -15.41 -31.93
CA SER I 254 26.35 -14.09 -32.53
C SER I 254 26.28 -13.00 -31.49
N THR I 255 26.74 -11.82 -31.87
CA THR I 255 26.79 -10.68 -30.95
C THR I 255 25.42 -10.36 -30.39
N THR I 256 24.40 -10.42 -31.24
CA THR I 256 23.04 -10.12 -30.81
C THR I 256 22.65 -11.00 -29.63
N SER I 257 22.91 -12.31 -29.76
CA SER I 257 22.61 -13.24 -28.69
C SER I 257 23.35 -12.88 -27.41
N GLN I 258 24.65 -12.61 -27.54
CA GLN I 258 25.44 -12.24 -26.37
C GLN I 258 24.83 -11.04 -25.67
N TYR I 259 24.51 -10.00 -26.43
CA TYR I 259 23.98 -8.78 -25.85
C TYR I 259 22.69 -9.05 -25.09
N GLY I 260 21.72 -9.66 -25.76
CA GLY I 260 20.45 -9.93 -25.11
C GLY I 260 20.64 -10.77 -23.85
N THR I 261 21.43 -11.83 -23.97
CA THR I 261 21.65 -12.73 -22.85
C THR I 261 22.22 -11.99 -21.66
N LEU I 262 23.31 -11.25 -21.86
CA LEU I 262 23.97 -10.58 -20.76
C LEU I 262 23.05 -9.56 -20.10
N THR I 263 22.42 -8.72 -20.91
CA THR I 263 21.53 -7.71 -20.35
C THR I 263 20.45 -8.35 -19.50
N ARG I 264 19.73 -9.31 -20.06
CA ARG I 264 18.63 -9.91 -19.34
C ARG I 264 19.09 -10.74 -18.16
N MET I 265 20.33 -11.21 -18.19
CA MET I 265 20.88 -11.94 -17.05
C MET I 265 21.11 -11.01 -15.88
N PHE I 266 21.85 -9.93 -16.11
CA PHE I 266 22.08 -8.97 -15.04
C PHE I 266 20.81 -8.24 -14.64
N LYS I 267 19.75 -8.37 -15.43
CA LYS I 267 18.50 -7.70 -15.15
C LYS I 267 17.56 -8.51 -14.27
N TYR I 268 17.63 -9.84 -14.33
CA TYR I 268 16.73 -10.71 -13.60
C TYR I 268 17.45 -11.53 -12.53
N TYR I 269 18.54 -11.00 -12.00
CA TYR I 269 19.38 -11.76 -11.08
C TYR I 269 18.85 -11.72 -9.65
N ASP I 270 18.23 -10.61 -9.25
CA ASP I 270 17.77 -10.47 -7.87
C ASP I 270 16.57 -11.36 -7.58
N VAL I 271 15.67 -11.47 -8.55
CA VAL I 271 14.46 -12.27 -8.40
C VAL I 271 14.81 -13.71 -8.04
N VAL I 272 15.56 -14.35 -8.93
CA VAL I 272 15.93 -15.74 -8.73
C VAL I 272 16.78 -15.89 -7.48
N ARG I 273 17.55 -14.86 -7.14
CA ARG I 273 18.32 -14.90 -5.90
C ARG I 273 17.40 -15.03 -4.70
N ARG I 274 16.34 -14.23 -4.67
CA ARG I 274 15.35 -14.34 -3.61
C ARG I 274 14.78 -15.75 -3.54
N ILE I 275 14.40 -16.28 -4.70
CA ILE I 275 13.86 -17.63 -4.75
C ILE I 275 14.82 -18.63 -4.12
N VAL I 276 16.08 -18.56 -4.54
CA VAL I 276 17.08 -19.53 -4.09
C VAL I 276 17.28 -19.42 -2.59
N GLU I 277 17.31 -18.19 -2.07
CA GLU I 277 17.38 -18.00 -0.63
C GLU I 277 16.25 -18.75 0.05
N ASN I 278 15.02 -18.51 -0.40
CA ASN I 278 13.87 -19.15 0.21
C ASN I 278 14.04 -20.66 0.26
N GLU I 279 14.41 -21.26 -0.86
CA GLU I 279 14.45 -22.72 -0.92
C GLU I 279 15.59 -23.28 -0.09
N ALA I 280 16.78 -22.70 -0.20
CA ALA I 280 17.90 -23.16 0.61
C ALA I 280 17.56 -23.10 2.09
N LYS I 281 16.90 -22.04 2.51
CA LYS I 281 16.50 -21.94 3.91
C LYS I 281 15.50 -23.02 4.26
N TYR I 282 14.49 -23.23 3.41
CA TYR I 282 13.53 -24.31 3.62
C TYR I 282 14.23 -25.63 3.85
N ILE I 283 15.38 -25.82 3.21
CA ILE I 283 16.08 -27.10 3.33
C ILE I 283 16.91 -27.15 4.60
N TRP I 284 17.80 -26.19 4.79
CA TRP I 284 18.70 -26.15 5.93
C TRP I 284 18.00 -26.50 7.23
N ASP I 285 16.72 -26.15 7.35
CA ASP I 285 15.98 -26.36 8.58
C ASP I 285 15.46 -27.78 8.73
N GLY I 286 15.24 -28.48 7.62
CA GLY I 286 14.73 -29.82 7.66
C GLY I 286 13.25 -29.94 7.34
N SER I 287 12.65 -28.92 6.74
CA SER I 287 11.22 -28.95 6.48
C SER I 287 10.88 -29.82 5.28
N PHE I 288 11.72 -29.79 4.24
CA PHE I 288 11.44 -30.56 3.04
C PHE I 288 11.45 -32.05 3.34
N ALA I 289 12.39 -32.50 4.18
CA ALA I 289 12.42 -33.92 4.55
C ALA I 289 11.11 -34.33 5.19
N LYS I 290 10.61 -33.49 6.09
CA LYS I 290 9.31 -33.74 6.70
C LYS I 290 8.22 -33.86 5.66
N GLU I 291 8.12 -32.85 4.79
CA GLU I 291 7.14 -32.85 3.72
C GLU I 291 7.16 -34.16 2.94
N TRP I 292 8.35 -34.54 2.49
CA TRP I 292 8.49 -35.71 1.64
C TRP I 292 8.14 -36.99 2.38
N SER I 293 8.61 -37.14 3.62
CA SER I 293 8.29 -38.31 4.40
C SER I 293 6.80 -38.45 4.60
N LEU I 294 6.14 -37.34 4.93
CA LEU I 294 4.70 -37.40 5.13
C LEU I 294 3.97 -37.79 3.85
N GLU I 295 4.36 -37.21 2.73
CA GLU I 295 3.72 -37.60 1.48
C GLU I 295 3.87 -39.09 1.22
N GLN I 296 5.03 -39.65 1.52
CA GLN I 296 5.17 -41.10 1.43
C GLN I 296 4.15 -41.79 2.30
N GLN I 297 3.92 -41.26 3.51
CA GLN I 297 3.02 -41.93 4.43
C GLN I 297 1.57 -41.82 4.01
N ALA I 298 1.23 -40.84 3.19
CA ALA I 298 -0.16 -40.62 2.81
C ALA I 298 -0.56 -41.41 1.57
N GLY I 299 0.37 -41.62 0.64
CA GLY I 299 0.07 -42.42 -0.54
C GLY I 299 0.41 -41.75 -1.85
N TYR I 300 1.26 -40.73 -1.80
CA TYR I 300 1.73 -40.06 -3.01
C TYR I 300 0.59 -39.50 -3.84
N PRO I 301 -0.39 -38.82 -3.24
CA PRO I 301 -1.49 -38.29 -4.05
C PRO I 301 -1.08 -37.11 -4.92
N VAL I 302 -0.34 -36.17 -4.33
CA VAL I 302 0.11 -34.99 -5.08
C VAL I 302 1.01 -35.40 -6.22
N PHE I 303 1.99 -36.25 -5.92
CA PHE I 303 2.84 -36.83 -6.95
C PHE I 303 2.01 -37.34 -8.13
N TYR I 304 1.01 -38.15 -7.83
CA TYR I 304 0.13 -38.71 -8.84
C TYR I 304 -0.53 -37.61 -9.67
N ARG I 305 -1.21 -36.69 -9.00
CA ARG I 305 -1.99 -35.69 -9.71
C ARG I 305 -1.11 -34.82 -10.59
N LEU I 306 0.09 -34.51 -10.12
CA LEU I 306 0.99 -33.67 -10.91
C LEU I 306 1.53 -34.42 -12.11
N TRP I 307 1.93 -35.68 -11.91
CA TRP I 307 2.34 -36.49 -13.05
C TRP I 307 1.24 -36.51 -14.11
N GLU I 308 -0.01 -36.53 -13.69
CA GLU I 308 -1.10 -36.49 -14.65
C GLU I 308 -1.18 -35.13 -15.34
N LEU I 309 -1.27 -34.07 -14.55
CA LEU I 309 -1.46 -32.73 -15.12
C LEU I 309 -0.36 -32.38 -16.11
N ALA I 310 0.87 -32.84 -15.87
CA ALA I 310 1.96 -32.51 -16.77
C ALA I 310 1.79 -33.20 -18.11
N THR I 311 1.48 -34.49 -18.09
CA THR I 311 1.37 -35.25 -19.33
C THR I 311 0.09 -34.95 -20.09
N GLN I 312 -0.97 -34.53 -19.40
CA GLN I 312 -2.20 -34.14 -20.05
C GLN I 312 -2.19 -32.69 -20.48
N SER I 313 -1.04 -32.02 -20.39
CA SER I 313 -0.92 -30.68 -20.89
C SER I 313 -0.87 -30.68 -22.42
N GLU I 314 -1.04 -29.50 -23.00
CA GLU I 314 -1.07 -29.40 -24.45
C GLU I 314 0.31 -29.60 -25.05
N MET I 315 1.32 -28.98 -24.45
CA MET I 315 2.68 -29.09 -24.95
C MET I 315 3.09 -30.55 -25.09
N ALA I 316 2.74 -31.38 -24.11
CA ALA I 316 3.16 -32.77 -24.14
C ALA I 316 2.50 -33.54 -25.27
N LYS I 317 1.20 -33.29 -25.49
CA LYS I 317 0.50 -33.95 -26.58
C LYS I 317 1.10 -33.57 -27.93
N ALA I 318 1.37 -32.28 -28.12
CA ALA I 318 2.00 -31.84 -29.35
C ALA I 318 3.36 -32.48 -29.53
N GLU I 319 4.16 -32.49 -28.47
CA GLU I 319 5.45 -33.17 -28.51
C GLU I 319 5.28 -34.62 -28.94
N LYS I 320 4.22 -35.27 -28.47
CA LYS I 320 3.97 -36.65 -28.81
C LYS I 320 3.73 -36.81 -30.29
N GLU I 321 2.75 -36.08 -30.82
CA GLU I 321 2.49 -36.12 -32.25
C GLU I 321 3.77 -35.90 -33.04
N LEU I 322 4.58 -34.94 -32.62
CA LEU I 322 5.77 -34.58 -33.37
C LEU I 322 6.80 -35.70 -33.34
N TYR I 323 7.26 -36.08 -32.16
CA TYR I 323 8.26 -37.12 -32.03
C TYR I 323 7.87 -38.34 -32.87
N LYS I 324 6.59 -38.67 -32.86
CA LYS I 324 6.11 -39.75 -33.71
C LYS I 324 6.36 -39.44 -35.18
N LEU I 325 6.24 -38.17 -35.55
CA LEU I 325 6.40 -37.78 -36.94
C LEU I 325 7.85 -37.84 -37.39
N LEU I 326 8.76 -37.37 -36.55
CA LEU I 326 10.19 -37.45 -36.86
C LEU I 326 10.73 -38.86 -36.71
N GLY I 327 9.92 -39.82 -36.28
CA GLY I 327 10.36 -41.17 -36.08
C GLY I 327 10.99 -41.43 -34.72
N ARG I 328 11.38 -40.39 -34.01
CA ARG I 328 11.90 -40.55 -32.66
C ARG I 328 10.92 -41.35 -31.81
N LYS I 329 11.38 -42.50 -31.32
CA LYS I 329 10.54 -43.39 -30.54
C LYS I 329 9.88 -42.70 -29.35
N ASP J 2 -2.04 -31.49 -41.72
CA ASP J 2 -1.61 -30.27 -41.01
C ASP J 2 -1.01 -29.26 -41.98
N LYS J 3 -0.45 -28.20 -41.39
CA LYS J 3 0.35 -27.23 -42.11
C LYS J 3 1.65 -27.78 -42.69
N THR J 4 1.95 -29.03 -42.42
CA THR J 4 3.30 -29.55 -42.54
C THR J 4 3.59 -30.01 -43.96
N VAL J 5 4.88 -30.04 -44.28
CA VAL J 5 5.36 -30.45 -45.59
C VAL J 5 6.47 -31.47 -45.40
N LEU J 6 6.53 -32.44 -46.30
CA LEU J 6 7.41 -33.59 -46.15
C LEU J 6 8.32 -33.79 -47.36
N ASP J 7 7.83 -33.46 -48.54
CA ASP J 7 8.62 -33.49 -49.76
C ASP J 7 7.85 -32.74 -50.83
N ALA J 8 8.55 -32.31 -51.87
CA ALA J 8 7.93 -31.52 -52.91
C ALA J 8 8.81 -31.55 -54.15
N ASN J 9 8.45 -30.71 -55.13
CA ASN J 9 9.06 -30.73 -56.44
C ASN J 9 10.38 -29.96 -56.45
N LEU J 10 11.08 -30.04 -57.58
CA LEU J 10 12.34 -29.35 -57.77
C LEU J 10 12.48 -28.75 -59.16
N ASP J 11 11.39 -28.65 -59.93
CA ASP J 11 11.46 -28.21 -61.32
C ASP J 11 11.77 -26.72 -61.47
N PRO J 12 11.31 -25.83 -60.58
CA PRO J 12 11.41 -24.40 -60.91
C PRO J 12 12.84 -23.90 -60.98
N LEU J 13 13.79 -24.61 -60.38
CA LEU J 13 15.18 -24.18 -60.33
C LEU J 13 16.03 -24.80 -61.42
N LYS J 14 15.48 -25.72 -62.20
CA LYS J 14 16.26 -26.39 -63.23
C LYS J 14 16.30 -25.51 -64.48
N GLY J 15 17.50 -25.09 -64.85
CA GLY J 15 17.71 -24.13 -65.92
C GLY J 15 18.14 -22.77 -65.42
N LYS J 16 17.92 -22.48 -64.14
CA LYS J 16 18.28 -21.20 -63.55
C LYS J 16 19.64 -21.28 -62.88
N THR J 17 20.31 -20.13 -62.81
CA THR J 17 21.56 -20.01 -62.10
C THR J 17 21.31 -19.46 -60.71
N ILE J 18 22.17 -19.86 -59.77
CA ILE J 18 21.98 -19.55 -58.36
C ILE J 18 23.27 -18.98 -57.80
N GLY J 19 23.14 -17.94 -56.99
CA GLY J 19 24.28 -17.31 -56.36
C GLY J 19 24.19 -17.37 -54.86
N VAL J 20 25.28 -17.78 -54.21
CA VAL J 20 25.32 -17.92 -52.76
C VAL J 20 26.26 -16.86 -52.22
N ILE J 21 25.74 -16.01 -51.34
CA ILE J 21 26.51 -14.94 -50.73
C ILE J 21 27.06 -15.43 -49.41
N GLY J 22 28.37 -15.31 -49.24
CA GLY J 22 29.01 -15.80 -48.04
C GLY J 22 29.35 -17.26 -48.14
N TYR J 23 30.50 -17.62 -47.57
CA TYR J 23 30.97 -19.00 -47.55
C TYR J 23 31.40 -19.37 -46.14
N GLY J 24 30.63 -18.94 -45.15
CA GLY J 24 30.90 -19.31 -43.78
C GLY J 24 30.41 -20.71 -43.52
N ASN J 25 29.80 -20.91 -42.35
CA ASN J 25 29.27 -22.23 -42.03
C ASN J 25 28.11 -22.59 -42.94
N GLN J 26 27.04 -21.80 -42.89
CA GLN J 26 25.84 -22.11 -43.67
C GLN J 26 26.17 -22.15 -45.16
N GLY J 27 26.67 -21.04 -45.70
CA GLY J 27 26.89 -20.95 -47.14
C GLY J 27 27.62 -22.15 -47.68
N ARG J 28 28.76 -22.48 -47.08
CA ARG J 28 29.51 -23.65 -47.51
C ARG J 28 28.61 -24.88 -47.57
N VAL J 29 27.84 -25.11 -46.51
CA VAL J 29 27.04 -26.33 -46.42
C VAL J 29 26.00 -26.36 -47.53
N GLN J 30 25.10 -25.38 -47.54
CA GLN J 30 24.01 -25.37 -48.51
C GLN J 30 24.55 -25.45 -49.92
N ALA J 31 25.61 -24.70 -50.21
CA ALA J 31 26.21 -24.67 -51.55
C ALA J 31 26.68 -26.05 -51.97
N THR J 32 27.52 -26.68 -51.12
CA THR J 32 28.00 -28.01 -51.43
C THR J 32 26.85 -28.96 -51.73
N ILE J 33 25.85 -28.97 -50.85
CA ILE J 33 24.76 -29.92 -50.99
C ILE J 33 24.02 -29.69 -52.31
N MET J 34 23.47 -28.49 -52.47
CA MET J 34 22.71 -28.20 -53.68
C MET J 34 23.53 -28.43 -54.94
N ARG J 35 24.86 -28.30 -54.86
CA ARG J 35 25.69 -28.72 -55.99
C ARG J 35 25.57 -30.22 -56.20
N GLU J 36 25.60 -31.00 -55.13
CA GLU J 36 25.43 -32.44 -55.28
C GLU J 36 24.11 -32.78 -55.96
N ASN J 37 23.06 -32.02 -55.68
CA ASN J 37 21.75 -32.30 -56.25
C ASN J 37 21.60 -31.76 -57.67
N GLY J 38 22.70 -31.42 -58.34
CA GLY J 38 22.65 -31.08 -59.74
C GLY J 38 22.12 -29.69 -60.02
N LEU J 39 22.84 -28.67 -59.59
CA LEU J 39 22.44 -27.28 -59.79
C LEU J 39 23.65 -26.43 -60.10
N ASN J 40 23.50 -25.55 -61.09
CA ASN J 40 24.55 -24.62 -61.44
C ASN J 40 24.65 -23.57 -60.35
N VAL J 41 25.82 -23.47 -59.71
CA VAL J 41 25.99 -22.67 -58.51
C VAL J 41 27.25 -21.84 -58.63
N ILE J 42 27.20 -20.65 -58.07
CA ILE J 42 28.33 -19.74 -58.00
C ILE J 42 28.40 -19.19 -56.58
N VAL J 43 29.35 -18.28 -56.36
CA VAL J 43 29.59 -17.74 -55.03
C VAL J 43 30.00 -16.28 -55.16
N GLY J 44 29.60 -15.49 -54.16
CA GLY J 44 29.97 -14.10 -54.09
C GLY J 44 30.53 -13.77 -52.73
N ASN J 45 31.75 -13.25 -52.71
CA ASN J 45 32.41 -12.92 -51.45
C ASN J 45 33.62 -12.07 -51.75
N VAL J 46 34.02 -11.28 -50.77
CA VAL J 46 35.22 -10.46 -50.87
C VAL J 46 36.44 -11.35 -50.72
N LYS J 47 37.56 -10.88 -51.27
CA LYS J 47 38.78 -11.69 -51.34
C LYS J 47 39.37 -11.81 -49.94
N ASP J 48 39.15 -12.95 -49.31
CA ASP J 48 39.71 -13.24 -48.00
C ASP J 48 39.90 -14.75 -47.90
N LYS J 49 40.07 -15.25 -46.68
CA LYS J 49 40.23 -16.67 -46.40
C LYS J 49 39.17 -17.50 -47.11
N TYR J 50 37.90 -17.25 -46.78
CA TYR J 50 36.81 -18.03 -47.36
C TYR J 50 36.85 -18.01 -48.88
N TYR J 51 37.30 -16.92 -49.47
CA TYR J 51 37.38 -16.85 -50.93
C TYR J 51 38.29 -17.95 -51.48
N GLU J 52 39.51 -18.02 -50.95
CA GLU J 52 40.44 -19.06 -51.37
C GLU J 52 39.86 -20.44 -51.12
N LEU J 53 39.29 -20.65 -49.93
CA LEU J 53 38.72 -21.94 -49.61
C LEU J 53 37.66 -22.35 -50.62
N ALA J 54 36.74 -21.44 -50.95
CA ALA J 54 35.62 -21.79 -51.80
C ALA J 54 36.10 -22.08 -53.23
N LYS J 55 36.98 -21.23 -53.77
CA LYS J 55 37.50 -21.52 -55.10
C LYS J 55 38.28 -22.83 -55.11
N LYS J 56 38.92 -23.18 -54.00
CA LYS J 56 39.60 -24.47 -53.88
C LYS J 56 38.61 -25.61 -53.97
N GLU J 57 37.49 -25.52 -53.27
CA GLU J 57 36.52 -26.59 -53.24
C GLU J 57 35.75 -26.76 -54.54
N GLY J 58 36.12 -26.04 -55.59
CA GLY J 58 35.55 -26.25 -56.90
C GLY J 58 34.47 -25.27 -57.31
N PHE J 59 34.44 -24.09 -56.71
CA PHE J 59 33.40 -23.10 -56.98
C PHE J 59 33.98 -21.93 -57.77
N GLU J 60 33.26 -21.52 -58.80
CA GLU J 60 33.61 -20.32 -59.55
C GLU J 60 33.21 -19.10 -58.73
N VAL J 61 34.18 -18.24 -58.44
CA VAL J 61 33.98 -17.16 -57.48
C VAL J 61 34.13 -15.83 -58.19
N TYR J 62 33.09 -15.02 -58.11
CA TYR J 62 33.11 -13.62 -58.47
C TYR J 62 32.75 -12.83 -57.21
N GLU J 63 32.95 -11.52 -57.26
CA GLU J 63 32.50 -10.73 -56.13
C GLU J 63 31.05 -10.32 -56.34
N ILE J 64 30.49 -9.70 -55.30
CA ILE J 64 29.07 -9.85 -55.00
C ILE J 64 28.20 -9.31 -56.12
N ASP J 65 28.29 -8.01 -56.40
CA ASP J 65 27.41 -7.40 -57.40
C ASP J 65 27.44 -8.19 -58.70
N GLU J 66 28.63 -8.65 -59.11
CA GLU J 66 28.73 -9.44 -60.32
C GLU J 66 27.92 -10.73 -60.21
N ALA J 67 28.02 -11.41 -59.08
CA ALA J 67 27.27 -12.64 -58.88
C ALA J 67 25.77 -12.39 -58.97
N VAL J 68 25.31 -11.23 -58.50
CA VAL J 68 23.89 -10.94 -58.56
C VAL J 68 23.44 -10.65 -59.97
N ARG J 69 24.34 -10.13 -60.81
CA ARG J 69 23.98 -9.91 -62.21
C ARG J 69 23.75 -11.23 -62.92
N ARG J 70 24.59 -12.22 -62.67
CA ARG J 70 24.51 -13.50 -63.37
C ARG J 70 23.44 -14.41 -62.81
N SER J 71 22.81 -14.05 -61.70
CA SER J 71 21.92 -14.94 -60.98
C SER J 71 20.47 -14.54 -61.19
N ASP J 72 19.61 -15.55 -61.25
CA ASP J 72 18.17 -15.36 -61.14
C ASP J 72 17.67 -15.63 -59.73
N VAL J 73 18.52 -16.18 -58.87
CA VAL J 73 18.20 -16.46 -57.48
C VAL J 73 19.44 -16.25 -56.65
N ALA J 74 19.25 -15.79 -55.41
CA ALA J 74 20.36 -15.46 -54.54
C ALA J 74 20.02 -15.83 -53.10
N LEU J 75 21.03 -16.32 -52.39
CA LEU J 75 20.92 -16.64 -50.97
C LEU J 75 21.83 -15.72 -50.19
N LEU J 76 21.24 -14.94 -49.29
CA LEU J 76 21.97 -13.92 -48.54
C LEU J 76 22.33 -14.49 -47.17
N LEU J 77 23.36 -15.32 -47.16
CA LEU J 77 23.79 -16.03 -45.96
C LEU J 77 24.99 -15.32 -45.34
N ILE J 78 24.70 -14.24 -44.65
CA ILE J 78 25.72 -13.51 -43.91
C ILE J 78 25.14 -13.01 -42.59
N PRO J 79 25.97 -12.57 -41.66
CA PRO J 79 25.46 -12.13 -40.36
C PRO J 79 24.44 -11.01 -40.51
N ASP J 80 23.49 -10.98 -39.56
CA ASP J 80 22.44 -9.99 -39.55
C ASP J 80 22.93 -8.62 -39.11
N GLU J 81 24.22 -8.48 -38.79
CA GLU J 81 24.76 -7.23 -38.29
C GLU J 81 25.42 -6.40 -39.37
N VAL J 82 25.75 -6.99 -40.51
CA VAL J 82 26.43 -6.30 -41.60
C VAL J 82 25.68 -6.43 -42.92
N MET J 83 24.57 -7.14 -42.95
CA MET J 83 23.83 -7.33 -44.19
C MET J 83 23.30 -6.02 -44.73
N LYS J 84 23.04 -5.06 -43.86
CA LYS J 84 22.39 -3.83 -44.27
C LYS J 84 23.24 -3.04 -45.25
N GLU J 85 24.47 -2.73 -44.86
CA GLU J 85 25.35 -1.95 -45.72
C GLU J 85 25.62 -2.69 -47.02
N VAL J 86 25.88 -3.99 -46.93
CA VAL J 86 26.13 -4.80 -48.11
C VAL J 86 24.96 -4.70 -49.07
N TYR J 87 23.74 -4.76 -48.55
CA TYR J 87 22.56 -4.67 -49.40
C TYR J 87 22.45 -3.29 -50.02
N GLU J 88 22.69 -2.25 -49.23
CA GLU J 88 22.47 -0.89 -49.70
C GLU J 88 23.45 -0.51 -50.80
N LYS J 89 24.72 -0.83 -50.60
CA LYS J 89 25.76 -0.34 -51.51
C LYS J 89 25.81 -1.15 -52.80
N LYS J 90 25.83 -2.48 -52.67
CA LYS J 90 26.19 -3.36 -53.77
C LYS J 90 25.00 -4.03 -54.44
N ILE J 91 23.96 -4.36 -53.68
CA ILE J 91 22.88 -5.19 -54.21
C ILE J 91 21.77 -4.33 -54.78
N ALA J 92 21.18 -3.48 -53.94
CA ALA J 92 20.03 -2.70 -54.36
C ALA J 92 20.18 -2.05 -55.73
N PRO J 93 21.31 -1.48 -56.11
CA PRO J 93 21.45 -0.92 -57.45
C PRO J 93 21.23 -1.97 -58.54
N VAL J 94 22.07 -3.00 -58.51
CA VAL J 94 21.96 -4.11 -59.44
C VAL J 94 20.54 -4.61 -59.49
N LEU J 95 19.86 -4.55 -58.36
CA LEU J 95 18.52 -5.11 -58.22
C LEU J 95 17.47 -4.22 -58.86
N GLN J 96 17.62 -2.91 -58.71
CA GLN J 96 16.76 -1.99 -59.47
C GLN J 96 16.79 -2.32 -60.94
N GLY J 97 17.94 -2.78 -61.43
CA GLY J 97 18.04 -3.15 -62.83
C GLY J 97 17.73 -4.60 -63.11
N LYS J 98 16.63 -5.12 -62.58
CA LYS J 98 16.23 -6.50 -62.79
C LYS J 98 14.76 -6.56 -63.22
N LYS J 99 14.37 -7.76 -63.63
CA LYS J 99 13.02 -8.03 -64.13
C LYS J 99 12.27 -9.02 -63.26
N GLU J 100 12.84 -10.21 -63.05
CA GLU J 100 12.21 -11.27 -62.28
C GLU J 100 13.31 -11.89 -61.43
N PHE J 101 13.30 -11.59 -60.14
CA PHE J 101 14.37 -12.02 -59.25
C PHE J 101 13.76 -12.65 -58.00
N VAL J 102 14.61 -13.33 -57.25
CA VAL J 102 14.22 -14.04 -56.04
C VAL J 102 15.31 -13.85 -54.99
N LEU J 103 14.88 -13.60 -53.76
CA LEU J 103 15.80 -13.29 -52.67
C LEU J 103 15.43 -14.11 -51.45
N ASP J 104 16.38 -14.88 -50.95
CA ASP J 104 16.16 -15.78 -49.83
C ASP J 104 17.02 -15.35 -48.65
N PHE J 105 16.46 -15.50 -47.46
CA PHE J 105 17.16 -15.23 -46.21
C PHE J 105 17.08 -16.44 -45.31
N ALA J 106 18.01 -16.51 -44.37
CA ALA J 106 17.97 -17.50 -43.30
C ALA J 106 17.47 -16.92 -42.00
N SER J 107 17.27 -15.61 -41.93
CA SER J 107 16.75 -14.95 -40.74
C SER J 107 15.86 -13.80 -41.17
N GLY J 108 14.82 -13.55 -40.37
CA GLY J 108 13.87 -12.51 -40.65
C GLY J 108 14.04 -11.24 -39.85
N TYR J 109 15.18 -11.08 -39.16
CA TYR J 109 15.37 -9.92 -38.31
C TYR J 109 15.33 -8.63 -39.12
N ASN J 110 16.24 -8.50 -40.09
CA ASN J 110 16.40 -7.25 -40.80
C ASN J 110 15.21 -6.91 -41.69
N VAL J 111 14.31 -7.85 -41.93
CA VAL J 111 13.15 -7.61 -42.77
C VAL J 111 11.90 -7.41 -41.94
N ALA J 112 11.68 -8.28 -40.95
CA ALA J 112 10.52 -8.14 -40.08
C ALA J 112 10.44 -6.76 -39.46
N PHE J 113 11.58 -6.12 -39.24
CA PHE J 113 11.64 -4.82 -38.59
C PHE J 113 11.90 -3.69 -39.57
N GLY J 114 11.97 -3.98 -40.87
CA GLY J 114 11.98 -2.96 -41.88
C GLY J 114 13.32 -2.32 -42.16
N LEU J 115 14.40 -2.91 -41.67
CA LEU J 115 15.73 -2.40 -41.98
C LEU J 115 16.13 -2.72 -43.41
N ILE J 116 15.36 -3.53 -44.11
CA ILE J 116 15.61 -3.87 -45.50
C ILE J 116 14.26 -3.99 -46.19
N ARG J 117 14.04 -3.14 -47.20
CA ARG J 117 12.76 -3.05 -47.88
C ARG J 117 13.00 -3.19 -49.37
N PRO J 118 13.04 -4.42 -49.88
CA PRO J 118 13.27 -4.61 -51.30
C PRO J 118 12.08 -4.15 -52.12
N PRO J 119 12.25 -4.02 -53.42
CA PRO J 119 11.16 -3.54 -54.26
C PRO J 119 10.03 -4.55 -54.41
N LYS J 120 9.02 -4.18 -55.19
CA LYS J 120 7.90 -5.06 -55.49
C LYS J 120 8.14 -5.91 -56.73
N SER J 121 9.22 -5.66 -57.44
CA SER J 121 9.62 -6.46 -58.58
C SER J 121 10.25 -7.78 -58.19
N VAL J 122 10.16 -8.16 -56.92
CA VAL J 122 11.00 -9.19 -56.35
C VAL J 122 10.14 -10.13 -55.52
N ASP J 123 10.53 -11.40 -55.50
CA ASP J 123 9.93 -12.40 -54.65
C ASP J 123 10.80 -12.57 -53.42
N THR J 124 10.25 -12.26 -52.26
CA THR J 124 10.99 -12.25 -51.00
C THR J 124 10.55 -13.42 -50.15
N ILE J 125 11.50 -14.28 -49.79
CA ILE J 125 11.19 -15.54 -49.12
C ILE J 125 12.14 -15.76 -47.96
N MET J 126 12.05 -16.94 -47.36
CA MET J 126 12.75 -17.23 -46.13
C MET J 126 12.88 -18.74 -45.97
N VAL J 127 14.07 -19.18 -45.56
CA VAL J 127 14.31 -20.58 -45.28
C VAL J 127 15.26 -20.68 -44.08
N ALA J 128 14.73 -21.12 -42.95
CA ALA J 128 15.46 -21.07 -41.68
C ALA J 128 15.65 -22.47 -41.12
N PRO J 129 16.87 -23.00 -41.11
CA PRO J 129 17.11 -24.29 -40.47
C PRO J 129 17.14 -24.16 -38.96
N ARG J 130 17.15 -25.30 -38.29
CA ARG J 130 17.20 -25.38 -36.84
C ARG J 130 18.34 -26.31 -36.41
N MET J 131 19.50 -26.14 -37.03
CA MET J 131 20.68 -26.90 -36.69
C MET J 131 21.91 -26.02 -36.90
N VAL J 132 22.95 -26.31 -36.13
CA VAL J 132 24.12 -25.43 -36.11
C VAL J 132 24.83 -25.42 -37.46
N GLY J 133 24.91 -26.57 -38.12
CA GLY J 133 25.64 -26.66 -39.36
C GLY J 133 26.70 -27.75 -39.30
N GLU J 134 27.36 -27.87 -38.15
CA GLU J 134 28.33 -28.95 -37.98
C GLU J 134 27.63 -30.30 -38.01
N GLY J 135 26.44 -30.39 -37.41
CA GLY J 135 25.69 -31.63 -37.43
C GLY J 135 24.89 -31.84 -38.69
N ILE J 136 24.59 -30.77 -39.43
CA ILE J 136 23.79 -30.91 -40.64
C ILE J 136 24.49 -31.80 -41.65
N MET J 137 25.80 -31.57 -41.85
CA MET J 137 26.57 -32.47 -42.69
C MET J 137 26.58 -33.87 -42.10
N ASP J 138 26.84 -33.97 -40.80
CA ASP J 138 26.81 -35.24 -40.10
C ASP J 138 25.53 -36.02 -40.36
N LEU J 139 24.45 -35.34 -40.73
CA LEU J 139 23.19 -36.00 -41.04
C LEU J 139 22.98 -36.20 -42.53
N HIS J 140 23.49 -35.30 -43.37
CA HIS J 140 23.30 -35.45 -44.80
C HIS J 140 23.98 -36.71 -45.31
N LYS J 141 25.11 -37.10 -44.71
CA LYS J 141 25.80 -38.30 -45.15
C LYS J 141 24.92 -39.54 -44.99
N GLN J 142 23.97 -39.50 -44.06
CA GLN J 142 23.09 -40.63 -43.78
C GLN J 142 21.82 -40.58 -44.61
N GLY J 143 21.73 -39.68 -45.57
CA GLY J 143 20.48 -39.48 -46.29
C GLY J 143 19.36 -38.92 -45.44
N LYS J 144 19.68 -38.42 -44.25
CA LYS J 144 18.68 -37.85 -43.36
C LYS J 144 18.40 -36.40 -43.73
N GLY J 145 17.19 -35.97 -43.45
CA GLY J 145 16.79 -34.58 -43.59
C GLY J 145 16.96 -33.83 -42.29
N TYR J 146 16.33 -32.67 -42.23
CA TYR J 146 16.31 -31.88 -41.00
C TYR J 146 15.23 -30.83 -41.13
N PRO J 147 14.78 -30.26 -40.01
CA PRO J 147 13.69 -29.28 -40.04
C PRO J 147 14.12 -27.89 -40.49
N VAL J 148 13.13 -27.16 -41.01
CA VAL J 148 13.32 -25.78 -41.43
C VAL J 148 11.98 -25.06 -41.31
N LEU J 149 12.03 -23.73 -41.36
CA LEU J 149 10.85 -22.90 -41.41
C LEU J 149 10.81 -22.13 -42.73
N LEU J 150 9.60 -21.90 -43.21
CA LEU J 150 9.38 -21.20 -44.47
C LEU J 150 8.54 -19.96 -44.22
N GLY J 151 8.76 -18.96 -45.05
CA GLY J 151 7.99 -17.73 -44.97
C GLY J 151 8.08 -16.96 -46.26
N VAL J 152 7.06 -16.13 -46.48
CA VAL J 152 6.97 -15.31 -47.67
C VAL J 152 6.49 -13.93 -47.27
N LYS J 153 7.20 -12.92 -47.74
CA LYS J 153 6.89 -11.53 -47.45
C LYS J 153 6.31 -10.79 -48.63
N GLN J 154 6.69 -11.17 -49.85
CA GLN J 154 6.34 -10.42 -51.04
C GLN J 154 6.31 -11.37 -52.22
N ASP J 155 5.14 -11.57 -52.80
CA ASP J 155 4.96 -12.45 -53.95
C ASP J 155 4.59 -11.60 -55.15
N ALA J 156 5.47 -11.60 -56.16
CA ALA J 156 5.22 -10.91 -57.40
C ALA J 156 5.01 -11.85 -58.57
N SER J 157 4.99 -13.16 -58.31
CA SER J 157 4.93 -14.14 -59.38
C SER J 157 4.01 -15.31 -59.08
N GLY J 158 3.33 -15.31 -57.94
CA GLY J 158 2.43 -16.40 -57.58
C GLY J 158 3.10 -17.75 -57.48
N LYS J 159 4.44 -17.77 -57.46
CA LYS J 159 5.20 -19.01 -57.42
C LYS J 159 6.15 -19.08 -56.22
N ALA J 160 6.03 -18.16 -55.28
CA ALA J 160 7.01 -18.06 -54.20
C ALA J 160 7.09 -19.36 -53.40
N TRP J 161 5.94 -19.85 -52.92
CA TRP J 161 5.94 -21.05 -52.10
C TRP J 161 6.61 -22.21 -52.81
N ASP J 162 6.33 -22.36 -54.11
CA ASP J 162 6.98 -23.41 -54.88
C ASP J 162 8.49 -23.25 -54.85
N TYR J 163 8.96 -22.02 -55.04
CA TYR J 163 10.40 -21.77 -54.96
C TYR J 163 10.94 -22.17 -53.60
N ALA J 164 10.23 -21.80 -52.53
CA ALA J 164 10.71 -22.07 -51.19
C ALA J 164 10.85 -23.56 -50.95
N LYS J 165 9.83 -24.33 -51.32
CA LYS J 165 9.90 -25.78 -51.14
C LYS J 165 11.01 -26.38 -52.00
N ALA J 166 11.16 -25.88 -53.23
CA ALA J 166 12.25 -26.34 -54.08
C ALA J 166 13.59 -26.12 -53.41
N ILE J 167 13.79 -24.95 -52.81
CA ILE J 167 15.03 -24.67 -52.09
C ILE J 167 15.20 -25.69 -50.96
N ALA J 168 14.18 -25.81 -50.11
CA ALA J 168 14.25 -26.74 -48.99
C ALA J 168 14.72 -28.11 -49.45
N LYS J 169 14.22 -28.56 -50.60
CA LYS J 169 14.67 -29.83 -51.14
C LYS J 169 16.10 -29.77 -51.63
N GLY J 170 16.51 -28.63 -52.20
CA GLY J 170 17.83 -28.53 -52.78
C GLY J 170 18.94 -28.60 -51.77
N ILE J 171 18.65 -28.24 -50.52
CA ILE J 171 19.67 -28.24 -49.47
C ILE J 171 19.62 -29.49 -48.62
N GLY J 172 18.75 -30.43 -48.93
CA GLY J 172 18.73 -31.71 -48.24
C GLY J 172 17.97 -31.75 -46.95
N ALA J 173 17.16 -30.74 -46.67
CA ALA J 173 16.32 -30.79 -45.47
C ALA J 173 15.22 -31.82 -45.63
N ILE J 174 14.71 -31.99 -46.84
CA ILE J 174 13.68 -32.98 -47.12
C ILE J 174 13.98 -33.65 -48.45
N PRO J 175 13.50 -34.89 -48.64
CA PRO J 175 12.76 -35.66 -47.63
C PRO J 175 13.68 -36.25 -46.57
N GLY J 176 13.11 -36.60 -45.43
CA GLY J 176 13.88 -37.09 -44.30
C GLY J 176 13.62 -36.25 -43.07
N GLY J 177 13.49 -34.95 -43.30
CA GLY J 177 13.08 -34.03 -42.25
C GLY J 177 11.71 -33.47 -42.56
N ILE J 178 11.47 -32.22 -42.18
CA ILE J 178 10.19 -31.59 -42.48
C ILE J 178 10.39 -30.09 -42.72
N ALA J 179 9.30 -29.41 -43.05
CA ALA J 179 9.34 -27.99 -43.34
C ALA J 179 8.04 -27.38 -42.87
N VAL J 180 8.12 -26.31 -42.09
CA VAL J 180 6.95 -25.63 -41.57
C VAL J 180 6.82 -24.28 -42.24
N ILE J 181 5.58 -23.91 -42.53
CA ILE J 181 5.26 -22.62 -43.11
C ILE J 181 4.98 -21.64 -41.99
N SER J 182 5.58 -20.46 -42.08
CA SER J 182 5.43 -19.46 -41.04
C SER J 182 5.75 -18.10 -41.66
N SER J 183 5.96 -17.11 -40.80
CA SER J 183 6.28 -15.76 -41.23
C SER J 183 7.72 -15.42 -40.87
N PHE J 184 8.15 -14.26 -41.36
CA PHE J 184 9.41 -13.70 -40.89
C PHE J 184 9.34 -13.33 -39.42
N GLU J 185 8.18 -12.86 -38.99
CA GLU J 185 8.00 -12.40 -37.62
C GLU J 185 8.04 -13.57 -36.65
N GLU J 186 7.31 -14.63 -36.95
CA GLU J 186 7.24 -15.80 -36.09
C GLU J 186 8.56 -16.52 -35.97
N GLU J 187 9.57 -16.13 -36.74
CA GLU J 187 10.91 -16.70 -36.61
C GLU J 187 11.84 -15.81 -35.81
N ALA J 188 11.84 -14.50 -36.11
CA ALA J 188 12.63 -13.57 -35.31
C ALA J 188 12.19 -13.63 -33.85
N LEU J 189 10.88 -13.58 -33.63
CA LEU J 189 10.32 -13.67 -32.30
C LEU J 189 10.91 -14.85 -31.54
N LEU J 190 10.95 -16.01 -32.17
CA LEU J 190 11.42 -17.21 -31.51
C LEU J 190 12.92 -17.16 -31.28
N ASP J 191 13.68 -16.87 -32.34
CA ASP J 191 15.14 -16.81 -32.20
C ASP J 191 15.54 -15.86 -31.08
N LEU J 192 14.72 -14.87 -30.78
CA LEU J 192 15.06 -13.92 -29.74
C LEU J 192 14.56 -14.35 -28.37
N MET J 193 13.31 -14.79 -28.28
CA MET J 193 12.74 -15.11 -26.98
C MET J 193 13.57 -16.16 -26.24
N SER J 194 14.18 -17.09 -26.98
CA SER J 194 15.10 -18.02 -26.34
C SER J 194 16.26 -17.28 -25.71
N GLU J 195 16.84 -16.34 -26.44
CA GLU J 195 18.00 -15.60 -25.99
C GLU J 195 17.68 -14.58 -24.92
N HIS J 196 16.40 -14.35 -24.64
CA HIS J 196 16.01 -13.35 -23.66
C HIS J 196 15.29 -13.92 -22.45
N THR J 197 14.84 -15.17 -22.47
CA THR J 197 14.04 -15.68 -21.37
C THR J 197 14.72 -16.79 -20.58
N TRP J 198 14.95 -17.97 -21.16
CA TRP J 198 15.32 -19.09 -20.30
C TRP J 198 16.82 -19.29 -20.19
N VAL J 199 17.58 -18.88 -21.18
CA VAL J 199 19.04 -18.94 -21.13
C VAL J 199 19.55 -18.03 -20.02
N PRO J 200 19.24 -16.74 -20.05
CA PRO J 200 19.75 -15.86 -19.00
C PRO J 200 19.20 -16.18 -17.64
N ILE J 201 17.94 -16.60 -17.57
CA ILE J 201 17.36 -16.99 -16.29
C ILE J 201 18.13 -18.17 -15.71
N LEU J 202 18.38 -19.18 -16.55
CA LEU J 202 19.18 -20.32 -16.13
C LEU J 202 20.53 -19.88 -15.58
N PHE J 203 21.23 -19.05 -16.33
CA PHE J 203 22.56 -18.63 -15.91
C PHE J 203 22.50 -17.88 -14.59
N GLY J 204 21.55 -16.96 -14.45
CA GLY J 204 21.43 -16.21 -13.22
C GLY J 204 21.10 -17.10 -12.04
N ALA J 205 20.26 -18.10 -12.26
CA ALA J 205 19.91 -19.02 -11.19
C ALA J 205 21.13 -19.79 -10.72
N ILE J 206 21.93 -20.28 -11.67
CA ILE J 206 23.14 -21.00 -11.31
C ILE J 206 24.07 -20.10 -10.51
N LYS J 207 24.32 -18.90 -11.02
CA LYS J 207 25.20 -17.97 -10.34
C LYS J 207 24.71 -17.68 -8.93
N ALA J 208 23.39 -17.51 -8.77
CA ALA J 208 22.84 -17.20 -7.47
C ALA J 208 23.02 -18.37 -6.52
N CYS J 209 22.79 -19.59 -7.00
CA CYS J 209 22.99 -20.76 -6.17
C CYS J 209 24.43 -20.81 -5.67
N TYR J 210 25.39 -20.57 -6.57
CA TYR J 210 26.79 -20.55 -6.17
C TYR J 210 27.02 -19.51 -5.07
N ASP J 211 26.67 -18.26 -5.36
CA ASP J 211 26.93 -17.18 -4.42
C ASP J 211 26.33 -17.49 -3.05
N ILE J 212 25.09 -17.98 -3.04
CA ILE J 212 24.40 -18.26 -1.80
C ILE J 212 25.12 -19.36 -1.04
N ALA J 213 25.27 -20.53 -1.67
CA ALA J 213 25.90 -21.66 -1.01
C ALA J 213 27.24 -21.28 -0.42
N VAL J 214 27.97 -20.38 -1.07
CA VAL J 214 29.28 -20.02 -0.57
C VAL J 214 29.17 -19.06 0.61
N LYS J 215 28.41 -17.98 0.45
CA LYS J 215 28.45 -16.87 1.39
C LYS J 215 27.46 -16.99 2.54
N GLU J 216 26.69 -18.08 2.61
CA GLU J 216 25.74 -18.23 3.70
C GLU J 216 25.72 -19.61 4.32
N TYR J 217 26.36 -20.61 3.72
CA TYR J 217 26.40 -21.95 4.27
C TYR J 217 27.81 -22.53 4.28
N GLY J 218 28.81 -21.69 4.07
CA GLY J 218 30.19 -22.09 4.27
C GLY J 218 30.66 -23.19 3.36
N VAL J 219 30.15 -23.23 2.14
CA VAL J 219 30.53 -24.26 1.20
C VAL J 219 31.81 -23.86 0.49
N SER J 220 32.53 -24.85 -0.01
CA SER J 220 33.75 -24.61 -0.75
C SER J 220 33.43 -24.36 -2.22
N PRO J 221 34.15 -23.45 -2.88
CA PRO J 221 33.88 -23.20 -4.30
C PRO J 221 34.07 -24.42 -5.17
N GLU J 222 35.03 -25.28 -4.84
CA GLU J 222 35.35 -26.41 -5.70
C GLU J 222 34.26 -27.47 -5.76
N ALA J 223 33.21 -27.33 -4.94
CA ALA J 223 32.15 -28.32 -4.85
C ALA J 223 30.86 -27.83 -5.50
N ALA J 224 30.51 -26.57 -5.25
CA ALA J 224 29.36 -25.95 -5.89
C ALA J 224 29.43 -26.15 -7.40
N LEU J 225 30.58 -25.84 -7.99
CA LEU J 225 30.74 -25.98 -9.43
C LEU J 225 30.50 -27.41 -9.87
N LEU J 226 31.07 -28.37 -9.17
CA LEU J 226 30.86 -29.78 -9.51
C LEU J 226 29.39 -30.11 -9.56
N GLU J 227 28.63 -29.64 -8.56
CA GLU J 227 27.22 -29.98 -8.56
C GLU J 227 26.46 -29.28 -9.67
N PHE J 228 26.78 -28.01 -9.92
CA PHE J 228 25.92 -27.19 -10.76
C PHE J 228 26.16 -27.43 -12.25
N TYR J 229 27.36 -27.13 -12.73
CA TYR J 229 27.62 -27.33 -14.17
C TYR J 229 28.97 -27.93 -14.51
N ALA J 230 29.95 -27.96 -13.60
CA ALA J 230 31.25 -28.50 -13.96
C ALA J 230 31.18 -29.99 -14.28
N SER J 231 30.08 -30.65 -13.96
CA SER J 231 29.81 -32.01 -14.37
C SER J 231 28.94 -32.01 -15.62
N GLY J 232 28.94 -33.15 -16.31
CA GLY J 232 28.15 -33.31 -17.53
C GLY J 232 26.71 -33.68 -17.26
N GLU J 233 26.25 -33.41 -16.05
CA GLU J 233 24.84 -33.57 -15.70
C GLU J 233 23.92 -33.04 -16.80
N LEU J 234 24.22 -31.85 -17.29
CA LEU J 234 23.24 -31.06 -18.01
C LEU J 234 23.09 -31.53 -19.46
N ALA J 235 24.21 -31.88 -20.10
CA ALA J 235 24.15 -32.42 -21.45
C ALA J 235 23.39 -33.74 -21.47
N GLU J 236 23.60 -34.58 -20.46
CA GLU J 236 22.78 -35.78 -20.29
C GLU J 236 21.30 -35.44 -20.38
N ILE J 237 20.86 -34.50 -19.55
CA ILE J 237 19.43 -34.17 -19.49
C ILE J 237 18.96 -33.63 -20.85
N ALA J 238 19.78 -32.77 -21.47
CA ALA J 238 19.42 -32.23 -22.78
C ALA J 238 19.21 -33.34 -23.79
N ARG J 239 20.09 -34.34 -23.78
CA ARG J 239 19.96 -35.47 -24.71
C ARG J 239 18.66 -36.21 -24.48
N LEU J 240 18.43 -36.65 -23.24
CA LEU J 240 17.22 -37.39 -22.93
C LEU J 240 15.98 -36.58 -23.31
N ILE J 241 16.07 -35.26 -23.21
CA ILE J 241 14.95 -34.41 -23.62
C ILE J 241 14.73 -34.52 -25.12
N ALA J 242 15.80 -34.27 -25.89
CA ALA J 242 15.67 -34.28 -27.33
C ALA J 242 15.18 -35.63 -27.85
N GLU J 243 15.46 -36.72 -27.13
CA GLU J 243 15.14 -38.05 -27.61
C GLU J 243 13.84 -38.60 -27.03
N GLU J 244 13.77 -38.74 -25.71
CA GLU J 244 12.65 -39.40 -25.06
C GLU J 244 11.49 -38.46 -24.78
N GLY J 245 11.74 -37.17 -24.69
CA GLY J 245 10.74 -36.22 -24.25
C GLY J 245 11.15 -35.54 -22.95
N ILE J 246 10.61 -34.34 -22.76
CA ILE J 246 11.05 -33.51 -21.64
C ILE J 246 10.64 -34.14 -20.31
N PHE J 247 9.39 -34.59 -20.22
CA PHE J 247 8.90 -35.11 -18.94
C PHE J 247 9.24 -36.59 -18.77
N ASN J 248 8.95 -37.40 -19.78
CA ASN J 248 9.34 -38.80 -19.73
C ASN J 248 10.82 -38.97 -19.43
N GLN J 249 11.62 -37.94 -19.68
CA GLN J 249 13.03 -37.97 -19.34
C GLN J 249 13.25 -38.18 -17.86
N MET J 250 12.29 -37.78 -17.02
CA MET J 250 12.47 -37.74 -15.58
C MET J 250 12.25 -39.08 -14.92
N VAL J 251 11.70 -40.07 -15.64
CA VAL J 251 11.47 -41.37 -15.04
C VAL J 251 12.76 -42.03 -14.62
N HIS J 252 13.86 -41.73 -15.31
CA HIS J 252 15.15 -42.33 -14.99
C HIS J 252 15.80 -41.70 -13.77
N HIS J 253 15.17 -40.70 -13.16
CA HIS J 253 15.67 -40.08 -11.96
C HIS J 253 14.93 -40.65 -10.74
N SER J 254 15.33 -40.20 -9.56
CA SER J 254 14.72 -40.68 -8.33
C SER J 254 13.43 -39.94 -8.03
N THR J 255 12.57 -40.59 -7.26
CA THR J 255 11.26 -40.04 -6.94
C THR J 255 11.39 -38.70 -6.24
N THR J 256 12.36 -38.57 -5.34
CA THR J 256 12.56 -37.32 -4.62
C THR J 256 12.76 -36.17 -5.59
N SER J 257 13.62 -36.38 -6.58
CA SER J 257 13.88 -35.36 -7.60
C SER J 257 12.60 -35.01 -8.34
N GLN J 258 11.86 -36.02 -8.78
CA GLN J 258 10.61 -35.78 -9.49
C GLN J 258 9.68 -34.90 -8.67
N TYR J 259 9.50 -35.27 -7.40
CA TYR J 259 8.58 -34.55 -6.54
C TYR J 259 8.97 -33.09 -6.41
N GLY J 260 10.22 -32.85 -6.01
CA GLY J 260 10.66 -31.48 -5.84
C GLY J 260 10.52 -30.69 -7.12
N THR J 261 10.97 -31.26 -8.24
CA THR J 261 10.91 -30.59 -9.51
C THR J 261 9.49 -30.18 -9.87
N LEU J 262 8.57 -31.14 -9.83
CA LEU J 262 7.19 -30.86 -10.23
C LEU J 262 6.56 -29.79 -9.35
N THR J 263 6.69 -29.96 -8.04
CA THR J 263 6.10 -28.99 -7.12
C THR J 263 6.61 -27.59 -7.40
N ARG J 264 7.94 -27.43 -7.43
CA ARG J 264 8.50 -26.11 -7.61
C ARG J 264 8.25 -25.57 -9.01
N MET J 265 8.02 -26.44 -9.99
CA MET J 265 7.69 -25.99 -11.32
C MET J 265 6.30 -25.37 -11.35
N PHE J 266 5.31 -26.11 -10.88
CA PHE J 266 3.96 -25.56 -10.83
C PHE J 266 3.84 -24.42 -9.84
N LYS J 267 4.84 -24.22 -9.00
CA LYS J 267 4.80 -23.17 -7.99
C LYS J 267 5.37 -21.85 -8.48
N TYR J 268 6.30 -21.87 -9.44
CA TYR J 268 6.98 -20.68 -9.92
C TYR J 268 6.66 -20.39 -11.37
N TYR J 269 5.49 -20.81 -11.85
CA TYR J 269 5.15 -20.72 -13.25
C TYR J 269 4.62 -19.33 -13.63
N ASP J 270 3.91 -18.67 -12.71
CA ASP J 270 3.31 -17.38 -13.03
C ASP J 270 4.37 -16.29 -13.16
N VAL J 271 5.37 -16.32 -12.30
CA VAL J 271 6.43 -15.32 -12.29
C VAL J 271 7.11 -15.25 -13.66
N VAL J 272 7.67 -16.38 -14.09
CA VAL J 272 8.38 -16.42 -15.35
C VAL J 272 7.43 -16.13 -16.50
N ARG J 273 6.16 -16.49 -16.35
CA ARG J 273 5.18 -16.15 -17.38
C ARG J 273 5.08 -14.65 -17.56
N ARG J 274 5.00 -13.92 -16.44
CA ARG J 274 4.98 -12.46 -16.51
C ARG J 274 6.22 -11.94 -17.22
N ILE J 275 7.37 -12.46 -16.85
CA ILE J 275 8.62 -12.05 -17.48
C ILE J 275 8.54 -12.23 -18.99
N VAL J 276 8.13 -13.42 -19.41
CA VAL J 276 8.10 -13.77 -20.83
C VAL J 276 7.15 -12.84 -21.58
N GLU J 277 5.99 -12.57 -20.99
CA GLU J 277 5.07 -11.60 -21.58
C GLU J 277 5.78 -10.29 -21.83
N ASN J 278 6.43 -9.75 -20.79
CA ASN J 278 7.11 -8.47 -20.92
C ASN J 278 8.07 -8.47 -22.10
N GLU J 279 8.90 -9.50 -22.18
CA GLU J 279 9.96 -9.50 -23.19
C GLU J 279 9.38 -9.69 -24.60
N ALA J 280 8.47 -10.64 -24.75
CA ALA J 280 7.84 -10.84 -26.06
C ALA J 280 7.19 -9.55 -26.54
N LYS J 281 6.53 -8.84 -25.65
CA LYS J 281 5.92 -7.57 -26.03
C LYS J 281 6.98 -6.56 -26.43
N TYR J 282 8.04 -6.45 -25.64
CA TYR J 282 9.15 -5.57 -25.99
C TYR J 282 9.65 -5.84 -27.40
N ILE J 283 9.57 -7.08 -27.84
CA ILE J 283 10.08 -7.43 -29.16
C ILE J 283 9.07 -7.10 -30.25
N TRP J 284 7.86 -7.65 -30.12
CA TRP J 284 6.82 -7.49 -31.13
C TRP J 284 6.71 -6.05 -31.62
N ASP J 285 7.02 -5.09 -30.75
CA ASP J 285 6.86 -3.68 -31.10
C ASP J 285 8.04 -3.15 -31.89
N GLY J 286 9.22 -3.74 -31.73
CA GLY J 286 10.40 -3.28 -32.42
C GLY J 286 11.35 -2.45 -31.58
N SER J 287 11.22 -2.51 -30.26
CA SER J 287 12.05 -1.68 -29.40
C SER J 287 13.45 -2.25 -29.25
N PHE J 288 13.57 -3.57 -29.18
CA PHE J 288 14.88 -4.18 -29.01
C PHE J 288 15.78 -3.91 -30.20
N ALA J 289 15.22 -3.95 -31.41
CA ALA J 289 16.02 -3.65 -32.59
C ALA J 289 16.59 -2.24 -32.50
N LYS J 290 15.77 -1.29 -32.07
CA LYS J 290 16.24 0.07 -31.86
C LYS J 290 17.38 0.11 -30.86
N GLU J 291 17.16 -0.49 -29.69
CA GLU J 291 18.19 -0.55 -28.65
C GLU J 291 19.51 -1.05 -29.22
N TRP J 292 19.46 -2.19 -29.89
CA TRP J 292 20.67 -2.83 -30.38
C TRP J 292 21.36 -2.00 -31.46
N SER J 293 20.59 -1.46 -32.40
CA SER J 293 21.17 -0.61 -33.43
C SER J 293 21.86 0.60 -32.83
N LEU J 294 21.22 1.23 -31.86
CA LEU J 294 21.83 2.40 -31.23
C LEU J 294 23.12 2.03 -30.52
N GLU J 295 23.11 0.93 -29.77
CA GLU J 295 24.34 0.51 -29.11
C GLU J 295 25.46 0.31 -30.12
N GLN J 296 25.16 -0.28 -31.27
CA GLN J 296 26.17 -0.37 -32.32
C GLN J 296 26.69 1.01 -32.67
N GLN J 297 25.80 2.00 -32.76
CA GLN J 297 26.21 3.32 -33.20
C GLN J 297 27.04 4.04 -32.14
N ALA J 298 26.92 3.64 -30.88
CA ALA J 298 27.63 4.35 -29.82
C ALA J 298 29.02 3.80 -29.57
N GLY J 299 29.22 2.50 -29.76
CA GLY J 299 30.54 1.91 -29.60
C GLY J 299 30.59 0.71 -28.68
N TYR J 300 29.44 0.10 -28.45
CA TYR J 300 29.37 -1.12 -27.65
C TYR J 300 29.95 -0.94 -26.25
N PRO J 301 29.62 0.15 -25.54
CA PRO J 301 30.18 0.32 -24.20
C PRO J 301 29.60 -0.64 -23.18
N VAL J 302 28.28 -0.81 -23.19
CA VAL J 302 27.62 -1.69 -22.24
C VAL J 302 28.08 -3.13 -22.46
N PHE J 303 28.06 -3.57 -23.72
CA PHE J 303 28.61 -4.86 -24.08
C PHE J 303 29.97 -5.08 -23.45
N TYR J 304 30.87 -4.11 -23.62
CA TYR J 304 32.21 -4.19 -23.07
C TYR J 304 32.17 -4.37 -21.56
N ARG J 305 31.49 -3.46 -20.87
CA ARG J 305 31.53 -3.47 -19.41
C ARG J 305 30.95 -4.75 -18.86
N LEU J 306 29.91 -5.28 -19.49
CA LEU J 306 29.31 -6.51 -19.00
C LEU J 306 30.21 -7.70 -19.24
N TRP J 307 30.81 -7.78 -20.42
CA TRP J 307 31.79 -8.84 -20.65
C TRP J 307 32.87 -8.81 -19.60
N GLU J 308 33.26 -7.62 -19.14
CA GLU J 308 34.26 -7.54 -18.08
C GLU J 308 33.68 -8.05 -16.76
N LEU J 309 32.56 -7.47 -16.34
CA LEU J 309 31.99 -7.81 -15.03
C LEU J 309 31.73 -9.30 -14.89
N ALA J 310 31.36 -9.97 -15.99
CA ALA J 310 31.08 -11.39 -15.89
C ALA J 310 32.35 -12.19 -15.65
N THR J 311 33.41 -11.89 -16.40
CA THR J 311 34.65 -12.64 -16.28
C THR J 311 35.43 -12.30 -15.03
N GLN J 312 35.28 -11.08 -14.51
CA GLN J 312 35.92 -10.69 -13.28
C GLN J 312 35.10 -11.08 -12.05
N SER J 313 34.05 -11.86 -12.24
CA SER J 313 33.29 -12.37 -11.12
C SER J 313 34.07 -13.48 -10.42
N GLU J 314 33.61 -13.83 -9.23
CA GLU J 314 34.31 -14.84 -8.44
C GLU J 314 34.11 -16.23 -9.02
N MET J 315 32.88 -16.55 -9.41
CA MET J 315 32.58 -17.85 -9.97
C MET J 315 33.50 -18.17 -11.15
N ALA J 316 33.74 -17.19 -12.01
CA ALA J 316 34.55 -17.45 -13.20
C ALA J 316 36.00 -17.73 -12.84
N LYS J 317 36.54 -16.99 -11.89
CA LYS J 317 37.91 -17.24 -11.45
C LYS J 317 38.06 -18.62 -10.85
N ALA J 318 37.12 -19.01 -10.01
CA ALA J 318 37.16 -20.34 -9.44
C ALA J 318 37.07 -21.40 -10.52
N GLU J 319 36.15 -21.22 -11.47
CA GLU J 319 36.04 -22.12 -12.60
C GLU J 319 37.36 -22.23 -13.32
N LYS J 320 38.08 -21.11 -13.44
CA LYS J 320 39.36 -21.12 -14.13
C LYS J 320 40.36 -21.99 -13.39
N GLU J 321 40.58 -21.70 -12.11
CA GLU J 321 41.48 -22.53 -11.32
C GLU J 321 41.14 -24.00 -11.47
N LEU J 322 39.85 -24.32 -11.43
CA LEU J 322 39.42 -25.71 -11.44
C LEU J 322 39.72 -26.36 -12.78
N TYR J 323 39.15 -25.84 -13.86
CA TYR J 323 39.36 -26.39 -15.18
C TYR J 323 40.84 -26.65 -15.43
N LYS J 324 41.68 -25.72 -14.99
CA LYS J 324 43.11 -25.93 -15.07
C LYS J 324 43.54 -27.16 -14.29
N LEU J 325 42.88 -27.40 -13.16
CA LEU J 325 43.27 -28.51 -12.30
C LEU J 325 42.86 -29.86 -12.90
N LEU J 326 41.65 -29.93 -13.46
CA LEU J 326 41.21 -31.15 -14.12
C LEU J 326 41.86 -31.36 -15.47
N GLY J 327 42.70 -30.44 -15.91
CA GLY J 327 43.35 -30.53 -17.21
C GLY J 327 42.53 -30.01 -18.36
N ARG J 328 41.23 -29.82 -18.17
CA ARG J 328 40.40 -29.23 -19.21
C ARG J 328 40.99 -27.90 -19.66
N LYS J 329 41.33 -27.83 -20.94
CA LYS J 329 41.95 -26.63 -21.50
C LYS J 329 41.14 -25.36 -21.23
N ASP K 2 -14.66 -17.72 47.00
CA ASP K 2 -14.23 -17.90 45.62
C ASP K 2 -14.39 -19.34 45.17
N LYS K 3 -13.88 -19.61 43.97
CA LYS K 3 -13.75 -20.97 43.45
C LYS K 3 -12.80 -21.86 44.23
N THR K 4 -12.14 -21.32 45.24
CA THR K 4 -10.93 -21.91 45.77
C THR K 4 -11.24 -22.95 46.84
N VAL K 5 -10.30 -23.85 47.05
CA VAL K 5 -10.42 -24.93 48.01
C VAL K 5 -9.16 -24.96 48.86
N LEU K 6 -9.32 -25.28 50.14
CA LEU K 6 -8.24 -25.16 51.11
C LEU K 6 -8.00 -26.47 51.85
N ASP K 7 -9.06 -27.25 52.10
CA ASP K 7 -8.96 -28.57 52.69
C ASP K 7 -10.29 -29.25 52.49
N ALA K 8 -10.27 -30.58 52.59
CA ALA K 8 -11.48 -31.35 52.35
C ALA K 8 -11.31 -32.75 52.96
N ASN K 9 -12.26 -33.62 52.65
CA ASN K 9 -12.36 -34.93 53.28
C ASN K 9 -11.41 -35.92 52.63
N LEU K 10 -11.34 -37.11 53.23
CA LEU K 10 -10.50 -38.19 52.74
C LEU K 10 -11.18 -39.54 52.85
N ASP K 11 -12.50 -39.59 53.08
CA ASP K 11 -13.19 -40.85 53.32
C ASP K 11 -13.33 -41.73 52.07
N PRO K 12 -13.50 -41.18 50.86
CA PRO K 12 -13.88 -42.05 49.74
C PRO K 12 -12.81 -43.04 49.36
N LEU K 13 -11.56 -42.80 49.74
CA LEU K 13 -10.46 -43.66 49.37
C LEU K 13 -10.10 -44.68 50.43
N LYS K 14 -10.74 -44.62 51.60
CA LYS K 14 -10.43 -45.54 52.68
C LYS K 14 -11.17 -46.84 52.47
N GLY K 15 -10.42 -47.92 52.30
CA GLY K 15 -10.95 -49.21 51.93
C GLY K 15 -10.67 -49.61 50.50
N LYS K 16 -10.30 -48.65 49.65
CA LYS K 16 -10.00 -48.90 48.26
C LYS K 16 -8.50 -49.08 48.05
N THR K 17 -8.16 -49.83 47.01
CA THR K 17 -6.78 -50.00 46.60
C THR K 17 -6.45 -49.03 45.48
N ILE K 18 -5.19 -48.61 45.42
CA ILE K 18 -4.76 -47.58 44.50
C ILE K 18 -3.51 -48.06 43.77
N GLY K 19 -3.46 -47.80 42.47
CA GLY K 19 -2.34 -48.18 41.66
C GLY K 19 -1.69 -46.98 41.01
N VAL K 20 -0.37 -46.89 41.11
CA VAL K 20 0.40 -45.77 40.57
C VAL K 20 1.22 -46.28 39.40
N ILE K 21 1.00 -45.67 38.24
CA ILE K 21 1.71 -46.06 37.03
C ILE K 21 2.91 -45.15 36.87
N GLY K 22 4.09 -45.75 36.71
CA GLY K 22 5.31 -44.99 36.61
C GLY K 22 5.88 -44.66 37.97
N TYR K 23 7.20 -44.69 38.06
CA TYR K 23 7.92 -44.38 39.28
C TYR K 23 9.03 -43.40 38.99
N GLY K 24 8.76 -42.42 38.13
CA GLY K 24 9.72 -41.38 37.85
C GLY K 24 9.74 -40.36 38.96
N ASN K 25 9.82 -39.08 38.60
CA ASN K 25 9.81 -38.04 39.60
C ASN K 25 8.46 -37.98 40.32
N GLN K 26 7.41 -37.68 39.57
CA GLN K 26 6.08 -37.53 40.17
C GLN K 26 5.66 -38.80 40.89
N GLY K 27 5.58 -39.91 40.16
CA GLY K 27 5.07 -41.14 40.74
C GLY K 27 5.70 -41.46 42.08
N ARG K 28 7.03 -41.48 42.12
CA ARG K 28 7.73 -41.72 43.38
C ARG K 28 7.21 -40.82 44.48
N VAL K 29 7.11 -39.52 44.19
CA VAL K 29 6.73 -38.55 45.21
C VAL K 29 5.32 -38.82 45.72
N GLN K 30 4.34 -38.75 44.82
CA GLN K 30 2.96 -38.91 45.24
C GLN K 30 2.76 -40.22 45.97
N ALA K 31 3.36 -41.30 45.46
CA ALA K 31 3.22 -42.63 46.05
C ALA K 31 3.74 -42.64 47.48
N THR K 32 4.99 -42.20 47.67
CA THR K 32 5.55 -42.16 49.02
C THR K 32 4.63 -41.39 49.96
N ILE K 33 4.21 -40.20 49.56
CA ILE K 33 3.42 -39.36 50.45
C ILE K 33 2.11 -40.05 50.82
N MET K 34 1.30 -40.37 49.81
CA MET K 34 0.01 -41.00 50.09
C MET K 34 0.16 -42.28 50.88
N ARG K 35 1.31 -42.96 50.76
CA ARG K 35 1.57 -44.09 51.66
C ARG K 35 1.69 -43.60 53.10
N GLU K 36 2.40 -42.49 53.30
CA GLU K 36 2.50 -41.94 54.65
C GLU K 36 1.14 -41.62 55.23
N ASN K 37 0.20 -41.16 54.40
CA ASN K 37 -1.12 -40.80 54.89
C ASN K 37 -2.04 -42.00 55.05
N GLY K 38 -1.50 -43.21 55.07
CA GLY K 38 -2.28 -44.39 55.41
C GLY K 38 -3.18 -44.87 54.28
N LEU K 39 -2.57 -45.33 53.19
CA LEU K 39 -3.32 -45.82 52.05
C LEU K 39 -2.63 -47.03 51.46
N ASN K 40 -3.42 -48.04 51.12
CA ASN K 40 -2.90 -49.23 50.47
C ASN K 40 -2.53 -48.88 49.04
N VAL K 41 -1.26 -49.06 48.69
CA VAL K 41 -0.72 -48.55 47.44
C VAL K 41 0.12 -49.64 46.78
N ILE K 42 0.08 -49.66 45.46
CA ILE K 42 0.87 -50.57 44.65
C ILE K 42 1.48 -49.75 43.51
N VAL K 43 2.20 -50.45 42.63
CA VAL K 43 2.91 -49.79 41.55
C VAL K 43 2.88 -50.67 40.32
N GLY K 44 2.83 -50.03 39.15
CA GLY K 44 2.87 -50.72 37.89
C GLY K 44 3.93 -50.13 36.99
N ASN K 45 4.86 -50.95 36.54
CA ASN K 45 5.94 -50.48 35.69
C ASN K 45 6.65 -51.69 35.09
N VAL K 46 7.28 -51.46 33.95
CA VAL K 46 8.07 -52.49 33.29
C VAL K 46 9.38 -52.68 34.05
N LYS K 47 9.97 -53.86 33.91
CA LYS K 47 11.15 -54.23 34.68
C LYS K 47 12.35 -53.44 34.17
N ASP K 48 12.71 -52.39 34.89
CA ASP K 48 13.88 -51.59 34.57
C ASP K 48 14.41 -51.00 35.87
N LYS K 49 15.26 -49.97 35.75
CA LYS K 49 15.84 -49.30 36.90
C LYS K 49 14.78 -48.94 37.94
N TYR K 50 13.80 -48.13 37.54
CA TYR K 50 12.77 -47.68 38.47
C TYR K 50 12.07 -48.84 39.14
N TYR K 51 11.94 -49.97 38.45
CA TYR K 51 11.30 -51.13 39.06
C TYR K 51 12.05 -51.58 40.30
N GLU K 52 13.36 -51.79 40.15
CA GLU K 52 14.19 -52.18 41.29
C GLU K 52 14.12 -51.15 42.39
N LEU K 53 14.23 -49.87 42.03
CA LEU K 53 14.20 -48.80 43.02
C LEU K 53 12.90 -48.85 43.83
N ALA K 54 11.77 -48.97 43.14
CA ALA K 54 10.48 -48.91 43.82
C ALA K 54 10.27 -50.10 44.73
N LYS K 55 10.58 -51.31 44.24
CA LYS K 55 10.46 -52.47 45.12
C LYS K 55 11.39 -52.37 46.30
N LYS K 56 12.55 -51.73 46.12
CA LYS K 56 13.47 -51.48 47.23
C LYS K 56 12.83 -50.58 48.26
N GLU K 57 12.20 -49.49 47.83
CA GLU K 57 11.62 -48.53 48.76
C GLU K 57 10.39 -49.06 49.49
N GLY K 58 10.05 -50.32 49.33
CA GLY K 58 8.99 -50.93 50.10
C GLY K 58 7.66 -51.06 49.40
N PHE K 59 7.64 -51.06 48.07
CA PHE K 59 6.42 -51.12 47.28
C PHE K 59 6.28 -52.48 46.62
N GLU K 60 5.08 -53.04 46.71
CA GLU K 60 4.76 -54.26 45.98
C GLU K 60 4.54 -53.92 44.52
N VAL K 61 5.31 -54.55 43.64
CA VAL K 61 5.36 -54.16 42.24
C VAL K 61 4.86 -55.31 41.38
N TYR K 62 3.83 -55.02 40.60
CA TYR K 62 3.36 -55.86 39.52
C TYR K 62 3.48 -55.05 38.23
N GLU K 63 3.33 -55.71 37.09
CA GLU K 63 3.32 -54.93 35.87
C GLU K 63 1.89 -54.50 35.56
N ILE K 64 1.77 -53.67 34.53
CA ILE K 64 0.74 -52.64 34.50
C ILE K 64 -0.66 -53.24 34.51
N ASP K 65 -1.00 -54.00 33.47
CA ASP K 65 -2.36 -54.54 33.37
C ASP K 65 -2.78 -55.22 34.66
N GLU K 66 -1.86 -55.97 35.28
CA GLU K 66 -2.17 -56.62 36.55
C GLU K 66 -2.52 -55.61 37.63
N ALA K 67 -1.74 -54.53 37.71
CA ALA K 67 -2.02 -53.50 38.70
C ALA K 67 -3.39 -52.88 38.49
N VAL K 68 -3.82 -52.75 37.24
CA VAL K 68 -5.13 -52.16 36.98
C VAL K 68 -6.25 -53.12 37.34
N ARG K 69 -5.99 -54.42 37.29
CA ARG K 69 -7.01 -55.37 37.72
C ARG K 69 -7.25 -55.26 39.21
N ARG K 70 -6.19 -55.12 40.00
CA ARG K 70 -6.32 -55.10 41.44
C ARG K 70 -6.76 -53.75 41.98
N SER K 71 -6.85 -52.73 41.15
CA SER K 71 -7.07 -51.37 41.59
C SER K 71 -8.49 -50.91 41.29
N ASP K 72 -9.03 -50.12 42.20
CA ASP K 72 -10.24 -49.35 41.94
C ASP K 72 -9.94 -47.92 41.54
N VAL K 73 -8.68 -47.51 41.65
CA VAL K 73 -8.25 -46.18 41.26
C VAL K 73 -6.83 -46.29 40.71
N ALA K 74 -6.51 -45.44 39.75
CA ALA K 74 -5.22 -45.48 39.09
C ALA K 74 -4.75 -44.09 38.75
N LEU K 75 -3.44 -43.88 38.88
CA LEU K 75 -2.79 -42.62 38.53
C LEU K 75 -1.84 -42.88 37.37
N LEU K 76 -2.09 -42.20 36.24
CA LEU K 76 -1.35 -42.43 35.02
C LEU K 76 -0.26 -41.36 34.91
N LEU K 77 0.81 -41.57 35.66
CA LEU K 77 1.90 -40.60 35.76
C LEU K 77 3.07 -41.04 34.88
N ILE K 78 2.90 -40.80 33.59
CA ILE K 78 3.97 -41.07 32.63
C ILE K 78 3.98 -39.98 31.57
N PRO K 79 5.04 -39.88 30.77
CA PRO K 79 5.11 -38.82 29.77
C PRO K 79 3.93 -38.83 28.83
N ASP K 80 3.57 -37.64 28.35
CA ASP K 80 2.46 -37.47 27.43
C ASP K 80 2.78 -37.94 26.02
N GLU K 81 4.00 -38.43 25.79
CA GLU K 81 4.42 -38.84 24.46
C GLU K 81 4.29 -40.33 24.22
N VAL K 82 4.16 -41.13 25.28
CA VAL K 82 4.06 -42.58 25.18
C VAL K 82 2.83 -43.12 25.88
N MET K 83 2.02 -42.27 26.50
CA MET K 83 0.86 -42.75 27.22
C MET K 83 -0.15 -43.41 26.28
N LYS K 84 -0.16 -42.99 25.02
CA LYS K 84 -1.20 -43.45 24.10
C LYS K 84 -1.11 -44.95 23.87
N GLU K 85 0.06 -45.43 23.44
CA GLU K 85 0.22 -46.85 23.16
C GLU K 85 0.00 -47.68 24.42
N VAL K 86 0.55 -47.22 25.53
CA VAL K 86 0.39 -47.92 26.80
C VAL K 86 -1.09 -48.08 27.11
N TYR K 87 -1.86 -47.01 26.92
CA TYR K 87 -3.29 -47.08 27.19
C TYR K 87 -4.00 -48.04 26.24
N GLU K 88 -3.64 -47.97 24.96
CA GLU K 88 -4.36 -48.75 23.96
C GLU K 88 -4.13 -50.25 24.15
N LYS K 89 -2.88 -50.64 24.37
CA LYS K 89 -2.54 -52.06 24.37
C LYS K 89 -2.92 -52.73 25.69
N LYS K 90 -2.56 -52.12 26.80
CA LYS K 90 -2.58 -52.78 28.10
C LYS K 90 -3.75 -52.40 28.98
N ILE K 91 -4.21 -51.16 28.90
CA ILE K 91 -5.19 -50.65 29.85
C ILE K 91 -6.60 -50.85 29.32
N ALA K 92 -6.89 -50.25 28.17
CA ALA K 92 -8.24 -50.27 27.64
C ALA K 92 -8.92 -51.64 27.70
N PRO K 93 -8.24 -52.74 27.37
CA PRO K 93 -8.90 -54.05 27.50
C PRO K 93 -9.38 -54.33 28.92
N VAL K 94 -8.40 -54.34 29.84
CA VAL K 94 -8.70 -54.55 31.25
C VAL K 94 -9.82 -53.63 31.69
N LEU K 95 -9.89 -52.45 31.10
CA LEU K 95 -10.82 -51.43 31.52
C LEU K 95 -12.22 -51.71 30.99
N GLN K 96 -12.32 -52.20 29.75
CA GLN K 96 -13.61 -52.68 29.26
C GLN K 96 -14.21 -53.67 30.23
N GLY K 97 -13.36 -54.47 30.89
CA GLY K 97 -13.86 -55.42 31.85
C GLY K 97 -13.92 -54.90 33.27
N LYS K 98 -14.51 -53.71 33.45
CA LYS K 98 -14.65 -53.11 34.77
C LYS K 98 -16.08 -52.64 34.99
N LYS K 99 -16.35 -52.26 36.24
CA LYS K 99 -17.67 -51.82 36.67
C LYS K 99 -17.69 -50.38 37.15
N GLU K 100 -16.83 -50.05 38.12
CA GLU K 100 -16.77 -48.72 38.70
C GLU K 100 -15.29 -48.40 38.89
N PHE K 101 -14.74 -47.55 38.04
CA PHE K 101 -13.32 -47.26 38.04
C PHE K 101 -13.11 -45.76 38.01
N VAL K 102 -11.87 -45.37 38.29
CA VAL K 102 -11.48 -43.98 38.37
C VAL K 102 -10.10 -43.83 37.75
N LEU K 103 -9.92 -42.78 36.95
CA LEU K 103 -8.70 -42.57 36.19
C LEU K 103 -8.26 -41.13 36.37
N ASP K 104 -7.03 -40.94 36.85
CA ASP K 104 -6.49 -39.62 37.14
C ASP K 104 -5.29 -39.34 36.23
N PHE K 105 -5.18 -38.10 35.81
CA PHE K 105 -4.04 -37.64 35.02
C PHE K 105 -3.42 -36.42 35.68
N ALA K 106 -2.16 -36.18 35.34
CA ALA K 106 -1.47 -34.96 35.74
C ALA K 106 -1.40 -33.94 34.61
N SER K 107 -1.82 -34.32 33.40
CA SER K 107 -1.85 -33.42 32.26
C SER K 107 -3.07 -33.73 31.42
N GLY K 108 -3.63 -32.68 30.81
CA GLY K 108 -4.81 -32.81 29.98
C GLY K 108 -4.55 -32.80 28.50
N TYR K 109 -3.30 -32.94 28.06
CA TYR K 109 -2.99 -32.87 26.65
C TYR K 109 -3.70 -33.98 25.87
N ASN K 110 -3.41 -35.23 26.22
CA ASN K 110 -3.89 -36.36 25.43
C ASN K 110 -5.39 -36.53 25.50
N VAL K 111 -6.07 -35.86 26.44
CA VAL K 111 -7.51 -35.98 26.58
C VAL K 111 -8.23 -34.78 25.99
N ALA K 112 -7.74 -33.57 26.31
CA ALA K 112 -8.34 -32.37 25.76
C ALA K 112 -8.44 -32.42 24.25
N PHE K 113 -7.49 -33.09 23.61
CA PHE K 113 -7.43 -33.16 22.17
C PHE K 113 -7.92 -34.48 21.60
N GLY K 114 -8.41 -35.38 22.47
CA GLY K 114 -9.12 -36.56 22.01
C GLY K 114 -8.25 -37.71 21.60
N LEU K 115 -6.96 -37.68 21.92
CA LEU K 115 -6.09 -38.82 21.64
C LEU K 115 -6.36 -39.97 22.58
N ILE K 116 -7.16 -39.78 23.61
CA ILE K 116 -7.54 -40.81 24.55
C ILE K 116 -8.99 -40.58 24.93
N ARG K 117 -9.84 -41.56 24.64
CA ARG K 117 -11.29 -41.43 24.83
C ARG K 117 -11.75 -42.64 25.65
N PRO K 118 -11.70 -42.55 26.97
CA PRO K 118 -12.12 -43.65 27.80
C PRO K 118 -13.62 -43.84 27.73
N PRO K 119 -14.13 -44.96 28.22
CA PRO K 119 -15.58 -45.21 28.15
C PRO K 119 -16.38 -44.32 29.08
N LYS K 120 -17.69 -44.53 29.09
CA LYS K 120 -18.59 -43.82 29.99
C LYS K 120 -18.79 -44.55 31.30
N SER K 121 -18.26 -45.75 31.44
CA SER K 121 -18.28 -46.49 32.68
C SER K 121 -17.26 -46.01 33.69
N VAL K 122 -16.66 -44.85 33.43
CA VAL K 122 -15.44 -44.45 34.12
C VAL K 122 -15.56 -43.00 34.56
N ASP K 123 -14.95 -42.69 35.69
CA ASP K 123 -14.84 -41.32 36.18
C ASP K 123 -13.47 -40.79 35.78
N THR K 124 -13.45 -39.75 34.97
CA THR K 124 -12.22 -39.20 34.40
C THR K 124 -11.94 -37.86 35.05
N ILE K 125 -10.77 -37.75 35.67
CA ILE K 125 -10.44 -36.58 36.48
C ILE K 125 -9.03 -36.11 36.17
N MET K 126 -8.56 -35.15 36.96
CA MET K 126 -7.32 -34.46 36.67
C MET K 126 -6.79 -33.82 37.94
N VAL K 127 -5.49 -33.96 38.16
CA VAL K 127 -4.84 -33.31 39.29
C VAL K 127 -3.45 -32.87 38.86
N ALA K 128 -3.25 -31.56 38.72
CA ALA K 128 -2.04 -31.02 38.11
C ALA K 128 -1.30 -30.13 39.10
N PRO K 129 -0.14 -30.55 39.60
CA PRO K 129 0.65 -29.68 40.46
C PRO K 129 1.37 -28.61 39.66
N ARG K 130 1.95 -27.66 40.38
CA ARG K 130 2.69 -26.56 39.79
C ARG K 130 4.07 -26.46 40.43
N MET K 131 4.72 -27.60 40.59
CA MET K 131 6.07 -27.65 41.15
C MET K 131 6.81 -28.80 40.49
N VAL K 132 8.14 -28.67 40.41
CA VAL K 132 8.95 -29.60 39.65
C VAL K 132 8.90 -30.99 40.26
N GLY K 133 8.92 -31.09 41.59
CA GLY K 133 8.97 -32.36 42.27
C GLY K 133 10.14 -32.44 43.23
N GLU K 134 11.28 -31.87 42.82
CA GLU K 134 12.42 -31.82 43.73
C GLU K 134 12.11 -30.94 44.93
N GLY K 135 11.40 -29.83 44.70
CA GLY K 135 11.02 -28.95 45.80
C GLY K 135 9.79 -29.40 46.55
N ILE K 136 8.95 -30.23 45.92
CA ILE K 136 7.72 -30.67 46.58
C ILE K 136 8.04 -31.44 47.85
N MET K 137 9.00 -32.37 47.77
CA MET K 137 9.46 -33.04 48.97
C MET K 137 10.07 -32.05 49.95
N ASP K 138 10.93 -31.16 49.45
CA ASP K 138 11.52 -30.11 50.26
C ASP K 138 10.48 -29.34 51.05
N LEU K 139 9.23 -29.31 50.58
CA LEU K 139 8.15 -28.63 51.28
C LEU K 139 7.31 -29.55 52.14
N HIS K 140 7.14 -30.81 51.73
CA HIS K 140 6.34 -31.74 52.51
C HIS K 140 6.95 -31.97 53.88
N LYS K 141 8.28 -31.95 53.97
CA LYS K 141 8.92 -32.16 55.26
C LYS K 141 8.53 -31.10 56.26
N GLN K 142 8.16 -29.91 55.79
CA GLN K 142 7.79 -28.79 56.65
C GLN K 142 6.31 -28.77 56.96
N GLY K 143 5.57 -29.80 56.58
CA GLY K 143 4.13 -29.76 56.71
C GLY K 143 3.46 -28.77 55.80
N LYS K 144 4.17 -28.24 54.82
CA LYS K 144 3.62 -27.28 53.89
C LYS K 144 2.89 -27.98 52.76
N GLY K 145 1.89 -27.30 52.21
CA GLY K 145 1.19 -27.76 51.04
C GLY K 145 1.77 -27.17 49.78
N TYR K 146 1.01 -27.26 48.70
CA TYR K 146 1.39 -26.63 47.45
C TYR K 146 0.18 -26.58 46.54
N PRO K 147 0.21 -25.74 45.50
CA PRO K 147 -0.96 -25.58 44.64
C PRO K 147 -1.11 -26.69 43.61
N VAL K 148 -2.36 -26.87 43.17
CA VAL K 148 -2.71 -27.82 42.15
C VAL K 148 -3.94 -27.32 41.42
N LEU K 149 -4.22 -27.91 40.27
CA LEU K 149 -5.44 -27.66 39.52
C LEU K 149 -6.26 -28.94 39.43
N LEU K 150 -7.58 -28.76 39.41
CA LEU K 150 -8.51 -29.86 39.36
C LEU K 150 -9.39 -29.75 38.13
N GLY K 151 -9.82 -30.88 37.62
CA GLY K 151 -10.70 -30.89 36.48
C GLY K 151 -11.42 -32.22 36.38
N VAL K 152 -12.57 -32.18 35.71
CA VAL K 152 -13.39 -33.36 35.52
C VAL K 152 -13.91 -33.36 34.10
N LYS K 153 -13.76 -34.50 33.43
CA LYS K 153 -14.20 -34.67 32.05
C LYS K 153 -15.42 -35.56 31.93
N GLN K 154 -15.59 -36.51 32.82
CA GLN K 154 -16.62 -37.52 32.69
C GLN K 154 -16.99 -38.02 34.07
N ASP K 155 -18.23 -37.76 34.49
CA ASP K 155 -18.72 -38.18 35.79
C ASP K 155 -19.80 -39.23 35.58
N ALA K 156 -19.53 -40.44 36.05
CA ALA K 156 -20.48 -41.54 35.99
C ALA K 156 -21.00 -41.93 37.37
N SER K 157 -20.61 -41.20 38.42
CA SER K 157 -20.95 -41.58 39.78
C SER K 157 -21.34 -40.40 40.66
N GLY K 158 -21.37 -39.18 40.12
CA GLY K 158 -21.73 -38.02 40.90
C GLY K 158 -20.80 -37.76 42.08
N LYS K 159 -19.66 -38.43 42.12
CA LYS K 159 -18.71 -38.30 43.21
C LYS K 159 -17.32 -37.88 42.76
N ALA K 160 -17.17 -37.47 41.50
CA ALA K 160 -15.85 -37.21 40.95
C ALA K 160 -15.12 -36.14 41.74
N TRP K 161 -15.76 -34.98 41.93
CA TRP K 161 -15.11 -33.87 42.63
C TRP K 161 -14.62 -34.30 44.00
N ASP K 162 -15.44 -35.07 44.72
CA ASP K 162 -15.03 -35.57 46.02
C ASP K 162 -13.75 -36.40 45.90
N TYR K 163 -13.71 -37.28 44.90
CA TYR K 163 -12.51 -38.07 44.68
C TYR K 163 -11.30 -37.18 44.41
N ALA K 164 -11.49 -36.15 43.58
CA ALA K 164 -10.38 -35.28 43.23
C ALA K 164 -9.82 -34.58 44.45
N LYS K 165 -10.69 -34.02 45.28
CA LYS K 165 -10.23 -33.35 46.49
C LYS K 165 -9.56 -34.34 47.44
N ALA K 166 -10.13 -35.53 47.56
CA ALA K 166 -9.50 -36.56 48.38
C ALA K 166 -8.08 -36.84 47.90
N ILE K 167 -7.89 -36.97 46.60
CA ILE K 167 -6.55 -37.18 46.05
C ILE K 167 -5.65 -36.02 46.44
N ALA K 168 -6.09 -34.79 46.14
CA ALA K 168 -5.29 -33.62 46.46
C ALA K 168 -4.81 -33.66 47.90
N LYS K 169 -5.68 -34.09 48.81
CA LYS K 169 -5.27 -34.22 50.20
C LYS K 169 -4.30 -35.37 50.40
N GLY K 170 -4.48 -36.47 49.66
CA GLY K 170 -3.65 -37.64 49.87
C GLY K 170 -2.21 -37.43 49.48
N ILE K 171 -1.94 -36.48 48.60
CA ILE K 171 -0.57 -36.23 48.14
C ILE K 171 0.08 -35.05 48.86
N GLY K 172 -0.61 -34.46 49.82
CA GLY K 172 -0.02 -33.43 50.64
C GLY K 172 -0.04 -32.04 50.07
N ALA K 173 -0.83 -31.80 49.02
CA ALA K 173 -0.96 -30.44 48.51
C ALA K 173 -1.74 -29.57 49.48
N ILE K 174 -2.71 -30.16 50.17
CA ILE K 174 -3.49 -29.42 51.16
C ILE K 174 -3.73 -30.32 52.36
N PRO K 175 -3.95 -29.72 53.54
CA PRO K 175 -3.93 -28.27 53.74
C PRO K 175 -2.52 -27.71 53.82
N GLY K 176 -2.38 -26.41 53.59
CA GLY K 176 -1.08 -25.77 53.53
C GLY K 176 -0.90 -25.05 52.22
N GLY K 177 -1.42 -25.65 51.15
CA GLY K 177 -1.46 -25.02 49.85
C GLY K 177 -2.90 -24.77 49.47
N ILE K 178 -3.21 -24.85 48.17
CA ILE K 178 -4.58 -24.66 47.71
C ILE K 178 -4.86 -25.54 46.50
N ALA K 179 -6.09 -25.50 46.03
CA ALA K 179 -6.50 -26.29 44.88
C ALA K 179 -7.54 -25.50 44.10
N VAL K 180 -7.33 -25.39 42.80
CA VAL K 180 -8.23 -24.65 41.93
C VAL K 180 -8.97 -25.63 41.03
N ILE K 181 -10.23 -25.33 40.81
CA ILE K 181 -11.06 -26.13 39.92
C ILE K 181 -10.99 -25.53 38.52
N SER K 182 -10.78 -26.37 37.53
CA SER K 182 -10.65 -25.92 36.16
C SER K 182 -10.96 -27.08 35.24
N SER K 183 -10.59 -26.96 33.98
CA SER K 183 -10.83 -27.97 32.97
C SER K 183 -9.50 -28.59 32.54
N PHE K 184 -9.61 -29.64 31.73
CA PHE K 184 -8.45 -30.18 31.06
C PHE K 184 -7.90 -29.18 30.06
N GLU K 185 -8.79 -28.43 29.42
CA GLU K 185 -8.38 -27.49 28.38
C GLU K 185 -7.63 -26.32 28.98
N GLU K 186 -8.17 -25.74 30.05
CA GLU K 186 -7.55 -24.59 30.69
C GLU K 186 -6.21 -24.91 31.32
N GLU K 187 -5.80 -26.17 31.33
CA GLU K 187 -4.48 -26.55 31.81
C GLU K 187 -3.50 -26.79 30.68
N ALA K 188 -3.92 -27.54 29.65
CA ALA K 188 -3.09 -27.71 28.48
C ALA K 188 -2.76 -26.37 27.85
N LEU K 189 -3.79 -25.53 27.69
CA LEU K 189 -3.60 -24.20 27.14
C LEU K 189 -2.48 -23.46 27.86
N LEU K 190 -2.49 -23.50 29.18
CA LEU K 190 -1.50 -22.77 29.96
C LEU K 190 -0.13 -23.40 29.85
N ASP K 191 -0.05 -24.72 30.07
CA ASP K 191 1.24 -25.39 29.99
C ASP K 191 1.91 -25.15 28.66
N LEU K 192 1.12 -24.89 27.62
CA LEU K 192 1.70 -24.65 26.30
C LEU K 192 2.03 -23.19 26.06
N MET K 193 1.10 -22.29 26.38
CA MET K 193 1.30 -20.88 26.06
C MET K 193 2.58 -20.35 26.67
N SER K 194 2.97 -20.85 27.85
CA SER K 194 4.25 -20.49 28.41
C SER K 194 5.39 -20.91 27.49
N GLU K 195 5.33 -22.14 26.99
CA GLU K 195 6.37 -22.70 26.16
C GLU K 195 6.38 -22.13 24.75
N HIS K 196 5.37 -21.35 24.40
CA HIS K 196 5.27 -20.80 23.05
C HIS K 196 5.36 -19.29 22.98
N THR K 197 5.26 -18.57 24.10
CA THR K 197 5.21 -17.12 24.04
C THR K 197 6.40 -16.43 24.68
N TRP K 198 6.59 -16.51 25.99
CA TRP K 198 7.56 -15.62 26.61
C TRP K 198 8.93 -16.24 26.77
N VAL K 199 9.01 -17.56 26.88
CA VAL K 199 10.29 -18.26 26.94
C VAL K 199 11.05 -18.05 25.64
N PRO K 200 10.49 -18.43 24.49
CA PRO K 200 11.23 -18.26 23.24
C PRO K 200 11.48 -16.80 22.89
N ILE K 201 10.53 -15.93 23.20
CA ILE K 201 10.74 -14.51 22.97
C ILE K 201 11.93 -14.01 23.77
N LEU K 202 11.97 -14.36 25.06
CA LEU K 202 13.10 -14.01 25.90
C LEU K 202 14.41 -14.47 25.28
N PHE K 203 14.47 -15.75 24.90
CA PHE K 203 15.71 -16.29 24.36
C PHE K 203 16.12 -15.57 23.09
N GLY K 204 15.17 -15.34 22.19
CA GLY K 204 15.49 -14.64 20.95
C GLY K 204 15.96 -13.23 21.20
N ALA K 205 15.36 -12.55 22.17
CA ALA K 205 15.78 -11.19 22.50
C ALA K 205 17.21 -11.18 23.00
N ILE K 206 17.54 -12.11 23.89
CA ILE K 206 18.91 -12.20 24.40
C ILE K 206 19.88 -12.42 23.25
N LYS K 207 19.58 -13.43 22.42
CA LYS K 207 20.45 -13.74 21.30
C LYS K 207 20.64 -12.54 20.38
N ALA K 208 19.56 -11.80 20.14
CA ALA K 208 19.63 -10.65 19.26
C ALA K 208 20.50 -9.56 19.87
N CYS K 209 20.34 -9.32 21.17
CA CYS K 209 21.18 -8.34 21.84
C CYS K 209 22.64 -8.70 21.68
N TYR K 210 22.98 -9.96 21.91
CA TYR K 210 24.36 -10.41 21.73
C TYR K 210 24.84 -10.12 20.32
N ASP K 211 24.14 -10.64 19.32
CA ASP K 211 24.56 -10.50 17.94
C ASP K 211 24.77 -9.04 17.59
N ILE K 212 23.82 -8.19 17.98
CA ILE K 212 23.89 -6.77 17.65
C ILE K 212 25.11 -6.14 18.30
N ALA K 213 25.19 -6.23 19.63
CA ALA K 213 26.30 -5.62 20.35
C ALA K 213 27.63 -6.02 19.77
N VAL K 214 27.74 -7.25 19.29
CA VAL K 214 29.03 -7.70 18.76
C VAL K 214 29.28 -7.14 17.37
N LYS K 215 28.32 -7.29 16.47
CA LYS K 215 28.56 -7.05 15.05
C LYS K 215 28.27 -5.61 14.62
N GLU K 216 27.89 -4.73 15.53
CA GLU K 216 27.63 -3.35 15.15
C GLU K 216 28.23 -2.32 16.09
N TYR K 217 28.70 -2.71 17.28
CA TYR K 217 29.29 -1.78 18.22
C TYR K 217 30.62 -2.28 18.76
N GLY K 218 31.20 -3.31 18.13
CA GLY K 218 32.55 -3.71 18.42
C GLY K 218 32.76 -4.21 19.83
N VAL K 219 31.77 -4.85 20.40
CA VAL K 219 31.87 -5.33 21.76
C VAL K 219 32.54 -6.70 21.75
N SER K 220 33.12 -7.06 22.88
CA SER K 220 33.76 -8.35 23.03
C SER K 220 32.73 -9.40 23.48
N PRO K 221 32.84 -10.63 22.98
CA PRO K 221 31.87 -11.65 23.40
C PRO K 221 31.88 -11.92 24.89
N GLU K 222 33.05 -11.83 25.52
CA GLU K 222 33.18 -12.20 26.93
C GLU K 222 32.45 -11.25 27.86
N ALA K 223 31.91 -10.14 27.36
CA ALA K 223 31.26 -9.12 28.16
C ALA K 223 29.75 -9.13 28.00
N ALA K 224 29.30 -9.26 26.76
CA ALA K 224 27.87 -9.40 26.48
C ALA K 224 27.27 -10.49 27.34
N LEU K 225 27.90 -11.65 27.36
CA LEU K 225 27.38 -12.76 28.14
C LEU K 225 27.27 -12.40 29.61
N LEU K 226 28.31 -11.79 30.16
CA LEU K 226 28.28 -11.38 31.55
C LEU K 226 27.08 -10.50 31.83
N GLU K 227 26.81 -9.54 30.96
CA GLU K 227 25.68 -8.67 31.23
C GLU K 227 24.35 -9.40 31.09
N PHE K 228 24.22 -10.26 30.09
CA PHE K 228 22.90 -10.76 29.72
C PHE K 228 22.46 -11.91 30.61
N TYR K 229 23.18 -13.03 30.59
CA TYR K 229 22.77 -14.15 31.43
C TYR K 229 23.90 -14.89 32.14
N ALA K 230 25.16 -14.70 31.77
CA ALA K 230 26.21 -15.43 32.46
C ALA K 230 26.34 -15.05 33.92
N SER K 231 25.70 -13.96 34.34
CA SER K 231 25.58 -13.60 35.74
C SER K 231 24.24 -14.08 36.29
N GLY K 232 24.16 -14.16 37.62
CA GLY K 232 22.95 -14.58 38.30
C GLY K 232 21.93 -13.48 38.47
N GLU K 233 22.05 -12.44 37.66
CA GLU K 233 21.05 -11.37 37.62
C GLU K 233 19.63 -11.93 37.62
N LEU K 234 19.39 -12.93 36.79
CA LEU K 234 18.03 -13.27 36.40
C LEU K 234 17.34 -14.10 37.48
N ALA K 235 18.06 -15.03 38.10
CA ALA K 235 17.47 -15.80 39.19
C ALA K 235 17.11 -14.90 40.37
N GLU K 236 17.97 -13.91 40.66
CA GLU K 236 17.61 -12.88 41.62
C GLU K 236 16.24 -12.30 41.33
N ILE K 237 16.04 -11.81 40.11
CA ILE K 237 14.78 -11.16 39.76
C ILE K 237 13.62 -12.15 39.89
N ALA K 238 13.83 -13.38 39.42
CA ALA K 238 12.79 -14.40 39.53
C ALA K 238 12.37 -14.61 40.97
N ARG K 239 13.34 -14.66 41.89
CA ARG K 239 13.04 -14.85 43.30
C ARG K 239 12.21 -13.69 43.83
N LEU K 240 12.70 -12.47 43.65
CA LEU K 240 11.97 -11.30 44.14
C LEU K 240 10.57 -11.26 43.56
N ILE K 241 10.39 -11.76 42.34
CA ILE K 241 9.06 -11.82 41.75
C ILE K 241 8.18 -12.80 42.52
N ALA K 242 8.67 -14.03 42.68
CA ALA K 242 7.88 -15.05 43.35
C ALA K 242 7.52 -14.65 44.77
N GLU K 243 8.33 -13.82 45.41
CA GLU K 243 8.13 -13.48 46.81
C GLU K 243 7.42 -12.14 47.01
N GLU K 244 8.02 -11.06 46.53
CA GLU K 244 7.52 -9.72 46.80
C GLU K 244 6.46 -9.27 45.80
N GLY K 245 6.43 -9.85 44.62
CA GLY K 245 5.58 -9.38 43.56
C GLY K 245 6.38 -8.88 42.37
N ILE K 246 5.76 -8.93 41.20
CA ILE K 246 6.48 -8.65 39.97
C ILE K 246 6.90 -7.19 39.90
N PHE K 247 5.99 -6.27 40.23
CA PHE K 247 6.28 -4.86 40.11
C PHE K 247 6.99 -4.32 41.35
N ASN K 248 6.44 -4.60 42.53
CA ASN K 248 7.10 -4.21 43.77
C ASN K 248 8.54 -4.69 43.81
N GLN K 249 8.88 -5.71 43.02
CA GLN K 249 10.24 -6.18 42.93
C GLN K 249 11.19 -5.08 42.44
N MET K 250 10.67 -4.12 41.69
CA MET K 250 11.50 -3.15 41.01
C MET K 250 11.93 -1.99 41.90
N VAL K 251 11.33 -1.86 43.08
CA VAL K 251 11.70 -0.77 43.96
C VAL K 251 13.16 -0.87 44.39
N HIS K 252 13.70 -2.08 44.46
CA HIS K 252 15.08 -2.28 44.87
C HIS K 252 16.08 -1.95 43.77
N HIS K 253 15.61 -1.56 42.60
CA HIS K 253 16.46 -1.15 41.50
C HIS K 253 16.54 0.36 41.44
N SER K 254 17.34 0.87 40.51
CA SER K 254 17.51 2.30 40.36
C SER K 254 16.39 2.92 39.53
N THR K 255 16.17 4.21 39.75
CA THR K 255 15.09 4.92 39.08
C THR K 255 15.22 4.83 37.58
N THR K 256 16.45 4.96 37.07
CA THR K 256 16.69 4.89 35.64
C THR K 256 16.14 3.60 35.06
N SER K 257 16.45 2.48 35.72
CA SER K 257 15.96 1.18 35.28
C SER K 257 14.44 1.15 35.27
N GLN K 258 13.83 1.61 36.36
CA GLN K 258 12.38 1.64 36.45
C GLN K 258 11.78 2.40 35.27
N TYR K 259 12.31 3.59 35.01
CA TYR K 259 11.77 4.44 33.95
C TYR K 259 11.85 3.74 32.61
N GLY K 260 13.04 3.30 32.24
CA GLY K 260 13.20 2.63 30.95
C GLY K 260 12.29 1.44 30.82
N THR K 261 12.28 0.60 31.86
CA THR K 261 11.47 -0.61 31.84
C THR K 261 10.00 -0.29 31.61
N LEU K 262 9.44 0.61 32.42
CA LEU K 262 8.02 0.91 32.32
C LEU K 262 7.67 1.48 30.95
N THR K 263 8.44 2.47 30.51
CA THR K 263 8.15 3.07 29.21
C THR K 263 8.15 2.03 28.11
N ARG K 264 9.23 1.26 28.01
CA ARG K 264 9.33 0.30 26.93
C ARG K 264 8.34 -0.84 27.08
N MET K 265 7.87 -1.11 28.29
CA MET K 265 6.85 -2.12 28.49
C MET K 265 5.52 -1.66 27.92
N PHE K 266 5.06 -0.48 28.35
CA PHE K 266 3.82 0.03 27.81
C PHE K 266 3.92 0.39 26.34
N LYS K 267 5.13 0.42 25.80
CA LYS K 267 5.35 0.78 24.41
C LYS K 267 5.30 -0.42 23.46
N TYR K 268 5.65 -1.61 23.94
CA TYR K 268 5.73 -2.81 23.11
C TYR K 268 4.70 -3.85 23.51
N TYR K 269 3.57 -3.42 24.07
CA TYR K 269 2.60 -4.35 24.62
C TYR K 269 1.67 -4.90 23.55
N ASP K 270 1.35 -4.11 22.53
CA ASP K 270 0.40 -4.55 21.51
C ASP K 270 0.99 -5.63 20.62
N VAL K 271 2.27 -5.49 20.29
CA VAL K 271 2.95 -6.44 19.42
C VAL K 271 2.86 -7.85 19.98
N VAL K 272 3.39 -8.02 21.20
CA VAL K 272 3.40 -9.33 21.83
C VAL K 272 1.98 -9.81 22.07
N ARG K 273 1.05 -8.89 22.30
CA ARG K 273 -0.35 -9.28 22.44
C ARG K 273 -0.85 -9.96 21.17
N ARG K 274 -0.55 -9.37 20.02
CA ARG K 274 -0.92 -9.99 18.75
C ARG K 274 -0.32 -11.40 18.65
N ILE K 275 0.96 -11.49 18.96
CA ILE K 275 1.63 -12.80 18.91
C ILE K 275 0.89 -13.82 19.76
N VAL K 276 0.60 -13.45 21.00
CA VAL K 276 -0.03 -14.36 21.95
C VAL K 276 -1.40 -14.79 21.45
N GLU K 277 -2.17 -13.85 20.92
CA GLU K 277 -3.44 -14.20 20.30
C GLU K 277 -3.25 -15.29 19.26
N ASN K 278 -2.32 -15.06 18.32
CA ASN K 278 -2.09 -16.01 17.26
C ASN K 278 -1.82 -17.41 17.83
N GLU K 279 -0.92 -17.50 18.80
CA GLU K 279 -0.51 -18.81 19.28
C GLU K 279 -1.63 -19.49 20.06
N ALA K 280 -2.28 -18.76 20.97
CA ALA K 280 -3.38 -19.33 21.71
C ALA K 280 -4.45 -19.87 20.79
N LYS K 281 -4.75 -19.12 19.72
CA LYS K 281 -5.72 -19.60 18.76
C LYS K 281 -5.24 -20.87 18.07
N TYR K 282 -3.98 -20.87 17.63
CA TYR K 282 -3.40 -22.06 17.03
C TYR K 282 -3.59 -23.28 17.92
N ILE K 283 -3.59 -23.07 19.23
CA ILE K 283 -3.70 -24.19 20.16
C ILE K 283 -5.15 -24.62 20.33
N TRP K 284 -5.99 -23.67 20.73
CA TRP K 284 -7.39 -23.95 21.02
C TRP K 284 -8.05 -24.84 19.97
N ASP K 285 -7.58 -24.72 18.72
CA ASP K 285 -8.19 -25.46 17.63
C ASP K 285 -7.68 -26.89 17.54
N GLY K 286 -6.48 -27.16 18.02
CA GLY K 286 -5.90 -28.47 17.95
C GLY K 286 -4.88 -28.66 16.85
N SER K 287 -4.34 -27.58 16.29
CA SER K 287 -3.40 -27.69 15.18
C SER K 287 -2.02 -28.10 15.66
N PHE K 288 -1.60 -27.58 16.81
CA PHE K 288 -0.26 -27.88 17.30
C PHE K 288 -0.12 -29.37 17.62
N ALA K 289 -1.16 -29.96 18.19
CA ALA K 289 -1.11 -31.39 18.47
C ALA K 289 -0.89 -32.19 17.20
N LYS K 290 -1.60 -31.81 16.14
CA LYS K 290 -1.40 -32.44 14.84
C LYS K 290 0.04 -32.30 14.38
N GLU K 291 0.54 -31.07 14.36
CA GLU K 291 1.92 -30.80 13.97
C GLU K 291 2.88 -31.71 14.71
N TRP K 292 2.77 -31.75 16.03
CA TRP K 292 3.72 -32.49 16.86
C TRP K 292 3.61 -33.99 16.62
N SER K 293 2.39 -34.52 16.54
CA SER K 293 2.20 -35.93 16.27
C SER K 293 2.82 -36.32 14.94
N LEU K 294 2.59 -35.51 13.91
CA LEU K 294 3.14 -35.83 12.61
C LEU K 294 4.66 -35.81 12.64
N GLU K 295 5.26 -34.81 13.29
CA GLU K 295 6.70 -34.79 13.38
C GLU K 295 7.23 -36.06 14.04
N GLN K 296 6.55 -36.53 15.08
CA GLN K 296 6.94 -37.81 15.67
C GLN K 296 6.90 -38.91 14.62
N GLN K 297 5.89 -38.90 13.76
CA GLN K 297 5.74 -39.97 12.78
C GLN K 297 6.78 -39.89 11.67
N ALA K 298 7.37 -38.72 11.46
CA ALA K 298 8.31 -38.57 10.36
C ALA K 298 9.74 -38.90 10.77
N GLY K 299 10.12 -38.63 12.02
CA GLY K 299 11.44 -38.96 12.49
C GLY K 299 12.19 -37.82 13.15
N TYR K 300 11.46 -36.80 13.56
CA TYR K 300 12.04 -35.67 14.28
C TYR K 300 13.16 -35.00 13.49
N PRO K 301 12.98 -34.73 12.20
CA PRO K 301 14.05 -34.08 11.45
C PRO K 301 14.26 -32.62 11.82
N VAL K 302 13.17 -31.88 11.94
CA VAL K 302 13.25 -30.46 12.29
C VAL K 302 13.85 -30.29 13.67
N PHE K 303 13.34 -31.05 14.63
CA PHE K 303 13.92 -31.10 15.97
C PHE K 303 15.44 -31.25 15.90
N TYR K 304 15.90 -32.23 15.15
CA TYR K 304 17.32 -32.49 14.99
C TYR K 304 18.06 -31.26 14.45
N ARG K 305 17.60 -30.74 13.32
CA ARG K 305 18.32 -29.67 12.66
C ARG K 305 18.37 -28.43 13.54
N LEU K 306 17.31 -28.15 14.28
CA LEU K 306 17.30 -26.97 15.13
C LEU K 306 18.22 -27.15 16.32
N TRP K 307 18.19 -28.33 16.95
CA TRP K 307 19.14 -28.60 18.01
C TRP K 307 20.56 -28.38 17.54
N GLU K 308 20.84 -28.72 16.28
CA GLU K 308 22.17 -28.47 15.74
C GLU K 308 22.42 -26.98 15.58
N LEU K 309 21.54 -26.30 14.85
CA LEU K 309 21.75 -24.89 14.55
C LEU K 309 21.93 -24.05 15.80
N ALA K 310 21.25 -24.41 16.89
CA ALA K 310 21.37 -23.62 18.11
C ALA K 310 22.74 -23.79 18.74
N THR K 311 23.22 -25.03 18.83
CA THR K 311 24.49 -25.29 19.48
C THR K 311 25.68 -24.90 18.62
N GLN K 312 25.53 -24.90 17.30
CA GLN K 312 26.57 -24.46 16.40
C GLN K 312 26.55 -22.96 16.18
N SER K 313 25.72 -22.24 16.93
CA SER K 313 25.72 -20.79 16.85
C SER K 313 26.97 -20.24 17.54
N GLU K 314 27.23 -18.96 17.30
CA GLU K 314 28.42 -18.33 17.85
C GLU K 314 28.28 -18.11 19.35
N MET K 315 27.11 -17.63 19.78
CA MET K 315 26.89 -17.39 21.20
C MET K 315 27.18 -18.61 22.04
N ALA K 316 26.76 -19.78 21.56
CA ALA K 316 26.94 -21.00 22.34
C ALA K 316 28.41 -21.37 22.47
N LYS K 317 29.17 -21.23 21.39
CA LYS K 317 30.58 -21.53 21.44
C LYS K 317 31.30 -20.60 22.40
N ALA K 318 30.99 -19.32 22.34
CA ALA K 318 31.60 -18.37 23.27
C ALA K 318 31.23 -18.72 24.70
N GLU K 319 29.96 -19.02 24.95
CA GLU K 319 29.53 -19.47 26.26
C GLU K 319 30.33 -20.66 26.73
N LYS K 320 30.64 -21.56 25.80
CA LYS K 320 31.41 -22.75 26.14
C LYS K 320 32.81 -22.38 26.60
N GLU K 321 33.53 -21.64 25.77
CA GLU K 321 34.87 -21.19 26.16
C GLU K 321 34.82 -20.54 27.54
N LEU K 322 33.82 -19.69 27.77
CA LEU K 322 33.76 -18.94 29.01
C LEU K 322 33.52 -19.84 30.21
N TYR K 323 32.40 -20.56 30.22
CA TYR K 323 32.08 -21.45 31.33
C TYR K 323 33.27 -22.31 31.69
N LYS K 324 34.00 -22.77 30.68
CA LYS K 324 35.23 -23.52 30.94
C LYS K 324 36.23 -22.66 31.69
N LEU K 325 36.26 -21.36 31.37
CA LEU K 325 37.24 -20.48 31.99
C LEU K 325 36.91 -20.18 33.44
N LEU K 326 35.63 -19.94 33.74
CA LEU K 326 35.21 -19.72 35.11
C LEU K 326 35.18 -21.00 35.93
N GLY K 327 35.47 -22.14 35.32
CA GLY K 327 35.43 -23.41 36.01
C GLY K 327 34.07 -24.06 36.05
N ARG K 328 33.01 -23.31 35.78
CA ARG K 328 31.67 -23.89 35.70
C ARG K 328 31.67 -25.07 34.74
N LYS K 329 31.34 -26.25 35.26
CA LYS K 329 31.34 -27.47 34.46
C LYS K 329 30.50 -27.34 33.19
N ASP L 2 43.70 -14.08 25.05
CA ASP L 2 42.60 -13.18 24.76
C ASP L 2 42.82 -11.82 25.40
N LYS L 3 41.78 -10.98 25.31
CA LYS L 3 41.73 -9.72 26.03
C LYS L 3 41.71 -9.84 27.54
N THR L 4 41.66 -11.05 28.05
CA THR L 4 41.22 -11.31 29.41
C THR L 4 42.37 -11.18 30.39
N VAL L 5 42.01 -10.93 31.65
CA VAL L 5 42.95 -10.75 32.74
C VAL L 5 42.50 -11.61 33.91
N LEU L 6 43.48 -12.18 34.62
CA LEU L 6 43.20 -13.16 35.64
C LEU L 6 43.80 -12.80 36.99
N ASP L 7 44.95 -12.12 36.98
CA ASP L 7 45.56 -11.59 38.19
C ASP L 7 46.64 -10.62 37.75
N ALA L 8 47.04 -9.74 38.68
CA ALA L 8 48.00 -8.71 38.35
C ALA L 8 48.60 -8.17 39.65
N ASN L 9 49.36 -7.09 39.51
CA ASN L 9 50.16 -6.54 40.60
C ASN L 9 49.30 -5.66 41.51
N LEU L 10 49.91 -5.23 42.61
CA LEU L 10 49.26 -4.36 43.57
C LEU L 10 50.19 -3.28 44.10
N ASP L 11 51.35 -3.05 43.47
CA ASP L 11 52.33 -2.12 44.00
C ASP L 11 51.92 -0.66 43.89
N PRO L 12 51.19 -0.20 42.86
CA PRO L 12 51.03 1.24 42.68
C PRO L 12 50.26 1.91 43.79
N LEU L 13 49.47 1.15 44.55
CA LEU L 13 48.62 1.71 45.59
C LEU L 13 49.26 1.65 46.96
N LYS L 14 50.42 1.03 47.09
CA LYS L 14 51.07 0.88 48.39
C LYS L 14 51.85 2.15 48.71
N GLY L 15 51.46 2.84 49.77
CA GLY L 15 51.98 4.14 50.13
C GLY L 15 50.99 5.27 49.88
N LYS L 16 49.97 5.04 49.07
CA LYS L 16 48.97 6.04 48.75
C LYS L 16 47.76 5.91 49.66
N THR L 17 47.08 7.02 49.87
CA THR L 17 45.82 7.04 50.60
C THR L 17 44.66 6.98 49.64
N ILE L 18 43.56 6.40 50.09
CA ILE L 18 42.41 6.14 49.25
C ILE L 18 41.15 6.62 49.94
N GLY L 19 40.27 7.25 49.19
CA GLY L 19 39.02 7.77 49.72
C GLY L 19 37.84 7.15 49.02
N VAL L 20 36.87 6.67 49.79
CA VAL L 20 35.69 6.01 49.25
C VAL L 20 34.49 6.91 49.51
N ILE L 21 33.81 7.30 48.46
CA ILE L 21 32.65 8.17 48.55
C ILE L 21 31.40 7.31 48.59
N GLY L 22 30.58 7.52 49.61
CA GLY L 22 29.39 6.72 49.79
C GLY L 22 29.68 5.45 50.55
N TYR L 23 28.74 5.06 51.41
CA TYR L 23 28.84 3.85 52.19
C TYR L 23 27.57 3.04 52.08
N GLY L 24 27.01 2.98 50.88
CA GLY L 24 25.85 2.17 50.63
C GLY L 24 26.22 0.72 50.49
N ASN L 25 25.62 0.02 49.55
CA ASN L 25 25.96 -1.38 49.32
C ASN L 25 27.39 -1.52 48.84
N GLN L 26 27.68 -0.97 47.66
CA GLN L 26 28.99 -1.11 47.06
C GLN L 26 30.07 -0.55 47.98
N GLY L 27 29.98 0.73 48.31
CA GLY L 27 31.03 1.37 49.08
C GLY L 27 31.44 0.55 50.29
N ARG L 28 30.46 0.18 51.12
CA ARG L 28 30.74 -0.65 52.28
C ARG L 28 31.56 -1.87 51.90
N VAL L 29 31.12 -2.58 50.85
CA VAL L 29 31.77 -3.82 50.48
C VAL L 29 33.21 -3.59 50.06
N GLN L 30 33.41 -2.79 49.01
CA GLN L 30 34.75 -2.58 48.50
C GLN L 30 35.68 -2.06 49.58
N ALA L 31 35.19 -1.12 50.39
CA ALA L 31 35.99 -0.53 51.46
C ALA L 31 36.46 -1.58 52.44
N THR L 32 35.52 -2.36 52.99
CA THR L 32 35.88 -3.41 53.92
C THR L 32 36.93 -4.33 53.34
N ILE L 33 36.71 -4.80 52.11
CA ILE L 33 37.63 -5.76 51.51
C ILE L 33 39.01 -5.16 51.36
N MET L 34 39.12 -4.07 50.61
CA MET L 34 40.42 -3.45 50.40
C MET L 34 41.11 -3.09 51.70
N ARG L 35 40.35 -2.84 52.77
CA ARG L 35 40.97 -2.69 54.07
C ARG L 35 41.61 -4.01 54.51
N GLU L 36 40.91 -5.12 54.30
CA GLU L 36 41.49 -6.41 54.64
C GLU L 36 42.79 -6.65 53.90
N ASN L 37 42.89 -6.19 52.65
CA ASN L 37 44.08 -6.40 51.86
C ASN L 37 45.20 -5.41 52.17
N GLY L 38 45.12 -4.71 53.30
CA GLY L 38 46.21 -3.88 53.75
C GLY L 38 46.34 -2.57 53.02
N LEU L 39 45.35 -1.69 53.15
CA LEU L 39 45.37 -0.40 52.49
C LEU L 39 44.80 0.67 53.41
N ASN L 40 45.47 1.82 53.44
CA ASN L 40 44.98 2.94 54.23
C ASN L 40 43.76 3.52 53.54
N VAL L 41 42.64 3.53 54.25
CA VAL L 41 41.35 3.84 53.64
C VAL L 41 40.60 4.81 54.54
N ILE L 42 39.84 5.71 53.91
CA ILE L 42 38.99 6.66 54.59
C ILE L 42 37.64 6.65 53.89
N VAL L 43 36.75 7.52 54.34
CA VAL L 43 35.40 7.57 53.82
C VAL L 43 34.91 9.01 53.81
N GLY L 44 34.10 9.32 52.80
CA GLY L 44 33.48 10.62 52.69
C GLY L 44 31.99 10.51 52.51
N ASN L 45 31.22 11.14 53.39
CA ASN L 45 29.77 11.06 53.32
C ASN L 45 29.20 12.12 54.24
N VAL L 46 27.98 12.53 53.93
CA VAL L 46 27.25 13.47 54.76
C VAL L 46 26.75 12.77 56.01
N LYS L 47 26.53 13.54 57.07
CA LYS L 47 26.19 12.99 58.37
C LYS L 47 24.77 12.44 58.33
N ASP L 48 24.65 11.13 58.19
CA ASP L 48 23.36 10.45 58.21
C ASP L 48 23.57 9.05 58.77
N LYS L 49 22.61 8.16 58.53
CA LYS L 49 22.68 6.77 58.97
C LYS L 49 24.01 6.13 58.61
N TYR L 50 24.30 6.08 57.31
CA TYR L 50 25.52 5.43 56.83
C TYR L 50 26.76 6.00 57.50
N TYR L 51 26.74 7.29 57.85
CA TYR L 51 27.89 7.90 58.50
C TYR L 51 28.17 7.21 59.83
N GLU L 52 27.15 7.11 60.68
CA GLU L 52 27.29 6.43 61.95
C GLU L 52 27.73 4.99 61.75
N LEU L 53 27.10 4.29 60.81
CA LEU L 53 27.45 2.90 60.57
C LEU L 53 28.92 2.76 60.22
N ALA L 54 29.41 3.59 59.29
CA ALA L 54 30.77 3.45 58.81
C ALA L 54 31.78 3.76 59.90
N LYS L 55 31.57 4.85 60.63
CA LYS L 55 32.49 5.14 61.73
C LYS L 55 32.45 4.05 62.79
N LYS L 56 31.30 3.40 62.97
CA LYS L 56 31.20 2.26 63.87
C LYS L 56 32.07 1.11 63.39
N GLU L 57 32.02 0.79 62.11
CA GLU L 57 32.75 -0.34 61.57
C GLU L 57 34.26 -0.12 61.53
N GLY L 58 34.76 0.98 62.08
CA GLY L 58 36.19 1.20 62.21
C GLY L 58 36.80 2.11 61.16
N PHE L 59 36.03 2.98 60.54
CA PHE L 59 36.49 3.85 59.49
C PHE L 59 36.56 5.30 59.97
N GLU L 60 37.67 5.96 59.67
CA GLU L 60 37.80 7.38 59.93
C GLU L 60 37.00 8.15 58.90
N VAL L 61 36.05 8.96 59.35
CA VAL L 61 35.08 9.58 58.46
C VAL L 61 35.24 11.09 58.51
N TYR L 62 35.48 11.67 57.35
CA TYR L 62 35.41 13.09 57.10
C TYR L 62 34.35 13.32 56.04
N GLU L 63 33.95 14.56 55.84
CA GLU L 63 33.03 14.80 54.75
C GLU L 63 33.81 15.09 53.48
N ILE L 64 33.07 15.19 52.38
CA ILE L 64 33.57 14.76 51.07
C ILE L 64 34.80 15.55 50.65
N ASP L 65 34.64 16.87 50.46
CA ASP L 65 35.75 17.68 49.96
C ASP L 65 37.01 17.44 50.77
N GLU L 66 36.88 17.32 52.08
CA GLU L 66 38.04 17.05 52.92
C GLU L 66 38.68 15.72 52.56
N ALA L 67 37.87 14.68 52.36
CA ALA L 67 38.41 13.38 51.99
C ALA L 67 39.16 13.45 50.67
N VAL L 68 38.70 14.29 49.74
CA VAL L 68 39.38 14.39 48.45
C VAL L 68 40.70 15.12 48.59
N ARG L 69 40.82 16.02 49.57
CA ARG L 69 42.09 16.69 49.79
C ARG L 69 43.14 15.71 50.28
N ARG L 70 42.76 14.82 51.19
CA ARG L 70 43.72 13.89 51.78
C ARG L 70 44.03 12.70 50.89
N SER L 71 43.33 12.54 49.78
CA SER L 71 43.41 11.34 48.97
C SER L 71 44.19 11.60 47.69
N ASP L 72 44.94 10.58 47.27
CA ASP L 72 45.51 10.53 45.94
C ASP L 72 44.67 9.69 44.99
N VAL L 73 43.68 8.98 45.52
CA VAL L 73 42.77 8.18 44.73
C VAL L 73 41.39 8.23 45.37
N ALA L 74 40.35 8.15 44.56
CA ALA L 74 38.99 8.29 45.04
C ALA L 74 38.06 7.38 44.25
N LEU L 75 37.09 6.81 44.95
CA LEU L 75 36.06 5.96 44.35
C LEU L 75 34.72 6.64 44.52
N LEU L 76 34.07 6.95 43.41
CA LEU L 76 32.83 7.71 43.42
C LEU L 76 31.67 6.73 43.31
N LEU L 77 31.36 6.11 44.44
CA LEU L 77 30.33 5.06 44.50
C LEU L 77 29.03 5.63 45.06
N ILE L 78 28.33 6.35 44.20
CA ILE L 78 27.01 6.88 44.56
C ILE L 78 26.09 6.79 43.35
N PRO L 79 24.79 6.95 43.54
CA PRO L 79 23.86 6.82 42.42
C PRO L 79 24.19 7.76 41.28
N ASP L 80 23.87 7.32 40.06
CA ASP L 80 24.13 8.10 38.86
C ASP L 80 23.16 9.26 38.70
N GLU L 81 22.23 9.44 39.63
CA GLU L 81 21.21 10.47 39.52
C GLU L 81 21.56 11.73 40.30
N VAL L 82 22.50 11.63 41.23
CA VAL L 82 22.89 12.76 42.09
C VAL L 82 24.38 13.02 42.05
N MET L 83 25.14 12.23 41.30
CA MET L 83 26.58 12.43 41.27
C MET L 83 26.96 13.76 40.66
N LYS L 84 26.12 14.29 39.78
CA LYS L 84 26.47 15.49 39.04
C LYS L 84 26.64 16.69 39.95
N GLU L 85 25.62 16.99 40.75
CA GLU L 85 25.70 18.13 41.65
C GLU L 85 26.83 17.98 42.65
N VAL L 86 26.96 16.77 43.20
CA VAL L 86 28.03 16.50 44.16
C VAL L 86 29.38 16.80 43.54
N TYR L 87 29.57 16.38 42.28
CA TYR L 87 30.84 16.62 41.61
C TYR L 87 31.05 18.11 41.37
N GLU L 88 30.00 18.81 40.95
CA GLU L 88 30.16 20.20 40.56
C GLU L 88 30.48 21.09 41.75
N LYS L 89 29.76 20.89 42.85
CA LYS L 89 29.87 21.80 43.99
C LYS L 89 31.12 21.53 44.81
N LYS L 90 31.35 20.27 45.17
CA LYS L 90 32.31 19.91 46.19
C LYS L 90 33.63 19.38 45.66
N ILE L 91 33.61 18.67 44.54
CA ILE L 91 34.79 17.95 44.07
C ILE L 91 35.60 18.82 43.12
N ALA L 92 34.98 19.21 42.01
CA ALA L 92 35.70 19.94 40.96
C ALA L 92 36.58 21.05 41.49
N PRO L 93 36.18 21.86 42.46
CA PRO L 93 37.08 22.89 42.99
C PRO L 93 38.36 22.31 43.56
N VAL L 94 38.18 21.45 44.57
CA VAL L 94 39.30 20.76 45.20
C VAL L 94 40.18 20.13 44.14
N LEU L 95 39.56 19.68 43.06
CA LEU L 95 40.26 18.94 42.03
C LEU L 95 41.08 19.86 41.13
N GLN L 96 40.56 21.03 40.81
CA GLN L 96 41.36 22.03 40.13
C GLN L 96 42.65 22.27 40.88
N GLY L 97 42.60 22.18 42.20
CA GLY L 97 43.81 22.37 42.99
C GLY L 97 44.56 21.10 43.28
N LYS L 98 44.81 20.29 42.25
CA LYS L 98 45.54 19.04 42.39
C LYS L 98 46.65 18.95 41.35
N LYS L 99 47.50 17.94 41.53
CA LYS L 99 48.65 17.70 40.66
C LYS L 99 48.56 16.37 39.94
N GLU L 100 48.41 15.28 40.68
CA GLU L 100 48.36 13.93 40.12
C GLU L 100 47.28 13.18 40.88
N PHE L 101 46.13 12.99 40.25
CA PHE L 101 44.98 12.40 40.90
C PHE L 101 44.41 11.29 40.04
N VAL L 102 43.54 10.50 40.64
CA VAL L 102 42.92 9.35 40.00
C VAL L 102 41.46 9.29 40.43
N LEU L 103 40.59 9.00 39.48
CA LEU L 103 39.15 9.02 39.70
C LEU L 103 38.54 7.76 39.11
N ASP L 104 37.85 6.99 39.94
CA ASP L 104 37.27 5.72 39.54
C ASP L 104 35.75 5.78 39.64
N PHE L 105 35.08 5.14 38.69
CA PHE L 105 33.63 5.03 38.69
C PHE L 105 33.24 3.56 38.58
N ALA L 106 32.02 3.27 39.00
CA ALA L 106 31.42 1.96 38.81
C ALA L 106 30.42 1.95 37.65
N SER L 107 30.13 3.11 37.07
CA SER L 107 29.23 3.22 35.94
C SER L 107 29.74 4.32 35.02
N GLY L 108 29.53 4.13 33.72
CA GLY L 108 29.97 5.07 32.71
C GLY L 108 28.88 5.96 32.16
N TYR L 109 27.71 6.00 32.79
CA TYR L 109 26.61 6.79 32.25
C TYR L 109 26.96 8.26 32.19
N ASN L 110 27.28 8.85 33.35
CA ASN L 110 27.47 10.29 33.43
C ASN L 110 28.70 10.77 32.68
N VAL L 111 29.59 9.88 32.29
CA VAL L 111 30.80 10.25 31.57
C VAL L 111 30.68 9.97 30.10
N ALA L 112 30.20 8.78 29.74
CA ALA L 112 30.03 8.44 28.34
C ALA L 112 29.20 9.47 27.61
N PHE L 113 28.27 10.12 28.30
CA PHE L 113 27.38 11.10 27.71
C PHE L 113 27.76 12.53 28.01
N GLY L 114 28.88 12.74 28.70
CA GLY L 114 29.44 14.06 28.84
C GLY L 114 28.84 14.92 29.92
N LEU L 115 28.05 14.34 30.82
CA LEU L 115 27.52 15.10 31.94
C LEU L 115 28.58 15.39 32.98
N ILE L 116 29.75 14.79 32.85
CA ILE L 116 30.86 15.02 33.76
C ILE L 116 32.14 15.00 32.93
N ARG L 117 32.87 16.11 32.92
CA ARG L 117 34.05 16.28 32.08
C ARG L 117 35.19 16.73 32.97
N PRO L 118 35.91 15.79 33.56
CA PRO L 118 37.02 16.16 34.43
C PRO L 118 38.17 16.73 33.63
N PRO L 119 39.13 17.36 34.29
CA PRO L 119 40.26 17.97 33.57
C PRO L 119 41.19 16.94 32.95
N LYS L 120 42.24 17.44 32.32
CA LYS L 120 43.28 16.59 31.74
C LYS L 120 44.40 16.30 32.71
N SER L 121 44.40 16.93 33.88
CA SER L 121 45.35 16.66 34.94
C SER L 121 45.05 15.39 35.70
N VAL L 122 44.14 14.57 35.19
CA VAL L 122 43.52 13.51 35.96
C VAL L 122 43.50 12.23 35.14
N ASP L 123 43.62 11.10 35.84
CA ASP L 123 43.48 9.79 35.25
C ASP L 123 42.07 9.30 35.53
N THR L 124 41.30 9.08 34.47
CA THR L 124 39.90 8.73 34.58
C THR L 124 39.71 7.28 34.17
N ILE L 125 39.16 6.49 35.08
CA ILE L 125 39.09 5.04 34.90
C ILE L 125 37.72 4.53 35.29
N MET L 126 37.58 3.21 35.31
CA MET L 126 36.28 2.58 35.46
C MET L 126 36.48 1.16 35.95
N VAL L 127 35.66 0.75 36.91
CA VAL L 127 35.66 -0.62 37.41
C VAL L 127 34.24 -1.02 37.74
N ALA L 128 33.68 -1.91 36.94
CA ALA L 128 32.25 -2.24 37.01
C ALA L 128 32.05 -3.70 37.34
N PRO L 129 31.58 -4.04 38.53
CA PRO L 129 31.27 -5.44 38.84
C PRO L 129 29.96 -5.86 38.19
N ARG L 130 29.70 -7.16 38.25
CA ARG L 130 28.49 -7.76 37.70
C ARG L 130 27.81 -8.62 38.75
N MET L 131 27.71 -8.09 39.96
CA MET L 131 27.03 -8.76 41.06
C MET L 131 26.37 -7.72 41.94
N VAL L 132 25.29 -8.13 42.60
CA VAL L 132 24.46 -7.18 43.33
C VAL L 132 25.22 -6.58 44.50
N GLY L 133 26.03 -7.38 45.19
CA GLY L 133 26.72 -6.92 46.38
C GLY L 133 26.42 -7.80 47.57
N GLU L 134 25.17 -8.24 47.69
CA GLU L 134 24.82 -9.18 48.75
C GLU L 134 25.55 -10.50 48.56
N GLY L 135 25.67 -10.96 47.31
CA GLY L 135 26.38 -12.19 47.04
C GLY L 135 27.88 -12.03 46.95
N ILE L 136 28.36 -10.81 46.70
CA ILE L 136 29.79 -10.60 46.57
C ILE L 136 30.51 -10.95 47.86
N MET L 137 29.98 -10.51 48.99
CA MET L 137 30.51 -10.92 50.27
C MET L 137 30.38 -12.42 50.45
N ASP L 138 29.20 -12.96 50.14
CA ASP L 138 28.97 -14.40 50.19
C ASP L 138 30.03 -15.18 49.43
N LEU L 139 30.69 -14.56 48.46
CA LEU L 139 31.75 -15.22 47.70
C LEU L 139 33.14 -14.88 48.21
N HIS L 140 33.34 -13.67 48.74
CA HIS L 140 34.66 -13.31 49.25
C HIS L 140 35.07 -14.20 50.40
N LYS L 141 34.11 -14.63 51.22
CA LYS L 141 34.45 -15.48 52.35
C LYS L 141 35.07 -16.80 51.89
N GLN L 142 34.76 -17.23 50.68
CA GLN L 142 35.27 -18.48 50.13
C GLN L 142 36.58 -18.31 49.38
N GLY L 143 37.18 -17.13 49.44
CA GLY L 143 38.34 -16.85 48.62
C GLY L 143 38.05 -16.79 47.15
N LYS L 144 36.78 -16.71 46.76
CA LYS L 144 36.40 -16.66 45.36
C LYS L 144 36.46 -15.22 44.86
N GLY L 145 36.71 -15.08 43.57
CA GLY L 145 36.68 -13.81 42.89
C GLY L 145 35.33 -13.56 42.26
N TYR L 146 35.28 -12.60 41.35
CA TYR L 146 34.07 -12.33 40.59
C TYR L 146 34.45 -11.46 39.41
N PRO L 147 33.59 -11.40 38.38
CA PRO L 147 33.91 -10.63 37.18
C PRO L 147 33.71 -9.13 37.34
N VAL L 148 34.44 -8.40 36.50
CA VAL L 148 34.33 -6.94 36.43
C VAL L 148 34.72 -6.50 35.03
N LEU L 149 34.38 -5.26 34.71
CA LEU L 149 34.80 -4.63 33.47
C LEU L 149 35.70 -3.44 33.77
N LEU L 150 36.65 -3.20 32.88
CA LEU L 150 37.61 -2.13 33.01
C LEU L 150 37.51 -1.19 31.83
N GLY L 151 37.83 0.08 32.08
CA GLY L 151 37.82 1.06 31.03
C GLY L 151 38.65 2.27 31.43
N VAL L 152 39.12 2.97 30.41
CA VAL L 152 39.93 4.16 30.60
C VAL L 152 39.48 5.22 29.62
N LYS L 153 39.26 6.42 30.13
CA LYS L 153 38.81 7.56 29.35
C LYS L 153 39.88 8.60 29.13
N GLN L 154 40.80 8.74 30.08
CA GLN L 154 41.77 9.83 30.07
C GLN L 154 43.00 9.38 30.82
N ASP L 155 44.13 9.25 30.11
CA ASP L 155 45.39 8.84 30.71
C ASP L 155 46.35 10.01 30.66
N ALA L 156 46.74 10.50 31.83
CA ALA L 156 47.71 11.57 31.96
C ALA L 156 49.03 11.09 32.54
N SER L 157 49.17 9.80 32.80
CA SER L 157 50.34 9.27 33.49
C SER L 157 50.85 7.96 32.91
N GLY L 158 50.24 7.46 31.84
CA GLY L 158 50.68 6.21 31.23
C GLY L 158 50.61 5.02 32.17
N LYS L 159 49.94 5.16 33.30
CA LYS L 159 49.84 4.10 34.30
C LYS L 159 48.40 3.73 34.63
N ALA L 160 47.43 4.21 33.85
CA ALA L 160 46.03 4.04 34.21
C ALA L 160 45.67 2.57 34.31
N TRP L 161 45.97 1.79 33.27
CA TRP L 161 45.61 0.37 33.27
C TRP L 161 46.17 -0.35 34.48
N ASP L 162 47.42 -0.05 34.83
CA ASP L 162 48.01 -0.65 36.02
C ASP L 162 47.19 -0.32 37.25
N TYR L 163 46.78 0.94 37.39
CA TYR L 163 45.94 1.34 38.51
C TYR L 163 44.64 0.54 38.51
N ALA L 164 44.02 0.40 37.35
CA ALA L 164 42.73 -0.29 37.27
C ALA L 164 42.86 -1.73 37.72
N LYS L 165 43.88 -2.43 37.22
CA LYS L 165 44.07 -3.82 37.62
C LYS L 165 44.38 -3.91 39.12
N ALA L 166 45.20 -2.99 39.62
CA ALA L 166 45.48 -2.95 41.05
C ALA L 166 44.19 -2.83 41.86
N ILE L 167 43.30 -1.94 41.44
CA ILE L 167 42.01 -1.79 42.11
C ILE L 167 41.25 -3.12 42.06
N ALA L 168 41.09 -3.67 40.87
CA ALA L 168 40.37 -4.93 40.72
C ALA L 168 40.88 -5.96 41.71
N LYS L 169 42.19 -6.01 41.91
CA LYS L 169 42.74 -6.94 42.90
C LYS L 169 42.42 -6.51 44.31
N GLY L 170 42.40 -5.20 44.57
CA GLY L 170 42.20 -4.72 45.92
C GLY L 170 40.81 -5.01 46.47
N ILE L 171 39.83 -5.18 45.58
CA ILE L 171 38.46 -5.42 46.01
C ILE L 171 38.10 -6.90 45.97
N GLY L 172 39.04 -7.77 45.63
CA GLY L 172 38.81 -9.19 45.70
C GLY L 172 38.12 -9.81 44.50
N ALA L 173 38.04 -9.08 43.38
CA ALA L 173 37.48 -9.68 42.18
C ALA L 173 38.43 -10.72 41.61
N ILE L 174 39.73 -10.49 41.74
CA ILE L 174 40.73 -11.44 41.26
C ILE L 174 41.85 -11.53 42.27
N PRO L 175 42.57 -12.66 42.30
CA PRO L 175 42.31 -13.84 41.46
C PRO L 175 41.12 -14.66 41.97
N GLY L 176 40.55 -15.47 41.10
CA GLY L 176 39.37 -16.24 41.42
C GLY L 176 38.25 -15.95 40.44
N GLY L 177 38.17 -14.69 40.04
CA GLY L 177 37.26 -14.28 38.98
C GLY L 177 38.06 -13.81 37.77
N ILE L 178 37.55 -12.84 37.04
CA ILE L 178 38.27 -12.31 35.89
C ILE L 178 37.98 -10.83 35.73
N ALA L 179 38.62 -10.22 34.74
CA ALA L 179 38.46 -8.80 34.47
C ALA L 179 38.57 -8.58 32.98
N VAL L 180 37.60 -7.86 32.41
CA VAL L 180 37.58 -7.59 30.98
C VAL L 180 37.86 -6.11 30.77
N ILE L 181 38.61 -5.83 29.72
CA ILE L 181 38.91 -4.47 29.32
C ILE L 181 37.87 -4.02 28.32
N SER L 182 37.34 -2.82 28.53
CA SER L 182 36.30 -2.30 27.66
C SER L 182 36.30 -0.78 27.80
N SER L 183 35.23 -0.15 27.35
CA SER L 183 35.06 1.28 27.39
C SER L 183 33.96 1.66 28.37
N PHE L 184 33.85 2.96 28.62
CA PHE L 184 32.69 3.47 29.35
C PHE L 184 31.42 3.26 28.54
N GLU L 185 31.51 3.39 27.24
CA GLU L 185 30.34 3.28 26.36
C GLU L 185 29.83 1.85 26.33
N GLU L 186 30.73 0.89 26.13
CA GLU L 186 30.35 -0.51 26.05
C GLU L 186 29.78 -1.04 27.35
N GLU L 187 29.80 -0.27 28.42
CA GLU L 187 29.18 -0.67 29.68
C GLU L 187 27.83 -0.02 29.88
N ALA L 188 27.73 1.29 29.63
CA ALA L 188 26.44 1.95 29.69
C ALA L 188 25.47 1.31 28.71
N LEU L 189 25.93 1.11 27.48
CA LEU L 189 25.12 0.45 26.47
C LEU L 189 24.51 -0.83 26.99
N LEU L 190 25.32 -1.67 27.63
CA LEU L 190 24.84 -2.95 28.10
C LEU L 190 23.89 -2.79 29.28
N ASP L 191 24.31 -2.04 30.29
CA ASP L 191 23.46 -1.85 31.46
C ASP L 191 22.08 -1.33 31.06
N LEU L 192 21.99 -0.63 29.94
CA LEU L 192 20.71 -0.09 29.51
C LEU L 192 19.93 -1.06 28.63
N MET L 193 20.60 -1.66 27.64
CA MET L 193 19.89 -2.51 26.70
C MET L 193 19.15 -3.64 27.40
N SER L 194 19.68 -4.14 28.50
CA SER L 194 18.95 -5.11 29.29
C SER L 194 17.65 -4.51 29.81
N GLU L 195 17.72 -3.30 30.34
CA GLU L 195 16.58 -2.64 30.94
C GLU L 195 15.59 -2.13 29.91
N HIS L 196 15.94 -2.19 28.62
CA HIS L 196 15.07 -1.68 27.58
C HIS L 196 14.56 -2.73 26.62
N THR L 197 15.13 -3.95 26.61
CA THR L 197 14.75 -4.92 25.60
C THR L 197 14.05 -6.15 26.16
N TRP L 198 14.71 -6.99 26.95
CA TRP L 198 14.12 -8.29 27.23
C TRP L 198 13.33 -8.33 28.52
N VAL L 199 13.67 -7.48 29.48
CA VAL L 199 12.92 -7.37 30.73
C VAL L 199 11.50 -6.87 30.43
N PRO L 200 11.34 -5.71 29.80
CA PRO L 200 9.99 -5.21 29.54
C PRO L 200 9.23 -6.08 28.57
N ILE L 201 9.91 -6.65 27.58
CA ILE L 201 9.23 -7.57 26.67
C ILE L 201 8.68 -8.76 27.43
N LEU L 202 9.50 -9.36 28.28
CA LEU L 202 9.06 -10.46 29.12
C LEU L 202 7.82 -10.08 29.91
N PHE L 203 7.88 -8.94 30.60
CA PHE L 203 6.76 -8.53 31.43
C PHE L 203 5.50 -8.34 30.61
N GLY L 204 5.62 -7.66 29.47
CA GLY L 204 4.47 -7.44 28.62
C GLY L 204 3.88 -8.73 28.10
N ALA L 205 4.74 -9.69 27.75
CA ALA L 205 4.27 -10.97 27.28
C ALA L 205 3.48 -11.69 28.35
N ILE L 206 3.99 -11.70 29.57
CA ILE L 206 3.28 -12.33 30.67
C ILE L 206 1.92 -11.69 30.86
N LYS L 207 1.91 -10.36 30.94
CA LYS L 207 0.67 -9.63 31.14
C LYS L 207 -0.33 -9.94 30.04
N ALA L 208 0.15 -10.01 28.80
CA ALA L 208 -0.74 -10.29 27.67
C ALA L 208 -1.31 -11.69 27.77
N CYS L 209 -0.47 -12.67 28.12
CA CYS L 209 -0.96 -14.02 28.30
C CYS L 209 -2.08 -14.06 29.33
N TYR L 210 -1.87 -13.39 30.46
CA TYR L 210 -2.91 -13.34 31.48
C TYR L 210 -4.20 -12.75 30.92
N ASP L 211 -4.12 -11.54 30.38
CA ASP L 211 -5.31 -10.86 29.88
C ASP L 211 -6.05 -11.73 28.88
N ILE L 212 -5.32 -12.33 27.96
CA ILE L 212 -5.93 -13.15 26.91
C ILE L 212 -6.64 -14.35 27.53
N ALA L 213 -5.88 -15.16 28.26
CA ALA L 213 -6.45 -16.37 28.85
C ALA L 213 -7.70 -16.06 29.63
N VAL L 214 -7.76 -14.89 30.28
CA VAL L 214 -8.92 -14.58 31.08
C VAL L 214 -10.09 -14.15 30.20
N LYS L 215 -9.86 -13.19 29.31
CA LYS L 215 -10.95 -12.52 28.63
C LYS L 215 -11.37 -13.17 27.33
N GLU L 216 -10.76 -14.29 26.95
CA GLU L 216 -11.15 -14.96 25.71
C GLU L 216 -11.30 -16.47 25.84
N TYR L 217 -10.85 -17.08 26.93
CA TYR L 217 -10.99 -18.51 27.12
C TYR L 217 -11.55 -18.86 28.49
N GLY L 218 -12.09 -17.88 29.20
CA GLY L 218 -12.85 -18.15 30.41
C GLY L 218 -12.04 -18.76 31.52
N VAL L 219 -10.77 -18.42 31.62
CA VAL L 219 -9.91 -18.97 32.64
C VAL L 219 -10.07 -18.17 33.93
N SER L 220 -9.74 -18.82 35.04
CA SER L 220 -9.80 -18.16 36.33
C SER L 220 -8.49 -17.42 36.61
N PRO L 221 -8.55 -16.26 37.24
CA PRO L 221 -7.30 -15.54 37.54
C PRO L 221 -6.35 -16.32 38.42
N GLU L 222 -6.87 -17.11 39.36
CA GLU L 222 -6.04 -17.79 40.33
C GLU L 222 -5.17 -18.88 39.72
N ALA L 223 -5.36 -19.21 38.44
CA ALA L 223 -4.64 -20.27 37.77
C ALA L 223 -3.59 -19.75 36.80
N ALA L 224 -3.96 -18.73 36.03
CA ALA L 224 -3.01 -18.08 35.15
C ALA L 224 -1.75 -17.69 35.90
N LEU L 225 -1.92 -17.05 37.05
CA LEU L 225 -0.77 -16.63 37.84
C LEU L 225 0.09 -17.81 38.23
N LEU L 226 -0.54 -18.88 38.70
CA LEU L 226 0.23 -20.07 39.08
C LEU L 226 1.08 -20.55 37.92
N GLU L 227 0.52 -20.59 36.72
CA GLU L 227 1.31 -21.09 35.61
C GLU L 227 2.42 -20.13 35.23
N PHE L 228 2.13 -18.83 35.24
CA PHE L 228 3.05 -17.88 34.61
C PHE L 228 4.22 -17.52 35.52
N TYR L 229 3.96 -16.90 36.67
CA TYR L 229 5.05 -16.54 37.56
C TYR L 229 4.81 -16.78 39.04
N ALA L 230 3.59 -17.01 39.50
CA ALA L 230 3.39 -17.21 40.93
C ALA L 230 4.07 -18.47 41.43
N SER L 231 4.52 -19.34 40.55
CA SER L 231 5.35 -20.48 40.89
C SER L 231 6.81 -20.14 40.68
N GLY L 232 7.68 -20.92 41.30
CA GLY L 232 9.12 -20.73 41.19
C GLY L 232 9.72 -21.35 39.94
N GLU L 233 8.87 -21.62 38.95
CA GLU L 233 9.33 -22.08 37.64
C GLU L 233 10.55 -21.31 37.16
N LEU L 234 10.50 -19.98 37.28
CA LEU L 234 11.39 -19.12 36.52
C LEU L 234 12.77 -19.05 37.15
N ALA L 235 12.83 -18.99 38.48
CA ALA L 235 14.13 -18.99 39.15
C ALA L 235 14.87 -20.30 38.90
N GLU L 236 14.15 -21.41 38.90
CA GLU L 236 14.73 -22.68 38.48
C GLU L 236 15.45 -22.54 37.14
N ILE L 237 14.74 -22.05 36.13
CA ILE L 237 15.32 -21.94 34.80
C ILE L 237 16.53 -21.01 34.82
N ALA L 238 16.42 -19.88 35.53
CA ALA L 238 17.53 -18.95 35.62
C ALA L 238 18.78 -19.63 36.18
N ARG L 239 18.59 -20.44 37.23
CA ARG L 239 19.71 -21.14 37.84
C ARG L 239 20.35 -22.10 36.84
N LEU L 240 19.55 -22.97 36.25
CA LEU L 240 20.10 -23.93 35.30
C LEU L 240 20.81 -23.21 34.15
N ILE L 241 20.35 -22.01 33.81
CA ILE L 241 21.02 -21.23 32.78
C ILE L 241 22.40 -20.80 33.26
N ALA L 242 22.45 -20.16 34.42
CA ALA L 242 23.71 -19.66 34.93
C ALA L 242 24.72 -20.76 35.13
N GLU L 243 24.27 -22.00 35.37
CA GLU L 243 25.19 -23.08 35.70
C GLU L 243 25.49 -23.98 34.49
N GLU L 244 24.46 -24.59 33.91
CA GLU L 244 24.66 -25.59 32.87
C GLU L 244 24.76 -24.99 31.47
N GLY L 245 24.23 -23.79 31.28
CA GLY L 245 24.12 -23.21 29.97
C GLY L 245 22.67 -23.01 29.56
N ILE L 246 22.46 -22.05 28.68
CA ILE L 246 21.10 -21.63 28.32
C ILE L 246 20.37 -22.75 27.60
N PHE L 247 21.02 -23.37 26.62
CA PHE L 247 20.36 -24.38 25.80
C PHE L 247 20.42 -25.75 26.45
N ASN L 248 21.61 -26.17 26.87
CA ASN L 248 21.75 -27.43 27.58
C ASN L 248 20.81 -27.50 28.78
N GLN L 249 20.34 -26.35 29.27
CA GLN L 249 19.37 -26.33 30.35
C GLN L 249 18.08 -27.04 29.97
N MET L 250 17.77 -27.09 28.67
CA MET L 250 16.48 -27.58 28.21
C MET L 250 16.38 -29.09 28.12
N VAL L 251 17.51 -29.79 28.25
CA VAL L 251 17.47 -31.24 28.17
C VAL L 251 16.66 -31.84 29.29
N HIS L 252 16.59 -31.17 30.44
CA HIS L 252 15.85 -31.66 31.58
C HIS L 252 14.35 -31.44 31.44
N HIS L 253 13.90 -30.84 30.35
CA HIS L 253 12.49 -30.64 30.09
C HIS L 253 12.01 -31.70 29.10
N SER L 254 10.71 -31.67 28.81
CA SER L 254 10.12 -32.65 27.90
C SER L 254 10.32 -32.25 26.45
N THR L 255 10.28 -33.25 25.58
CA THR L 255 10.52 -33.02 24.16
C THR L 255 9.54 -32.02 23.58
N THR L 256 8.27 -32.11 23.99
CA THR L 256 7.26 -31.20 23.50
C THR L 256 7.66 -29.76 23.75
N SER L 257 8.11 -29.47 24.97
CA SER L 257 8.55 -28.13 25.32
C SER L 257 9.72 -27.69 24.44
N GLN L 258 10.70 -28.57 24.29
CA GLN L 258 11.85 -28.24 23.45
C GLN L 258 11.41 -27.86 22.04
N TYR L 259 10.55 -28.69 21.46
CA TYR L 259 10.11 -28.46 20.09
C TYR L 259 9.43 -27.11 19.96
N GLY L 260 8.41 -26.88 20.78
CA GLY L 260 7.70 -25.62 20.70
C GLY L 260 8.62 -24.44 20.88
N THR L 261 9.46 -24.51 21.91
CA THR L 261 10.38 -23.42 22.21
C THR L 261 11.27 -23.10 21.03
N LEU L 262 11.95 -24.12 20.49
CA LEU L 262 12.89 -23.89 19.40
C LEU L 262 12.19 -23.31 18.17
N THR L 263 11.09 -23.93 17.77
CA THR L 263 10.38 -23.45 16.59
C THR L 263 9.99 -21.99 16.76
N ARG L 264 9.32 -21.67 17.85
CA ARG L 264 8.84 -20.30 18.04
C ARG L 264 9.97 -19.32 18.26
N MET L 265 11.12 -19.80 18.73
CA MET L 265 12.28 -18.93 18.88
C MET L 265 12.83 -18.53 17.53
N PHE L 266 13.12 -19.52 16.68
CA PHE L 266 13.61 -19.21 15.35
C PHE L 266 12.57 -18.54 14.49
N LYS L 267 11.31 -18.54 14.93
CA LYS L 267 10.23 -17.94 14.17
C LYS L 267 10.01 -16.47 14.48
N TYR L 268 10.34 -16.02 15.69
CA TYR L 268 10.09 -14.66 16.13
C TYR L 268 11.39 -13.89 16.39
N TYR L 269 12.46 -14.26 15.71
CA TYR L 269 13.77 -13.69 15.99
C TYR L 269 13.99 -12.36 15.30
N ASP L 270 13.41 -12.17 14.11
CA ASP L 270 13.64 -10.95 13.35
C ASP L 270 12.93 -9.76 13.99
N VAL L 271 11.73 -9.98 14.50
CA VAL L 271 10.94 -8.92 15.12
C VAL L 271 11.72 -8.26 16.25
N VAL L 272 12.08 -9.06 17.24
CA VAL L 272 12.78 -8.56 18.40
C VAL L 272 14.14 -7.98 17.99
N ARG L 273 14.74 -8.54 16.94
CA ARG L 273 15.98 -7.98 16.43
C ARG L 273 15.79 -6.54 15.99
N ARG L 274 14.72 -6.28 15.24
CA ARG L 274 14.41 -4.93 14.82
C ARG L 274 14.25 -4.02 16.03
N ILE L 275 13.49 -4.49 17.03
CA ILE L 275 13.29 -3.72 18.25
C ILE L 275 14.62 -3.34 18.87
N VAL L 276 15.49 -4.34 19.03
CA VAL L 276 16.77 -4.13 19.72
C VAL L 276 17.62 -3.13 18.94
N GLU L 277 17.63 -3.25 17.63
CA GLU L 277 18.33 -2.26 16.81
C GLU L 277 17.85 -0.86 17.14
N ASN L 278 16.52 -0.68 17.10
CA ASN L 278 15.96 0.64 17.36
C ASN L 278 16.46 1.19 18.69
N GLU L 279 16.37 0.39 19.74
CA GLU L 279 16.69 0.90 21.08
C GLU L 279 18.17 1.17 21.23
N ALA L 280 19.02 0.24 20.79
CA ALA L 280 20.46 0.46 20.87
C ALA L 280 20.86 1.72 20.14
N LYS L 281 20.26 1.97 18.97
CA LYS L 281 20.54 3.19 18.26
C LYS L 281 20.08 4.42 19.04
N TYR L 282 18.88 4.37 19.59
CA TYR L 282 18.39 5.45 20.42
C TYR L 282 19.37 5.79 21.53
N ILE L 283 20.10 4.79 22.01
CA ILE L 283 21.02 5.02 23.11
C ILE L 283 22.35 5.59 22.61
N TRP L 284 22.98 4.88 21.68
CA TRP L 284 24.30 5.27 21.17
C TRP L 284 24.38 6.75 20.87
N ASP L 285 23.26 7.36 20.47
CA ASP L 285 23.25 8.76 20.09
C ASP L 285 23.19 9.71 21.27
N GLY L 286 22.63 9.26 22.39
CA GLY L 286 22.48 10.09 23.55
C GLY L 286 21.11 10.66 23.78
N SER L 287 20.09 10.11 23.12
CA SER L 287 18.74 10.66 23.23
C SER L 287 18.08 10.27 24.53
N PHE L 288 18.31 9.04 24.99
CA PHE L 288 17.67 8.57 26.21
C PHE L 288 18.13 9.39 27.41
N ALA L 289 19.41 9.73 27.46
CA ALA L 289 19.92 10.55 28.55
C ALA L 289 19.20 11.88 28.61
N LYS L 290 19.01 12.49 27.44
CA LYS L 290 18.24 13.73 27.35
C LYS L 290 16.84 13.54 27.90
N GLU L 291 16.13 12.53 27.38
CA GLU L 291 14.79 12.22 27.84
C GLU L 291 14.72 12.15 29.36
N TRP L 292 15.60 11.33 29.94
CA TRP L 292 15.57 11.08 31.37
C TRP L 292 15.90 12.33 32.17
N SER L 293 16.92 13.08 31.76
CA SER L 293 17.27 14.31 32.45
C SER L 293 16.11 15.29 32.43
N LEU L 294 15.45 15.44 31.29
CA LEU L 294 14.33 16.36 31.21
C LEU L 294 13.20 15.93 32.11
N GLU L 295 12.87 14.63 32.12
CA GLU L 295 11.83 14.17 33.01
C GLU L 295 12.15 14.50 34.46
N GLN L 296 13.41 14.35 34.86
CA GLN L 296 13.79 14.78 36.19
C GLN L 296 13.47 16.26 36.39
N GLN L 297 13.73 17.07 35.38
CA GLN L 297 13.53 18.50 35.53
C GLN L 297 12.07 18.89 35.58
N ALA L 298 11.19 18.05 35.06
CA ALA L 298 9.77 18.40 35.00
C ALA L 298 9.02 17.97 36.26
N GLY L 299 9.42 16.88 36.90
CA GLY L 299 8.77 16.45 38.12
C GLY L 299 8.31 15.01 38.13
N TYR L 300 8.84 14.21 37.22
CA TYR L 300 8.53 12.79 37.17
C TYR L 300 7.04 12.52 37.02
N PRO L 301 6.34 13.22 36.12
CA PRO L 301 4.90 12.96 35.98
C PRO L 301 4.60 11.62 35.33
N VAL L 302 5.31 11.30 34.24
CA VAL L 302 5.07 10.05 33.54
C VAL L 302 5.40 8.86 34.44
N PHE L 303 6.56 8.92 35.10
CA PHE L 303 6.94 7.93 36.09
C PHE L 303 5.78 7.68 37.06
N TYR L 304 5.23 8.75 37.62
CA TYR L 304 4.12 8.65 38.55
C TYR L 304 2.93 7.93 37.94
N ARG L 305 2.46 8.41 36.79
CA ARG L 305 1.25 7.88 36.20
C ARG L 305 1.41 6.42 35.84
N LEU L 306 2.59 6.02 35.38
CA LEU L 306 2.80 4.63 35.01
C LEU L 306 2.86 3.74 36.23
N TRP L 307 3.56 4.18 37.28
CA TRP L 307 3.54 3.42 38.52
C TRP L 307 2.13 3.20 38.99
N GLU L 308 1.25 4.18 38.78
CA GLU L 308 -0.15 3.99 39.16
C GLU L 308 -0.82 2.97 38.25
N LEU L 309 -0.76 3.20 36.95
CA LEU L 309 -1.47 2.34 36.00
C LEU L 309 -1.07 0.88 36.16
N ALA L 310 0.19 0.61 36.50
CA ALA L 310 0.63 -0.77 36.62
C ALA L 310 0.00 -1.43 37.85
N THR L 311 0.01 -0.74 38.98
CA THR L 311 -0.51 -1.31 40.22
C THR L 311 -2.03 -1.35 40.25
N GLN L 312 -2.69 -0.45 39.55
CA GLN L 312 -4.14 -0.46 39.46
C GLN L 312 -4.64 -1.38 38.36
N SER L 313 -3.76 -2.16 37.75
CA SER L 313 -4.18 -3.14 36.77
C SER L 313 -4.85 -4.31 37.47
N GLU L 314 -5.53 -5.14 36.68
CA GLU L 314 -6.26 -6.27 37.23
C GLU L 314 -5.31 -7.35 37.72
N MET L 315 -4.30 -7.66 36.92
CA MET L 315 -3.35 -8.70 37.29
C MET L 315 -2.75 -8.44 38.66
N ALA L 316 -2.41 -7.20 38.95
CA ALA L 316 -1.77 -6.88 40.22
C ALA L 316 -2.71 -7.10 41.39
N LYS L 317 -3.96 -6.69 41.24
CA LYS L 317 -4.94 -6.89 42.30
C LYS L 317 -5.15 -8.37 42.57
N ALA L 318 -5.28 -9.17 41.52
CA ALA L 318 -5.42 -10.60 41.70
C ALA L 318 -4.21 -11.19 42.40
N GLU L 319 -3.01 -10.79 41.95
CA GLU L 319 -1.79 -11.21 42.60
C GLU L 319 -1.81 -10.87 44.08
N LYS L 320 -2.36 -9.72 44.41
CA LYS L 320 -2.44 -9.29 45.81
C LYS L 320 -3.32 -10.24 46.61
N GLU L 321 -4.57 -10.42 46.16
CA GLU L 321 -5.45 -11.35 46.83
C GLU L 321 -4.77 -12.70 47.04
N LEU L 322 -4.09 -13.17 46.00
CA LEU L 322 -3.50 -14.51 46.06
C LEU L 322 -2.37 -14.59 47.07
N TYR L 323 -1.33 -13.77 46.87
CA TYR L 323 -0.19 -13.77 47.79
C TYR L 323 -0.66 -13.71 49.23
N LYS L 324 -1.69 -12.92 49.49
CA LYS L 324 -2.27 -12.90 50.82
C LYS L 324 -2.82 -14.26 51.21
N LEU L 325 -3.36 -14.98 50.24
CA LEU L 325 -3.97 -16.27 50.53
C LEU L 325 -2.92 -17.35 50.82
N LEU L 326 -1.84 -17.36 50.05
CA LEU L 326 -0.75 -18.30 50.30
C LEU L 326 0.08 -17.91 51.50
N GLY L 327 -0.21 -16.78 52.14
CA GLY L 327 0.56 -16.32 53.27
C GLY L 327 1.79 -15.51 52.90
N ARG L 328 2.24 -15.59 51.66
CA ARG L 328 3.35 -14.77 51.22
C ARG L 328 3.09 -13.30 51.53
N LYS L 329 3.96 -12.71 52.34
CA LYS L 329 3.80 -11.33 52.76
C LYS L 329 3.65 -10.36 51.59
MG MG M . -40.58 -10.50 3.27
MG MG N . -23.31 -34.14 -2.99
MG MG O . -38.31 -14.60 6.20
MG MG P . -19.66 -37.16 -0.14
MG MG Q . -30.79 27.79 6.76
MG MG R . -14.01 23.57 31.11
MG MG S . -26.59 30.48 9.15
MG MG T . -8.89 25.02 32.62
MG MG U . -29.09 9.98 -28.68
MG MG V . -2.25 21.37 -35.49
MG MG W . -24.93 8.54 -32.03
MG MG X . 2.51 19.22 -37.31
MG MG Y . 35.61 16.00 -15.60
MG MG Z . 24.96 32.35 7.01
MG MG AA . 36.67 16.39 -10.19
MG MG BA . 24.65 31.67 12.48
MG MG CA . 19.56 -36.69 -6.14
MG MG DA . 17.70 -20.65 -31.32
MG MG EA . 22.96 -33.36 -8.95
MG MG FA . 20.20 -16.09 -33.20
MG MG GA . 4.92 -29.10 29.92
MG MG HA . 22.46 -5.36 34.40
MG MG IA . 4.69 -24.55 33.07
MG MG JA . 21.59 -0.15 36.03
#